data_8TDM
#
_entry.id   8TDM
#
_cell.length_a   1.00
_cell.length_b   1.00
_cell.length_c   1.00
_cell.angle_alpha   90.00
_cell.angle_beta   90.00
_cell.angle_gamma   90.00
#
_symmetry.space_group_name_H-M   'P 1'
#
_entity_poly.entity_id   1
_entity_poly.type   'polypeptide(L)'
_entity_poly.pdbx_seq_one_letter_code
;MAEQKSSNGGGGGGDVVINVPVEEASRRSKEMASPESEKGVPFSKSPSPEISKLVGSPNKPPRAPNQNNVGLTQRKSFAR
SVYSKPKSRFVDPSCPVDTSILEEEVREQLGAGFSFSRASPNNKSNRSVGSPAPVTPSKVVVEKDEDEEIYKKVKLNREM
RSKISTLALIESAFFVVILSALVASLTINVLKHHTFWGLEVWKWCVLVMVIFSGMLVTNWFMRLIVFLIETNFLLRRKVL
YFVHGLKKSVQVFIWLCLILVAWILLFNHDVKRSPAATKVLKCITRTLISILTGAFFWLVKTLLLKILAANFNVNNFFDR
IQDSVFHQYVLQTLSGLPLMEEAERVGREPSTGHLSFATVVKKGTVKEKKVIDMGKVHKMKREKVSAWTMRVLMEAVRTS
GLSTISDTLDETAYGEGKEQADREITSEMEALAAAYHVFRNVAQPFFNYIEEEDLLRFMIKEEVDLVFPLFDGAAETGRI
TRKAFTEWVVKVYTSRRALAHSLNDTKTAVKQLNKLVTAILMVVTVVIWLLLLEVATTEVLLFFSTQLVALAFIIGSTCK
NLFESIVFVFVMHPYDVGDRCVVDGVAMLVEEMNLLTTVFLKLNNEKVYYPNAVLATKPISNYFRSPNMGETVEFSISFS
TPVSKIAHLKERIAEYLEQNPQHWAPVHSVVVKEIENMNKLKMALYSDHTITFQENRERNLRRTELSLAIKRMLEDLHID
YTLLPQDINLTKKNSLEVLFQ
;
_entity_poly.pdbx_strand_id   A,B,C,D,E,F,G
#
# COMPACT_ATOMS: atom_id res chain seq x y z
N THR A 166 -40.38 4.02 -51.09
CA THR A 166 -39.66 4.68 -52.21
C THR A 166 -38.30 4.03 -52.44
N LEU A 167 -37.31 4.40 -51.62
CA LEU A 167 -35.98 3.82 -51.75
C LEU A 167 -36.01 2.33 -51.49
N ALA A 168 -36.74 1.90 -50.45
CA ALA A 168 -36.85 0.48 -50.16
C ALA A 168 -37.55 -0.26 -51.29
N LEU A 169 -38.58 0.35 -51.89
CA LEU A 169 -39.25 -0.28 -53.02
C LEU A 169 -38.31 -0.47 -54.19
N ILE A 170 -37.45 0.53 -54.44
CA ILE A 170 -36.47 0.40 -55.53
C ILE A 170 -35.53 -0.76 -55.26
N GLU A 171 -35.06 -0.89 -54.01
CA GLU A 171 -34.17 -1.99 -53.68
C GLU A 171 -34.87 -3.34 -53.85
N SER A 172 -36.14 -3.43 -53.43
CA SER A 172 -36.88 -4.67 -53.60
C SER A 172 -37.05 -5.01 -55.07
N ALA A 173 -37.36 -4.01 -55.90
CA ALA A 173 -37.49 -4.26 -57.34
C ALA A 173 -36.17 -4.71 -57.95
N PHE A 174 -35.07 -4.09 -57.53
CA PHE A 174 -33.75 -4.50 -58.03
C PHE A 174 -33.45 -5.93 -57.62
N PHE A 175 -33.76 -6.30 -56.37
CA PHE A 175 -33.54 -7.67 -55.93
C PHE A 175 -34.38 -8.66 -56.72
N VAL A 176 -35.65 -8.30 -57.00
CA VAL A 176 -36.50 -9.17 -57.78
C VAL A 176 -35.95 -9.34 -59.19
N VAL A 177 -35.47 -8.25 -59.79
CA VAL A 177 -34.89 -8.33 -61.13
C VAL A 177 -33.65 -9.20 -61.13
N ILE A 178 -32.82 -9.07 -60.10
CA ILE A 178 -31.61 -9.89 -60.01
C ILE A 178 -31.98 -11.36 -59.88
N LEU A 179 -32.98 -11.66 -59.05
CA LEU A 179 -33.42 -13.05 -58.90
C LEU A 179 -33.95 -13.60 -60.21
N SER A 180 -34.74 -12.80 -60.95
CA SER A 180 -35.26 -13.26 -62.23
C SER A 180 -34.12 -13.50 -63.22
N ALA A 181 -33.13 -12.62 -63.24
CA ALA A 181 -31.98 -12.80 -64.13
C ALA A 181 -31.22 -14.07 -63.77
N LEU A 182 -31.03 -14.33 -62.47
CA LEU A 182 -30.35 -15.54 -62.06
C LEU A 182 -31.13 -16.78 -62.47
N VAL A 183 -32.46 -16.74 -62.31
CA VAL A 183 -33.29 -17.88 -62.71
C VAL A 183 -33.17 -18.11 -64.22
N ALA A 184 -33.20 -17.03 -65.00
CA ALA A 184 -33.08 -17.17 -66.45
C ALA A 184 -31.71 -17.74 -66.82
N SER A 185 -30.65 -17.27 -66.17
CA SER A 185 -29.32 -17.80 -66.45
C SER A 185 -29.23 -19.28 -66.10
N LEU A 186 -29.83 -19.68 -64.99
CA LEU A 186 -29.85 -21.09 -64.62
C LEU A 186 -30.62 -21.92 -65.65
N THR A 187 -31.74 -21.39 -66.14
CA THR A 187 -32.56 -22.12 -67.10
C THR A 187 -31.95 -22.10 -68.50
N ILE A 188 -31.28 -21.01 -68.88
CA ILE A 188 -30.73 -20.85 -70.22
C ILE A 188 -29.21 -20.90 -70.11
N ASN A 189 -28.59 -21.82 -70.86
CA ASN A 189 -27.14 -22.00 -70.84
C ASN A 189 -26.41 -21.05 -71.78
N VAL A 190 -27.13 -20.21 -72.52
CA VAL A 190 -26.48 -19.28 -73.44
C VAL A 190 -25.61 -18.30 -72.67
N LEU A 191 -26.14 -17.76 -71.57
CA LEU A 191 -25.36 -16.80 -70.78
C LEU A 191 -24.12 -17.45 -70.17
N LYS A 192 -24.20 -18.75 -69.87
CA LYS A 192 -23.06 -19.43 -69.26
C LYS A 192 -21.83 -19.44 -70.17
N HIS A 193 -22.02 -19.29 -71.48
CA HIS A 193 -20.90 -19.29 -72.41
C HIS A 193 -19.97 -18.11 -72.18
N HIS A 194 -20.44 -17.04 -71.54
CA HIS A 194 -19.65 -15.85 -71.30
C HIS A 194 -19.14 -15.86 -69.87
N THR A 195 -17.85 -15.54 -69.69
CA THR A 195 -17.22 -15.50 -68.38
C THR A 195 -16.35 -14.26 -68.28
N PHE A 196 -16.16 -13.79 -67.04
CA PHE A 196 -15.34 -12.62 -66.79
C PHE A 196 -14.64 -12.78 -65.45
N TRP A 197 -13.46 -12.16 -65.33
CA TRP A 197 -12.67 -12.19 -64.10
C TRP A 197 -12.35 -13.62 -63.69
N GLY A 198 -12.19 -14.51 -64.67
CA GLY A 198 -11.90 -15.90 -64.38
C GLY A 198 -13.07 -16.71 -63.91
N LEU A 199 -14.28 -16.16 -63.92
CA LEU A 199 -15.48 -16.86 -63.49
C LEU A 199 -16.61 -16.57 -64.47
N GLU A 200 -17.56 -17.49 -64.52
CA GLU A 200 -18.70 -17.34 -65.41
C GLU A 200 -19.53 -16.12 -65.01
N VAL A 201 -20.08 -15.44 -66.02
CA VAL A 201 -20.89 -14.26 -65.76
C VAL A 201 -22.11 -14.62 -64.93
N TRP A 202 -22.70 -15.78 -65.19
CA TRP A 202 -23.84 -16.22 -64.39
C TRP A 202 -23.46 -16.36 -62.92
N LYS A 203 -22.21 -16.74 -62.64
CA LYS A 203 -21.78 -16.85 -61.25
C LYS A 203 -21.81 -15.49 -60.56
N TRP A 204 -21.27 -14.46 -61.22
CA TRP A 204 -21.28 -13.12 -60.62
C TRP A 204 -22.71 -12.59 -60.49
N CYS A 205 -23.55 -12.82 -61.50
CA CYS A 205 -24.93 -12.38 -61.41
C CYS A 205 -25.65 -13.05 -60.25
N VAL A 206 -25.43 -14.35 -60.08
CA VAL A 206 -26.05 -15.07 -58.97
C VAL A 206 -25.50 -14.58 -57.64
N LEU A 207 -24.22 -14.21 -57.60
CA LEU A 207 -23.65 -13.68 -56.36
C LEU A 207 -24.31 -12.36 -55.98
N VAL A 208 -24.47 -11.45 -56.94
CA VAL A 208 -25.08 -10.16 -56.66
C VAL A 208 -26.53 -10.35 -56.24
N MET A 209 -27.26 -11.19 -56.98
CA MET A 209 -28.63 -11.50 -56.60
C MET A 209 -28.68 -12.14 -55.23
N VAL A 210 -27.65 -12.92 -54.87
CA VAL A 210 -27.60 -13.53 -53.54
C VAL A 210 -27.48 -12.45 -52.48
N ILE A 211 -26.60 -11.45 -52.71
CA ILE A 211 -26.47 -10.37 -51.74
C ILE A 211 -27.81 -9.67 -51.54
N PHE A 212 -28.45 -9.28 -52.64
CA PHE A 212 -29.67 -8.49 -52.54
C PHE A 212 -30.82 -9.31 -51.94
N SER A 213 -31.03 -10.52 -52.45
CA SER A 213 -32.06 -11.39 -51.92
C SER A 213 -31.77 -11.80 -50.49
N GLY A 214 -30.50 -11.82 -50.07
CA GLY A 214 -30.18 -12.10 -48.69
C GLY A 214 -30.55 -10.97 -47.78
N MET A 215 -30.32 -9.73 -48.21
CA MET A 215 -30.82 -8.59 -47.45
C MET A 215 -32.34 -8.65 -47.32
N LEU A 216 -33.02 -8.91 -48.44
CA LEU A 216 -34.48 -9.00 -48.42
C LEU A 216 -34.95 -10.12 -47.50
N VAL A 217 -34.29 -11.28 -47.58
CA VAL A 217 -34.68 -12.44 -46.78
C VAL A 217 -34.40 -12.18 -45.31
N THR A 218 -33.33 -11.47 -44.99
CA THR A 218 -33.07 -11.10 -43.61
C THR A 218 -34.17 -10.22 -43.06
N ASN A 219 -34.59 -9.22 -43.84
CA ASN A 219 -35.69 -8.37 -43.40
C ASN A 219 -36.96 -9.19 -43.20
N TRP A 220 -37.28 -10.04 -44.17
CA TRP A 220 -38.50 -10.84 -44.09
C TRP A 220 -38.45 -11.80 -42.91
N PHE A 221 -37.29 -12.40 -42.65
CA PHE A 221 -37.15 -13.33 -41.53
C PHE A 221 -37.25 -12.61 -40.20
N MET A 222 -36.69 -11.40 -40.11
CA MET A 222 -36.88 -10.62 -38.89
C MET A 222 -38.35 -10.33 -38.65
N ARG A 223 -39.07 -9.92 -39.70
CA ARG A 223 -40.49 -9.67 -39.56
C ARG A 223 -41.25 -10.92 -39.14
N LEU A 224 -40.92 -12.06 -39.76
CA LEU A 224 -41.61 -13.30 -39.43
C LEU A 224 -41.31 -13.74 -38.00
N ILE A 225 -40.07 -13.57 -37.55
CA ILE A 225 -39.71 -13.93 -36.18
C ILE A 225 -40.46 -13.04 -35.20
N VAL A 226 -40.56 -11.74 -35.50
CA VAL A 226 -41.31 -10.84 -34.64
C VAL A 226 -42.77 -11.28 -34.56
N PHE A 227 -43.36 -11.61 -35.72
CA PHE A 227 -44.76 -12.04 -35.73
C PHE A 227 -44.94 -13.33 -34.93
N LEU A 228 -44.03 -14.29 -35.09
CA LEU A 228 -44.13 -15.54 -34.36
C LEU A 228 -44.01 -15.32 -32.85
N ILE A 229 -43.07 -14.45 -32.45
CA ILE A 229 -42.93 -14.13 -31.03
C ILE A 229 -44.21 -13.48 -30.51
N GLU A 230 -44.85 -12.64 -31.33
CA GLU A 230 -46.11 -12.05 -30.93
C GLU A 230 -47.18 -13.12 -30.71
N THR A 231 -47.23 -14.11 -31.59
CA THR A 231 -48.18 -15.21 -31.44
C THR A 231 -47.71 -16.26 -30.45
N ASN A 232 -46.44 -16.24 -30.06
CA ASN A 232 -45.93 -17.22 -29.12
C ASN A 232 -46.58 -17.04 -27.76
N PHE A 233 -46.70 -18.16 -27.03
CA PHE A 233 -47.31 -18.11 -25.71
C PHE A 233 -46.51 -17.25 -24.75
N LEU A 234 -45.18 -17.35 -24.79
CA LEU A 234 -44.35 -16.56 -23.89
C LEU A 234 -44.60 -15.08 -24.11
N LEU A 235 -44.70 -14.33 -23.01
CA LEU A 235 -44.95 -12.89 -23.07
C LEU A 235 -44.10 -12.14 -22.06
N ARG A 236 -42.90 -12.64 -21.77
CA ARG A 236 -42.03 -11.98 -20.80
C ARG A 236 -41.66 -10.59 -21.28
N ARG A 237 -41.77 -9.61 -20.37
CA ARG A 237 -41.45 -8.23 -20.74
C ARG A 237 -39.98 -8.09 -21.10
N LYS A 238 -39.09 -8.71 -20.33
CA LYS A 238 -37.66 -8.61 -20.61
C LYS A 238 -37.32 -9.22 -21.97
N VAL A 239 -37.92 -10.36 -22.29
CA VAL A 239 -37.63 -11.01 -23.57
C VAL A 239 -38.08 -10.13 -24.72
N LEU A 240 -39.27 -9.53 -24.62
CA LEU A 240 -39.76 -8.65 -25.67
C LEU A 240 -38.84 -7.45 -25.88
N TYR A 241 -38.39 -6.84 -24.78
CA TYR A 241 -37.49 -5.70 -24.88
C TYR A 241 -36.16 -6.11 -25.51
N PHE A 242 -35.61 -7.26 -25.10
CA PHE A 242 -34.37 -7.74 -25.69
C PHE A 242 -34.53 -7.96 -27.18
N VAL A 243 -35.64 -8.58 -27.59
CA VAL A 243 -35.87 -8.85 -29.01
C VAL A 243 -35.97 -7.54 -29.78
N HIS A 244 -36.73 -6.59 -29.25
CA HIS A 244 -36.88 -5.30 -29.92
C HIS A 244 -35.55 -4.60 -30.07
N GLY A 245 -34.73 -4.63 -29.02
CA GLY A 245 -33.43 -3.97 -29.09
C GLY A 245 -32.47 -4.63 -30.06
N LEU A 246 -32.45 -5.96 -30.09
CA LEU A 246 -31.45 -6.70 -30.85
C LEU A 246 -31.93 -7.14 -32.22
N LYS A 247 -33.16 -6.78 -32.61
CA LYS A 247 -33.65 -7.18 -33.93
C LYS A 247 -32.75 -6.70 -35.05
N LYS A 248 -32.42 -5.41 -35.05
CA LYS A 248 -31.59 -4.86 -36.12
C LYS A 248 -30.20 -5.48 -36.11
N SER A 249 -29.62 -5.63 -34.91
CA SER A 249 -28.27 -6.19 -34.82
C SER A 249 -28.23 -7.62 -35.36
N VAL A 250 -29.18 -8.46 -34.95
CA VAL A 250 -29.18 -9.83 -35.43
C VAL A 250 -29.48 -9.87 -36.92
N GLN A 251 -30.34 -8.99 -37.41
CA GLN A 251 -30.64 -8.96 -38.84
C GLN A 251 -29.39 -8.65 -39.64
N VAL A 252 -28.64 -7.63 -39.23
CA VAL A 252 -27.43 -7.26 -39.97
C VAL A 252 -26.38 -8.37 -39.84
N PHE A 253 -26.32 -9.02 -38.67
CA PHE A 253 -25.35 -10.10 -38.50
C PHE A 253 -25.65 -11.26 -39.44
N ILE A 254 -26.93 -11.66 -39.54
CA ILE A 254 -27.30 -12.73 -40.47
C ILE A 254 -27.04 -12.29 -41.91
N TRP A 255 -27.36 -11.04 -42.23
CA TRP A 255 -27.07 -10.52 -43.57
C TRP A 255 -25.60 -10.70 -43.90
N LEU A 256 -24.71 -10.26 -43.01
CA LEU A 256 -23.28 -10.35 -43.27
C LEU A 256 -22.82 -11.80 -43.35
N CYS A 257 -23.33 -12.67 -42.48
CA CYS A 257 -22.88 -14.07 -42.48
C CYS A 257 -23.33 -14.80 -43.73
N LEU A 258 -24.58 -14.57 -44.15
CA LEU A 258 -25.05 -15.13 -45.41
C LEU A 258 -24.22 -14.63 -46.58
N ILE A 259 -23.87 -13.34 -46.58
CA ILE A 259 -23.02 -12.82 -47.66
C ILE A 259 -21.67 -13.52 -47.66
N LEU A 260 -21.08 -13.70 -46.47
CA LEU A 260 -19.77 -14.33 -46.38
C LEU A 260 -19.81 -15.76 -46.88
N VAL A 261 -20.83 -16.53 -46.47
CA VAL A 261 -20.91 -17.92 -46.90
C VAL A 261 -21.18 -18.01 -48.39
N ALA A 262 -22.01 -17.10 -48.92
CA ALA A 262 -22.25 -17.08 -50.36
C ALA A 262 -20.97 -16.78 -51.13
N TRP A 263 -20.17 -15.82 -50.65
CA TRP A 263 -18.90 -15.54 -51.30
C TRP A 263 -17.97 -16.74 -51.24
N ILE A 264 -17.92 -17.41 -50.09
CA ILE A 264 -17.05 -18.58 -49.95
C ILE A 264 -17.47 -19.68 -50.92
N LEU A 265 -18.78 -19.91 -51.04
CA LEU A 265 -19.26 -20.96 -51.93
C LEU A 265 -18.88 -20.68 -53.39
N LEU A 266 -19.00 -19.41 -53.81
CA LEU A 266 -18.71 -19.08 -55.20
C LEU A 266 -17.25 -19.39 -55.56
N PHE A 267 -16.32 -19.04 -54.68
CA PHE A 267 -14.90 -19.24 -54.91
C PHE A 267 -14.37 -20.51 -54.24
N ASN A 268 -15.25 -21.33 -53.66
CA ASN A 268 -14.79 -22.57 -53.04
C ASN A 268 -14.13 -23.49 -54.05
N HIS A 269 -14.55 -23.42 -55.31
CA HIS A 269 -13.96 -24.27 -56.33
C HIS A 269 -12.50 -23.89 -56.58
N ASP A 270 -11.69 -24.90 -56.88
CA ASP A 270 -10.26 -24.70 -57.12
C ASP A 270 -10.08 -24.25 -58.57
N VAL A 271 -10.25 -22.95 -58.79
CA VAL A 271 -10.09 -22.33 -60.11
C VAL A 271 -9.11 -21.18 -59.94
N LYS A 272 -7.83 -21.45 -60.21
CA LYS A 272 -6.78 -20.45 -60.08
C LYS A 272 -6.71 -19.65 -61.38
N ARG A 273 -7.42 -18.53 -61.40
CA ARG A 273 -7.40 -17.68 -62.58
C ARG A 273 -6.01 -17.14 -62.87
N SER A 274 -5.30 -16.71 -61.83
CA SER A 274 -3.94 -16.20 -61.99
C SER A 274 -3.31 -15.99 -60.62
N PRO A 275 -1.97 -16.01 -60.52
CA PRO A 275 -1.36 -15.79 -59.20
C PRO A 275 -1.71 -14.45 -58.59
N ALA A 276 -1.84 -13.40 -59.41
CA ALA A 276 -2.25 -12.10 -58.88
C ALA A 276 -3.65 -12.16 -58.30
N ALA A 277 -4.56 -12.87 -58.96
CA ALA A 277 -5.93 -12.99 -58.47
C ALA A 277 -5.97 -13.64 -57.09
N THR A 278 -5.06 -14.59 -56.84
CA THR A 278 -5.08 -15.30 -55.56
C THR A 278 -4.81 -14.35 -54.40
N LYS A 279 -3.85 -13.44 -54.57
CA LYS A 279 -3.50 -12.52 -53.48
C LYS A 279 -4.69 -11.61 -53.15
N VAL A 280 -5.34 -11.04 -54.17
CA VAL A 280 -6.46 -10.15 -53.93
C VAL A 280 -7.63 -10.92 -53.34
N LEU A 281 -7.84 -12.17 -53.78
CA LEU A 281 -8.91 -12.98 -53.21
C LEU A 281 -8.64 -13.25 -51.73
N LYS A 282 -7.39 -13.57 -51.38
CA LYS A 282 -7.06 -13.82 -49.99
C LYS A 282 -7.26 -12.55 -49.16
N CYS A 283 -6.84 -11.40 -49.68
CA CYS A 283 -7.04 -10.15 -48.96
C CYS A 283 -8.52 -9.87 -48.75
N ILE A 284 -9.33 -10.10 -49.79
CA ILE A 284 -10.77 -9.86 -49.68
C ILE A 284 -11.37 -10.77 -48.62
N THR A 285 -10.99 -12.04 -48.63
CA THR A 285 -11.52 -12.99 -47.65
C THR A 285 -11.12 -12.59 -46.24
N ARG A 286 -9.87 -12.15 -46.06
CA ARG A 286 -9.43 -11.66 -44.76
C ARG A 286 -10.28 -10.47 -44.32
N THR A 287 -10.60 -9.59 -45.27
CA THR A 287 -11.45 -8.44 -44.94
C THR A 287 -12.84 -8.89 -44.50
N LEU A 288 -13.42 -9.87 -45.20
CA LEU A 288 -14.74 -10.35 -44.80
C LEU A 288 -14.69 -10.97 -43.41
N ILE A 289 -13.65 -11.75 -43.12
CA ILE A 289 -13.55 -12.36 -41.80
C ILE A 289 -13.39 -11.29 -40.72
N SER A 290 -12.58 -10.27 -41.00
CA SER A 290 -12.37 -9.20 -40.03
C SER A 290 -13.66 -8.44 -39.76
N ILE A 291 -14.43 -8.13 -40.82
CA ILE A 291 -15.68 -7.40 -40.61
C ILE A 291 -16.70 -8.29 -39.92
N LEU A 292 -16.66 -9.60 -40.17
CA LEU A 292 -17.54 -10.51 -39.43
C LEU A 292 -17.20 -10.50 -37.94
N THR A 293 -15.91 -10.51 -37.61
CA THR A 293 -15.51 -10.42 -36.21
C THR A 293 -15.96 -9.09 -35.60
N GLY A 294 -15.84 -8.00 -36.36
CA GLY A 294 -16.32 -6.72 -35.87
C GLY A 294 -17.81 -6.70 -35.64
N ALA A 295 -18.57 -7.34 -36.53
CA ALA A 295 -20.01 -7.44 -36.36
C ALA A 295 -20.37 -8.24 -35.12
N PHE A 296 -19.65 -9.34 -34.87
CA PHE A 296 -19.89 -10.12 -33.66
C PHE A 296 -19.57 -9.30 -32.41
N PHE A 297 -18.48 -8.53 -32.46
CA PHE A 297 -18.14 -7.65 -31.35
C PHE A 297 -19.24 -6.63 -31.11
N TRP A 298 -19.79 -6.06 -32.20
CA TRP A 298 -20.89 -5.11 -32.07
C TRP A 298 -22.11 -5.78 -31.46
N LEU A 299 -22.40 -7.01 -31.86
CA LEU A 299 -23.54 -7.73 -31.33
C LEU A 299 -23.40 -7.94 -29.82
N VAL A 300 -22.23 -8.39 -29.38
CA VAL A 300 -22.03 -8.61 -27.94
C VAL A 300 -22.06 -7.27 -27.20
N LYS A 301 -21.53 -6.21 -27.81
CA LYS A 301 -21.58 -4.90 -27.19
C LYS A 301 -23.01 -4.45 -26.97
N THR A 302 -23.85 -4.55 -28.00
CA THR A 302 -25.23 -4.13 -27.85
C THR A 302 -25.99 -5.04 -26.89
N LEU A 303 -25.63 -6.33 -26.83
CA LEU A 303 -26.24 -7.21 -25.84
C LEU A 303 -25.91 -6.74 -24.42
N LEU A 304 -24.64 -6.39 -24.18
CA LEU A 304 -24.26 -5.90 -22.86
C LEU A 304 -24.99 -4.60 -22.53
N LEU A 305 -25.05 -3.68 -23.49
CA LEU A 305 -25.76 -2.42 -23.25
C LEU A 305 -27.23 -2.68 -22.96
N LYS A 306 -27.84 -3.61 -23.69
CA LYS A 306 -29.27 -3.87 -23.51
C LYS A 306 -29.54 -4.51 -22.15
N ILE A 307 -28.68 -5.43 -21.70
CA ILE A 307 -28.88 -6.03 -20.39
C ILE A 307 -28.68 -4.98 -19.29
N LEU A 308 -27.71 -4.08 -19.46
CA LEU A 308 -27.55 -3.01 -18.49
C LEU A 308 -28.79 -2.11 -18.46
N ALA A 309 -29.33 -1.79 -19.64
CA ALA A 309 -30.55 -0.98 -19.70
C ALA A 309 -31.72 -1.69 -19.04
N ALA A 310 -31.82 -3.01 -19.23
CA ALA A 310 -32.89 -3.77 -18.60
C ALA A 310 -32.74 -3.79 -17.08
N ASN A 311 -31.50 -3.88 -16.59
CA ASN A 311 -31.27 -3.78 -15.15
C ASN A 311 -31.71 -2.43 -14.62
N PHE A 312 -31.33 -1.35 -15.32
CA PHE A 312 -31.76 -0.02 -14.91
C PHE A 312 -33.29 0.10 -14.95
N ASN A 313 -33.91 -0.54 -15.94
CA ASN A 313 -35.37 -0.54 -16.03
C ASN A 313 -35.97 -1.22 -14.80
N VAL A 314 -35.55 -2.44 -14.51
CA VAL A 314 -36.05 -3.13 -13.33
C VAL A 314 -35.81 -2.30 -12.08
N ASN A 315 -34.75 -1.48 -12.08
CA ASN A 315 -34.46 -0.65 -10.91
C ASN A 315 -35.45 0.50 -10.77
N ASN A 316 -35.72 1.22 -11.86
CA ASN A 316 -36.38 2.53 -11.73
C ASN A 316 -37.66 2.66 -12.55
N PHE A 317 -37.73 2.00 -13.70
CA PHE A 317 -38.85 2.18 -14.62
C PHE A 317 -40.19 1.79 -13.99
N PHE A 318 -40.19 0.89 -13.01
CA PHE A 318 -41.44 0.56 -12.35
C PHE A 318 -42.03 1.78 -11.65
N ASP A 319 -41.23 2.44 -10.82
CA ASP A 319 -41.70 3.66 -10.16
C ASP A 319 -41.97 4.76 -11.18
N ARG A 320 -41.16 4.81 -12.24
CA ARG A 320 -41.39 5.82 -13.27
C ARG A 320 -42.77 5.64 -13.92
N ILE A 321 -43.12 4.40 -14.25
CA ILE A 321 -44.41 4.13 -14.87
C ILE A 321 -45.54 4.37 -13.87
N GLN A 322 -45.32 4.04 -12.60
CA GLN A 322 -46.33 4.33 -11.59
C GLN A 322 -46.60 5.83 -11.50
N ASP A 323 -45.54 6.63 -11.49
CA ASP A 323 -45.71 8.08 -11.44
C ASP A 323 -46.38 8.60 -12.70
N SER A 324 -46.02 8.05 -13.87
CA SER A 324 -46.66 8.48 -15.11
C SER A 324 -48.15 8.16 -15.09
N VAL A 325 -48.52 6.97 -14.61
CA VAL A 325 -49.93 6.61 -14.53
C VAL A 325 -50.67 7.52 -13.56
N PHE A 326 -50.05 7.82 -12.42
CA PHE A 326 -50.67 8.73 -11.46
C PHE A 326 -50.89 10.10 -12.09
N HIS A 327 -49.89 10.62 -12.81
CA HIS A 327 -50.03 11.91 -13.46
C HIS A 327 -51.13 11.90 -14.51
N GLN A 328 -51.20 10.81 -15.29
CA GLN A 328 -52.25 10.70 -16.30
C GLN A 328 -53.63 10.69 -15.65
N TYR A 329 -53.78 9.94 -14.56
CA TYR A 329 -55.06 9.90 -13.86
C TYR A 329 -55.42 11.27 -13.31
N VAL A 330 -54.44 11.98 -12.73
CA VAL A 330 -54.70 13.31 -12.20
C VAL A 330 -55.14 14.25 -13.32
N LEU A 331 -54.44 14.20 -14.46
CA LEU A 331 -54.82 15.07 -15.58
C LEU A 331 -56.22 14.74 -16.09
N GLN A 332 -56.56 13.45 -16.18
CA GLN A 332 -57.89 13.07 -16.61
C GLN A 332 -58.95 13.56 -15.64
N THR A 333 -58.69 13.44 -14.34
CA THR A 333 -59.64 13.92 -13.34
C THR A 333 -59.81 15.43 -13.44
N LEU A 334 -58.72 16.16 -13.64
CA LEU A 334 -58.77 17.62 -13.76
C LEU A 334 -59.18 18.03 -15.16
N ALA A 387 -39.67 0.45 -24.96
CA ALA A 387 -41.09 0.16 -24.99
C ALA A 387 -41.91 1.44 -24.93
N TRP A 388 -43.23 1.30 -24.97
CA TRP A 388 -44.11 2.47 -24.90
C TRP A 388 -43.93 3.21 -23.58
N THR A 389 -43.85 2.47 -22.48
CA THR A 389 -43.67 3.12 -21.17
C THR A 389 -42.35 3.88 -21.11
N MET A 390 -41.28 3.27 -21.63
CA MET A 390 -39.98 3.96 -21.63
C MET A 390 -40.02 5.23 -22.47
N ARG A 391 -40.66 5.16 -23.65
CA ARG A 391 -40.77 6.34 -24.49
C ARG A 391 -41.59 7.44 -23.80
N VAL A 392 -42.68 7.05 -23.14
CA VAL A 392 -43.50 8.04 -22.44
C VAL A 392 -42.69 8.68 -21.31
N LEU A 393 -41.95 7.87 -20.55
CA LEU A 393 -41.14 8.42 -19.47
C LEU A 393 -40.08 9.37 -20.00
N MET A 394 -39.43 9.00 -21.11
CA MET A 394 -38.41 9.87 -21.70
C MET A 394 -39.03 11.19 -22.17
N GLU A 395 -40.21 11.11 -22.80
CA GLU A 395 -40.88 12.34 -23.25
C GLU A 395 -41.25 13.22 -22.07
N ALA A 396 -41.74 12.62 -21.00
CA ALA A 396 -42.13 13.39 -19.81
C ALA A 396 -40.92 14.08 -19.19
N LEU A 432 -46.97 24.88 -9.83
CA LEU A 432 -47.28 24.97 -8.40
C LEU A 432 -48.54 25.77 -8.16
N ALA A 433 -48.41 27.10 -8.21
CA ALA A 433 -49.57 27.97 -8.00
C ALA A 433 -50.62 27.74 -9.07
N ALA A 434 -50.20 27.61 -10.33
CA ALA A 434 -51.15 27.37 -11.41
C ALA A 434 -51.88 26.04 -11.21
N ALA A 435 -51.16 24.99 -10.81
CA ALA A 435 -51.80 23.71 -10.57
C ALA A 435 -52.81 23.81 -9.43
N TYR A 436 -52.45 24.50 -8.35
CA TYR A 436 -53.38 24.66 -7.24
C TYR A 436 -54.62 25.43 -7.66
N HIS A 437 -54.44 26.49 -8.45
CA HIS A 437 -55.59 27.26 -8.94
C HIS A 437 -56.49 26.40 -9.82
N VAL A 438 -55.89 25.60 -10.70
CA VAL A 438 -56.68 24.74 -11.57
C VAL A 438 -57.45 23.72 -10.74
N PHE A 439 -56.81 23.13 -9.74
CA PHE A 439 -57.49 22.16 -8.88
C PHE A 439 -58.64 22.82 -8.13
N ARG A 440 -58.42 24.02 -7.61
CA ARG A 440 -59.49 24.73 -6.91
C ARG A 440 -60.65 25.03 -7.85
N ASN A 441 -60.36 25.45 -9.08
CA ASN A 441 -61.42 25.73 -10.04
C ASN A 441 -62.23 24.48 -10.35
N VAL A 442 -61.56 23.35 -10.51
CA VAL A 442 -62.27 22.10 -10.79
C VAL A 442 -63.18 21.74 -9.62
N ALA A 443 -62.67 21.86 -8.39
CA ALA A 443 -63.48 21.56 -7.22
C ALA A 443 -64.64 22.55 -7.12
N GLN A 444 -65.77 22.06 -6.63
CA GLN A 444 -66.95 22.90 -6.51
C GLN A 444 -66.69 24.02 -5.50
N PRO A 445 -67.21 25.23 -5.72
CA PRO A 445 -66.99 26.31 -4.76
C PRO A 445 -67.54 25.95 -3.38
N PHE A 446 -66.85 26.42 -2.35
CA PHE A 446 -67.24 26.17 -0.96
C PHE A 446 -67.30 24.67 -0.67
N PHE A 447 -66.32 23.93 -1.17
CA PHE A 447 -66.23 22.49 -0.96
C PHE A 447 -64.76 22.15 -0.74
N ASN A 448 -64.35 22.13 0.53
CA ASN A 448 -62.96 21.82 0.85
C ASN A 448 -62.60 20.40 0.42
N TYR A 449 -63.49 19.45 0.67
CA TYR A 449 -63.22 18.07 0.28
C TYR A 449 -63.30 17.90 -1.23
N ILE A 450 -62.63 16.86 -1.73
CA ILE A 450 -62.62 16.60 -3.16
C ILE A 450 -64.04 16.30 -3.62
N GLU A 451 -64.42 16.90 -4.75
CA GLU A 451 -65.78 16.72 -5.28
C GLU A 451 -65.90 15.34 -5.90
N GLU A 452 -66.75 14.50 -5.30
CA GLU A 452 -66.94 13.14 -5.83
C GLU A 452 -67.57 13.18 -7.21
N GLU A 453 -68.52 14.10 -7.43
CA GLU A 453 -69.19 14.17 -8.73
C GLU A 453 -68.19 14.48 -9.85
N ASP A 454 -67.28 15.42 -9.60
CA ASP A 454 -66.28 15.75 -10.62
C ASP A 454 -65.39 14.55 -10.93
N LEU A 455 -64.95 13.84 -9.90
CA LEU A 455 -64.14 12.65 -10.12
C LEU A 455 -64.93 11.56 -10.84
N LEU A 456 -66.19 11.38 -10.46
CA LEU A 456 -67.02 10.35 -11.09
C LEU A 456 -67.21 10.63 -12.57
N ARG A 457 -67.46 11.89 -12.93
CA ARG A 457 -67.67 12.22 -14.34
C ARG A 457 -66.40 12.03 -15.16
N PHE A 458 -65.23 12.15 -14.54
CA PHE A 458 -63.96 12.01 -15.25
C PHE A 458 -63.34 10.62 -15.11
N MET A 459 -63.68 9.88 -14.06
CA MET A 459 -63.12 8.56 -13.85
C MET A 459 -64.08 7.74 -12.99
N ILE A 460 -63.86 6.43 -12.99
CA ILE A 460 -64.71 5.55 -12.21
C ILE A 460 -64.56 5.86 -10.72
N LYS A 461 -65.58 5.49 -9.95
CA LYS A 461 -65.55 5.73 -8.51
C LYS A 461 -64.40 4.97 -7.85
N GLU A 462 -64.21 3.71 -8.24
CA GLU A 462 -63.11 2.93 -7.67
C GLU A 462 -61.76 3.54 -8.00
N GLU A 463 -61.58 3.98 -9.25
CA GLU A 463 -60.32 4.61 -9.63
C GLU A 463 -60.09 5.90 -8.85
N VAL A 464 -61.14 6.70 -8.68
CA VAL A 464 -61.00 7.94 -7.93
C VAL A 464 -60.63 7.65 -6.48
N ASP A 465 -61.28 6.65 -5.88
CA ASP A 465 -60.97 6.29 -4.50
C ASP A 465 -59.53 5.81 -4.37
N LEU A 466 -59.07 4.99 -5.32
CA LEU A 466 -57.70 4.50 -5.29
C LEU A 466 -56.71 5.65 -5.43
N VAL A 467 -57.00 6.60 -6.32
CA VAL A 467 -56.11 7.75 -6.50
C VAL A 467 -56.06 8.58 -5.23
N PHE A 468 -57.22 8.81 -4.61
CA PHE A 468 -57.27 9.59 -3.38
C PHE A 468 -56.66 8.83 -2.22
N THR A 481 -59.80 18.41 1.31
CA THR A 481 -58.79 19.41 1.59
C THR A 481 -58.12 19.89 0.30
N ARG A 482 -58.48 21.09 -0.15
CA ARG A 482 -57.90 21.63 -1.36
C ARG A 482 -56.40 21.84 -1.20
N LYS A 483 -55.97 22.35 -0.04
CA LYS A 483 -54.55 22.54 0.19
C LYS A 483 -53.80 21.22 0.16
N ALA A 484 -54.37 20.18 0.77
CA ALA A 484 -53.73 18.86 0.75
C ALA A 484 -53.64 18.33 -0.67
N PHE A 485 -54.70 18.51 -1.46
CA PHE A 485 -54.66 18.06 -2.85
C PHE A 485 -53.58 18.79 -3.65
N THR A 486 -53.48 20.11 -3.45
CA THR A 486 -52.46 20.88 -4.15
C THR A 486 -51.06 20.43 -3.73
N GLU A 487 -50.85 20.18 -2.44
CA GLU A 487 -49.55 19.70 -1.98
C GLU A 487 -49.22 18.35 -2.58
N TRP A 488 -50.21 17.45 -2.64
CA TRP A 488 -49.98 16.14 -3.25
C TRP A 488 -49.64 16.27 -4.72
N VAL A 489 -50.33 17.17 -5.43
CA VAL A 489 -50.04 17.37 -6.85
C VAL A 489 -48.62 17.90 -7.03
N VAL A 490 -48.22 18.86 -6.19
CA VAL A 490 -46.87 19.40 -6.27
C VAL A 490 -45.84 18.31 -6.00
N LYS A 491 -46.08 17.49 -4.98
CA LYS A 491 -45.15 16.41 -4.67
C LYS A 491 -45.06 15.41 -5.82
N VAL A 492 -46.20 15.09 -6.44
CA VAL A 492 -46.18 14.16 -7.57
C VAL A 492 -45.40 14.74 -8.73
N TYR A 493 -45.60 16.04 -9.01
CA TYR A 493 -44.85 16.67 -10.09
C TYR A 493 -43.35 16.67 -9.79
N THR A 494 -42.97 16.96 -8.56
CA THR A 494 -41.56 16.94 -8.20
C THR A 494 -40.97 15.54 -8.34
N SER A 495 -41.73 14.52 -7.91
CA SER A 495 -41.26 13.14 -8.05
C SER A 495 -41.09 12.76 -9.52
N ARG A 496 -42.04 13.17 -10.36
CA ARG A 496 -41.93 12.88 -11.78
C ARG A 496 -40.72 13.57 -12.40
N ARG A 497 -40.47 14.82 -12.00
CA ARG A 497 -39.30 15.53 -12.50
C ARG A 497 -38.01 14.83 -12.06
N ALA A 498 -37.97 14.40 -10.80
CA ALA A 498 -36.79 13.68 -10.32
C ALA A 498 -36.59 12.37 -11.08
N LEU A 499 -37.68 11.64 -11.34
CA LEU A 499 -37.57 10.40 -12.10
C LEU A 499 -37.07 10.66 -13.51
N ALA A 500 -37.58 11.73 -14.15
CA ALA A 500 -37.11 12.07 -15.49
C ALA A 500 -35.64 12.44 -15.48
N HIS A 501 -35.19 13.19 -14.47
CA HIS A 501 -33.79 13.54 -14.36
C HIS A 501 -32.93 12.29 -14.17
N SER A 502 -33.39 11.36 -13.33
CA SER A 502 -32.65 10.13 -13.13
C SER A 502 -32.56 9.31 -14.42
N LEU A 503 -33.67 9.24 -15.16
CA LEU A 503 -33.65 8.52 -16.43
C LEU A 503 -32.68 9.16 -17.41
N ASN A 504 -32.69 10.51 -17.48
CA ASN A 504 -31.78 11.20 -18.38
C ASN A 504 -30.33 10.97 -17.99
N ASP A 505 -30.03 11.01 -16.69
CA ASP A 505 -28.66 10.76 -16.24
C ASP A 505 -28.22 9.34 -16.57
N THR A 506 -29.10 8.37 -16.34
CA THR A 506 -28.77 6.98 -16.67
C THR A 506 -28.54 6.83 -18.17
N LYS A 507 -29.39 7.45 -18.98
CA LYS A 507 -29.22 7.37 -20.43
C LYS A 507 -27.90 8.00 -20.87
N THR A 508 -27.53 9.14 -20.27
CA THR A 508 -26.27 9.78 -20.62
C THR A 508 -25.09 8.91 -20.23
N ALA A 509 -25.13 8.30 -19.04
CA ALA A 509 -24.06 7.41 -18.63
C ALA A 509 -23.95 6.21 -19.55
N VAL A 510 -25.09 5.63 -19.93
CA VAL A 510 -25.08 4.49 -20.84
C VAL A 510 -24.53 4.89 -22.19
N LYS A 511 -24.88 6.10 -22.65
CA LYS A 511 -24.37 6.58 -23.94
C LYS A 511 -22.87 6.77 -23.90
N GLN A 512 -22.34 7.34 -22.81
CA GLN A 512 -20.89 7.51 -22.70
C GLN A 512 -20.19 6.16 -22.65
N LEU A 513 -20.74 5.21 -21.90
CA LEU A 513 -20.16 3.87 -21.87
C LEU A 513 -20.21 3.23 -23.26
N ASN A 514 -21.31 3.46 -23.98
CA ASN A 514 -21.42 2.94 -25.34
C ASN A 514 -20.36 3.53 -26.24
N LYS A 515 -20.12 4.84 -26.13
CA LYS A 515 -19.07 5.47 -26.93
C LYS A 515 -17.71 4.88 -26.61
N LEU A 516 -17.41 4.70 -25.32
CA LEU A 516 -16.12 4.15 -24.94
C LEU A 516 -15.94 2.73 -25.48
N VAL A 517 -16.93 1.86 -25.25
CA VAL A 517 -16.81 0.49 -25.70
C VAL A 517 -16.80 0.41 -27.23
N THR A 518 -17.49 1.34 -27.90
CA THR A 518 -17.47 1.36 -29.36
C THR A 518 -16.09 1.78 -29.87
N ALA A 519 -15.44 2.73 -29.21
CA ALA A 519 -14.07 3.07 -29.58
C ALA A 519 -13.14 1.88 -29.38
N ILE A 520 -13.31 1.17 -28.26
CA ILE A 520 -12.49 -0.02 -28.02
C ILE A 520 -12.73 -1.06 -29.12
N LEU A 521 -14.00 -1.27 -29.49
CA LEU A 521 -14.32 -2.22 -30.54
C LEU A 521 -13.72 -1.79 -31.88
N MET A 522 -13.77 -0.49 -32.18
CA MET A 522 -13.22 0.00 -33.44
C MET A 522 -11.72 -0.23 -33.51
N VAL A 523 -11.00 0.11 -32.44
CA VAL A 523 -9.55 -0.11 -32.44
C VAL A 523 -9.24 -1.61 -32.54
N VAL A 524 -10.00 -2.42 -31.81
CA VAL A 524 -9.77 -3.87 -31.83
C VAL A 524 -9.97 -4.41 -33.24
N THR A 525 -11.04 -3.98 -33.93
CA THR A 525 -11.31 -4.53 -35.26
C THR A 525 -10.29 -4.04 -36.27
N VAL A 526 -9.84 -2.78 -36.17
CA VAL A 526 -8.84 -2.32 -37.13
C VAL A 526 -7.55 -3.10 -36.94
N VAL A 527 -7.13 -3.31 -35.69
CA VAL A 527 -5.89 -4.05 -35.47
C VAL A 527 -6.05 -5.50 -35.90
N ILE A 528 -7.25 -6.07 -35.70
CA ILE A 528 -7.49 -7.44 -36.15
C ILE A 528 -7.37 -7.54 -37.66
N TRP A 529 -7.96 -6.58 -38.37
CA TRP A 529 -7.87 -6.58 -39.83
C TRP A 529 -6.43 -6.42 -40.29
N LEU A 530 -5.68 -5.52 -39.63
CA LEU A 530 -4.28 -5.33 -39.99
C LEU A 530 -3.48 -6.62 -39.78
N LEU A 531 -3.72 -7.30 -38.65
CA LEU A 531 -3.02 -8.56 -38.40
C LEU A 531 -3.38 -9.62 -39.44
N LEU A 532 -4.68 -9.72 -39.77
CA LEU A 532 -5.10 -10.71 -40.75
C LEU A 532 -4.48 -10.45 -42.11
N LEU A 533 -4.39 -9.17 -42.51
CA LEU A 533 -3.80 -8.85 -43.80
C LEU A 533 -2.35 -9.29 -43.90
N GLU A 534 -1.65 -9.41 -42.77
CA GLU A 534 -0.28 -9.91 -42.74
C GLU A 534 0.63 -9.04 -43.62
N VAL A 535 0.77 -7.78 -43.22
CA VAL A 535 1.60 -6.82 -43.95
C VAL A 535 2.93 -6.63 -43.22
N ALA A 536 2.89 -6.70 -41.90
CA ALA A 536 4.09 -6.50 -41.09
C ALA A 536 4.86 -7.80 -40.91
N THR A 537 6.18 -7.69 -40.84
CA THR A 537 7.04 -8.85 -40.65
C THR A 537 7.13 -9.19 -39.17
N THR A 538 8.08 -10.07 -38.83
CA THR A 538 8.13 -10.61 -37.47
C THR A 538 8.62 -9.57 -36.47
N GLU A 539 9.84 -9.07 -36.63
CA GLU A 539 10.46 -8.23 -35.61
C GLU A 539 9.54 -7.07 -35.22
N VAL A 540 8.96 -6.40 -36.23
CA VAL A 540 8.06 -5.30 -35.93
C VAL A 540 6.85 -5.79 -35.14
N LEU A 541 6.42 -7.03 -35.37
CA LEU A 541 5.27 -7.54 -34.63
C LEU A 541 5.58 -7.66 -33.14
N LEU A 542 6.76 -8.18 -32.78
CA LEU A 542 7.09 -8.27 -31.37
C LEU A 542 7.40 -6.89 -30.77
N PHE A 543 7.95 -5.98 -31.56
CA PHE A 543 8.11 -4.62 -31.06
C PHE A 543 6.76 -3.99 -30.75
N PHE A 544 5.79 -4.18 -31.64
CA PHE A 544 4.43 -3.73 -31.37
C PHE A 544 3.86 -4.41 -30.14
N SER A 545 4.14 -5.70 -29.97
CA SER A 545 3.62 -6.43 -28.82
C SER A 545 4.16 -5.87 -27.51
N THR A 546 5.47 -5.60 -27.46
CA THR A 546 6.04 -5.06 -26.22
C THR A 546 5.56 -3.64 -25.97
N GLN A 547 5.49 -2.80 -27.01
CA GLN A 547 4.89 -1.48 -26.83
C GLN A 547 3.45 -1.59 -26.37
N LEU A 548 2.74 -2.63 -26.83
CA LEU A 548 1.34 -2.82 -26.47
C LEU A 548 1.20 -3.22 -25.01
N VAL A 549 2.06 -4.11 -24.52
CA VAL A 549 1.97 -4.48 -23.11
C VAL A 549 2.37 -3.30 -22.23
N ALA A 550 3.37 -2.52 -22.66
CA ALA A 550 3.71 -1.31 -21.93
C ALA A 550 2.51 -0.37 -21.81
N LEU A 551 1.98 0.07 -22.96
CA LEU A 551 0.82 0.95 -22.94
C LEU A 551 -0.36 0.32 -22.21
N ALA A 552 -0.47 -1.01 -22.26
CA ALA A 552 -1.55 -1.69 -21.56
C ALA A 552 -1.43 -1.50 -20.06
N PHE A 553 -0.22 -1.65 -19.52
CA PHE A 553 -0.02 -1.33 -18.11
C PHE A 553 -0.34 0.13 -17.84
N ILE A 554 0.15 1.03 -18.69
CA ILE A 554 -0.09 2.46 -18.51
C ILE A 554 -1.57 2.75 -18.33
N ILE A 555 -2.37 2.44 -19.37
CA ILE A 555 -3.79 2.79 -19.29
C ILE A 555 -4.59 1.83 -18.42
N GLY A 556 -4.03 0.67 -18.07
CA GLY A 556 -4.68 -0.20 -17.11
C GLY A 556 -4.69 0.41 -15.73
N SER A 557 -3.59 1.06 -15.35
CA SER A 557 -3.52 1.74 -14.06
C SER A 557 -4.71 2.67 -13.85
N THR A 558 -5.38 3.07 -14.93
CA THR A 558 -6.53 3.95 -14.86
C THR A 558 -7.86 3.28 -15.20
N CYS A 559 -7.91 2.40 -16.20
CA CYS A 559 -9.19 1.75 -16.45
C CYS A 559 -9.53 0.74 -15.36
N LYS A 560 -8.58 0.37 -14.50
CA LYS A 560 -8.94 -0.35 -13.29
C LYS A 560 -9.88 0.48 -12.42
N ASN A 561 -9.51 1.74 -12.17
CA ASN A 561 -10.38 2.64 -11.43
C ASN A 561 -11.68 2.88 -12.19
N LEU A 562 -11.58 3.00 -13.52
CA LEU A 562 -12.80 3.18 -14.32
C LEU A 562 -13.76 2.02 -14.12
N PHE A 563 -13.26 0.78 -14.21
CA PHE A 563 -14.11 -0.39 -14.03
C PHE A 563 -14.68 -0.44 -12.63
N GLU A 564 -13.88 -0.11 -11.62
CA GLU A 564 -14.41 -0.05 -10.26
C GLU A 564 -15.56 0.95 -10.18
N SER A 565 -15.41 2.12 -10.82
CA SER A 565 -16.45 3.13 -10.77
C SER A 565 -17.72 2.66 -11.47
N ILE A 566 -17.58 2.00 -12.63
CA ILE A 566 -18.77 1.57 -13.36
C ILE A 566 -19.48 0.44 -12.62
N VAL A 567 -18.72 -0.49 -12.04
CA VAL A 567 -19.34 -1.57 -11.27
C VAL A 567 -19.99 -0.98 -10.02
N PHE A 568 -19.45 0.11 -9.49
CA PHE A 568 -20.07 0.77 -8.34
C PHE A 568 -21.40 1.41 -8.73
N VAL A 569 -21.41 2.18 -9.82
CA VAL A 569 -22.61 2.92 -10.19
C VAL A 569 -23.70 1.97 -10.65
N PHE A 570 -23.32 0.90 -11.36
CA PHE A 570 -24.30 0.00 -11.94
C PHE A 570 -24.65 -1.18 -11.02
N VAL A 571 -23.65 -1.98 -10.65
CA VAL A 571 -23.93 -3.24 -9.96
C VAL A 571 -24.48 -2.99 -8.56
N MET A 572 -23.78 -2.19 -7.75
CA MET A 572 -24.28 -1.92 -6.40
C MET A 572 -25.49 -0.99 -6.44
N HIS A 573 -25.46 0.01 -7.31
CA HIS A 573 -26.55 0.96 -7.46
C HIS A 573 -27.02 1.50 -6.11
N PRO A 574 -26.12 2.04 -5.29
CA PRO A 574 -26.52 2.46 -3.94
C PRO A 574 -27.59 3.54 -3.92
N TYR A 575 -27.61 4.43 -4.92
CA TYR A 575 -28.51 5.58 -4.88
C TYR A 575 -28.89 5.96 -6.31
N ASP A 576 -29.92 6.80 -6.41
CA ASP A 576 -30.38 7.34 -7.67
C ASP A 576 -30.27 8.86 -7.64
N VAL A 577 -30.52 9.49 -8.79
CA VAL A 577 -30.44 10.94 -8.89
C VAL A 577 -31.56 11.57 -8.07
N GLY A 578 -31.23 12.60 -7.31
CA GLY A 578 -32.18 13.30 -6.48
C GLY A 578 -32.33 12.74 -5.08
N ASP A 579 -31.70 11.61 -4.77
CA ASP A 579 -31.77 11.03 -3.44
C ASP A 579 -30.75 11.68 -2.52
N ARG A 580 -31.14 11.91 -1.27
CA ARG A 580 -30.26 12.49 -0.27
C ARG A 580 -29.46 11.38 0.38
N CYS A 581 -28.13 11.52 0.37
CA CYS A 581 -27.22 10.52 0.87
C CYS A 581 -26.20 11.15 1.80
N VAL A 582 -25.63 10.32 2.68
CA VAL A 582 -24.64 10.74 3.66
C VAL A 582 -23.35 9.98 3.38
N VAL A 583 -22.26 10.73 3.19
CA VAL A 583 -20.93 10.16 3.01
C VAL A 583 -19.99 10.81 4.01
N ASP A 584 -19.29 9.98 4.78
CA ASP A 584 -18.37 10.47 5.81
C ASP A 584 -19.09 11.33 6.85
N GLY A 585 -20.38 11.07 7.07
CA GLY A 585 -21.14 11.76 8.08
C GLY A 585 -21.75 13.07 7.66
N VAL A 586 -21.63 13.46 6.39
CA VAL A 586 -22.19 14.70 5.89
C VAL A 586 -23.22 14.36 4.81
N ALA A 587 -24.40 14.94 4.93
CA ALA A 587 -25.49 14.67 3.99
C ALA A 587 -25.36 15.57 2.77
N MET A 588 -25.91 15.08 1.65
CA MET A 588 -25.88 15.80 0.39
C MET A 588 -26.90 15.17 -0.54
N LEU A 589 -27.10 15.82 -1.69
CA LEU A 589 -28.09 15.40 -2.68
C LEU A 589 -27.39 15.06 -3.99
N VAL A 590 -27.78 13.94 -4.59
CA VAL A 590 -27.21 13.52 -5.86
C VAL A 590 -27.64 14.47 -6.96
N GLU A 591 -26.68 14.91 -7.78
CA GLU A 591 -26.95 15.85 -8.86
C GLU A 591 -26.68 15.26 -10.23
N GLU A 592 -25.48 14.72 -10.46
CA GLU A 592 -25.09 14.21 -11.77
C GLU A 592 -24.39 12.87 -11.59
N MET A 593 -24.73 11.91 -12.45
CA MET A 593 -24.16 10.57 -12.42
C MET A 593 -23.25 10.41 -13.63
N ASN A 594 -21.93 10.47 -13.40
CA ASN A 594 -20.94 10.23 -14.43
C ASN A 594 -20.20 8.93 -14.15
N LEU A 595 -19.55 8.40 -15.19
CA LEU A 595 -18.85 7.13 -15.05
C LEU A 595 -17.70 7.24 -14.08
N LEU A 596 -16.95 8.34 -14.12
CA LEU A 596 -15.78 8.52 -13.26
C LEU A 596 -16.07 9.33 -12.01
N THR A 597 -17.16 10.08 -11.97
CA THR A 597 -17.45 10.95 -10.84
C THR A 597 -18.95 11.07 -10.65
N THR A 598 -19.33 11.54 -9.46
CA THR A 598 -20.72 11.83 -9.13
C THR A 598 -20.77 13.17 -8.41
N VAL A 599 -21.65 14.06 -8.87
CA VAL A 599 -21.76 15.40 -8.33
C VAL A 599 -22.82 15.40 -7.24
N PHE A 600 -22.49 16.00 -6.10
CA PHE A 600 -23.40 16.07 -4.96
C PHE A 600 -23.55 17.52 -4.52
N LEU A 601 -24.72 17.83 -3.95
CA LEU A 601 -25.01 19.14 -3.41
C LEU A 601 -25.19 19.04 -1.90
N LYS A 602 -24.43 19.83 -1.16
CA LYS A 602 -24.51 19.81 0.29
C LYS A 602 -25.72 20.60 0.77
N LEU A 603 -25.97 20.53 2.08
CA LEU A 603 -27.11 21.25 2.66
C LEU A 603 -27.02 22.74 2.40
N ASN A 604 -25.80 23.26 2.25
CA ASN A 604 -25.59 24.68 1.96
C ASN A 604 -25.57 24.97 0.47
N ASN A 605 -26.14 24.09 -0.35
CA ASN A 605 -26.16 24.25 -1.80
C ASN A 605 -24.75 24.41 -2.36
N GLU A 606 -23.82 23.64 -1.81
CA GLU A 606 -22.43 23.65 -2.23
C GLU A 606 -22.17 22.45 -3.12
N LYS A 607 -21.74 22.71 -4.36
CA LYS A 607 -21.45 21.62 -5.29
C LYS A 607 -20.17 20.91 -4.89
N VAL A 608 -20.20 19.57 -5.00
CA VAL A 608 -19.06 18.74 -4.64
C VAL A 608 -18.87 17.68 -5.71
N TYR A 609 -17.62 17.43 -6.08
CA TYR A 609 -17.25 16.41 -7.04
C TYR A 609 -16.51 15.30 -6.33
N TYR A 610 -16.90 14.06 -6.59
CA TYR A 610 -16.30 12.90 -5.94
C TYR A 610 -15.79 11.93 -7.00
N PRO A 611 -14.68 11.25 -6.74
CA PRO A 611 -14.27 10.13 -7.62
C PRO A 611 -15.11 8.90 -7.32
N ASN A 612 -15.74 8.34 -8.36
CA ASN A 612 -16.59 7.18 -8.17
C ASN A 612 -15.82 5.99 -7.61
N ALA A 613 -14.55 5.87 -7.97
CA ALA A 613 -13.74 4.76 -7.47
C ALA A 613 -13.60 4.83 -5.95
N VAL A 614 -13.39 6.03 -5.41
CA VAL A 614 -13.22 6.18 -3.96
C VAL A 614 -14.49 5.77 -3.24
N LEU A 615 -15.66 6.19 -3.75
CA LEU A 615 -16.92 5.87 -3.09
C LEU A 615 -17.11 4.37 -2.95
N ALA A 616 -16.56 3.57 -3.87
CA ALA A 616 -16.70 2.13 -3.77
C ALA A 616 -16.07 1.58 -2.49
N THR A 617 -15.12 2.30 -1.90
CA THR A 617 -14.43 1.86 -0.69
C THR A 617 -14.96 2.56 0.56
N LYS A 618 -16.06 3.29 0.46
CA LYS A 618 -16.63 4.00 1.60
C LYS A 618 -18.10 3.64 1.76
N PRO A 619 -18.61 3.69 3.00
CA PRO A 619 -20.03 3.40 3.20
C PRO A 619 -20.93 4.48 2.61
N ILE A 620 -22.11 4.05 2.18
CA ILE A 620 -23.09 4.95 1.57
C ILE A 620 -24.43 4.72 2.26
N SER A 621 -25.09 5.80 2.67
CA SER A 621 -26.40 5.76 3.28
C SER A 621 -27.37 6.59 2.45
N ASN A 622 -28.58 6.08 2.24
CA ASN A 622 -29.59 6.71 1.41
C ASN A 622 -30.81 7.01 2.25
N TYR A 623 -31.21 8.28 2.30
CA TYR A 623 -32.43 8.65 3.01
C TYR A 623 -33.67 8.27 2.22
N PHE A 624 -33.64 8.44 0.89
CA PHE A 624 -34.82 8.18 0.09
C PHE A 624 -35.24 6.72 0.16
N ARG A 625 -34.29 5.79 0.09
CA ARG A 625 -34.59 4.38 0.12
C ARG A 625 -34.84 3.84 1.52
N SER A 626 -34.50 4.60 2.56
CA SER A 626 -34.68 4.11 3.91
C SER A 626 -36.13 4.24 4.36
N PRO A 627 -36.58 3.42 5.31
CA PRO A 627 -37.94 3.58 5.85
C PRO A 627 -38.05 4.84 6.70
N ASN A 628 -39.21 5.04 7.33
CA ASN A 628 -39.40 6.19 8.20
C ASN A 628 -38.29 6.23 9.25
N MET A 629 -37.68 7.40 9.39
CA MET A 629 -36.49 7.56 10.22
C MET A 629 -36.89 7.93 11.65
N GLY A 630 -35.94 7.71 12.58
CA GLY A 630 -36.15 8.03 13.96
C GLY A 630 -35.67 9.42 14.33
N GLU A 631 -36.04 9.84 15.54
CA GLU A 631 -35.66 11.15 16.07
C GLU A 631 -35.16 10.99 17.49
N THR A 632 -34.24 11.86 17.88
CA THR A 632 -33.67 11.84 19.23
C THR A 632 -33.57 13.27 19.75
N VAL A 633 -33.95 13.44 21.02
CA VAL A 633 -33.85 14.73 21.70
C VAL A 633 -33.10 14.50 23.00
N GLU A 634 -32.40 15.54 23.45
CA GLU A 634 -31.56 15.47 24.64
C GLU A 634 -31.95 16.56 25.63
N PHE A 635 -32.11 16.19 26.89
CA PHE A 635 -32.38 17.14 27.96
C PHE A 635 -31.94 16.52 29.28
N SER A 636 -31.76 17.38 30.27
CA SER A 636 -31.26 16.96 31.58
C SER A 636 -32.16 17.50 32.68
N ILE A 637 -32.23 16.76 33.78
CA ILE A 637 -33.03 17.13 34.95
C ILE A 637 -32.22 16.85 36.20
N SER A 638 -32.72 17.36 37.33
CA SER A 638 -32.03 17.19 38.60
C SER A 638 -32.14 15.75 39.09
N PHE A 639 -31.17 15.36 39.92
CA PHE A 639 -31.17 14.02 40.51
C PHE A 639 -32.23 13.88 41.59
N SER A 640 -32.73 14.98 42.14
CA SER A 640 -33.73 14.96 43.20
C SER A 640 -35.16 14.97 42.66
N THR A 641 -35.33 14.89 41.34
CA THR A 641 -36.66 14.93 40.77
C THR A 641 -37.46 13.70 41.22
N PRO A 642 -38.64 13.87 41.80
CA PRO A 642 -39.44 12.70 42.19
C PRO A 642 -39.83 11.84 40.99
N VAL A 643 -39.97 10.54 41.24
CA VAL A 643 -40.35 9.62 40.17
C VAL A 643 -41.75 9.95 39.66
N SER A 644 -42.60 10.52 40.51
CA SER A 644 -43.95 10.88 40.08
C SER A 644 -43.90 11.92 38.96
N LYS A 645 -43.00 12.90 39.08
CA LYS A 645 -42.85 13.90 38.02
C LYS A 645 -42.38 13.24 36.73
N ILE A 646 -41.47 12.27 36.83
CA ILE A 646 -41.00 11.57 35.63
C ILE A 646 -42.15 10.82 34.97
N ALA A 647 -42.98 10.15 35.77
CA ALA A 647 -44.13 9.44 35.22
C ALA A 647 -45.10 10.40 34.56
N HIS A 648 -45.34 11.55 35.18
CA HIS A 648 -46.22 12.55 34.58
C HIS A 648 -45.66 13.05 33.26
N LEU A 649 -44.34 13.29 33.22
CA LEU A 649 -43.72 13.73 31.98
C LEU A 649 -43.85 12.67 30.89
N LYS A 650 -43.67 11.41 31.25
CA LYS A 650 -43.82 10.32 30.27
C LYS A 650 -45.25 10.27 29.75
N GLU A 651 -46.23 10.40 30.64
CA GLU A 651 -47.63 10.38 30.20
C GLU A 651 -47.92 11.55 29.28
N ARG A 652 -47.43 12.74 29.62
CA ARG A 652 -47.65 13.90 28.77
C ARG A 652 -46.99 13.72 27.41
N ILE A 653 -45.78 13.16 27.38
CA ILE A 653 -45.10 12.91 26.11
C ILE A 653 -45.91 11.93 25.27
N ALA A 654 -46.40 10.86 25.89
CA ALA A 654 -47.20 9.89 25.15
C ALA A 654 -48.47 10.53 24.59
N GLU A 655 -49.15 11.34 25.39
CA GLU A 655 -50.36 12.00 24.94
C GLU A 655 -50.06 12.97 23.79
N TYR A 656 -48.99 13.74 23.90
CA TYR A 656 -48.63 14.68 22.84
C TYR A 656 -48.27 13.95 21.56
N LEU A 657 -47.57 12.82 21.66
CA LEU A 657 -47.18 12.08 20.47
C LEU A 657 -48.38 11.40 19.82
N GLU A 658 -49.30 10.86 20.62
CA GLU A 658 -50.47 10.18 20.06
C GLU A 658 -51.53 11.14 19.55
N GLN A 659 -51.53 12.39 20.03
CA GLN A 659 -52.48 13.38 19.52
C GLN A 659 -52.00 14.06 18.25
N ASN A 660 -50.79 13.75 17.77
CA ASN A 660 -50.25 14.30 16.54
C ASN A 660 -49.72 13.18 15.66
N PRO A 661 -50.60 12.27 15.22
CA PRO A 661 -50.13 11.17 14.37
C PRO A 661 -49.52 11.61 13.06
N GLN A 662 -49.99 12.74 12.50
CA GLN A 662 -49.48 13.18 11.20
C GLN A 662 -47.99 13.48 11.22
N HIS A 663 -47.43 13.77 12.38
CA HIS A 663 -46.01 14.11 12.51
C HIS A 663 -45.20 13.04 13.21
N TRP A 664 -45.72 12.44 14.28
CA TRP A 664 -44.98 11.47 15.08
C TRP A 664 -45.82 10.20 15.24
N ALA A 665 -45.14 9.06 15.16
CA ALA A 665 -45.82 7.79 15.34
C ALA A 665 -46.13 7.55 16.81
N PRO A 666 -47.15 6.74 17.12
CA PRO A 666 -47.48 6.49 18.53
C PRO A 666 -46.32 5.86 19.31
N VAL A 667 -45.52 5.01 18.67
CA VAL A 667 -44.46 4.31 19.38
C VAL A 667 -43.39 5.30 19.79
N HIS A 668 -42.97 5.22 21.06
CA HIS A 668 -41.95 6.11 21.59
C HIS A 668 -41.34 5.47 22.83
N SER A 669 -40.19 5.99 23.23
CA SER A 669 -39.49 5.48 24.40
C SER A 669 -38.68 6.59 25.05
N VAL A 670 -38.61 6.58 26.37
CA VAL A 670 -37.81 7.50 27.15
C VAL A 670 -36.79 6.69 27.93
N VAL A 671 -35.51 7.03 27.77
CA VAL A 671 -34.42 6.24 28.34
C VAL A 671 -33.49 7.15 29.12
N VAL A 672 -33.02 6.66 30.27
CA VAL A 672 -32.02 7.34 31.08
C VAL A 672 -30.65 6.91 30.57
N LYS A 673 -29.81 7.90 30.24
CA LYS A 673 -28.50 7.59 29.69
C LYS A 673 -27.48 7.26 30.77
N GLU A 674 -27.21 8.22 31.67
CA GLU A 674 -26.22 8.01 32.70
C GLU A 674 -26.43 9.05 33.79
N ILE A 675 -25.82 8.79 34.95
CA ILE A 675 -25.97 9.64 36.13
C ILE A 675 -24.63 10.32 36.39
N GLU A 676 -24.66 11.66 36.48
CA GLU A 676 -23.46 12.46 36.64
C GLU A 676 -23.45 13.00 38.07
N ASN A 677 -22.54 12.48 38.89
CA ASN A 677 -22.38 12.92 40.28
C ASN A 677 -23.72 12.91 41.02
N MET A 678 -24.65 12.07 40.58
CA MET A 678 -25.98 11.99 41.18
C MET A 678 -26.55 13.38 41.45
N ASN A 679 -26.32 14.31 40.52
CA ASN A 679 -26.89 15.65 40.60
C ASN A 679 -27.60 16.00 39.30
N LYS A 680 -27.13 15.43 38.19
CA LYS A 680 -27.72 15.65 36.87
C LYS A 680 -28.10 14.31 36.27
N LEU A 681 -29.33 14.22 35.76
CA LEU A 681 -29.85 13.00 35.14
C LEU A 681 -30.03 13.26 33.65
N LYS A 682 -29.16 12.66 32.85
CA LYS A 682 -29.29 12.78 31.40
C LYS A 682 -30.56 12.08 30.94
N MET A 683 -31.33 12.77 30.10
CA MET A 683 -32.60 12.26 29.61
C MET A 683 -32.65 12.41 28.09
N ALA A 684 -33.33 11.48 27.44
CA ALA A 684 -33.47 11.51 25.99
C ALA A 684 -34.82 10.93 25.60
N LEU A 685 -35.38 11.45 24.51
CA LEU A 685 -36.63 10.97 23.97
C LEU A 685 -36.40 10.43 22.56
N TYR A 686 -37.05 9.32 22.23
CA TYR A 686 -36.92 8.67 20.94
C TYR A 686 -38.29 8.55 20.29
N SER A 687 -38.37 8.98 19.02
CA SER A 687 -39.62 8.92 18.28
C SER A 687 -39.30 8.85 16.80
N ASP A 688 -40.27 8.39 16.02
CA ASP A 688 -40.13 8.23 14.58
C ASP A 688 -41.07 9.18 13.86
N HIS A 689 -40.54 9.84 12.83
CA HIS A 689 -41.36 10.73 12.01
C HIS A 689 -42.31 9.90 11.14
N THR A 690 -43.15 10.60 10.39
CA THR A 690 -43.98 9.99 9.36
C THR A 690 -43.31 10.02 7.99
N ILE A 691 -42.10 10.56 7.90
CA ILE A 691 -41.34 10.66 6.66
C ILE A 691 -39.88 10.38 6.97
N THR A 692 -39.04 10.45 5.93
CA THR A 692 -37.61 10.22 6.07
C THR A 692 -36.90 11.55 6.25
N PHE A 693 -35.57 11.53 6.21
CA PHE A 693 -34.75 12.73 6.33
C PHE A 693 -34.57 13.45 4.99
N GLN A 694 -35.21 12.97 3.92
CA GLN A 694 -35.08 13.63 2.63
C GLN A 694 -35.56 15.07 2.71
N GLU A 695 -36.69 15.31 3.36
CA GLU A 695 -37.22 16.65 3.58
C GLU A 695 -36.51 17.24 4.80
N ASN A 696 -35.29 17.73 4.57
CA ASN A 696 -34.48 18.25 5.68
C ASN A 696 -35.16 19.41 6.37
N ARG A 697 -35.74 20.34 5.60
CA ARG A 697 -36.39 21.49 6.20
C ARG A 697 -37.58 21.07 7.06
N GLU A 698 -38.43 20.18 6.53
CA GLU A 698 -39.57 19.72 7.29
C GLU A 698 -39.13 18.95 8.53
N ARG A 699 -38.10 18.12 8.40
CA ARG A 699 -37.59 17.37 9.55
C ARG A 699 -37.10 18.34 10.63
N ASN A 700 -36.36 19.36 10.23
CA ASN A 700 -35.84 20.32 11.20
C ASN A 700 -36.98 21.08 11.87
N LEU A 701 -37.99 21.48 11.10
CA LEU A 701 -39.12 22.20 11.68
C LEU A 701 -39.87 21.32 12.68
N ARG A 702 -40.09 20.05 12.33
CA ARG A 702 -40.79 19.15 13.24
C ARG A 702 -39.96 18.90 14.50
N ARG A 703 -38.64 18.77 14.36
CA ARG A 703 -37.79 18.59 15.53
C ARG A 703 -37.84 19.83 16.43
N THR A 704 -37.84 21.02 15.83
CA THR A 704 -37.95 22.24 16.62
C THR A 704 -39.29 22.31 17.34
N GLU A 705 -40.36 21.93 16.66
CA GLU A 705 -41.67 21.93 17.32
C GLU A 705 -41.69 20.95 18.48
N LEU A 706 -41.12 19.76 18.30
CA LEU A 706 -41.07 18.79 19.39
C LEU A 706 -40.24 19.31 20.55
N SER A 707 -39.11 19.96 20.25
CA SER A 707 -38.28 20.52 21.31
C SER A 707 -39.02 21.59 22.09
N LEU A 708 -39.76 22.45 21.38
CA LEU A 708 -40.54 23.48 22.06
C LEU A 708 -41.64 22.87 22.92
N ALA A 709 -42.28 21.81 22.42
CA ALA A 709 -43.30 21.12 23.21
C ALA A 709 -42.68 20.53 24.48
N ILE A 710 -41.51 19.91 24.35
CA ILE A 710 -40.83 19.35 25.52
C ILE A 710 -40.48 20.45 26.50
N LYS A 711 -39.99 21.58 26.00
CA LYS A 711 -39.66 22.70 26.87
C LYS A 711 -40.89 23.16 27.65
N ARG A 712 -42.00 23.36 26.95
CA ARG A 712 -43.22 23.82 27.63
C ARG A 712 -43.67 22.80 28.67
N MET A 713 -43.69 21.52 28.28
CA MET A 713 -44.17 20.49 29.21
C MET A 713 -43.29 20.41 30.46
N LEU A 714 -41.97 20.51 30.28
CA LEU A 714 -41.08 20.54 31.43
C LEU A 714 -41.35 21.77 32.29
N GLU A 715 -41.64 22.91 31.65
CA GLU A 715 -41.91 24.13 32.40
C GLU A 715 -43.16 23.99 33.26
N ASP A 716 -44.22 23.40 32.71
CA ASP A 716 -45.45 23.26 33.49
C ASP A 716 -45.26 22.30 34.66
N LEU A 717 -44.51 21.22 34.45
CA LEU A 717 -44.32 20.22 35.50
C LEU A 717 -43.44 20.73 36.64
N HIS A 718 -42.81 21.89 36.49
CA HIS A 718 -41.98 22.50 37.54
C HIS A 718 -40.73 21.68 37.81
N ILE A 719 -40.21 20.98 36.81
CA ILE A 719 -38.96 20.25 36.94
C ILE A 719 -37.81 21.24 36.86
N ASP A 720 -36.93 21.21 37.85
CA ASP A 720 -35.85 22.17 37.98
C ASP A 720 -34.50 21.46 38.09
N TYR A 721 -33.47 22.10 37.59
CA TYR A 721 -32.09 21.63 37.68
C TYR A 721 -31.27 22.64 38.46
N THR A 722 -30.49 22.15 39.42
CA THR A 722 -29.70 23.00 40.29
C THR A 722 -28.25 22.54 40.30
N LEU A 723 -27.33 23.50 40.26
CA LEU A 723 -25.91 23.19 40.34
C LEU A 723 -25.56 22.67 41.73
N LEU A 724 -24.49 21.88 41.79
CA LEU A 724 -24.08 21.32 43.06
C LEU A 724 -23.69 22.44 44.03
N PRO A 725 -24.19 22.44 45.25
CA PRO A 725 -23.82 23.51 46.19
C PRO A 725 -22.34 23.50 46.50
N GLN A 726 -21.79 24.70 46.70
CA GLN A 726 -20.38 24.88 47.01
C GLN A 726 -20.25 25.46 48.40
N ASP A 727 -19.38 24.86 49.22
CA ASP A 727 -19.13 25.32 50.56
C ASP A 727 -17.90 26.23 50.57
N ILE A 728 -18.04 27.41 51.16
CA ILE A 728 -16.99 28.41 51.19
C ILE A 728 -16.66 28.72 52.65
N ASN A 729 -15.37 28.66 52.98
CA ASN A 729 -14.87 28.97 54.31
C ASN A 729 -14.12 30.29 54.24
N LEU A 730 -14.60 31.29 54.96
CA LEU A 730 -13.98 32.61 54.96
C LEU A 730 -12.77 32.63 55.88
N THR A 731 -11.94 33.66 55.71
CA THR A 731 -10.74 33.83 56.52
C THR A 731 -10.58 35.29 56.93
N THR B 166 -47.60 -38.87 -21.91
CA THR B 166 -47.97 -38.42 -23.29
C THR B 166 -46.73 -38.28 -24.15
N LEU B 167 -46.04 -37.14 -24.02
CA LEU B 167 -44.82 -36.93 -24.80
C LEU B 167 -43.76 -37.96 -24.45
N ALA B 168 -43.58 -38.25 -23.16
CA ALA B 168 -42.61 -39.26 -22.76
C ALA B 168 -42.98 -40.63 -23.30
N LEU B 169 -44.28 -40.96 -23.29
CA LEU B 169 -44.72 -42.24 -23.84
C LEU B 169 -44.39 -42.34 -25.33
N ILE B 170 -44.57 -41.23 -26.06
CA ILE B 170 -44.25 -41.24 -27.49
C ILE B 170 -42.76 -41.49 -27.69
N GLU B 171 -41.92 -40.84 -26.88
CA GLU B 171 -40.47 -41.06 -26.99
C GLU B 171 -40.11 -42.50 -26.67
N SER B 172 -40.74 -43.08 -25.64
CA SER B 172 -40.47 -44.47 -25.30
C SER B 172 -40.88 -45.40 -26.43
N ALA B 173 -42.04 -45.15 -27.03
CA ALA B 173 -42.48 -45.98 -28.15
C ALA B 173 -41.53 -45.85 -29.34
N PHE B 174 -41.07 -44.63 -29.62
CA PHE B 174 -40.11 -44.44 -30.70
C PHE B 174 -38.81 -45.18 -30.43
N PHE B 175 -38.33 -45.13 -29.19
CA PHE B 175 -37.11 -45.86 -28.83
C PHE B 175 -37.30 -47.36 -28.99
N VAL B 176 -38.46 -47.87 -28.57
CA VAL B 176 -38.74 -49.30 -28.72
C VAL B 176 -38.77 -49.69 -30.19
N VAL B 177 -39.40 -48.86 -31.03
CA VAL B 177 -39.45 -49.14 -32.46
C VAL B 177 -38.05 -49.13 -33.06
N ILE B 178 -37.22 -48.17 -32.64
CA ILE B 178 -35.85 -48.10 -33.15
C ILE B 178 -35.08 -49.34 -32.75
N LEU B 179 -35.23 -49.78 -31.49
CA LEU B 179 -34.55 -50.99 -31.04
C LEU B 179 -35.01 -52.21 -31.82
N SER B 180 -36.32 -52.31 -32.08
CA SER B 180 -36.82 -53.45 -32.86
C SER B 180 -36.27 -53.41 -34.28
N ALA B 181 -36.21 -52.23 -34.89
CA ALA B 181 -35.65 -52.11 -36.24
C ALA B 181 -34.18 -52.50 -36.25
N LEU B 182 -33.42 -52.08 -35.24
CA LEU B 182 -32.01 -52.45 -35.17
C LEU B 182 -31.86 -53.97 -35.01
N VAL B 183 -32.70 -54.58 -34.18
CA VAL B 183 -32.63 -56.03 -34.00
C VAL B 183 -32.95 -56.74 -35.31
N ALA B 184 -33.97 -56.26 -36.03
CA ALA B 184 -34.31 -56.87 -37.32
C ALA B 184 -33.18 -56.72 -38.32
N SER B 185 -32.55 -55.55 -38.36
CA SER B 185 -31.43 -55.34 -39.27
C SER B 185 -30.27 -56.25 -38.92
N LEU B 186 -29.99 -56.43 -37.63
CA LEU B 186 -28.94 -57.35 -37.22
C LEU B 186 -29.27 -58.78 -37.63
N THR B 187 -30.53 -59.18 -37.48
CA THR B 187 -30.93 -60.54 -37.81
C THR B 187 -31.05 -60.77 -39.31
N ILE B 188 -31.47 -59.75 -40.06
CA ILE B 188 -31.70 -59.86 -41.50
C ILE B 188 -30.63 -59.04 -42.21
N ASN B 189 -29.89 -59.69 -43.11
CA ASN B 189 -28.81 -59.05 -43.85
C ASN B 189 -29.29 -58.32 -45.09
N VAL B 190 -30.59 -58.38 -45.39
CA VAL B 190 -31.11 -57.70 -46.59
C VAL B 190 -30.91 -56.19 -46.47
N LEU B 191 -31.22 -55.63 -45.29
CA LEU B 191 -31.05 -54.20 -45.09
C LEU B 191 -29.59 -53.78 -45.20
N LYS B 192 -28.67 -54.66 -44.82
CA LYS B 192 -27.25 -54.32 -44.86
C LYS B 192 -26.77 -54.04 -46.28
N HIS B 193 -27.47 -54.54 -47.30
CA HIS B 193 -27.06 -54.30 -48.68
C HIS B 193 -27.15 -52.84 -49.07
N HIS B 194 -27.94 -52.05 -48.34
CA HIS B 194 -28.12 -50.63 -48.65
C HIS B 194 -27.26 -49.80 -47.70
N THR B 195 -26.57 -48.81 -48.27
CA THR B 195 -25.71 -47.93 -47.49
C THR B 195 -25.91 -46.49 -47.95
N PHE B 196 -25.66 -45.54 -47.05
CA PHE B 196 -25.80 -44.13 -47.35
C PHE B 196 -24.76 -43.34 -46.58
N TRP B 197 -24.36 -42.21 -47.15
CA TRP B 197 -23.37 -41.32 -46.53
C TRP B 197 -22.06 -42.05 -46.26
N GLY B 198 -21.72 -43.02 -47.10
CA GLY B 198 -20.50 -43.79 -46.92
C GLY B 198 -20.57 -44.84 -45.84
N LEU B 199 -21.73 -45.07 -45.25
CA LEU B 199 -21.90 -46.06 -44.20
C LEU B 199 -23.18 -46.84 -44.44
N GLU B 200 -23.21 -48.06 -43.91
CA GLU B 200 -24.39 -48.90 -44.08
C GLU B 200 -25.59 -48.28 -43.38
N VAL B 201 -26.77 -48.47 -43.99
CA VAL B 201 -28.00 -47.91 -43.42
C VAL B 201 -28.25 -48.50 -42.04
N TRP B 202 -27.97 -49.79 -41.87
CA TRP B 202 -28.13 -50.41 -40.55
C TRP B 202 -27.27 -49.73 -39.51
N LYS B 203 -26.09 -49.23 -39.91
CA LYS B 203 -25.23 -48.53 -38.96
C LYS B 203 -25.90 -47.26 -38.46
N TRP B 204 -26.47 -46.46 -39.36
CA TRP B 204 -27.15 -45.23 -38.95
C TRP B 204 -28.39 -45.54 -38.12
N CYS B 205 -29.16 -46.56 -38.50
CA CYS B 205 -30.33 -46.94 -37.72
C CYS B 205 -29.93 -47.36 -36.31
N VAL B 206 -28.87 -48.16 -36.19
CA VAL B 206 -28.39 -48.58 -34.88
C VAL B 206 -27.88 -47.39 -34.09
N LEU B 207 -27.27 -46.41 -34.76
CA LEU B 207 -26.80 -45.23 -34.05
C LEU B 207 -27.96 -44.44 -33.47
N VAL B 208 -29.02 -44.23 -34.26
CA VAL B 208 -30.17 -43.47 -33.78
C VAL B 208 -30.86 -44.24 -32.64
N MET B 209 -31.04 -45.54 -32.82
CA MET B 209 -31.60 -46.36 -31.75
C MET B 209 -30.70 -46.32 -30.52
N VAL B 210 -29.39 -46.20 -30.71
CA VAL B 210 -28.47 -46.10 -29.58
C VAL B 210 -28.72 -44.80 -28.83
N ILE B 211 -28.90 -43.69 -29.55
CA ILE B 211 -29.18 -42.42 -28.89
C ILE B 211 -30.44 -42.54 -28.05
N PHE B 212 -31.53 -43.03 -28.67
CA PHE B 212 -32.81 -43.05 -27.97
C PHE B 212 -32.81 -44.04 -26.80
N SER B 213 -32.34 -45.26 -27.05
CA SER B 213 -32.24 -46.24 -25.98
C SER B 213 -31.25 -45.82 -24.91
N GLY B 214 -30.26 -45.00 -25.23
CA GLY B 214 -29.37 -44.49 -24.21
C GLY B 214 -30.03 -43.48 -23.32
N MET B 215 -30.86 -42.61 -23.90
CA MET B 215 -31.67 -41.72 -23.06
C MET B 215 -32.58 -42.53 -22.15
N LEU B 216 -33.26 -43.53 -22.71
CA LEU B 216 -34.15 -44.36 -21.91
C LEU B 216 -33.38 -45.10 -20.80
N VAL B 217 -32.21 -45.64 -21.14
CA VAL B 217 -31.42 -46.39 -20.18
C VAL B 217 -30.87 -45.46 -19.11
N THR B 218 -30.52 -44.23 -19.46
CA THR B 218 -30.09 -43.27 -18.45
C THR B 218 -31.21 -42.98 -17.47
N ASN B 219 -32.42 -42.76 -17.97
CA ASN B 219 -33.55 -42.55 -17.07
C ASN B 219 -33.77 -43.77 -16.17
N TRP B 220 -33.76 -44.96 -16.75
CA TRP B 220 -34.00 -46.17 -15.98
C TRP B 220 -32.90 -46.39 -14.95
N PHE B 221 -31.66 -46.11 -15.31
CA PHE B 221 -30.55 -46.29 -14.38
C PHE B 221 -30.61 -45.28 -13.25
N MET B 222 -31.02 -44.04 -13.55
CA MET B 222 -31.21 -43.07 -12.48
C MET B 222 -32.29 -43.54 -11.51
N ARG B 223 -33.41 -44.04 -12.05
CA ARG B 223 -34.46 -44.55 -11.19
C ARG B 223 -33.97 -45.73 -10.34
N LEU B 224 -33.23 -46.65 -10.96
CA LEU B 224 -32.74 -47.82 -10.24
C LEU B 224 -31.74 -47.42 -9.15
N ILE B 225 -30.87 -46.44 -9.45
CA ILE B 225 -29.91 -45.98 -8.46
C ILE B 225 -30.64 -45.32 -7.29
N VAL B 226 -31.66 -44.53 -7.58
CA VAL B 226 -32.45 -43.92 -6.51
C VAL B 226 -33.09 -45.00 -5.64
N PHE B 227 -33.67 -46.01 -6.29
CA PHE B 227 -34.30 -47.09 -5.52
C PHE B 227 -33.29 -47.83 -4.67
N LEU B 228 -32.11 -48.13 -5.21
CA LEU B 228 -31.09 -48.83 -4.45
C LEU B 228 -30.61 -47.99 -3.27
N ILE B 229 -30.42 -46.68 -3.48
CA ILE B 229 -30.03 -45.81 -2.39
C ILE B 229 -31.11 -45.80 -1.31
N GLU B 230 -32.38 -45.84 -1.72
CA GLU B 230 -33.47 -45.91 -0.76
C GLU B 230 -33.36 -47.19 0.08
N THR B 231 -33.07 -48.31 -0.58
CA THR B 231 -32.92 -49.58 0.13
C THR B 231 -31.55 -49.73 0.79
N ASN B 232 -30.59 -48.87 0.44
CA ASN B 232 -29.26 -48.95 1.03
C ASN B 232 -29.31 -48.63 2.52
N PHE B 233 -28.40 -49.24 3.26
CA PHE B 233 -28.35 -49.01 4.71
C PHE B 233 -28.05 -47.56 5.03
N LEU B 234 -27.13 -46.94 4.30
CA LEU B 234 -26.78 -45.54 4.56
C LEU B 234 -28.01 -44.65 4.40
N LEU B 235 -28.17 -43.72 5.33
CA LEU B 235 -29.31 -42.80 5.32
C LEU B 235 -28.87 -41.38 5.67
N ARG B 236 -27.65 -41.00 5.31
CA ARG B 236 -27.16 -39.66 5.63
C ARG B 236 -28.02 -38.61 4.93
N ARG B 237 -28.41 -37.58 5.68
CA ARG B 237 -29.25 -36.53 5.11
C ARG B 237 -28.51 -35.77 4.01
N LYS B 238 -27.23 -35.46 4.23
CA LYS B 238 -26.47 -34.73 3.23
C LYS B 238 -26.33 -35.54 1.94
N VAL B 239 -26.09 -36.84 2.06
CA VAL B 239 -25.93 -37.68 0.88
C VAL B 239 -27.22 -37.73 0.09
N LEU B 240 -28.36 -37.86 0.76
CA LEU B 240 -29.65 -37.90 0.08
C LEU B 240 -29.89 -36.59 -0.67
N TYR B 241 -29.62 -35.46 -0.02
CA TYR B 241 -29.82 -34.17 -0.67
C TYR B 241 -28.90 -34.01 -1.88
N PHE B 242 -27.64 -34.42 -1.75
CA PHE B 242 -26.72 -34.35 -2.87
C PHE B 242 -27.22 -35.18 -4.03
N VAL B 243 -27.68 -36.41 -3.74
CA VAL B 243 -28.16 -37.29 -4.80
C VAL B 243 -29.38 -36.68 -5.48
N HIS B 244 -30.32 -36.16 -4.69
CA HIS B 244 -31.51 -35.55 -5.27
C HIS B 244 -31.15 -34.37 -6.15
N GLY B 245 -30.20 -33.53 -5.70
CA GLY B 245 -29.82 -32.38 -6.50
C GLY B 245 -29.11 -32.74 -7.77
N LEU B 246 -28.21 -33.74 -7.72
CA LEU B 246 -27.35 -34.06 -8.84
C LEU B 246 -27.87 -35.19 -9.72
N LYS B 247 -29.05 -35.73 -9.42
CA LYS B 247 -29.58 -36.82 -10.24
C LYS B 247 -29.71 -36.42 -11.70
N LYS B 248 -30.36 -35.27 -11.97
CA LYS B 248 -30.56 -34.85 -13.35
C LYS B 248 -29.24 -34.56 -14.03
N SER B 249 -28.31 -33.90 -13.32
CA SER B 249 -27.03 -33.56 -13.93
C SER B 249 -26.25 -34.81 -14.31
N VAL B 250 -26.17 -35.78 -13.40
CA VAL B 250 -25.44 -37.00 -13.71
C VAL B 250 -26.14 -37.78 -14.81
N GLN B 251 -27.47 -37.78 -14.82
CA GLN B 251 -28.20 -38.48 -15.87
C GLN B 251 -27.88 -37.90 -17.23
N VAL B 252 -27.91 -36.57 -17.35
CA VAL B 252 -27.61 -35.95 -18.64
C VAL B 252 -26.16 -36.16 -19.01
N PHE B 253 -25.26 -36.15 -18.02
CA PHE B 253 -23.84 -36.37 -18.31
C PHE B 253 -23.61 -37.77 -18.87
N ILE B 254 -24.23 -38.79 -18.25
CA ILE B 254 -24.09 -40.15 -18.76
C ILE B 254 -24.74 -40.26 -20.14
N TRP B 255 -25.89 -39.63 -20.33
CA TRP B 255 -26.51 -39.61 -21.65
C TRP B 255 -25.56 -39.10 -22.71
N LEU B 256 -24.95 -37.94 -22.46
CA LEU B 256 -24.04 -37.34 -23.42
C LEU B 256 -22.81 -38.21 -23.64
N CYS B 257 -22.25 -38.79 -22.58
CA CYS B 257 -21.03 -39.58 -22.73
C CYS B 257 -21.29 -40.88 -23.49
N LEU B 258 -22.42 -41.54 -23.19
CA LEU B 258 -22.80 -42.71 -23.97
C LEU B 258 -23.02 -42.35 -25.43
N ILE B 259 -23.64 -41.21 -25.71
CA ILE B 259 -23.81 -40.80 -27.10
C ILE B 259 -22.46 -40.60 -27.77
N LEU B 260 -21.53 -39.94 -27.07
CA LEU B 260 -20.22 -39.67 -27.65
C LEU B 260 -19.48 -40.97 -27.95
N VAL B 261 -19.49 -41.92 -27.01
CA VAL B 261 -18.78 -43.17 -27.24
C VAL B 261 -19.44 -43.97 -28.35
N ALA B 262 -20.77 -43.94 -28.42
CA ALA B 262 -21.47 -44.63 -29.51
C ALA B 262 -21.09 -44.03 -30.85
N TRP B 263 -21.03 -42.70 -30.94
CA TRP B 263 -20.62 -42.06 -32.18
C TRP B 263 -19.19 -42.44 -32.54
N ILE B 264 -18.29 -42.46 -31.55
CA ILE B 264 -16.90 -42.81 -31.82
C ILE B 264 -16.81 -44.24 -32.34
N LEU B 265 -17.56 -45.16 -31.74
CA LEU B 265 -17.49 -46.55 -32.16
C LEU B 265 -17.96 -46.72 -33.60
N LEU B 266 -19.02 -46.01 -33.98
CA LEU B 266 -19.56 -46.15 -35.34
C LEU B 266 -18.53 -45.75 -36.39
N PHE B 267 -17.83 -44.64 -36.17
CA PHE B 267 -16.85 -44.13 -37.10
C PHE B 267 -15.42 -44.52 -36.74
N ASN B 268 -15.25 -45.37 -35.72
CA ASN B 268 -13.90 -45.81 -35.36
C ASN B 268 -13.21 -46.55 -36.50
N HIS B 269 -13.99 -47.22 -37.34
CA HIS B 269 -13.41 -47.94 -38.46
C HIS B 269 -12.79 -46.98 -39.47
N ASP B 270 -11.70 -47.41 -40.09
CA ASP B 270 -10.98 -46.59 -41.07
C ASP B 270 -11.68 -46.74 -42.42
N VAL B 271 -12.73 -45.95 -42.60
CA VAL B 271 -13.51 -45.93 -43.83
C VAL B 271 -13.56 -44.48 -44.29
N LYS B 272 -12.65 -44.10 -45.19
CA LYS B 272 -12.57 -42.73 -45.71
C LYS B 272 -13.52 -42.62 -46.89
N ARG B 273 -14.75 -42.16 -46.61
CA ARG B 273 -15.72 -42.00 -47.68
C ARG B 273 -15.26 -40.97 -48.70
N SER B 274 -14.71 -39.85 -48.23
CA SER B 274 -14.21 -38.81 -49.11
C SER B 274 -13.44 -37.77 -48.31
N PRO B 275 -12.51 -37.03 -48.93
CA PRO B 275 -11.78 -36.01 -48.17
C PRO B 275 -12.69 -34.97 -47.55
N ALA B 276 -13.76 -34.57 -48.24
CA ALA B 276 -14.70 -33.61 -47.68
C ALA B 276 -15.37 -34.18 -46.43
N ALA B 277 -15.73 -35.46 -46.46
CA ALA B 277 -16.38 -36.07 -45.31
C ALA B 277 -15.47 -36.04 -44.08
N THR B 278 -14.16 -36.17 -44.28
CA THR B 278 -13.23 -36.19 -43.15
C THR B 278 -13.27 -34.88 -42.38
N LYS B 279 -13.30 -33.75 -43.09
CA LYS B 279 -13.30 -32.45 -42.42
C LYS B 279 -14.56 -32.27 -41.57
N VAL B 280 -15.73 -32.60 -42.13
CA VAL B 280 -16.97 -32.44 -41.39
C VAL B 280 -17.01 -33.41 -40.21
N LEU B 281 -16.49 -34.63 -40.39
CA LEU B 281 -16.43 -35.58 -39.28
C LEU B 281 -15.55 -35.05 -38.16
N LYS B 282 -14.39 -34.49 -38.51
CA LYS B 282 -13.51 -33.93 -37.50
C LYS B 282 -14.18 -32.77 -36.76
N CYS B 283 -14.85 -31.89 -37.51
CA CYS B 283 -15.55 -30.77 -36.88
C CYS B 283 -16.64 -31.27 -35.94
N ILE B 284 -17.39 -32.29 -36.37
CA ILE B 284 -18.46 -32.84 -35.53
C ILE B 284 -17.87 -33.42 -34.25
N THR B 285 -16.78 -34.18 -34.37
CA THR B 285 -16.15 -34.77 -33.20
C THR B 285 -15.64 -33.69 -32.25
N ARG B 286 -15.04 -32.64 -32.79
CA ARG B 286 -14.61 -31.52 -31.96
C ARG B 286 -15.80 -30.91 -31.23
N THR B 287 -16.94 -30.79 -31.92
CA THR B 287 -18.14 -30.26 -31.26
C THR B 287 -18.59 -31.16 -30.13
N LEU B 288 -18.57 -32.48 -30.33
CA LEU B 288 -18.97 -33.39 -29.26
C LEU B 288 -18.03 -33.28 -28.07
N ILE B 289 -16.73 -33.18 -28.32
CA ILE B 289 -15.78 -33.06 -27.22
C ILE B 289 -16.00 -31.75 -26.47
N SER B 290 -16.24 -30.65 -27.21
CA SER B 290 -16.46 -29.37 -26.57
C SER B 290 -17.72 -29.39 -25.71
N ILE B 291 -18.81 -29.98 -26.22
CA ILE B 291 -20.04 -30.02 -25.43
C ILE B 291 -19.88 -30.96 -24.24
N LEU B 292 -19.07 -32.02 -24.38
CA LEU B 292 -18.78 -32.87 -23.23
C LEU B 292 -18.03 -32.09 -22.16
N THR B 293 -17.05 -31.28 -22.56
CA THR B 293 -16.34 -30.45 -21.59
C THR B 293 -17.30 -29.45 -20.93
N GLY B 294 -18.21 -28.87 -21.72
CA GLY B 294 -19.20 -27.97 -21.14
C GLY B 294 -20.11 -28.68 -20.14
N ALA B 295 -20.51 -29.91 -20.45
CA ALA B 295 -21.33 -30.68 -19.53
C ALA B 295 -20.58 -30.98 -18.24
N PHE B 296 -19.30 -31.32 -18.34
CA PHE B 296 -18.50 -31.55 -17.14
C PHE B 296 -18.39 -30.27 -16.31
N PHE B 297 -18.19 -29.13 -16.98
CA PHE B 297 -18.15 -27.85 -16.28
C PHE B 297 -19.47 -27.59 -15.57
N TRP B 298 -20.59 -27.88 -16.24
CA TRP B 298 -21.90 -27.70 -15.61
C TRP B 298 -22.04 -28.62 -14.39
N LEU B 299 -21.55 -29.85 -14.50
CA LEU B 299 -21.64 -30.79 -13.39
C LEU B 299 -20.86 -30.27 -12.18
N VAL B 300 -19.64 -29.80 -12.40
CA VAL B 300 -18.85 -29.29 -11.28
C VAL B 300 -19.48 -28.01 -10.72
N LYS B 301 -20.06 -27.19 -11.59
CA LYS B 301 -20.73 -25.98 -11.13
C LYS B 301 -21.89 -26.33 -10.21
N THR B 302 -22.74 -27.25 -10.64
CA THR B 302 -23.89 -27.63 -9.80
C THR B 302 -23.43 -28.33 -8.52
N LEU B 303 -22.32 -29.07 -8.58
CA LEU B 303 -21.78 -29.66 -7.36
C LEU B 303 -21.36 -28.58 -6.37
N LEU B 304 -20.67 -27.54 -6.86
CA LEU B 304 -20.27 -26.44 -5.99
C LEU B 304 -21.49 -25.73 -5.40
N LEU B 305 -22.49 -25.46 -6.25
CA LEU B 305 -23.70 -24.81 -5.75
C LEU B 305 -24.39 -25.66 -4.71
N LYS B 306 -24.45 -26.97 -4.93
CA LYS B 306 -25.13 -27.86 -4.00
C LYS B 306 -24.40 -27.95 -2.67
N ILE B 307 -23.07 -27.98 -2.69
CA ILE B 307 -22.33 -28.03 -1.43
C ILE B 307 -22.49 -26.71 -0.67
N LEU B 308 -22.52 -25.58 -1.41
CA LEU B 308 -22.77 -24.31 -0.75
C LEU B 308 -24.17 -24.29 -0.13
N ALA B 309 -25.17 -24.81 -0.84
CA ALA B 309 -26.52 -24.88 -0.31
C ALA B 309 -26.58 -25.78 0.92
N ALA B 310 -25.84 -26.89 0.90
CA ALA B 310 -25.81 -27.77 2.06
C ALA B 310 -25.15 -27.10 3.26
N ASN B 311 -24.11 -26.32 3.02
CA ASN B 311 -23.49 -25.56 4.11
C ASN B 311 -24.49 -24.56 4.70
N PHE B 312 -25.21 -23.84 3.84
CA PHE B 312 -26.23 -22.91 4.32
C PHE B 312 -27.32 -23.65 5.08
N ASN B 313 -27.66 -24.86 4.62
CA ASN B 313 -28.65 -25.67 5.33
C ASN B 313 -28.16 -26.01 6.73
N VAL B 314 -26.96 -26.58 6.83
CA VAL B 314 -26.41 -26.89 8.15
C VAL B 314 -26.36 -25.65 9.01
N ASN B 315 -26.21 -24.48 8.40
CA ASN B 315 -26.13 -23.23 9.17
C ASN B 315 -27.49 -22.84 9.73
N ASN B 316 -28.55 -22.88 8.91
CA ASN B 316 -29.80 -22.21 9.28
C ASN B 316 -31.03 -23.13 9.27
N PHE B 317 -31.05 -24.12 8.37
CA PHE B 317 -32.24 -24.93 8.18
C PHE B 317 -32.63 -25.70 9.45
N PHE B 318 -31.68 -25.98 10.34
CA PHE B 318 -32.04 -26.64 11.59
C PHE B 318 -32.99 -25.76 12.41
N ASP B 319 -32.60 -24.51 12.64
CA ASP B 319 -33.48 -23.58 13.36
C ASP B 319 -34.75 -23.32 12.57
N ARG B 320 -34.64 -23.26 11.24
CA ARG B 320 -35.82 -23.04 10.42
C ARG B 320 -36.84 -24.16 10.61
N ILE B 321 -36.37 -25.41 10.62
CA ILE B 321 -37.27 -26.56 10.80
C ILE B 321 -37.81 -26.58 12.22
N GLN B 322 -36.99 -26.20 13.20
CA GLN B 322 -37.48 -26.13 14.57
C GLN B 322 -38.62 -25.12 14.69
N ASP B 323 -38.44 -23.95 14.08
CA ASP B 323 -39.50 -22.93 14.11
C ASP B 323 -40.74 -23.41 13.37
N SER B 324 -40.56 -24.09 12.24
CA SER B 324 -41.70 -24.60 11.50
C SER B 324 -42.47 -25.63 12.33
N VAL B 325 -41.75 -26.52 13.01
CA VAL B 325 -42.41 -27.52 13.85
C VAL B 325 -43.15 -26.85 15.00
N PHE B 326 -42.53 -25.84 15.61
CA PHE B 326 -43.20 -25.11 16.69
C PHE B 326 -44.47 -24.45 16.18
N HIS B 327 -44.41 -23.83 15.01
CA HIS B 327 -45.61 -23.19 14.45
C HIS B 327 -46.70 -24.21 14.15
N GLN B 328 -46.30 -25.37 13.59
CA GLN B 328 -47.29 -26.40 13.30
C GLN B 328 -47.95 -26.90 14.60
N TYR B 329 -47.15 -27.10 15.64
CA TYR B 329 -47.71 -27.54 16.93
C TYR B 329 -48.66 -26.49 17.49
N VAL B 330 -48.28 -25.20 17.40
CA VAL B 330 -49.14 -24.14 17.90
C VAL B 330 -50.46 -24.12 17.12
N LEU B 331 -50.38 -24.24 15.80
CA LEU B 331 -51.60 -24.24 14.99
C LEU B 331 -52.48 -25.43 15.33
N GLN B 332 -51.89 -26.61 15.51
CA GLN B 332 -52.67 -27.78 15.89
C GLN B 332 -53.34 -27.59 17.24
N THR B 333 -52.61 -27.03 18.21
CA THR B 333 -53.20 -26.78 19.52
C THR B 333 -54.35 -25.78 19.43
N LEU B 334 -54.19 -24.73 18.62
CA LEU B 334 -55.23 -23.71 18.46
C LEU B 334 -56.28 -24.19 17.46
N ALA B 387 -35.35 -30.77 0.01
CA ALA B 387 -36.11 -31.77 0.76
C ALA B 387 -37.47 -31.21 1.16
N TRP B 388 -38.26 -32.05 1.84
CA TRP B 388 -39.59 -31.61 2.28
C TRP B 388 -39.48 -30.45 3.26
N THR B 389 -38.54 -30.51 4.19
CA THR B 389 -38.38 -29.42 5.15
C THR B 389 -37.99 -28.12 4.45
N MET B 390 -37.08 -28.20 3.48
CA MET B 390 -36.68 -27.00 2.75
C MET B 390 -37.85 -26.41 1.98
N ARG B 391 -38.65 -27.26 1.32
CA ARG B 391 -39.81 -26.78 0.59
C ARG B 391 -40.82 -26.12 1.54
N VAL B 392 -41.05 -26.73 2.70
CA VAL B 392 -41.98 -26.15 3.66
C VAL B 392 -41.48 -24.80 4.14
N LEU B 393 -40.19 -24.70 4.44
CA LEU B 393 -39.62 -23.42 4.88
C LEU B 393 -39.75 -22.36 3.80
N MET B 394 -39.46 -22.73 2.54
CA MET B 394 -39.60 -21.78 1.45
C MET B 394 -41.04 -21.31 1.30
N GLU B 395 -41.99 -22.24 1.39
CA GLU B 395 -43.40 -21.87 1.28
C GLU B 395 -43.81 -20.94 2.41
N ALA B 396 -43.35 -21.23 3.63
CA ALA B 396 -43.68 -20.39 4.78
C ALA B 396 -43.12 -18.98 4.62
N LEU B 432 -50.88 -10.43 15.00
CA LEU B 432 -50.61 -9.97 16.36
C LEU B 432 -51.89 -9.94 17.18
N ALA B 433 -52.70 -8.90 16.98
CA ALA B 433 -53.96 -8.79 17.71
C ALA B 433 -54.90 -9.95 17.39
N ALA B 434 -54.98 -10.33 16.11
CA ALA B 434 -55.83 -11.45 15.73
C ALA B 434 -55.37 -12.75 16.37
N ALA B 435 -54.05 -12.98 16.40
CA ALA B 435 -53.53 -14.18 17.03
C ALA B 435 -53.86 -14.20 18.52
N TYR B 436 -53.68 -13.06 19.19
CA TYR B 436 -54.00 -13.00 20.61
C TYR B 436 -55.49 -13.25 20.86
N HIS B 437 -56.35 -12.68 20.02
CA HIS B 437 -57.78 -12.91 20.17
C HIS B 437 -58.13 -14.38 19.96
N VAL B 438 -57.52 -15.01 18.95
CA VAL B 438 -57.77 -16.42 18.71
C VAL B 438 -57.32 -17.26 19.89
N PHE B 439 -56.14 -16.97 20.43
CA PHE B 439 -55.64 -17.71 21.58
C PHE B 439 -56.56 -17.54 22.78
N ARG B 440 -57.03 -16.32 23.02
CA ARG B 440 -57.94 -16.08 24.14
C ARG B 440 -59.24 -16.85 23.94
N ASN B 441 -59.77 -16.87 22.72
CA ASN B 441 -61.00 -17.60 22.45
C ASN B 441 -60.82 -19.09 22.70
N VAL B 442 -59.68 -19.65 22.29
CA VAL B 442 -59.42 -21.07 22.52
C VAL B 442 -59.36 -21.36 24.02
N ALA B 443 -58.66 -20.51 24.77
CA ALA B 443 -58.58 -20.70 26.21
C ALA B 443 -59.95 -20.53 26.85
N GLN B 444 -60.20 -21.32 27.89
CA GLN B 444 -61.49 -21.27 28.56
C GLN B 444 -61.69 -19.89 29.20
N PRO B 445 -62.92 -19.36 29.21
CA PRO B 445 -63.14 -18.06 29.84
C PRO B 445 -62.76 -18.07 31.31
N PHE B 446 -62.25 -16.94 31.78
CA PHE B 446 -61.85 -16.79 33.18
C PHE B 446 -60.79 -17.82 33.56
N PHE B 447 -59.84 -18.04 32.66
CA PHE B 447 -58.74 -19.00 32.90
C PHE B 447 -57.47 -18.37 32.32
N ASN B 448 -56.72 -17.66 33.19
CA ASN B 448 -55.49 -17.03 32.73
C ASN B 448 -54.48 -18.06 32.27
N TYR B 449 -54.33 -19.15 33.02
CA TYR B 449 -53.39 -20.19 32.64
C TYR B 449 -53.87 -20.95 31.42
N ILE B 450 -52.92 -21.57 30.72
CA ILE B 450 -53.26 -22.34 29.53
C ILE B 450 -54.16 -23.50 29.91
N GLU B 451 -55.22 -23.70 29.12
CA GLU B 451 -56.18 -24.77 29.39
C GLU B 451 -55.56 -26.11 29.04
N GLU B 452 -55.36 -26.96 30.05
CA GLU B 452 -54.78 -28.28 29.80
C GLU B 452 -55.72 -29.14 28.97
N GLU B 453 -57.02 -29.04 29.22
CA GLU B 453 -57.98 -29.87 28.47
C GLU B 453 -57.93 -29.54 26.98
N ASP B 454 -57.86 -28.26 26.64
CA ASP B 454 -57.80 -27.88 25.23
C ASP B 454 -56.53 -28.43 24.57
N LEU B 455 -55.39 -28.31 25.26
CA LEU B 455 -54.15 -28.85 24.72
C LEU B 455 -54.21 -30.37 24.61
N LEU B 456 -54.79 -31.03 25.61
CA LEU B 456 -54.87 -32.49 25.59
C LEU B 456 -55.72 -32.98 24.42
N ARG B 457 -56.84 -32.31 24.16
CA ARG B 457 -57.71 -32.73 23.07
C ARG B 457 -57.05 -32.53 21.71
N PHE B 458 -56.13 -31.57 21.60
CA PHE B 458 -55.47 -31.27 20.34
C PHE B 458 -54.09 -31.92 20.23
N MET B 459 -53.44 -32.23 21.34
CA MET B 459 -52.11 -32.83 21.31
C MET B 459 -51.90 -33.62 22.59
N ILE B 460 -50.88 -34.48 22.57
CA ILE B 460 -50.58 -35.29 23.75
C ILE B 460 -50.15 -34.38 24.90
N LYS B 461 -50.29 -34.90 26.12
CA LYS B 461 -49.92 -34.13 27.30
C LYS B 461 -48.42 -33.83 27.30
N GLU B 462 -47.60 -34.81 26.95
CA GLU B 462 -46.16 -34.59 26.91
C GLU B 462 -45.80 -33.54 25.86
N GLU B 463 -46.42 -33.60 24.69
CA GLU B 463 -46.15 -32.62 23.65
C GLU B 463 -46.57 -31.23 24.10
N VAL B 464 -47.72 -31.12 24.75
CA VAL B 464 -48.19 -29.82 25.23
C VAL B 464 -47.23 -29.26 26.27
N ASP B 465 -46.77 -30.12 27.19
CA ASP B 465 -45.83 -29.67 28.21
C ASP B 465 -44.52 -29.21 27.58
N LEU B 466 -44.02 -29.96 26.60
CA LEU B 466 -42.79 -29.57 25.93
C LEU B 466 -42.95 -28.24 25.21
N VAL B 467 -44.09 -28.04 24.54
CA VAL B 467 -44.33 -26.78 23.84
C VAL B 467 -44.39 -25.63 24.83
N PHE B 468 -45.08 -25.83 25.95
CA PHE B 468 -45.19 -24.79 26.96
C PHE B 468 -43.86 -24.57 27.67
N THR B 481 -51.01 -17.70 31.67
CA THR B 481 -50.90 -16.29 31.29
C THR B 481 -51.23 -16.09 29.82
N ARG B 482 -52.43 -15.57 29.56
CA ARG B 482 -52.85 -15.34 28.17
C ARG B 482 -51.94 -14.31 27.50
N LYS B 483 -51.58 -13.25 28.22
CA LYS B 483 -50.68 -12.25 27.64
C LYS B 483 -49.33 -12.85 27.31
N ALA B 484 -48.79 -13.68 28.20
CA ALA B 484 -47.52 -14.34 27.93
C ALA B 484 -47.60 -15.25 26.72
N PHE B 485 -48.71 -15.99 26.60
CA PHE B 485 -48.89 -16.86 25.44
C PHE B 485 -48.96 -16.06 24.15
N THR B 486 -49.69 -14.94 24.17
CA THR B 486 -49.78 -14.10 22.98
C THR B 486 -48.41 -13.52 22.62
N GLU B 487 -47.64 -13.09 23.62
CA GLU B 487 -46.32 -12.56 23.35
C GLU B 487 -45.41 -13.63 22.76
N TRP B 488 -45.49 -14.86 23.29
CA TRP B 488 -44.69 -15.96 22.76
C TRP B 488 -45.08 -16.26 21.32
N VAL B 489 -46.38 -16.24 21.02
CA VAL B 489 -46.84 -16.50 19.66
C VAL B 489 -46.32 -15.41 18.72
N VAL B 490 -46.39 -14.15 19.15
CA VAL B 490 -45.90 -13.06 18.32
C VAL B 490 -44.40 -13.21 18.07
N LYS B 491 -43.65 -13.55 19.12
CA LYS B 491 -42.21 -13.74 18.96
C LYS B 491 -41.90 -14.89 18.01
N VAL B 492 -42.65 -15.98 18.11
CA VAL B 492 -42.44 -17.12 17.22
C VAL B 492 -42.74 -16.73 15.78
N TYR B 493 -43.82 -15.97 15.57
CA TYR B 493 -44.14 -15.53 14.21
C TYR B 493 -43.05 -14.62 13.66
N THR B 494 -42.54 -13.71 14.49
CA THR B 494 -41.47 -12.82 14.04
C THR B 494 -40.21 -13.61 13.70
N SER B 495 -39.87 -14.61 14.54
CA SER B 495 -38.71 -15.43 14.26
C SER B 495 -38.87 -16.22 12.97
N ARG B 496 -40.07 -16.75 12.73
CA ARG B 496 -40.32 -17.48 11.49
C ARG B 496 -40.20 -16.55 10.28
N ARG B 497 -40.74 -15.33 10.39
CA ARG B 497 -40.61 -14.37 9.30
C ARG B 497 -39.15 -14.04 9.04
N ALA B 498 -38.37 -13.84 10.11
CA ALA B 498 -36.94 -13.55 9.93
C ALA B 498 -36.22 -14.72 9.27
N LEU B 499 -36.54 -15.94 9.68
CA LEU B 499 -35.93 -17.12 9.07
C LEU B 499 -36.29 -17.22 7.60
N ALA B 500 -37.55 -16.95 7.25
CA ALA B 500 -37.96 -16.97 5.85
C ALA B 500 -37.22 -15.90 5.05
N HIS B 501 -37.07 -14.71 5.61
CA HIS B 501 -36.34 -13.65 4.93
C HIS B 501 -34.88 -14.05 4.72
N SER B 502 -34.26 -14.66 5.74
CA SER B 502 -32.88 -15.10 5.60
C SER B 502 -32.75 -16.17 4.51
N LEU B 503 -33.69 -17.11 4.49
CA LEU B 503 -33.66 -18.15 3.45
C LEU B 503 -33.82 -17.54 2.06
N ASN B 504 -34.73 -16.57 1.93
CA ASN B 504 -34.92 -15.93 0.63
C ASN B 504 -33.67 -15.16 0.21
N ASP B 505 -33.03 -14.45 1.14
CA ASP B 505 -31.80 -13.74 0.81
C ASP B 505 -30.70 -14.69 0.39
N THR B 506 -30.54 -15.79 1.12
CA THR B 506 -29.52 -16.77 0.76
C THR B 506 -29.81 -17.37 -0.61
N LYS B 507 -31.08 -17.68 -0.90
CA LYS B 507 -31.44 -18.22 -2.20
C LYS B 507 -31.15 -17.22 -3.32
N THR B 508 -31.45 -15.94 -3.08
CA THR B 508 -31.17 -14.93 -4.09
C THR B 508 -29.68 -14.79 -4.33
N ALA B 509 -28.88 -14.79 -3.26
CA ALA B 509 -27.43 -14.72 -3.43
C ALA B 509 -26.89 -15.93 -4.18
N VAL B 510 -27.39 -17.12 -3.85
CA VAL B 510 -26.96 -18.33 -4.55
C VAL B 510 -27.36 -18.26 -6.02
N LYS B 511 -28.55 -17.74 -6.30
CA LYS B 511 -28.99 -17.62 -7.68
C LYS B 511 -28.12 -16.66 -8.47
N GLN B 512 -27.76 -15.52 -7.87
CA GLN B 512 -26.89 -14.58 -8.56
C GLN B 512 -25.51 -15.19 -8.80
N LEU B 513 -24.96 -15.88 -7.80
CA LEU B 513 -23.69 -16.57 -8.00
C LEU B 513 -23.80 -17.63 -9.09
N ASN B 514 -24.93 -18.33 -9.14
CA ASN B 514 -25.15 -19.32 -10.19
C ASN B 514 -25.17 -18.66 -11.56
N LYS B 515 -25.84 -17.52 -11.68
CA LYS B 515 -25.87 -16.81 -12.95
C LYS B 515 -24.46 -16.39 -13.37
N LEU B 516 -23.67 -15.85 -12.42
CA LEU B 516 -22.32 -15.42 -12.75
C LEU B 516 -21.47 -16.60 -13.21
N VAL B 517 -21.46 -17.68 -12.43
CA VAL B 517 -20.63 -18.83 -12.78
C VAL B 517 -21.13 -19.48 -14.07
N THR B 518 -22.44 -19.42 -14.34
CA THR B 518 -22.96 -19.97 -15.58
C THR B 518 -22.52 -19.14 -16.77
N ALA B 519 -22.48 -17.81 -16.62
CA ALA B 519 -21.94 -16.98 -17.69
C ALA B 519 -20.47 -17.28 -17.93
N ILE B 520 -19.71 -17.46 -16.85
CA ILE B 520 -18.30 -17.82 -17.00
C ILE B 520 -18.17 -19.16 -17.73
N LEU B 521 -18.99 -20.13 -17.36
CA LEU B 521 -18.95 -21.43 -18.01
C LEU B 521 -19.32 -21.31 -19.49
N MET B 522 -20.32 -20.50 -19.80
CA MET B 522 -20.75 -20.34 -21.19
C MET B 522 -19.63 -19.74 -22.03
N VAL B 523 -18.99 -18.68 -21.53
CA VAL B 523 -17.90 -18.07 -22.30
C VAL B 523 -16.74 -19.06 -22.44
N VAL B 524 -16.43 -19.78 -21.36
CA VAL B 524 -15.34 -20.75 -21.41
C VAL B 524 -15.62 -21.82 -22.45
N THR B 525 -16.84 -22.34 -22.49
CA THR B 525 -17.14 -23.42 -23.43
C THR B 525 -17.17 -22.92 -24.86
N VAL B 526 -17.66 -21.70 -25.10
CA VAL B 526 -17.66 -21.20 -26.48
C VAL B 526 -16.23 -21.01 -26.95
N VAL B 527 -15.36 -20.45 -26.11
CA VAL B 527 -13.97 -20.25 -26.53
C VAL B 527 -13.27 -21.59 -26.70
N ILE B 528 -13.61 -22.57 -25.87
CA ILE B 528 -13.03 -23.91 -26.01
C ILE B 528 -13.42 -24.52 -27.35
N TRP B 529 -14.72 -24.41 -27.70
CA TRP B 529 -15.18 -24.93 -28.98
C TRP B 529 -14.50 -24.22 -30.15
N LEU B 530 -14.36 -22.89 -30.05
CA LEU B 530 -13.70 -22.14 -31.11
C LEU B 530 -12.25 -22.59 -31.27
N LEU B 531 -11.55 -22.79 -30.15
CA LEU B 531 -10.17 -23.25 -30.21
C LEU B 531 -10.07 -24.65 -30.82
N LEU B 532 -10.97 -25.54 -30.42
CA LEU B 532 -10.95 -26.90 -30.95
C LEU B 532 -11.21 -26.92 -32.45
N LEU B 533 -12.14 -26.08 -32.91
CA LEU B 533 -12.43 -26.03 -34.35
C LEU B 533 -11.22 -25.62 -35.17
N GLU B 534 -10.27 -24.89 -34.58
CA GLU B 534 -9.03 -24.52 -35.25
C GLU B 534 -9.32 -23.73 -36.54
N VAL B 535 -9.93 -22.55 -36.35
CA VAL B 535 -10.28 -21.69 -37.48
C VAL B 535 -9.28 -20.55 -37.58
N ALA B 536 -8.77 -20.09 -36.45
CA ALA B 536 -7.83 -18.98 -36.41
C ALA B 536 -6.40 -19.48 -36.59
N THR B 537 -5.57 -18.65 -37.23
CA THR B 537 -4.18 -18.98 -37.45
C THR B 537 -3.36 -18.60 -36.23
N THR B 538 -2.03 -18.61 -36.38
CA THR B 538 -1.15 -18.44 -35.23
C THR B 538 -1.16 -17.01 -34.71
N GLU B 539 -0.73 -16.05 -35.54
CA GLU B 539 -0.52 -14.69 -35.06
C GLU B 539 -1.76 -14.17 -34.32
N VAL B 540 -2.94 -14.38 -34.90
CA VAL B 540 -4.16 -13.92 -34.25
C VAL B 540 -4.34 -14.60 -32.91
N LEU B 541 -3.88 -15.86 -32.79
CA LEU B 541 -4.03 -16.56 -31.52
C LEU B 541 -3.21 -15.90 -30.41
N LEU B 542 -1.97 -15.51 -30.70
CA LEU B 542 -1.18 -14.83 -29.68
C LEU B 542 -1.67 -13.40 -29.44
N PHE B 543 -2.20 -12.74 -30.46
CA PHE B 543 -2.81 -11.44 -30.22
C PHE B 543 -4.00 -11.57 -29.28
N PHE B 544 -4.84 -12.59 -29.50
CA PHE B 544 -5.93 -12.87 -28.57
C PHE B 544 -5.41 -13.20 -27.19
N SER B 545 -4.31 -13.95 -27.10
CA SER B 545 -3.76 -14.31 -25.81
C SER B 545 -3.30 -13.08 -25.03
N THR B 546 -2.60 -12.16 -25.70
CA THR B 546 -2.14 -10.96 -25.00
C THR B 546 -3.31 -10.05 -24.63
N GLN B 547 -4.28 -9.88 -25.52
CA GLN B 547 -5.48 -9.15 -25.14
C GLN B 547 -6.19 -9.82 -23.98
N LEU B 548 -6.14 -11.16 -23.92
CA LEU B 548 -6.80 -11.89 -22.86
C LEU B 548 -6.11 -11.69 -21.53
N VAL B 549 -4.77 -11.70 -21.51
CA VAL B 549 -4.07 -11.46 -20.25
C VAL B 549 -4.28 -10.03 -19.80
N ALA B 550 -4.29 -9.08 -20.74
CA ALA B 550 -4.60 -7.70 -20.39
C ALA B 550 -5.97 -7.61 -19.71
N LEU B 551 -7.02 -8.01 -20.44
CA LEU B 551 -8.36 -7.97 -19.87
C LEU B 551 -8.45 -8.77 -18.58
N ALA B 552 -7.66 -9.85 -18.47
CA ALA B 552 -7.67 -10.65 -17.25
C ALA B 552 -7.18 -9.85 -16.07
N PHE B 553 -6.09 -9.09 -16.25
CA PHE B 553 -5.66 -8.19 -15.18
C PHE B 553 -6.74 -7.16 -14.88
N ILE B 554 -7.33 -6.58 -15.92
CA ILE B 554 -8.36 -5.56 -15.74
C ILE B 554 -9.47 -6.07 -14.83
N ILE B 555 -10.16 -7.13 -15.25
CA ILE B 555 -11.29 -7.60 -14.45
C ILE B 555 -10.87 -8.40 -13.24
N GLY B 556 -9.60 -8.83 -13.16
CA GLY B 556 -9.12 -9.45 -11.93
C GLY B 556 -9.02 -8.45 -10.80
N SER B 557 -8.59 -7.22 -11.11
CA SER B 557 -8.53 -6.16 -10.11
C SER B 557 -9.85 -6.02 -9.36
N THR B 558 -10.95 -6.51 -9.95
CA THR B 558 -12.27 -6.44 -9.34
C THR B 558 -12.81 -7.78 -8.87
N CYS B 559 -12.63 -8.86 -9.63
CA CYS B 559 -13.12 -10.13 -9.11
C CYS B 559 -12.29 -10.64 -7.95
N LYS B 560 -11.11 -10.07 -7.70
CA LYS B 560 -10.43 -10.32 -6.43
C LYS B 560 -11.29 -9.85 -5.26
N ASN B 561 -11.78 -8.61 -5.33
CA ASN B 561 -12.69 -8.12 -4.30
C ASN B 561 -13.98 -8.93 -4.28
N LEU B 562 -14.47 -9.33 -5.45
CA LEU B 562 -15.68 -10.16 -5.49
C LEU B 562 -15.46 -11.46 -4.73
N PHE B 563 -14.35 -12.14 -4.99
CA PHE B 563 -14.06 -13.39 -4.31
C PHE B 563 -13.90 -13.19 -2.82
N GLU B 564 -13.23 -12.11 -2.41
CA GLU B 564 -13.14 -11.81 -0.99
C GLU B 564 -14.52 -11.65 -0.38
N SER B 565 -15.42 -10.95 -1.08
CA SER B 565 -16.76 -10.73 -0.55
C SER B 565 -17.53 -12.04 -0.44
N ILE B 566 -17.43 -12.91 -1.44
CA ILE B 566 -18.19 -14.17 -1.39
C ILE B 566 -17.63 -15.09 -0.32
N VAL B 567 -16.30 -15.16 -0.17
CA VAL B 567 -15.73 -15.97 0.89
C VAL B 567 -16.10 -15.40 2.25
N PHE B 568 -16.27 -14.08 2.33
CA PHE B 568 -16.70 -13.46 3.59
C PHE B 568 -18.14 -13.85 3.92
N VAL B 569 -19.04 -13.71 2.95
CA VAL B 569 -20.46 -13.95 3.23
C VAL B 569 -20.71 -15.43 3.49
N PHE B 570 -20.01 -16.30 2.76
CA PHE B 570 -20.26 -17.73 2.85
C PHE B 570 -19.39 -18.42 3.89
N VAL B 571 -18.06 -18.34 3.73
CA VAL B 571 -17.16 -19.16 4.55
C VAL B 571 -17.20 -18.71 6.01
N MET B 572 -16.96 -17.43 6.26
CA MET B 572 -16.98 -16.95 7.65
C MET B 572 -18.40 -16.92 8.19
N HIS B 573 -19.36 -16.50 7.38
CA HIS B 573 -20.76 -16.43 7.76
C HIS B 573 -20.94 -15.75 9.12
N PRO B 574 -20.41 -14.54 9.30
CA PRO B 574 -20.47 -13.90 10.62
C PRO B 574 -21.88 -13.65 11.13
N TYR B 575 -22.84 -13.41 10.24
CA TYR B 575 -24.18 -13.02 10.67
C TYR B 575 -25.19 -13.50 9.64
N ASP B 576 -26.46 -13.45 10.04
CA ASP B 576 -27.58 -13.80 9.19
C ASP B 576 -28.51 -12.59 9.05
N VAL B 577 -29.50 -12.73 8.18
CA VAL B 577 -30.44 -11.64 7.95
C VAL B 577 -31.30 -11.44 9.19
N GLY B 578 -31.49 -10.19 9.58
CA GLY B 578 -32.28 -9.84 10.75
C GLY B 578 -31.51 -9.78 12.04
N ASP B 579 -30.23 -10.17 12.05
CA ASP B 579 -29.41 -10.11 13.25
C ASP B 579 -28.84 -8.72 13.44
N ARG B 580 -28.80 -8.26 14.68
CA ARG B 580 -28.25 -6.96 15.02
C ARG B 580 -26.75 -7.09 15.21
N CYS B 581 -25.97 -6.28 14.49
CA CYS B 581 -24.53 -6.35 14.50
C CYS B 581 -23.94 -4.96 14.70
N VAL B 582 -22.71 -4.94 15.20
CA VAL B 582 -21.98 -3.69 15.46
C VAL B 582 -20.73 -3.68 14.59
N VAL B 583 -20.57 -2.62 13.80
CA VAL B 583 -19.40 -2.41 12.98
C VAL B 583 -18.85 -1.03 13.29
N ASP B 584 -17.56 -0.96 13.62
CA ASP B 584 -16.91 0.30 13.97
C ASP B 584 -17.57 0.97 15.16
N GLY B 585 -18.16 0.17 16.06
CA GLY B 585 -18.76 0.69 17.27
C GLY B 585 -20.18 1.18 17.14
N VAL B 586 -20.81 1.03 15.98
CA VAL B 586 -22.19 1.45 15.77
C VAL B 586 -23.02 0.22 15.44
N ALA B 587 -24.15 0.06 16.13
CA ALA B 587 -25.02 -1.09 15.94
C ALA B 587 -25.97 -0.84 14.77
N MET B 588 -26.41 -1.94 14.15
CA MET B 588 -27.32 -1.88 13.02
C MET B 588 -27.92 -3.27 12.82
N LEU B 589 -28.89 -3.35 11.91
CA LEU B 589 -29.62 -4.58 11.63
C LEU B 589 -29.40 -4.98 10.17
N VAL B 590 -29.14 -6.27 9.95
CA VAL B 590 -28.93 -6.77 8.61
C VAL B 590 -30.25 -6.74 7.84
N GLU B 591 -30.21 -6.22 6.62
CA GLU B 591 -31.39 -6.09 5.78
C GLU B 591 -31.32 -6.93 4.52
N GLU B 592 -30.25 -6.78 3.72
CA GLU B 592 -30.13 -7.48 2.45
C GLU B 592 -28.73 -8.03 2.32
N MET B 593 -28.62 -9.27 1.83
CA MET B 593 -27.34 -9.95 1.65
C MET B 593 -27.08 -10.07 0.16
N ASN B 594 -26.17 -9.23 -0.35
CA ASN B 594 -25.73 -9.29 -1.73
C ASN B 594 -24.29 -9.75 -1.81
N LEU B 595 -23.89 -10.22 -2.99
CA LEU B 595 -22.53 -10.74 -3.16
C LEU B 595 -21.49 -9.64 -2.95
N LEU B 596 -21.75 -8.44 -3.47
CA LEU B 596 -20.79 -7.35 -3.37
C LEU B 596 -21.07 -6.39 -2.22
N THR B 597 -22.27 -6.41 -1.66
CA THR B 597 -22.63 -5.45 -0.61
C THR B 597 -23.63 -6.10 0.34
N THR B 598 -23.75 -5.48 1.52
CA THR B 598 -24.73 -5.87 2.51
C THR B 598 -25.40 -4.61 3.05
N VAL B 599 -26.73 -4.60 3.08
CA VAL B 599 -27.50 -3.45 3.49
C VAL B 599 -27.80 -3.58 4.98
N PHE B 600 -27.57 -2.50 5.73
CA PHE B 600 -27.81 -2.48 7.16
C PHE B 600 -28.70 -1.31 7.52
N LEU B 601 -29.47 -1.47 8.60
CA LEU B 601 -30.33 -0.43 9.12
C LEU B 601 -29.84 -0.02 10.50
N LYS B 602 -29.60 1.28 10.67
CA LYS B 602 -29.11 1.80 11.93
C LYS B 602 -30.26 1.93 12.93
N LEU B 603 -29.91 2.27 14.17
CA LEU B 603 -30.92 2.43 15.22
C LEU B 603 -31.94 3.49 14.85
N ASN B 604 -31.54 4.47 14.04
CA ASN B 604 -32.44 5.52 13.59
C ASN B 604 -33.17 5.16 12.29
N ASN B 605 -33.25 3.87 11.97
CA ASN B 605 -33.91 3.40 10.74
C ASN B 605 -33.27 4.05 9.51
N GLU B 606 -31.95 4.19 9.54
CA GLU B 606 -31.20 4.79 8.43
C GLU B 606 -30.55 3.67 7.63
N LYS B 607 -30.89 3.60 6.34
CA LYS B 607 -30.32 2.57 5.48
C LYS B 607 -28.86 2.88 5.18
N VAL B 608 -28.04 1.83 5.19
CA VAL B 608 -26.60 1.96 4.95
C VAL B 608 -26.17 0.85 4.01
N TYR B 609 -25.31 1.18 3.06
CA TYR B 609 -24.75 0.23 2.11
C TYR B 609 -23.25 0.08 2.40
N TYR B 610 -22.79 -1.16 2.47
CA TYR B 610 -21.39 -1.45 2.78
C TYR B 610 -20.79 -2.32 1.68
N PRO B 611 -19.52 -2.13 1.35
CA PRO B 611 -18.84 -3.09 0.47
C PRO B 611 -18.46 -4.33 1.25
N ASN B 612 -18.87 -5.50 0.75
CA ASN B 612 -18.60 -6.75 1.45
C ASN B 612 -17.10 -7.01 1.58
N ALA B 613 -16.31 -6.56 0.61
CA ALA B 613 -14.86 -6.76 0.68
C ALA B 613 -14.27 -6.03 1.89
N VAL B 614 -14.74 -4.80 2.15
CA VAL B 614 -14.21 -4.03 3.27
C VAL B 614 -14.51 -4.73 4.59
N LEU B 615 -15.74 -5.24 4.74
CA LEU B 615 -16.11 -5.89 5.99
C LEU B 615 -15.20 -7.06 6.32
N ALA B 616 -14.64 -7.72 5.30
CA ALA B 616 -13.74 -8.83 5.56
C ALA B 616 -12.50 -8.40 6.34
N THR B 617 -12.14 -7.12 6.28
CA THR B 617 -10.97 -6.60 6.97
C THR B 617 -11.31 -5.87 8.26
N LYS B 618 -12.56 -5.95 8.71
CA LYS B 618 -13.00 -5.27 9.93
C LYS B 618 -13.66 -6.26 10.87
N PRO B 619 -13.59 -6.00 12.18
CA PRO B 619 -14.25 -6.90 13.13
C PRO B 619 -15.76 -6.80 13.03
N ILE B 620 -16.42 -7.92 13.32
CA ILE B 620 -17.88 -8.02 13.27
C ILE B 620 -18.36 -8.64 14.58
N SER B 621 -19.35 -8.01 15.20
CA SER B 621 -19.98 -8.52 16.42
C SER B 621 -21.46 -8.73 16.18
N ASN B 622 -21.98 -9.85 16.69
CA ASN B 622 -23.37 -10.24 16.47
C ASN B 622 -24.07 -10.35 17.82
N TYR B 623 -25.16 -9.59 17.98
CA TYR B 623 -25.94 -9.68 19.20
C TYR B 623 -26.79 -10.94 19.23
N PHE B 624 -27.36 -11.33 18.08
CA PHE B 624 -28.26 -12.46 18.04
C PHE B 624 -27.54 -13.75 18.43
N ARG B 625 -26.32 -13.95 17.92
CA ARG B 625 -25.58 -15.17 18.20
C ARG B 625 -24.88 -15.15 19.55
N SER B 626 -24.79 -13.99 20.20
CA SER B 626 -24.08 -13.91 21.47
C SER B 626 -24.97 -14.41 22.61
N PRO B 627 -24.38 -14.89 23.71
CA PRO B 627 -25.18 -15.27 24.87
C PRO B 627 -25.78 -14.06 25.57
N ASN B 628 -26.45 -14.28 26.70
CA ASN B 628 -27.02 -13.18 27.46
C ASN B 628 -25.95 -12.14 27.75
N MET B 629 -26.26 -10.88 27.46
CA MET B 629 -25.29 -9.80 27.53
C MET B 629 -25.28 -9.16 28.92
N GLY B 630 -24.18 -8.46 29.21
CA GLY B 630 -24.03 -7.78 30.47
C GLY B 630 -24.50 -6.34 30.43
N GLU B 631 -24.59 -5.74 31.61
CA GLU B 631 -25.00 -4.35 31.77
C GLU B 631 -24.06 -3.64 32.72
N THR B 632 -23.89 -2.34 32.50
CA THR B 632 -23.02 -1.52 33.33
C THR B 632 -23.72 -0.20 33.63
N VAL B 633 -23.63 0.24 34.88
CA VAL B 633 -24.16 1.52 35.33
C VAL B 633 -23.05 2.27 36.04
N GLU B 634 -23.11 3.60 35.97
CA GLU B 634 -22.09 4.46 36.54
C GLU B 634 -22.71 5.46 37.50
N PHE B 635 -22.11 5.60 38.69
CA PHE B 635 -22.54 6.59 39.66
C PHE B 635 -21.36 6.89 40.58
N SER B 636 -21.45 8.02 41.27
CA SER B 636 -20.37 8.50 42.13
C SER B 636 -20.94 8.86 43.49
N ILE B 637 -20.09 8.70 44.52
CA ILE B 637 -20.44 9.01 45.90
C ILE B 637 -19.27 9.74 46.54
N SER B 638 -19.52 10.30 47.73
CA SER B 638 -18.50 11.04 48.44
C SER B 638 -17.44 10.10 49.02
N PHE B 639 -16.25 10.66 49.23
CA PHE B 639 -15.16 9.89 49.81
C PHE B 639 -15.35 9.65 51.31
N SER B 640 -16.22 10.43 51.95
CA SER B 640 -16.48 10.29 53.38
C SER B 640 -17.62 9.32 53.69
N THR B 641 -18.16 8.65 52.67
CA THR B 641 -19.26 7.74 52.90
C THR B 641 -18.81 6.58 53.78
N PRO B 642 -19.50 6.30 54.89
CA PRO B 642 -19.09 5.16 55.73
C PRO B 642 -19.22 3.84 54.97
N VAL B 643 -18.36 2.88 55.35
CA VAL B 643 -18.39 1.57 54.72
C VAL B 643 -19.71 0.86 55.01
N SER B 644 -20.34 1.16 56.14
CA SER B 644 -21.62 0.55 56.47
C SER B 644 -22.67 0.91 55.42
N LYS B 645 -22.69 2.17 54.97
CA LYS B 645 -23.64 2.57 53.94
C LYS B 645 -23.37 1.83 52.64
N ILE B 646 -22.08 1.62 52.31
CA ILE B 646 -21.74 0.88 51.09
C ILE B 646 -22.24 -0.56 51.20
N ALA B 647 -22.05 -1.19 52.37
CA ALA B 647 -22.53 -2.55 52.56
C ALA B 647 -24.05 -2.62 52.45
N HIS B 648 -24.74 -1.64 53.03
CA HIS B 648 -26.20 -1.61 52.93
C HIS B 648 -26.64 -1.45 51.48
N LEU B 649 -25.95 -0.59 50.72
CA LEU B 649 -26.28 -0.42 49.32
C LEU B 649 -26.05 -1.71 48.54
N LYS B 650 -24.96 -2.41 48.83
CA LYS B 650 -24.70 -3.69 48.16
C LYS B 650 -25.79 -4.70 48.48
N GLU B 651 -26.20 -4.77 49.75
CA GLU B 651 -27.26 -5.71 50.13
C GLU B 651 -28.57 -5.37 49.42
N ARG B 652 -28.91 -4.07 49.36
CA ARG B 652 -30.13 -3.67 48.69
C ARG B 652 -30.07 -3.99 47.20
N ILE B 653 -28.91 -3.77 46.57
CA ILE B 653 -28.76 -4.11 45.16
C ILE B 653 -28.94 -5.59 44.94
N ALA B 654 -28.33 -6.42 45.80
CA ALA B 654 -28.49 -7.86 45.67
C ALA B 654 -29.94 -8.28 45.82
N GLU B 655 -30.63 -7.72 46.81
CA GLU B 655 -32.05 -8.06 47.02
C GLU B 655 -32.89 -7.64 45.83
N TYR B 656 -32.66 -6.43 45.30
CA TYR B 656 -33.43 -5.97 44.16
C TYR B 656 -33.17 -6.83 42.93
N LEU B 657 -31.92 -7.25 42.72
CA LEU B 657 -31.60 -8.07 41.56
C LEU B 657 -32.18 -9.47 41.69
N GLU B 658 -32.14 -10.06 42.90
CA GLU B 658 -32.66 -11.40 43.09
C GLU B 658 -34.18 -11.45 43.14
N GLN B 659 -34.83 -10.34 43.47
CA GLN B 659 -36.29 -10.31 43.49
C GLN B 659 -36.88 -10.05 42.11
N ASN B 660 -36.05 -9.82 41.08
CA ASN B 660 -36.51 -9.62 39.72
C ASN B 660 -35.74 -10.52 38.77
N PRO B 661 -35.88 -11.83 38.92
CA PRO B 661 -35.14 -12.75 38.04
C PRO B 661 -35.51 -12.61 36.58
N GLN B 662 -36.76 -12.24 36.28
CA GLN B 662 -37.19 -12.16 34.88
C GLN B 662 -36.40 -11.13 34.09
N HIS B 663 -35.81 -10.15 34.74
CA HIS B 663 -35.06 -9.09 34.08
C HIS B 663 -33.55 -9.17 34.31
N TRP B 664 -33.12 -9.48 35.53
CA TRP B 664 -31.71 -9.49 35.88
C TRP B 664 -31.35 -10.81 36.54
N ALA B 665 -30.19 -11.34 36.20
CA ALA B 665 -29.73 -12.58 36.79
C ALA B 665 -29.23 -12.34 38.22
N PRO B 666 -29.26 -13.36 39.07
CA PRO B 666 -28.79 -13.17 40.46
C PRO B 666 -27.34 -12.72 40.55
N VAL B 667 -26.48 -13.18 39.64
CA VAL B 667 -25.07 -12.84 39.72
C VAL B 667 -24.87 -11.36 39.43
N HIS B 668 -24.09 -10.70 40.27
CA HIS B 668 -23.81 -9.28 40.12
C HIS B 668 -22.54 -8.94 40.89
N SER B 669 -21.99 -7.78 40.58
CA SER B 669 -20.76 -7.32 41.23
C SER B 669 -20.74 -5.80 41.27
N VAL B 670 -20.20 -5.26 42.35
CA VAL B 670 -20.01 -3.82 42.51
C VAL B 670 -18.52 -3.57 42.69
N VAL B 671 -17.97 -2.71 41.85
CA VAL B 671 -16.53 -2.48 41.80
C VAL B 671 -16.23 -0.99 41.90
N VAL B 672 -15.19 -0.66 42.66
CA VAL B 672 -14.68 0.70 42.77
C VAL B 672 -13.68 0.93 41.63
N LYS B 673 -13.90 1.97 40.85
CA LYS B 673 -13.04 2.23 39.69
C LYS B 673 -11.76 2.94 40.10
N GLU B 674 -11.90 4.16 40.65
CA GLU B 674 -10.73 4.95 41.00
C GLU B 674 -11.16 6.05 41.96
N ILE B 675 -10.18 6.64 42.64
CA ILE B 675 -10.41 7.67 43.65
C ILE B 675 -9.89 8.99 43.11
N GLU B 676 -10.75 10.01 43.12
CA GLU B 676 -10.45 11.32 42.55
C GLU B 676 -10.29 12.29 43.71
N ASN B 677 -9.05 12.71 43.96
CA ASN B 677 -8.73 13.68 45.02
C ASN B 677 -9.33 13.25 46.36
N MET B 678 -9.56 11.95 46.54
CA MET B 678 -10.16 11.42 47.76
C MET B 678 -11.36 12.26 48.20
N ASN B 679 -12.16 12.71 47.22
CA ASN B 679 -13.39 13.42 47.51
C ASN B 679 -14.56 12.79 46.76
N LYS B 680 -14.27 12.18 45.62
CA LYS B 680 -15.28 11.51 44.80
C LYS B 680 -14.86 10.06 44.59
N LEU B 681 -15.79 9.13 44.82
CA LEU B 681 -15.55 7.70 44.66
C LEU B 681 -16.37 7.21 43.48
N LYS B 682 -15.69 6.91 42.37
CA LYS B 682 -16.37 6.35 41.22
C LYS B 682 -16.92 4.97 41.55
N MET B 683 -18.18 4.74 41.21
CA MET B 683 -18.86 3.49 41.49
C MET B 683 -19.54 2.97 40.23
N ALA B 684 -19.60 1.65 40.11
CA ALA B 684 -20.23 1.03 38.96
C ALA B 684 -20.87 -0.28 39.38
N LEU B 685 -21.97 -0.63 38.73
CA LEU B 685 -22.68 -1.88 38.97
C LEU B 685 -22.69 -2.71 37.69
N TYR B 686 -22.49 -4.01 37.84
CA TYR B 686 -22.44 -4.94 36.72
C TYR B 686 -23.50 -6.02 36.90
N SER B 687 -24.29 -6.25 35.86
CA SER B 687 -25.34 -7.26 35.90
C SER B 687 -25.62 -7.73 34.48
N ASP B 688 -26.24 -8.90 34.37
CA ASP B 688 -26.55 -9.52 33.09
C ASP B 688 -28.06 -9.60 32.92
N HIS B 689 -28.53 -9.23 31.73
CA HIS B 689 -29.94 -9.33 31.41
C HIS B 689 -30.32 -10.80 31.23
N THR B 690 -31.62 -11.02 31.00
CA THR B 690 -32.13 -12.33 30.62
C THR B 690 -32.19 -12.49 29.11
N ILE B 691 -31.80 -11.47 28.34
CA ILE B 691 -31.81 -11.49 26.89
C ILE B 691 -30.55 -10.80 26.39
N THR B 692 -30.42 -10.71 25.07
CA THR B 692 -29.28 -10.07 24.44
C THR B 692 -29.63 -8.61 24.12
N PHE B 693 -28.76 -7.94 23.38
CA PHE B 693 -28.99 -6.56 22.96
C PHE B 693 -29.82 -6.45 21.69
N GLN B 694 -30.30 -7.58 21.16
CA GLN B 694 -31.12 -7.53 19.95
C GLN B 694 -32.36 -6.68 20.18
N GLU B 695 -33.03 -6.86 21.32
CA GLU B 695 -34.18 -6.03 21.68
C GLU B 695 -33.66 -4.74 22.31
N ASN B 696 -33.27 -3.81 21.42
CA ASN B 696 -32.68 -2.56 21.90
C ASN B 696 -33.65 -1.77 22.76
N ARG B 697 -34.92 -1.70 22.35
CA ARG B 697 -35.90 -0.95 23.13
C ARG B 697 -36.09 -1.55 24.51
N GLU B 698 -36.26 -2.88 24.57
CA GLU B 698 -36.42 -3.54 25.86
C GLU B 698 -35.18 -3.38 26.72
N ARG B 699 -34.00 -3.50 26.13
CA ARG B 699 -32.76 -3.33 26.87
C ARG B 699 -32.68 -1.93 27.46
N ASN B 700 -33.01 -0.91 26.66
CA ASN B 700 -32.96 0.46 27.14
C ASN B 700 -33.97 0.69 28.25
N LEU B 701 -35.17 0.14 28.11
CA LEU B 701 -36.18 0.30 29.16
C LEU B 701 -35.74 -0.36 30.46
N ARG B 702 -35.17 -1.56 30.37
CA ARG B 702 -34.70 -2.24 31.57
C ARG B 702 -33.54 -1.48 32.21
N ARG B 703 -32.63 -0.94 31.40
CA ARG B 703 -31.53 -0.15 31.94
C ARG B 703 -32.06 1.09 32.65
N THR B 704 -33.06 1.75 32.06
CA THR B 704 -33.65 2.92 32.71
C THR B 704 -34.32 2.55 34.02
N GLU B 705 -35.02 1.41 34.04
CA GLU B 705 -35.65 0.97 35.30
C GLU B 705 -34.60 0.69 36.35
N LEU B 706 -33.50 0.04 35.98
CA LEU B 706 -32.43 -0.23 36.93
C LEU B 706 -31.81 1.07 37.43
N SER B 707 -31.61 2.04 36.54
CA SER B 707 -31.04 3.32 36.95
C SER B 707 -31.97 4.03 37.93
N LEU B 708 -33.28 4.00 37.67
CA LEU B 708 -34.23 4.62 38.58
C LEU B 708 -34.22 3.91 39.94
N ALA B 709 -34.14 2.58 39.93
CA ALA B 709 -34.06 1.84 41.18
C ALA B 709 -32.81 2.22 41.97
N ILE B 710 -31.67 2.35 41.28
CA ILE B 710 -30.44 2.74 41.94
C ILE B 710 -30.58 4.14 42.52
N LYS B 711 -31.18 5.05 41.75
CA LYS B 711 -31.39 6.41 42.23
C LYS B 711 -32.23 6.42 43.51
N ARG B 712 -33.34 5.69 43.50
CA ARG B 712 -34.20 5.65 44.69
C ARG B 712 -33.45 5.06 45.87
N MET B 713 -32.75 3.94 45.65
CA MET B 713 -32.04 3.29 46.75
C MET B 713 -30.97 4.19 47.35
N LEU B 714 -30.23 4.90 46.49
CA LEU B 714 -29.25 5.86 46.98
C LEU B 714 -29.93 6.97 47.77
N GLU B 715 -31.10 7.42 47.31
CA GLU B 715 -31.81 8.48 48.00
C GLU B 715 -32.24 8.04 49.41
N ASP B 716 -32.74 6.82 49.55
CA ASP B 716 -33.18 6.37 50.86
C ASP B 716 -32.00 6.21 51.82
N LEU B 717 -30.86 5.73 51.31
CA LEU B 717 -29.70 5.51 52.16
C LEU B 717 -29.05 6.81 52.62
N HIS B 718 -29.46 7.95 52.08
CA HIS B 718 -28.94 9.26 52.49
C HIS B 718 -27.47 9.43 52.11
N ILE B 719 -27.04 8.78 51.03
CA ILE B 719 -25.68 8.96 50.53
C ILE B 719 -25.61 10.28 49.78
N ASP B 720 -24.65 11.12 50.15
CA ASP B 720 -24.53 12.47 49.62
C ASP B 720 -23.14 12.70 49.05
N TYR B 721 -23.06 13.54 48.02
CA TYR B 721 -21.81 13.95 47.40
C TYR B 721 -21.66 15.46 47.55
N THR B 722 -20.48 15.89 47.98
CA THR B 722 -20.21 17.29 48.24
C THR B 722 -18.96 17.72 47.50
N LEU B 723 -19.00 18.92 46.92
CA LEU B 723 -17.83 19.47 46.26
C LEU B 723 -16.75 19.83 47.27
N LEU B 724 -15.51 19.84 46.81
CA LEU B 724 -14.40 20.14 47.70
C LEU B 724 -14.54 21.57 48.23
N PRO B 725 -14.43 21.78 49.54
CA PRO B 725 -14.56 23.15 50.06
C PRO B 725 -13.46 24.06 49.53
N GLN B 726 -13.83 25.33 49.33
CA GLN B 726 -12.91 26.34 48.82
C GLN B 726 -12.71 27.40 49.88
N ASP B 727 -11.45 27.73 50.16
CA ASP B 727 -11.10 28.75 51.12
C ASP B 727 -10.90 30.09 50.42
N ILE B 728 -11.55 31.13 50.91
CA ILE B 728 -11.51 32.45 50.31
C ILE B 728 -10.98 33.44 51.34
N ASN B 729 -9.97 34.21 50.94
CA ASN B 729 -9.37 35.24 51.78
C ASN B 729 -9.76 36.59 51.23
N LEU B 730 -10.49 37.37 52.02
CA LEU B 730 -10.96 38.68 51.60
C LEU B 730 -9.84 39.71 51.74
N THR B 731 -10.05 40.86 51.07
CA THR B 731 -9.08 41.95 51.11
C THR B 731 -9.78 43.29 51.27
N THR C 166 -13.43 -63.14 9.48
CA THR C 166 -14.45 -63.55 8.49
C THR C 166 -14.05 -63.12 7.09
N LEU C 167 -14.30 -61.86 6.75
CA LEU C 167 -13.93 -61.35 5.43
C LEU C 167 -12.42 -61.41 5.23
N ALA C 168 -11.65 -61.03 6.25
CA ALA C 168 -10.20 -61.10 6.14
C ALA C 168 -9.72 -62.53 5.98
N LEU C 169 -10.36 -63.47 6.69
CA LEU C 169 -9.99 -64.87 6.55
C LEU C 169 -10.25 -65.37 5.13
N ILE C 170 -11.37 -64.93 4.53
CA ILE C 170 -11.67 -65.33 3.15
C ILE C 170 -10.60 -64.80 2.21
N GLU C 171 -10.18 -63.55 2.40
CA GLU C 171 -9.12 -62.98 1.55
C GLU C 171 -7.81 -63.74 1.73
N SER C 172 -7.47 -64.09 2.97
CA SER C 172 -6.25 -64.86 3.21
C SER C 172 -6.31 -66.21 2.54
N ALA C 173 -7.46 -66.89 2.63
CA ALA C 173 -7.61 -68.19 1.97
C ALA C 173 -7.49 -68.06 0.46
N PHE C 174 -8.09 -67.00 -0.10
CA PHE C 174 -7.98 -66.78 -1.55
C PHE C 174 -6.54 -66.54 -1.95
N PHE C 175 -5.81 -65.74 -1.16
CA PHE C 175 -4.41 -65.49 -1.47
C PHE C 175 -3.59 -66.78 -1.39
N VAL C 176 -3.86 -67.62 -0.39
CA VAL C 176 -3.15 -68.89 -0.26
C VAL C 176 -3.45 -69.78 -1.47
N VAL C 177 -4.71 -69.83 -1.90
CA VAL C 177 -5.08 -70.64 -3.06
C VAL C 177 -4.38 -70.12 -4.31
N ILE C 178 -4.32 -68.79 -4.46
CA ILE C 178 -3.65 -68.21 -5.63
C ILE C 178 -2.16 -68.56 -5.61
N LEU C 179 -1.53 -68.47 -4.44
CA LEU C 179 -0.12 -68.83 -4.35
C LEU C 179 0.10 -70.30 -4.68
N SER C 180 -0.77 -71.18 -4.19
CA SER C 180 -0.65 -72.60 -4.51
C SER C 180 -0.82 -72.85 -6.00
N ALA C 181 -1.78 -72.17 -6.62
CA ALA C 181 -1.97 -72.32 -8.07
C ALA C 181 -0.75 -71.83 -8.83
N LEU C 182 -0.18 -70.71 -8.41
CA LEU C 182 1.03 -70.21 -9.08
C LEU C 182 2.18 -71.19 -8.93
N VAL C 183 2.35 -71.76 -7.73
CA VAL C 183 3.40 -72.75 -7.51
C VAL C 183 3.20 -73.96 -8.41
N ALA C 184 1.95 -74.44 -8.50
CA ALA C 184 1.66 -75.59 -9.36
C ALA C 184 1.96 -75.27 -10.82
N SER C 185 1.57 -74.07 -11.28
CA SER C 185 1.84 -73.68 -12.65
C SER C 185 3.34 -73.60 -12.91
N LEU C 186 4.11 -73.08 -11.96
CA LEU C 186 5.55 -73.04 -12.11
C LEU C 186 6.13 -74.44 -12.18
N THR C 187 5.63 -75.36 -11.35
CA THR C 187 6.14 -76.72 -11.33
C THR C 187 5.67 -77.55 -12.51
N ILE C 188 4.45 -77.31 -13.00
CA ILE C 188 3.86 -78.08 -14.09
C ILE C 188 3.77 -77.18 -15.30
N ASN C 189 4.36 -77.63 -16.41
CA ASN C 189 4.37 -76.86 -17.66
C ASN C 189 3.12 -77.07 -18.50
N VAL C 190 2.20 -77.94 -18.06
CA VAL C 190 0.98 -78.17 -18.84
C VAL C 190 0.16 -76.90 -18.94
N LEU C 191 0.02 -76.17 -17.83
CA LEU C 191 -0.76 -74.94 -17.85
C LEU C 191 -0.12 -73.88 -18.74
N LYS C 192 1.21 -73.90 -18.85
CA LYS C 192 1.90 -72.90 -19.66
C LYS C 192 1.51 -73.00 -21.14
N HIS C 193 1.02 -74.16 -21.59
CA HIS C 193 0.64 -74.31 -22.99
C HIS C 193 -0.53 -73.42 -23.36
N HIS C 194 -1.32 -72.96 -22.39
CA HIS C 194 -2.48 -72.13 -22.64
C HIS C 194 -2.13 -70.66 -22.37
N THR C 195 -2.53 -69.78 -23.27
CA THR C 195 -2.27 -68.35 -23.14
C THR C 195 -3.53 -67.58 -23.51
N PHE C 196 -3.65 -66.38 -22.96
CA PHE C 196 -4.80 -65.52 -23.23
C PHE C 196 -4.35 -64.06 -23.19
N TRP C 197 -5.04 -63.23 -23.96
CA TRP C 197 -4.76 -61.80 -24.02
C TRP C 197 -3.32 -61.53 -24.44
N GLY C 198 -2.76 -62.41 -25.27
CA GLY C 198 -1.39 -62.26 -25.71
C GLY C 198 -0.34 -62.65 -24.70
N LEU C 199 -0.75 -63.21 -23.56
CA LEU C 199 0.18 -63.62 -22.52
C LEU C 199 -0.23 -64.98 -21.99
N GLU C 200 0.74 -65.70 -21.44
CA GLU C 200 0.48 -67.02 -20.90
C GLU C 200 -0.48 -66.93 -19.70
N VAL C 201 -1.35 -67.93 -19.58
CA VAL C 201 -2.31 -67.95 -18.49
C VAL C 201 -1.60 -67.98 -17.14
N TRP C 202 -0.49 -68.72 -17.06
CA TRP C 202 0.27 -68.75 -15.83
C TRP C 202 0.78 -67.36 -15.45
N LYS C 203 1.08 -66.52 -16.44
CA LYS C 203 1.51 -65.16 -16.16
C LYS C 203 0.41 -64.38 -15.46
N TRP C 204 -0.82 -64.45 -15.97
CA TRP C 204 -1.92 -63.73 -15.34
C TRP C 204 -2.23 -64.29 -13.96
N CYS C 205 -2.20 -65.62 -13.81
CA CYS C 205 -2.44 -66.21 -12.51
C CYS C 205 -1.39 -65.76 -11.50
N VAL C 206 -0.11 -65.73 -11.91
CA VAL C 206 0.94 -65.27 -11.03
C VAL C 206 0.77 -63.80 -10.70
N LEU C 207 0.29 -63.01 -11.67
CA LEU C 207 0.07 -61.59 -11.40
C LEU C 207 -1.01 -61.40 -10.34
N VAL C 208 -2.12 -62.11 -10.46
CA VAL C 208 -3.21 -61.98 -9.50
C VAL C 208 -2.74 -62.46 -8.12
N MET C 209 -2.07 -63.61 -8.08
CA MET C 209 -1.50 -64.09 -6.83
C MET C 209 -0.51 -63.09 -6.27
N VAL C 210 0.22 -62.38 -7.13
CA VAL C 210 1.16 -61.37 -6.67
C VAL C 210 0.41 -60.23 -6.00
N ILE C 211 -0.70 -59.78 -6.59
CA ILE C 211 -1.48 -58.71 -5.97
C ILE C 211 -1.94 -59.15 -4.58
N PHE C 212 -2.54 -60.33 -4.49
CA PHE C 212 -3.13 -60.77 -3.22
C PHE C 212 -2.05 -61.03 -2.17
N SER C 213 -1.02 -61.79 -2.54
CA SER C 213 0.08 -62.05 -1.63
C SER C 213 0.84 -60.79 -1.27
N GLY C 214 0.82 -59.77 -2.13
CA GLY C 214 1.45 -58.50 -1.78
C GLY C 214 0.66 -57.75 -0.74
N MET C 215 -0.67 -57.78 -0.85
CA MET C 215 -1.49 -57.22 0.23
C MET C 215 -1.22 -57.94 1.54
N LEU C 216 -1.21 -59.27 1.50
CA LEU C 216 -0.95 -60.05 2.70
C LEU C 216 0.43 -59.75 3.28
N VAL C 217 1.44 -59.66 2.40
CA VAL C 217 2.81 -59.42 2.84
C VAL C 217 2.95 -58.01 3.39
N THR C 218 2.23 -57.04 2.83
CA THR C 218 2.24 -55.69 3.38
C THR C 218 1.67 -55.68 4.78
N ASN C 219 0.54 -56.37 4.99
CA ASN C 219 -0.01 -56.45 6.34
C ASN C 219 0.97 -57.12 7.30
N TRP C 220 1.56 -58.24 6.89
CA TRP C 220 2.48 -58.97 7.75
C TRP C 220 3.72 -58.14 8.05
N PHE C 221 4.22 -57.41 7.06
CA PHE C 221 5.41 -56.58 7.28
C PHE C 221 5.11 -55.41 8.19
N MET C 222 3.92 -54.81 8.07
CA MET C 222 3.53 -53.77 9.01
C MET C 222 3.48 -54.32 10.43
N ARG C 223 2.88 -55.50 10.61
CA ARG C 223 2.84 -56.10 11.93
C ARG C 223 4.24 -56.38 12.46
N LEU C 224 5.12 -56.92 11.61
CA LEU C 224 6.48 -57.24 12.04
C LEU C 224 7.26 -55.97 12.39
N ILE C 225 7.08 -54.90 11.61
CA ILE C 225 7.76 -53.65 11.91
C ILE C 225 7.27 -53.08 13.23
N VAL C 226 5.95 -53.16 13.48
CA VAL C 226 5.42 -52.70 14.76
C VAL C 226 6.03 -53.49 15.90
N PHE C 227 6.09 -54.82 15.74
CA PHE C 227 6.66 -55.66 16.80
C PHE C 227 8.13 -55.33 17.03
N LEU C 228 8.90 -55.14 15.96
CA LEU C 228 10.31 -54.81 16.11
C LEU C 228 10.49 -53.47 16.80
N ILE C 229 9.68 -52.47 16.43
CA ILE C 229 9.75 -51.18 17.09
C ILE C 229 9.42 -51.32 18.56
N GLU C 230 8.46 -52.19 18.89
CA GLU C 230 8.16 -52.44 20.30
C GLU C 230 9.36 -53.01 21.03
N THR C 231 10.07 -53.95 20.40
CA THR C 231 11.26 -54.54 21.00
C THR C 231 12.49 -53.65 20.84
N ASN C 232 12.43 -52.64 19.98
CA ASN C 232 13.57 -51.76 19.77
C ASN C 232 13.86 -50.95 21.04
N PHE C 233 15.14 -50.62 21.22
CA PHE C 233 15.53 -49.85 22.40
C PHE C 233 14.88 -48.48 22.41
N LEU C 234 14.82 -47.81 21.26
CA LEU C 234 14.22 -46.48 21.20
C LEU C 234 12.76 -46.54 21.65
N LEU C 235 12.37 -45.55 22.47
CA LEU C 235 11.01 -45.48 23.00
C LEU C 235 10.48 -44.05 22.97
N ARG C 236 10.90 -43.25 21.99
CA ARG C 236 10.45 -41.87 21.90
C ARG C 236 8.94 -41.83 21.70
N ARG C 237 8.27 -40.97 22.47
CA ARG C 237 6.82 -40.86 22.36
C ARG C 237 6.41 -40.34 20.99
N LYS C 238 7.12 -39.33 20.48
CA LYS C 238 6.78 -38.78 19.17
C LYS C 238 6.94 -39.82 18.07
N VAL C 239 8.01 -40.61 18.13
CA VAL C 239 8.24 -41.62 17.11
C VAL C 239 7.13 -42.66 17.12
N LEU C 240 6.72 -43.10 18.31
CA LEU C 240 5.66 -44.08 18.42
C LEU C 240 4.36 -43.54 17.84
N TYR C 241 4.02 -42.29 18.16
CA TYR C 241 2.80 -41.69 17.63
C TYR C 241 2.87 -41.57 16.11
N PHE C 242 4.02 -41.14 15.58
CA PHE C 242 4.16 -41.04 14.13
C PHE C 242 3.97 -42.39 13.47
N VAL C 243 4.58 -43.44 14.05
CA VAL C 243 4.47 -44.78 13.47
C VAL C 243 3.02 -45.24 13.50
N HIS C 244 2.34 -45.04 14.63
CA HIS C 244 0.95 -45.45 14.74
C HIS C 244 0.09 -44.73 13.72
N GLY C 245 0.31 -43.43 13.54
CA GLY C 245 -0.48 -42.67 12.59
C GLY C 245 -0.23 -43.07 11.15
N LEU C 246 1.03 -43.31 10.79
CA LEU C 246 1.41 -43.53 9.41
C LEU C 246 1.49 -45.01 9.03
N LYS C 247 1.19 -45.93 9.94
CA LYS C 247 1.26 -47.35 9.61
C LYS C 247 0.38 -47.69 8.41
N LYS C 248 -0.89 -47.29 8.46
CA LYS C 248 -1.80 -47.64 7.36
C LYS C 248 -1.37 -46.98 6.06
N SER C 249 -0.96 -45.71 6.13
CA SER C 249 -0.55 -45.01 4.91
C SER C 249 0.65 -45.68 4.26
N VAL C 250 1.67 -46.00 5.05
CA VAL C 250 2.85 -46.64 4.49
C VAL C 250 2.51 -48.03 3.98
N GLN C 251 1.64 -48.75 4.69
CA GLN C 251 1.25 -50.09 4.24
C GLN C 251 0.58 -50.02 2.87
N VAL C 252 -0.37 -49.09 2.70
CA VAL C 252 -1.05 -48.98 1.41
C VAL C 252 -0.09 -48.51 0.33
N PHE C 253 0.85 -47.62 0.69
CA PHE C 253 1.82 -47.15 -0.29
C PHE C 253 2.70 -48.30 -0.79
N ILE C 254 3.19 -49.13 0.12
CA ILE C 254 4.00 -50.28 -0.28
C ILE C 254 3.16 -51.26 -1.09
N TRP C 255 1.91 -51.48 -0.69
CA TRP C 255 1.01 -52.32 -1.47
C TRP C 255 0.92 -51.84 -2.91
N LEU C 256 0.64 -50.56 -3.10
CA LEU C 256 0.49 -50.01 -4.44
C LEU C 256 1.80 -50.09 -5.22
N CYS C 257 2.94 -49.80 -4.57
CA CYS C 257 4.21 -49.80 -5.29
C CYS C 257 4.61 -51.20 -5.71
N LEU C 258 4.42 -52.19 -4.82
CA LEU C 258 4.66 -53.58 -5.19
C LEU C 258 3.76 -54.00 -6.33
N ILE C 259 2.49 -53.59 -6.31
CA ILE C 259 1.60 -53.93 -7.42
C ILE C 259 2.12 -53.32 -8.72
N LEU C 260 2.55 -52.06 -8.67
CA LEU C 260 3.02 -51.39 -9.87
C LEU C 260 4.26 -52.08 -10.43
N VAL C 261 5.22 -52.42 -9.57
CA VAL C 261 6.43 -53.06 -10.06
C VAL C 261 6.14 -54.45 -10.59
N ALA C 262 5.21 -55.17 -9.94
CA ALA C 262 4.82 -56.48 -10.44
C ALA C 262 4.19 -56.37 -11.82
N TRP C 263 3.31 -55.38 -12.01
CA TRP C 263 2.70 -55.18 -13.32
C TRP C 263 3.77 -54.85 -14.36
N ILE C 264 4.73 -53.99 -14.00
CA ILE C 264 5.77 -53.62 -14.95
C ILE C 264 6.59 -54.83 -15.34
N LEU C 265 6.93 -55.68 -14.36
CA LEU C 265 7.74 -56.86 -14.66
C LEU C 265 7.02 -57.80 -15.63
N LEU C 266 5.72 -57.99 -15.43
CA LEU C 266 4.98 -58.92 -16.28
C LEU C 266 5.01 -58.49 -17.74
N PHE C 267 4.81 -57.19 -18.00
CA PHE C 267 4.78 -56.66 -19.34
C PHE C 267 6.11 -56.05 -19.77
N ASN C 268 7.15 -56.19 -18.95
CA ASN C 268 8.46 -55.64 -19.33
C ASN C 268 8.99 -56.28 -20.60
N HIS C 269 8.62 -57.54 -20.86
CA HIS C 269 9.07 -58.22 -22.06
C HIS C 269 8.47 -57.56 -23.30
N ASP C 270 9.26 -57.54 -24.38
CA ASP C 270 8.83 -56.94 -25.65
C ASP C 270 7.98 -57.96 -26.41
N VAL C 271 6.71 -58.00 -26.05
CA VAL C 271 5.73 -58.90 -26.68
C VAL C 271 4.57 -58.02 -27.14
N LYS C 272 4.60 -57.61 -28.41
CA LYS C 272 3.56 -56.75 -28.98
C LYS C 272 2.44 -57.65 -29.48
N ARG C 273 1.43 -57.85 -28.62
CA ARG C 273 0.29 -58.67 -29.01
C ARG C 273 -0.46 -58.07 -30.19
N SER C 274 -0.66 -56.75 -30.16
CA SER C 274 -1.34 -56.05 -31.25
C SER C 274 -1.23 -54.55 -31.05
N PRO C 275 -1.34 -53.75 -32.12
CA PRO C 275 -1.26 -52.29 -31.93
C PRO C 275 -2.32 -51.75 -31.00
N ALA C 276 -3.53 -52.30 -31.04
CA ALA C 276 -4.59 -51.87 -30.13
C ALA C 276 -4.21 -52.15 -28.68
N ALA C 277 -3.61 -53.31 -28.42
CA ALA C 277 -3.20 -53.66 -27.06
C ALA C 277 -2.19 -52.67 -26.51
N THR C 278 -1.31 -52.14 -27.38
CA THR C 278 -0.29 -51.21 -26.91
C THR C 278 -0.90 -49.95 -26.33
N LYS C 279 -1.92 -49.40 -26.99
CA LYS C 279 -2.54 -48.17 -26.51
C LYS C 279 -3.18 -48.36 -25.14
N VAL C 280 -3.93 -49.45 -24.97
CA VAL C 280 -4.58 -49.70 -23.69
C VAL C 280 -3.55 -49.98 -22.61
N LEU C 281 -2.46 -50.69 -22.96
CA LEU C 281 -1.41 -50.93 -21.99
C LEU C 281 -0.76 -49.62 -21.54
N LYS C 282 -0.50 -48.72 -22.49
CA LYS C 282 0.08 -47.43 -22.14
C LYS C 282 -0.87 -46.63 -21.25
N CYS C 283 -2.16 -46.63 -21.58
CA CYS C 283 -3.14 -45.92 -20.75
C CYS C 283 -3.18 -46.50 -19.34
N ILE C 284 -3.16 -47.83 -19.24
CA ILE C 284 -3.19 -48.47 -17.93
C ILE C 284 -1.96 -48.09 -17.12
N THR C 285 -0.79 -48.11 -17.76
CA THR C 285 0.45 -47.75 -17.06
C THR C 285 0.42 -46.30 -16.60
N ARG C 286 -0.09 -45.41 -17.45
CA ARG C 286 -0.25 -44.02 -17.05
C ARG C 286 -1.17 -43.91 -15.84
N THR C 287 -2.24 -44.70 -15.83
CA THR C 287 -3.15 -44.69 -14.67
C THR C 287 -2.44 -45.15 -13.41
N LEU C 288 -1.62 -46.21 -13.51
CA LEU C 288 -0.90 -46.68 -12.33
C LEU C 288 0.07 -45.61 -11.83
N ILE C 289 0.77 -44.95 -12.74
CA ILE C 289 1.71 -43.91 -12.33
C ILE C 289 0.97 -42.75 -11.67
N SER C 290 -0.17 -42.36 -12.23
CA SER C 290 -0.95 -41.27 -11.66
C SER C 290 -1.45 -41.61 -10.27
N ILE C 291 -1.96 -42.83 -10.08
CA ILE C 291 -2.44 -43.21 -8.76
C ILE C 291 -1.29 -43.35 -7.77
N LEU C 292 -0.11 -43.76 -8.25
CA LEU C 292 1.06 -43.78 -7.38
C LEU C 292 1.42 -42.38 -6.92
N THR C 293 1.37 -41.41 -7.84
CA THR C 293 1.64 -40.03 -7.45
C THR C 293 0.59 -39.53 -6.45
N GLY C 294 -0.67 -39.90 -6.67
CA GLY C 294 -1.71 -39.52 -5.72
C GLY C 294 -1.48 -40.14 -4.35
N ALA C 295 -1.04 -41.39 -4.31
CA ALA C 295 -0.73 -42.04 -3.04
C ALA C 295 0.42 -41.36 -2.33
N PHE C 296 1.46 -40.96 -3.08
CA PHE C 296 2.57 -40.23 -2.48
C PHE C 296 2.08 -38.89 -1.92
N PHE C 297 1.22 -38.20 -2.67
CA PHE C 297 0.65 -36.95 -2.19
C PHE C 297 -0.13 -37.17 -0.91
N TRP C 298 -0.91 -38.25 -0.84
CA TRP C 298 -1.66 -38.57 0.37
C TRP C 298 -0.72 -38.85 1.53
N LEU C 299 0.38 -39.55 1.27
CA LEU C 299 1.35 -39.86 2.32
C LEU C 299 1.95 -38.58 2.89
N VAL C 300 2.37 -37.66 2.01
CA VAL C 300 2.95 -36.40 2.51
C VAL C 300 1.89 -35.57 3.23
N LYS C 301 0.65 -35.60 2.74
CA LYS C 301 -0.43 -34.88 3.40
C LYS C 301 -0.63 -35.40 4.82
N THR C 302 -0.72 -36.72 4.99
CA THR C 302 -0.92 -37.27 6.32
C THR C 302 0.29 -37.04 7.20
N LEU C 303 1.50 -37.02 6.61
CA LEU C 303 2.68 -36.69 7.39
C LEU C 303 2.59 -35.27 7.94
N LEU C 304 2.19 -34.32 7.08
CA LEU C 304 2.03 -32.94 7.54
C LEU C 304 0.97 -32.83 8.63
N LEU C 305 -0.17 -33.49 8.43
CA LEU C 305 -1.22 -33.46 9.44
C LEU C 305 -0.73 -34.06 10.75
N LYS C 306 0.03 -35.15 10.68
CA LYS C 306 0.50 -35.80 11.89
C LYS C 306 1.52 -34.94 12.63
N ILE C 307 2.41 -34.27 11.91
CA ILE C 307 3.38 -33.41 12.58
C ILE C 307 2.67 -32.22 13.22
N LEU C 308 1.64 -31.68 12.54
CA LEU C 308 0.87 -30.61 13.15
C LEU C 308 0.16 -31.09 14.41
N ALA C 309 -0.40 -32.30 14.37
CA ALA C 309 -1.06 -32.86 15.54
C ALA C 309 -0.06 -33.07 16.67
N ALA C 310 1.16 -33.51 16.34
CA ALA C 310 2.18 -33.70 17.36
C ALA C 310 2.60 -32.37 17.98
N ASN C 311 2.68 -31.32 17.17
CA ASN C 311 2.97 -30.00 17.71
C ASN C 311 1.87 -29.55 18.67
N PHE C 312 0.61 -29.73 18.27
CA PHE C 312 -0.49 -29.39 19.16
C PHE C 312 -0.45 -30.22 20.44
N ASN C 313 -0.04 -31.49 20.31
CA ASN C 313 0.10 -32.34 21.48
C ASN C 313 1.16 -31.79 22.43
N VAL C 314 2.36 -31.52 21.92
CA VAL C 314 3.40 -30.94 22.76
C VAL C 314 2.93 -29.64 23.38
N ASN C 315 2.02 -28.94 22.70
CA ASN C 315 1.53 -27.66 23.23
C ASN C 315 0.58 -27.87 24.40
N ASN C 316 -0.39 -28.79 24.26
CA ASN C 316 -1.51 -28.81 25.20
C ASN C 316 -1.72 -30.16 25.90
N PHE C 317 -1.41 -31.26 25.23
CA PHE C 317 -1.71 -32.58 25.76
C PHE C 317 -1.01 -32.86 27.08
N PHE C 318 0.13 -32.21 27.35
CA PHE C 318 0.77 -32.39 28.64
C PHE C 318 -0.13 -31.92 29.78
N ASP C 319 -0.63 -30.69 29.68
CA ASP C 319 -1.55 -30.18 30.69
C ASP C 319 -2.86 -30.97 30.68
N ARG C 320 -3.29 -31.40 29.50
CA ARG C 320 -4.52 -32.20 29.42
C ARG C 320 -4.37 -33.51 30.21
N ILE C 321 -3.24 -34.18 30.04
CA ILE C 321 -3.00 -35.44 30.74
C ILE C 321 -2.82 -35.19 32.24
N GLN C 322 -2.17 -34.08 32.61
CA GLN C 322 -2.05 -33.74 34.03
C GLN C 322 -3.43 -33.55 34.65
N ASP C 323 -4.32 -32.82 33.96
CA ASP C 323 -5.67 -32.62 34.49
C ASP C 323 -6.44 -33.93 34.56
N SER C 324 -6.28 -34.79 33.55
CA SER C 324 -6.95 -36.08 33.57
C SER C 324 -6.48 -36.92 34.74
N VAL C 325 -5.17 -36.94 35.00
CA VAL C 325 -4.64 -37.70 36.13
C VAL C 325 -5.15 -37.14 37.45
N PHE C 326 -5.19 -35.80 37.56
CA PHE C 326 -5.72 -35.19 38.78
C PHE C 326 -7.18 -35.58 38.98
N HIS C 327 -7.99 -35.55 37.92
CA HIS C 327 -9.39 -35.93 38.04
C HIS C 327 -9.54 -37.39 38.43
N GLN C 328 -8.72 -38.28 37.84
CA GLN C 328 -8.78 -39.69 38.19
C GLN C 328 -8.42 -39.90 39.66
N TYR C 329 -7.37 -39.20 40.14
CA TYR C 329 -7.01 -39.32 41.54
C TYR C 329 -8.11 -38.82 42.45
N VAL C 330 -8.75 -37.70 42.08
CA VAL C 330 -9.84 -37.17 42.90
C VAL C 330 -11.00 -38.16 42.94
N LEU C 331 -11.34 -38.74 41.79
CA LEU C 331 -12.44 -39.70 41.75
C LEU C 331 -12.10 -40.93 42.59
N GLN C 332 -10.86 -41.42 42.51
CA GLN C 332 -10.47 -42.56 43.32
C GLN C 332 -10.55 -42.24 44.80
N THR C 333 -10.10 -41.05 45.20
CA THR C 333 -10.17 -40.66 46.60
C THR C 333 -11.62 -40.57 47.07
N LEU C 334 -12.50 -40.01 46.23
CA LEU C 334 -13.91 -39.88 46.58
C LEU C 334 -14.65 -41.19 46.33
N ALA C 387 -2.84 -41.84 20.91
CA ALA C 387 -2.41 -42.70 22.01
C ALA C 387 -3.52 -42.85 23.04
N TRP C 388 -3.24 -43.63 24.10
CA TRP C 388 -4.25 -43.83 25.14
C TRP C 388 -4.60 -42.52 25.83
N THR C 389 -3.60 -41.69 26.12
CA THR C 389 -3.87 -40.42 26.77
C THR C 389 -4.73 -39.52 25.89
N MET C 390 -4.42 -39.47 24.59
CA MET C 390 -5.22 -38.66 23.67
C MET C 390 -6.66 -39.15 23.61
N ARG C 391 -6.85 -40.47 23.54
CA ARG C 391 -8.20 -41.02 23.50
C ARG C 391 -8.96 -40.69 24.79
N VAL C 392 -8.29 -40.81 25.94
CA VAL C 392 -8.93 -40.50 27.21
C VAL C 392 -9.33 -39.02 27.24
N LEU C 393 -8.43 -38.14 26.80
CA LEU C 393 -8.75 -36.71 26.79
C LEU C 393 -9.93 -36.42 25.88
N MET C 394 -9.95 -37.04 24.69
CA MET C 394 -11.07 -36.83 23.77
C MET C 394 -12.37 -37.32 24.39
N GLU C 395 -12.35 -38.48 25.03
CA GLU C 395 -13.56 -39.00 25.66
C GLU C 395 -14.04 -38.07 26.77
N ALA C 396 -13.11 -37.56 27.57
CA ALA C 396 -13.46 -36.66 28.67
C ALA C 396 -14.08 -35.37 28.14
N LEU C 432 -21.09 -29.02 40.44
CA LEU C 432 -20.74 -27.98 41.41
C LEU C 432 -21.30 -28.33 42.79
N ALA C 433 -22.61 -28.07 42.98
CA ALA C 433 -23.23 -28.36 44.26
C ALA C 433 -23.20 -29.86 44.56
N ALA C 434 -23.46 -30.69 43.55
CA ALA C 434 -23.43 -32.13 43.75
C ALA C 434 -22.03 -32.60 44.14
N ALA C 435 -21.00 -32.06 43.48
CA ALA C 435 -19.63 -32.43 43.82
C ALA C 435 -19.29 -32.02 45.25
N TYR C 436 -19.69 -30.82 45.65
CA TYR C 436 -19.42 -30.37 47.02
C TYR C 436 -20.14 -31.26 48.03
N HIS C 437 -21.40 -31.62 47.74
CA HIS C 437 -22.13 -32.50 48.65
C HIS C 437 -21.46 -33.86 48.75
N VAL C 438 -21.00 -34.41 47.62
CA VAL C 438 -20.33 -35.71 47.65
C VAL C 438 -19.04 -35.62 48.46
N PHE C 439 -18.27 -34.54 48.26
CA PHE C 439 -17.04 -34.37 49.02
C PHE C 439 -17.32 -34.26 50.51
N ARG C 440 -18.35 -33.51 50.88
CA ARG C 440 -18.71 -33.38 52.30
C ARG C 440 -19.12 -34.73 52.88
N ASN C 441 -19.90 -35.50 52.12
CA ASN C 441 -20.31 -36.82 52.60
C ASN C 441 -19.11 -37.73 52.82
N VAL C 442 -18.15 -37.70 51.90
CA VAL C 442 -16.96 -38.53 52.06
C VAL C 442 -16.18 -38.12 53.31
N ALA C 443 -16.02 -36.82 53.51
CA ALA C 443 -15.32 -36.34 54.70
C ALA C 443 -16.10 -36.70 55.96
N GLN C 444 -15.36 -36.99 57.02
CA GLN C 444 -16.00 -37.38 58.27
C GLN C 444 -16.82 -36.21 58.82
N PRO C 445 -17.97 -36.47 59.44
CA PRO C 445 -18.76 -35.36 60.00
C PRO C 445 -17.96 -34.59 61.05
N PHE C 446 -18.21 -33.29 61.09
CA PHE C 446 -17.55 -32.40 62.05
C PHE C 446 -16.02 -32.45 61.88
N PHE C 447 -15.57 -32.47 60.64
CA PHE C 447 -14.14 -32.50 60.31
C PHE C 447 -13.92 -31.58 59.11
N ASN C 448 -13.60 -30.31 59.39
CA ASN C 448 -13.37 -29.36 58.31
C ASN C 448 -12.18 -29.77 57.45
N TYR C 449 -11.10 -30.21 58.08
CA TYR C 449 -9.92 -30.63 57.34
C TYR C 449 -10.18 -31.95 56.60
N ILE C 450 -9.40 -32.18 55.55
CA ILE C 450 -9.54 -33.40 54.77
C ILE C 450 -9.23 -34.60 55.66
N GLU C 451 -10.06 -35.63 55.57
CA GLU C 451 -9.90 -36.83 56.38
C GLU C 451 -8.72 -37.64 55.85
N GLU C 452 -7.67 -37.75 56.65
CA GLU C 452 -6.50 -38.54 56.22
C GLU C 452 -6.86 -40.01 56.07
N GLU C 453 -7.68 -40.54 56.98
CA GLU C 453 -8.04 -41.96 56.91
C GLU C 453 -8.75 -42.28 55.60
N ASP C 454 -9.69 -41.43 55.19
CA ASP C 454 -10.40 -41.67 53.94
C ASP C 454 -9.44 -41.66 52.76
N LEU C 455 -8.52 -40.70 52.72
CA LEU C 455 -7.54 -40.65 51.64
C LEU C 455 -6.62 -41.86 51.68
N LEU C 456 -6.20 -42.26 52.88
CA LEU C 456 -5.29 -43.40 53.00
C LEU C 456 -5.95 -44.68 52.50
N ARG C 457 -7.23 -44.89 52.84
CA ARG C 457 -7.92 -46.10 52.40
C ARG C 457 -8.10 -46.13 50.89
N PHE C 458 -8.18 -44.97 50.24
CA PHE C 458 -8.38 -44.89 48.81
C PHE C 458 -7.10 -44.69 48.02
N MET C 459 -6.05 -44.13 48.64
CA MET C 459 -4.80 -43.88 47.95
C MET C 459 -3.68 -43.85 48.97
N ILE C 460 -2.44 -43.96 48.47
CA ILE C 460 -1.29 -43.92 49.36
C ILE C 460 -1.19 -42.57 50.04
N LYS C 461 -0.50 -42.55 51.18
CA LYS C 461 -0.34 -41.30 51.92
C LYS C 461 0.44 -40.28 51.11
N GLU C 462 1.51 -40.71 50.44
CA GLU C 462 2.29 -39.79 49.62
C GLU C 462 1.46 -39.23 48.48
N GLU C 463 0.67 -40.08 47.82
CA GLU C 463 -0.17 -39.60 46.74
C GLU C 463 -1.22 -38.61 47.24
N VAL C 464 -1.81 -38.89 48.39
CA VAL C 464 -2.80 -37.98 48.96
C VAL C 464 -2.17 -36.64 49.29
N ASP C 465 -0.97 -36.67 49.88
CA ASP C 465 -0.28 -35.42 50.21
C ASP C 465 0.05 -34.64 48.96
N LEU C 466 0.52 -35.31 47.91
CA LEU C 466 0.83 -34.63 46.66
C LEU C 466 -0.42 -34.01 46.05
N VAL C 467 -1.55 -34.74 46.08
CA VAL C 467 -2.78 -34.21 45.52
C VAL C 467 -3.23 -32.98 46.32
N PHE C 468 -3.14 -33.05 47.64
CA PHE C 468 -3.54 -31.93 48.49
C PHE C 468 -2.56 -30.77 48.36
N THR C 481 -10.36 -27.88 55.07
CA THR C 481 -11.35 -26.92 54.60
C THR C 481 -12.24 -27.54 53.52
N ARG C 482 -13.47 -27.90 53.90
CA ARG C 482 -14.39 -28.50 52.94
C ARG C 482 -14.72 -27.52 51.82
N LYS C 483 -14.93 -26.25 52.16
CA LYS C 483 -15.21 -25.25 51.13
C LYS C 483 -14.04 -25.10 50.17
N ALA C 484 -12.81 -25.09 50.70
CA ALA C 484 -11.64 -24.99 49.83
C ALA C 484 -11.53 -26.21 48.92
N PHE C 485 -11.81 -27.40 49.46
CA PHE C 485 -11.77 -28.60 48.63
C PHE C 485 -12.81 -28.56 47.53
N THR C 486 -14.02 -28.10 47.85
CA THR C 486 -15.07 -27.99 46.84
C THR C 486 -14.69 -26.97 45.77
N GLU C 487 -14.11 -25.85 46.17
CA GLU C 487 -13.68 -24.85 45.20
C GLU C 487 -12.58 -25.40 44.31
N TRP C 488 -11.64 -26.15 44.88
CA TRP C 488 -10.58 -26.75 44.07
C TRP C 488 -11.16 -27.75 43.09
N VAL C 489 -12.13 -28.56 43.53
CA VAL C 489 -12.75 -29.54 42.64
C VAL C 489 -13.47 -28.82 41.50
N VAL C 490 -14.19 -27.74 41.81
CA VAL C 490 -14.89 -27.00 40.77
C VAL C 490 -13.90 -26.40 39.77
N LYS C 491 -12.80 -25.84 40.28
CA LYS C 491 -11.78 -25.27 39.40
C LYS C 491 -11.16 -26.35 38.51
N VAL C 492 -10.90 -27.52 39.07
CA VAL C 492 -10.32 -28.61 38.28
C VAL C 492 -11.30 -29.05 37.19
N TYR C 493 -12.59 -29.15 37.54
CA TYR C 493 -13.58 -29.54 36.54
C TYR C 493 -13.67 -28.48 35.43
N THR C 494 -13.64 -27.20 35.79
CA THR C 494 -13.68 -26.15 34.78
C THR C 494 -12.45 -26.20 33.89
N SER C 495 -11.28 -26.43 34.47
CA SER C 495 -10.06 -26.54 33.68
C SER C 495 -10.12 -27.72 32.73
N ARG C 496 -10.63 -28.86 33.20
CA ARG C 496 -10.77 -30.02 32.33
C ARG C 496 -11.74 -29.75 31.19
N ARG C 497 -12.85 -29.08 31.49
CA ARG C 497 -13.80 -28.73 30.44
C ARG C 497 -13.16 -27.80 29.41
N ALA C 498 -12.39 -26.81 29.88
CA ALA C 498 -11.71 -25.91 28.97
C ALA C 498 -10.70 -26.65 28.10
N LEU C 499 -9.95 -27.58 28.70
CA LEU C 499 -8.99 -28.37 27.94
C LEU C 499 -9.70 -29.22 26.89
N ALA C 500 -10.83 -29.83 27.26
CA ALA C 500 -11.58 -30.63 26.29
C ALA C 500 -12.10 -29.75 25.15
N HIS C 501 -12.58 -28.55 25.46
CA HIS C 501 -13.05 -27.65 24.42
C HIS C 501 -11.90 -27.25 23.50
N SER C 502 -10.73 -26.97 24.07
CA SER C 502 -9.58 -26.62 23.25
C SER C 502 -9.18 -27.78 22.34
N LEU C 503 -9.18 -29.00 22.88
CA LEU C 503 -8.85 -30.16 22.06
C LEU C 503 -9.85 -30.34 20.93
N ASN C 504 -11.14 -30.16 21.23
CA ASN C 504 -12.16 -30.29 20.19
C ASN C 504 -12.00 -29.23 19.12
N ASP C 505 -11.71 -27.99 19.52
CA ASP C 505 -11.51 -26.92 18.53
C ASP C 505 -10.29 -27.21 17.66
N THR C 506 -9.20 -27.66 18.27
CA THR C 506 -8.01 -28.00 17.49
C THR C 506 -8.30 -29.14 16.53
N LYS C 507 -9.03 -30.15 16.98
CA LYS C 507 -9.37 -31.27 16.11
C LYS C 507 -10.24 -30.81 14.95
N THR C 508 -11.21 -29.93 15.22
CA THR C 508 -12.06 -29.42 14.14
C THR C 508 -11.25 -28.61 13.14
N ALA C 509 -10.34 -27.77 13.62
CA ALA C 509 -9.50 -27.00 12.70
C ALA C 509 -8.63 -27.92 11.86
N VAL C 510 -8.03 -28.94 12.49
CA VAL C 510 -7.20 -29.88 11.75
C VAL C 510 -8.04 -30.64 10.72
N LYS C 511 -9.28 -30.99 11.08
CA LYS C 511 -10.15 -31.70 10.14
C LYS C 511 -10.49 -30.82 8.95
N GLN C 512 -10.79 -29.54 9.19
CA GLN C 512 -11.09 -28.64 8.07
C GLN C 512 -9.87 -28.46 7.18
N LEU C 513 -8.69 -28.29 7.78
CA LEU C 513 -7.47 -28.20 6.99
C LEU C 513 -7.24 -29.48 6.18
N ASN C 514 -7.53 -30.63 6.80
CA ASN C 514 -7.40 -31.90 6.10
C ASN C 514 -8.34 -31.96 4.90
N LYS C 515 -9.58 -31.52 5.08
CA LYS C 515 -10.53 -31.50 3.97
C LYS C 515 -10.04 -30.61 2.84
N LEU C 516 -9.54 -29.42 3.19
CA LEU C 516 -9.05 -28.50 2.16
C LEU C 516 -7.87 -29.10 1.40
N VAL C 517 -6.86 -29.60 2.13
CA VAL C 517 -5.70 -30.15 1.47
C VAL C 517 -6.05 -31.41 0.69
N THR C 518 -7.04 -32.17 1.16
CA THR C 518 -7.48 -33.36 0.43
C THR C 518 -8.17 -32.98 -0.87
N ALA C 519 -8.96 -31.90 -0.86
CA ALA C 519 -9.55 -31.42 -2.10
C ALA C 519 -8.47 -30.96 -3.07
N ILE C 520 -7.46 -30.25 -2.55
CA ILE C 520 -6.35 -29.82 -3.40
C ILE C 520 -5.64 -31.04 -4.00
N LEU C 521 -5.40 -32.06 -3.18
CA LEU C 521 -4.75 -33.27 -3.66
C LEU C 521 -5.60 -33.97 -4.72
N MET C 522 -6.92 -34.02 -4.50
CA MET C 522 -7.79 -34.68 -5.46
C MET C 522 -7.75 -33.97 -6.80
N VAL C 523 -7.87 -32.64 -6.80
CA VAL C 523 -7.83 -31.90 -8.07
C VAL C 523 -6.47 -32.08 -8.74
N VAL C 524 -5.39 -32.03 -7.93
CA VAL C 524 -4.06 -32.18 -8.49
C VAL C 524 -3.90 -33.54 -9.16
N THR C 525 -4.38 -34.60 -8.50
CA THR C 525 -4.19 -35.94 -9.06
C THR C 525 -5.07 -36.15 -10.29
N VAL C 526 -6.29 -35.59 -10.31
CA VAL C 526 -7.10 -35.77 -11.50
C VAL C 526 -6.46 -35.05 -12.68
N VAL C 527 -5.96 -33.83 -12.47
CA VAL C 527 -5.34 -33.11 -13.58
C VAL C 527 -4.05 -33.81 -14.00
N ILE C 528 -3.31 -34.39 -13.05
CA ILE C 528 -2.10 -35.14 -13.39
C ILE C 528 -2.45 -36.33 -14.27
N TRP C 529 -3.49 -37.07 -13.89
CA TRP C 529 -3.91 -38.22 -14.69
C TRP C 529 -4.35 -37.79 -16.08
N LEU C 530 -5.11 -36.69 -16.16
CA LEU C 530 -5.55 -36.20 -17.46
C LEU C 530 -4.36 -35.82 -18.34
N LEU C 531 -3.36 -35.14 -17.75
CA LEU C 531 -2.17 -34.78 -18.51
C LEU C 531 -1.41 -36.02 -18.98
N LEU C 532 -1.27 -37.01 -18.09
CA LEU C 532 -0.54 -38.21 -18.46
C LEU C 532 -1.23 -38.95 -19.59
N LEU C 533 -2.57 -39.01 -19.54
CA LEU C 533 -3.31 -39.71 -20.59
C LEU C 533 -3.08 -39.08 -21.97
N GLU C 534 -2.74 -37.79 -22.02
CA GLU C 534 -2.41 -37.12 -23.27
C GLU C 534 -3.58 -37.20 -24.26
N VAL C 535 -4.70 -36.57 -23.86
CA VAL C 535 -5.90 -36.56 -24.68
C VAL C 535 -6.03 -35.21 -25.38
N ALA C 536 -5.60 -34.15 -24.73
CA ALA C 536 -5.70 -32.80 -25.28
C ALA C 536 -4.50 -32.48 -26.15
N THR C 537 -4.73 -31.68 -27.19
CA THR C 537 -3.68 -31.26 -28.09
C THR C 537 -2.95 -30.05 -27.53
N THR C 538 -2.13 -29.42 -28.36
CA THR C 538 -1.24 -28.37 -27.87
C THR C 538 -2.02 -27.10 -27.52
N GLU C 539 -2.66 -26.48 -28.51
CA GLU C 539 -3.25 -25.17 -28.31
C GLU C 539 -4.15 -25.14 -27.07
N VAL C 540 -5.00 -26.16 -26.91
CA VAL C 540 -5.87 -26.21 -25.75
C VAL C 540 -5.04 -26.29 -24.47
N LEU C 541 -3.87 -26.93 -24.53
CA LEU C 541 -3.05 -27.02 -23.33
C LEU C 541 -2.54 -25.65 -22.87
N LEU C 542 -2.09 -24.81 -23.80
CA LEU C 542 -1.66 -23.48 -23.42
C LEU C 542 -2.83 -22.58 -23.04
N PHE C 543 -3.99 -22.78 -23.67
CA PHE C 543 -5.17 -22.04 -23.23
C PHE C 543 -5.52 -22.40 -21.79
N PHE C 544 -5.48 -23.69 -21.46
CA PHE C 544 -5.68 -24.13 -20.08
C PHE C 544 -4.62 -23.53 -19.17
N SER C 545 -3.37 -23.47 -19.63
CA SER C 545 -2.29 -22.93 -18.81
C SER C 545 -2.53 -21.46 -18.48
N THR C 546 -2.92 -20.67 -19.47
CA THR C 546 -3.16 -19.25 -19.22
C THR C 546 -4.40 -19.05 -18.34
N GLN C 547 -5.47 -19.80 -18.59
CA GLN C 547 -6.61 -19.74 -17.68
C GLN C 547 -6.21 -20.15 -16.27
N LEU C 548 -5.26 -21.10 -16.17
CA LEU C 548 -4.84 -21.58 -14.87
C LEU C 548 -4.03 -20.54 -14.12
N VAL C 549 -3.14 -19.82 -14.82
CA VAL C 549 -2.38 -18.77 -14.14
C VAL C 549 -3.31 -17.62 -13.75
N ALA C 550 -4.28 -17.31 -14.60
CA ALA C 550 -5.28 -16.31 -14.23
C ALA C 550 -6.00 -16.69 -12.95
N LEU C 551 -6.68 -17.85 -12.96
CA LEU C 551 -7.38 -18.30 -11.77
C LEU C 551 -6.44 -18.44 -10.58
N ALA C 552 -5.17 -18.77 -10.84
CA ALA C 552 -4.21 -18.90 -9.75
C ALA C 552 -3.99 -17.57 -9.07
N PHE C 553 -3.83 -16.49 -9.85
CA PHE C 553 -3.77 -15.17 -9.24
C PHE C 553 -5.05 -14.86 -8.48
N ILE C 554 -6.21 -15.15 -9.09
CA ILE C 554 -7.49 -14.86 -8.46
C ILE C 554 -7.55 -15.47 -7.06
N ILE C 555 -7.44 -16.80 -6.98
CA ILE C 555 -7.60 -17.45 -5.67
C ILE C 555 -6.35 -17.33 -4.81
N GLY C 556 -5.20 -16.95 -5.39
CA GLY C 556 -4.04 -16.66 -4.58
C GLY C 556 -4.23 -15.41 -3.74
N SER C 557 -4.86 -14.40 -4.31
CA SER C 557 -5.16 -13.17 -3.58
C SER C 557 -5.86 -13.47 -2.25
N THR C 558 -6.47 -14.66 -2.13
CA THR C 558 -7.17 -15.07 -0.91
C THR C 558 -6.46 -16.18 -0.14
N CYS C 559 -5.89 -17.19 -0.80
CA CYS C 559 -5.20 -18.20 -0.01
C CYS C 559 -3.89 -17.67 0.55
N LYS C 560 -3.41 -16.51 0.10
CA LYS C 560 -2.33 -15.83 0.82
C LYS C 560 -2.78 -15.47 2.24
N ASN C 561 -3.96 -14.84 2.36
CA ASN C 561 -4.51 -14.54 3.67
C ASN C 561 -4.81 -15.83 4.43
N LEU C 562 -5.29 -16.86 3.73
CA LEU C 562 -5.55 -18.13 4.40
C LEU C 562 -4.28 -18.70 5.02
N PHE C 563 -3.18 -18.71 4.25
CA PHE C 563 -1.92 -19.23 4.76
C PHE C 563 -1.41 -18.39 5.92
N GLU C 564 -1.54 -17.06 5.83
CA GLU C 564 -1.16 -16.23 6.96
C GLU C 564 -1.97 -16.60 8.20
N SER C 565 -3.26 -16.84 8.04
CA SER C 565 -4.11 -17.18 9.18
C SER C 565 -3.70 -18.53 9.78
N ILE C 566 -3.41 -19.52 8.94
CA ILE C 566 -3.06 -20.85 9.47
C ILE C 566 -1.70 -20.81 10.14
N VAL C 567 -0.73 -20.09 9.56
CA VAL C 567 0.57 -19.97 10.21
C VAL C 567 0.44 -19.20 11.51
N PHE C 568 -0.53 -18.28 11.58
CA PHE C 568 -0.76 -17.55 12.83
C PHE C 568 -1.34 -18.47 13.90
N VAL C 569 -2.37 -19.23 13.55
CA VAL C 569 -3.03 -20.06 14.56
C VAL C 569 -2.13 -21.19 15.01
N PHE C 570 -1.35 -21.76 14.09
CA PHE C 570 -0.54 -22.93 14.40
C PHE C 570 0.87 -22.56 14.85
N VAL C 571 1.62 -21.86 14.01
CA VAL C 571 3.05 -21.67 14.28
C VAL C 571 3.26 -20.76 15.49
N MET C 572 2.65 -19.58 15.49
CA MET C 572 2.82 -18.69 16.64
C MET C 572 2.07 -19.20 17.85
N HIS C 573 0.87 -19.73 17.65
CA HIS C 573 0.04 -20.28 18.72
C HIS C 573 -0.04 -19.33 19.91
N PRO C 574 -0.43 -18.07 19.70
CA PRO C 574 -0.41 -17.09 20.80
C PRO C 574 -1.32 -17.46 21.96
N TYR C 575 -2.43 -18.14 21.70
CA TYR C 575 -3.42 -18.40 22.76
C TYR C 575 -4.13 -19.70 22.46
N ASP C 576 -4.85 -20.19 23.47
CA ASP C 576 -5.67 -21.39 23.37
C ASP C 576 -7.12 -21.03 23.66
N VAL C 577 -8.01 -22.01 23.46
CA VAL C 577 -9.42 -21.80 23.70
C VAL C 577 -9.67 -21.61 25.19
N GLY C 578 -10.48 -20.62 25.54
CA GLY C 578 -10.80 -20.33 26.92
C GLY C 578 -9.87 -19.35 27.59
N ASP C 579 -8.78 -18.96 26.94
CA ASP C 579 -7.85 -18.00 27.52
C ASP C 579 -8.33 -16.58 27.28
N ARG C 580 -8.15 -15.72 28.28
CA ARG C 580 -8.53 -14.32 28.18
C ARG C 580 -7.38 -13.54 27.55
N CYS C 581 -7.67 -12.82 26.48
CA CYS C 581 -6.67 -12.09 25.72
C CYS C 581 -7.14 -10.66 25.48
N VAL C 582 -6.17 -9.78 25.24
CA VAL C 582 -6.42 -8.36 24.99
C VAL C 582 -5.91 -8.04 23.60
N VAL C 583 -6.80 -7.47 22.78
CA VAL C 583 -6.46 -7.00 21.44
C VAL C 583 -6.90 -5.56 21.31
N ASP C 584 -5.99 -4.69 20.90
CA ASP C 584 -6.27 -3.26 20.76
C ASP C 584 -6.72 -2.64 22.08
N GLY C 585 -6.26 -3.20 23.20
CA GLY C 585 -6.54 -2.65 24.51
C GLY C 585 -7.86 -3.09 25.12
N VAL C 586 -8.59 -4.01 24.49
CA VAL C 586 -9.85 -4.51 25.02
C VAL C 586 -9.70 -6.00 25.26
N ALA C 587 -10.09 -6.45 26.45
CA ALA C 587 -9.98 -7.85 26.83
C ALA C 587 -11.18 -8.64 26.34
N MET C 588 -10.96 -9.94 26.12
CA MET C 588 -12.01 -10.83 25.65
C MET C 588 -11.56 -12.27 25.89
N LEU C 589 -12.46 -13.21 25.65
CA LEU C 589 -12.22 -14.62 25.89
C LEU C 589 -12.34 -15.39 24.57
N VAL C 590 -11.40 -16.30 24.33
CA VAL C 590 -11.41 -17.09 23.12
C VAL C 590 -12.58 -18.07 23.18
N GLU C 591 -13.34 -18.16 22.08
CA GLU C 591 -14.50 -19.03 22.00
C GLU C 591 -14.36 -20.11 20.94
N GLU C 592 -14.04 -19.75 19.70
CA GLU C 592 -13.96 -20.71 18.61
C GLU C 592 -12.71 -20.42 17.79
N MET C 593 -12.00 -21.48 17.41
CA MET C 593 -10.77 -21.38 16.62
C MET C 593 -11.07 -21.91 15.22
N ASN C 594 -11.20 -21.01 14.26
CA ASN C 594 -11.37 -21.37 12.86
C ASN C 594 -10.15 -20.96 12.06
N LEU C 595 -10.00 -21.57 10.88
CA LEU C 595 -8.83 -21.31 10.06
C LEU C 595 -8.79 -19.85 9.60
N LEU C 596 -9.95 -19.30 9.22
CA LEU C 596 -10.01 -17.93 8.71
C LEU C 596 -10.41 -16.91 9.77
N THR C 597 -10.98 -17.34 10.88
CA THR C 597 -11.47 -16.40 11.89
C THR C 597 -11.36 -17.04 13.27
N THR C 598 -11.43 -16.18 14.29
CA THR C 598 -11.45 -16.60 15.68
C THR C 598 -12.53 -15.80 16.40
N VAL C 599 -13.40 -16.49 17.13
CA VAL C 599 -14.53 -15.88 17.81
C VAL C 599 -14.09 -15.55 19.24
N PHE C 600 -14.38 -14.33 19.68
CA PHE C 600 -14.04 -13.87 21.01
C PHE C 600 -15.27 -13.32 21.71
N LEU C 601 -15.28 -13.43 23.03
CA LEU C 601 -16.35 -12.91 23.87
C LEU C 601 -15.81 -11.78 24.74
N LYS C 602 -16.45 -10.63 24.66
CA LYS C 602 -16.01 -9.48 25.44
C LYS C 602 -16.49 -9.60 26.88
N LEU C 603 -16.03 -8.66 27.72
CA LEU C 603 -16.43 -8.67 29.13
C LEU C 603 -17.93 -8.56 29.29
N ASN C 604 -18.61 -7.95 28.33
CA ASN C 604 -20.07 -7.83 28.35
C ASN C 604 -20.77 -8.99 27.67
N ASN C 605 -20.09 -10.13 27.53
CA ASN C 605 -20.65 -11.31 26.87
C ASN C 605 -21.11 -10.98 25.45
N GLU C 606 -20.33 -10.15 24.76
CA GLU C 606 -20.62 -9.76 23.40
C GLU C 606 -19.74 -10.57 22.45
N LYS C 607 -20.39 -11.30 21.54
CA LYS C 607 -19.64 -12.11 20.58
C LYS C 607 -18.99 -11.22 19.54
N VAL C 608 -17.76 -11.55 19.17
CA VAL C 608 -16.99 -10.79 18.19
C VAL C 608 -16.30 -11.76 17.25
N TYR C 609 -16.30 -11.43 15.96
CA TYR C 609 -15.64 -12.21 14.93
C TYR C 609 -14.46 -11.41 14.39
N TYR C 610 -13.30 -12.06 14.29
CA TYR C 610 -12.09 -11.41 13.83
C TYR C 610 -11.52 -12.18 12.64
N PRO C 611 -10.93 -11.48 11.67
CA PRO C 611 -10.16 -12.19 10.63
C PRO C 611 -8.80 -12.61 11.18
N ASN C 612 -8.48 -13.89 11.05
CA ASN C 612 -7.22 -14.40 11.58
C ASN C 612 -6.02 -13.74 10.91
N ALA C 613 -6.15 -13.36 9.64
CA ALA C 613 -5.04 -12.72 8.95
C ALA C 613 -4.71 -11.38 9.59
N VAL C 614 -5.73 -10.60 9.98
CA VAL C 614 -5.48 -9.30 10.59
C VAL C 614 -4.74 -9.46 11.91
N LEU C 615 -5.16 -10.43 12.73
CA LEU C 615 -4.53 -10.62 14.03
C LEU C 615 -3.03 -10.88 13.90
N ALA C 616 -2.59 -11.48 12.79
CA ALA C 616 -1.17 -11.72 12.60
C ALA C 616 -0.36 -10.42 12.57
N THR C 617 -1.00 -9.30 12.24
CA THR C 617 -0.32 -8.02 12.17
C THR C 617 -0.57 -7.14 13.39
N LYS C 618 -1.17 -7.69 14.45
CA LYS C 618 -1.47 -6.94 15.65
C LYS C 618 -0.90 -7.65 16.87
N PRO C 619 -0.56 -6.90 17.92
CA PRO C 619 -0.06 -7.55 19.13
C PRO C 619 -1.15 -8.33 19.85
N ILE C 620 -0.74 -9.40 20.52
CA ILE C 620 -1.64 -10.27 21.26
C ILE C 620 -1.08 -10.46 22.66
N SER C 621 -1.93 -10.29 23.68
CA SER C 621 -1.56 -10.50 25.06
C SER C 621 -2.48 -11.56 25.67
N ASN C 622 -1.90 -12.46 26.45
CA ASN C 622 -2.62 -13.59 27.03
C ASN C 622 -2.53 -13.51 28.55
N TYR C 623 -3.69 -13.46 29.21
CA TYR C 623 -3.71 -13.46 30.67
C TYR C 623 -3.42 -14.85 31.23
N PHE C 624 -3.96 -15.89 30.58
CA PHE C 624 -3.80 -17.24 31.11
C PHE C 624 -2.34 -17.66 31.15
N ARG C 625 -1.59 -17.37 30.08
CA ARG C 625 -0.19 -17.77 30.01
C ARG C 625 0.74 -16.84 30.78
N SER C 626 0.27 -15.66 31.19
CA SER C 626 1.13 -14.72 31.88
C SER C 626 1.29 -15.12 33.35
N PRO C 627 2.39 -14.72 33.99
CA PRO C 627 2.54 -14.98 35.43
C PRO C 627 1.60 -14.12 36.25
N ASN C 628 1.71 -14.19 37.58
CA ASN C 628 0.89 -13.37 38.45
C ASN C 628 1.00 -11.90 38.06
N MET C 629 -0.15 -11.25 37.89
CA MET C 629 -0.19 -9.90 37.36
C MET C 629 -0.11 -8.86 38.48
N GLY C 630 0.25 -7.63 38.09
CA GLY C 630 0.36 -6.54 39.04
C GLY C 630 -0.92 -5.74 39.15
N GLU C 631 -0.94 -4.87 40.15
CA GLU C 631 -2.08 -3.99 40.42
C GLU C 631 -1.59 -2.58 40.66
N THR C 632 -2.42 -1.61 40.29
CA THR C 632 -2.10 -0.20 40.48
C THR C 632 -3.32 0.53 41.02
N VAL C 633 -3.09 1.40 42.00
CA VAL C 633 -4.14 2.25 42.57
C VAL C 633 -3.65 3.69 42.52
N GLU C 634 -4.59 4.61 42.41
CA GLU C 634 -4.29 6.04 42.28
C GLU C 634 -5.01 6.82 43.36
N PHE C 635 -4.29 7.73 44.03
CA PHE C 635 -4.87 8.62 45.02
C PHE C 635 -3.96 9.84 45.14
N SER C 636 -4.51 10.91 45.69
CA SER C 636 -3.81 12.18 45.82
C SER C 636 -3.92 12.70 47.24
N ILE C 637 -2.90 13.43 47.67
CA ILE C 637 -2.85 14.03 48.99
C ILE C 637 -2.32 15.46 48.87
N SER C 638 -2.43 16.20 49.97
CA SER C 638 -2.00 17.59 49.98
C SER C 638 -0.47 17.68 49.96
N PHE C 639 0.02 18.82 49.46
CA PHE C 639 1.46 19.06 49.44
C PHE C 639 2.03 19.37 50.81
N SER C 640 1.17 19.74 51.77
CA SER C 640 1.61 20.06 53.12
C SER C 640 1.61 18.86 54.05
N THR C 641 1.34 17.67 53.53
CA THR C 641 1.30 16.48 54.37
C THR C 641 2.68 16.22 54.95
N PRO C 642 2.82 16.08 56.27
CA PRO C 642 4.14 15.77 56.84
C PRO C 642 4.66 14.42 56.36
N VAL C 643 5.99 14.32 56.29
CA VAL C 643 6.62 13.07 55.86
C VAL C 643 6.32 11.96 56.85
N SER C 644 6.11 12.30 58.12
CA SER C 644 5.79 11.28 59.12
C SER C 644 4.48 10.57 58.77
N LYS C 645 3.49 11.33 58.32
CA LYS C 645 2.22 10.71 57.92
C LYS C 645 2.43 9.78 56.73
N ILE C 646 3.28 10.18 55.79
CA ILE C 646 3.57 9.33 54.63
C ILE C 646 4.22 8.03 55.08
N ALA C 647 5.19 8.13 56.01
CA ALA C 647 5.84 6.93 56.52
C ALA C 647 4.85 6.03 57.24
N HIS C 648 3.96 6.62 58.03
CA HIS C 648 2.94 5.82 58.72
C HIS C 648 2.02 5.12 57.71
N LEU C 649 1.63 5.83 56.66
CA LEU C 649 0.80 5.23 55.63
C LEU C 649 1.52 4.07 54.94
N LYS C 650 2.81 4.25 54.66
CA LYS C 650 3.58 3.17 54.04
C LYS C 650 3.65 1.96 54.96
N GLU C 651 3.89 2.19 56.25
CA GLU C 651 3.95 1.08 57.19
C GLU C 651 2.61 0.36 57.28
N ARG C 652 1.51 1.11 57.32
CA ARG C 652 0.19 0.50 57.37
C ARG C 652 -0.09 -0.30 56.10
N ILE C 653 0.31 0.23 54.95
CA ILE C 653 0.11 -0.50 53.69
C ILE C 653 0.90 -1.80 53.71
N ALA C 654 2.16 -1.74 54.17
CA ALA C 654 2.96 -2.95 54.23
C ALA C 654 2.34 -3.98 55.17
N GLU C 655 1.87 -3.54 56.33
CA GLU C 655 1.25 -4.46 57.28
C GLU C 655 -0.03 -5.08 56.70
N TYR C 656 -0.86 -4.27 56.05
CA TYR C 656 -2.08 -4.78 55.46
C TYR C 656 -1.78 -5.78 54.34
N LEU C 657 -0.75 -5.50 53.53
CA LEU C 657 -0.42 -6.41 52.44
C LEU C 657 0.17 -7.71 52.95
N GLU C 658 1.02 -7.64 53.99
CA GLU C 658 1.64 -8.84 54.51
C GLU C 658 0.69 -9.67 55.37
N GLN C 659 -0.35 -9.07 55.93
CA GLN C 659 -1.33 -9.82 56.71
C GLN C 659 -2.39 -10.49 55.85
N ASN C 660 -2.36 -10.29 54.53
CA ASN C 660 -3.30 -10.92 53.60
C ASN C 660 -2.53 -11.55 52.45
N PRO C 661 -1.69 -12.54 52.75
CA PRO C 661 -0.92 -13.18 51.67
C PRO C 661 -1.79 -13.86 50.62
N GLN C 662 -2.96 -14.37 51.01
CA GLN C 662 -3.80 -15.10 50.06
C GLN C 662 -4.24 -14.22 48.89
N HIS C 663 -4.27 -12.91 49.07
CA HIS C 663 -4.71 -11.98 48.03
C HIS C 663 -3.59 -11.15 47.43
N TRP C 664 -2.67 -10.66 48.25
CA TRP C 664 -1.60 -9.77 47.79
C TRP C 664 -0.26 -10.31 48.26
N ALA C 665 0.73 -10.21 47.38
CA ALA C 665 2.08 -10.66 47.73
C ALA C 665 2.75 -9.65 48.65
N PRO C 666 3.72 -10.09 49.46
CA PRO C 666 4.40 -9.15 50.36
C PRO C 666 5.08 -8.00 49.64
N VAL C 667 5.62 -8.24 48.44
CA VAL C 667 6.37 -7.21 47.73
C VAL C 667 5.41 -6.11 47.29
N HIS C 668 5.79 -4.87 47.54
CA HIS C 668 4.98 -3.72 47.16
C HIS C 668 5.86 -2.48 47.11
N SER C 669 5.34 -1.44 46.48
CA SER C 669 6.08 -0.19 46.34
C SER C 669 5.10 0.98 46.26
N VAL C 670 5.49 2.10 46.85
CA VAL C 670 4.71 3.33 46.79
C VAL C 670 5.60 4.39 46.13
N VAL C 671 5.09 5.00 45.07
CA VAL C 671 5.87 5.92 44.24
C VAL C 671 5.10 7.22 44.07
N VAL C 672 5.84 8.33 44.13
CA VAL C 672 5.31 9.67 43.85
C VAL C 672 5.41 9.91 42.36
N LYS C 673 4.29 10.26 41.73
CA LYS C 673 4.27 10.46 40.29
C LYS C 673 4.78 11.84 39.90
N GLU C 674 4.09 12.89 40.35
CA GLU C 674 4.46 14.25 39.98
C GLU C 674 3.79 15.21 40.94
N ILE C 675 4.29 16.45 40.95
CA ILE C 675 3.83 17.49 41.86
C ILE C 675 3.09 18.54 41.04
N GLU C 676 1.85 18.84 41.43
CA GLU C 676 0.99 19.75 40.70
C GLU C 676 0.86 21.03 41.53
N ASN C 677 1.49 22.11 41.05
CA ASN C 677 1.45 23.42 41.71
C ASN C 677 1.80 23.30 43.19
N MET C 678 2.59 22.29 43.55
CA MET C 678 2.98 22.06 44.93
C MET C 678 1.80 22.21 45.89
N ASN C 679 0.63 21.74 45.45
CA ASN C 679 -0.56 21.72 46.30
C ASN C 679 -1.17 20.33 46.34
N LYS C 680 -0.99 19.58 45.26
CA LYS C 680 -1.50 18.22 45.15
C LYS C 680 -0.35 17.28 44.85
N LEU C 681 -0.26 16.18 45.60
CA LEU C 681 0.79 15.18 45.43
C LEU C 681 0.15 13.90 44.91
N LYS C 682 0.40 13.59 43.64
CA LYS C 682 -0.10 12.36 43.07
C LYS C 682 0.58 11.17 43.73
N MET C 683 -0.23 10.18 44.12
CA MET C 683 0.27 9.00 44.82
C MET C 683 -0.30 7.76 44.15
N ALA C 684 0.50 6.69 44.16
CA ALA C 684 0.08 5.42 43.58
C ALA C 684 0.68 4.27 44.37
N LEU C 685 -0.05 3.17 44.42
CA LEU C 685 0.39 1.95 45.08
C LEU C 685 0.49 0.83 44.07
N TYR C 686 1.53 0.01 44.18
CA TYR C 686 1.78 -1.09 43.27
C TYR C 686 1.86 -2.39 44.06
N SER C 687 1.12 -3.41 43.61
CA SER C 687 1.11 -4.70 44.27
C SER C 687 0.72 -5.76 43.26
N ASP C 688 1.06 -7.01 43.57
CA ASP C 688 0.80 -8.15 42.70
C ASP C 688 -0.21 -9.08 43.36
N HIS C 689 -1.18 -9.53 42.58
CA HIS C 689 -2.16 -10.49 43.07
C HIS C 689 -1.51 -11.87 43.23
N THR C 690 -2.29 -12.81 43.74
CA THR C 690 -1.90 -14.21 43.77
C THR C 690 -2.38 -14.97 42.54
N ILE C 691 -3.07 -14.30 41.62
CA ILE C 691 -3.59 -14.90 40.40
C ILE C 691 -3.40 -13.90 39.26
N THR C 692 -3.85 -14.30 38.07
CA THR C 692 -3.75 -13.45 36.89
C THR C 692 -5.06 -12.68 36.71
N PHE C 693 -5.20 -12.00 35.57
CA PHE C 693 -6.41 -11.26 35.24
C PHE C 693 -7.48 -12.13 34.61
N GLN C 694 -7.25 -13.44 34.49
CA GLN C 694 -8.26 -14.33 33.91
C GLN C 694 -9.56 -14.26 34.70
N GLU C 695 -9.47 -14.29 36.03
CA GLU C 695 -10.64 -14.16 36.90
C GLU C 695 -10.93 -12.67 37.06
N ASN C 696 -11.61 -12.12 36.04
CA ASN C 696 -11.88 -10.68 36.04
C ASN C 696 -12.73 -10.27 37.23
N ARG C 697 -13.75 -11.05 37.56
CA ARG C 697 -14.61 -10.70 38.68
C ARG C 697 -13.84 -10.71 40.00
N GLU C 698 -13.04 -11.76 40.22
CA GLU C 698 -12.25 -11.83 41.45
C GLU C 698 -11.23 -10.71 41.50
N ARG C 699 -10.59 -10.41 40.38
CA ARG C 699 -9.62 -9.32 40.34
C ARG C 699 -10.28 -7.99 40.70
N ASN C 700 -11.46 -7.73 40.12
CA ASN C 700 -12.17 -6.49 40.41
C ASN C 700 -12.58 -6.42 41.87
N LEU C 701 -13.06 -7.53 42.43
CA LEU C 701 -13.45 -7.53 43.84
C LEU C 701 -12.25 -7.27 44.75
N ARG C 702 -11.12 -7.91 44.45
CA ARG C 702 -9.92 -7.68 45.25
C ARG C 702 -9.43 -6.24 45.13
N ARG C 703 -9.48 -5.68 43.93
CA ARG C 703 -9.10 -4.28 43.75
C ARG C 703 -10.01 -3.35 44.54
N THR C 704 -11.32 -3.63 44.53
CA THR C 704 -12.25 -2.82 45.31
C THR C 704 -11.96 -2.93 46.80
N GLU C 705 -11.66 -4.14 47.27
CA GLU C 705 -11.33 -4.31 48.69
C GLU C 705 -10.08 -3.53 49.04
N LEU C 706 -9.05 -3.58 48.18
CA LEU C 706 -7.83 -2.83 48.44
C LEU C 706 -8.10 -1.34 48.44
N SER C 707 -8.93 -0.86 47.52
CA SER C 707 -9.26 0.56 47.48
C SER C 707 -9.99 0.99 48.75
N LEU C 708 -10.93 0.16 49.22
CA LEU C 708 -11.62 0.48 50.47
C LEU C 708 -10.67 0.49 51.65
N ALA C 709 -9.73 -0.46 51.69
CA ALA C 709 -8.74 -0.47 52.75
C ALA C 709 -7.89 0.79 52.72
N ILE C 710 -7.47 1.22 51.53
CA ILE C 710 -6.69 2.44 51.40
C ILE C 710 -7.50 3.64 51.87
N LYS C 711 -8.77 3.69 51.48
CA LYS C 711 -9.63 4.78 51.91
C LYS C 711 -9.72 4.85 53.43
N ARG C 712 -9.98 3.70 54.07
CA ARG C 712 -10.09 3.68 55.53
C ARG C 712 -8.78 4.12 56.17
N MET C 713 -7.65 3.58 55.68
CA MET C 713 -6.37 3.90 56.28
C MET C 713 -6.05 5.37 56.15
N LEU C 714 -6.34 5.97 54.98
CA LEU C 714 -6.15 7.39 54.81
C LEU C 714 -7.05 8.17 55.77
N GLU C 715 -8.28 7.70 55.97
CA GLU C 715 -9.20 8.39 56.86
C GLU C 715 -8.69 8.40 58.30
N ASP C 716 -8.16 7.27 58.77
CA ASP C 716 -7.67 7.22 60.14
C ASP C 716 -6.45 8.12 60.33
N LEU C 717 -5.56 8.16 59.34
CA LEU C 717 -4.34 8.96 59.45
C LEU C 717 -4.61 10.46 59.40
N HIS C 718 -5.84 10.87 59.08
CA HIS C 718 -6.21 12.29 59.06
C HIS C 718 -5.49 13.05 57.95
N ILE C 719 -5.17 12.37 56.85
CA ILE C 719 -4.58 13.02 55.70
C ILE C 719 -5.68 13.76 54.93
N ASP C 720 -5.47 15.04 54.68
CA ASP C 720 -6.48 15.90 54.08
C ASP C 720 -5.92 16.59 52.84
N TYR C 721 -6.80 16.85 51.87
CA TYR C 721 -6.47 17.58 50.66
C TYR C 721 -7.31 18.84 50.61
N THR C 722 -6.67 19.96 50.31
CA THR C 722 -7.33 21.26 50.29
C THR C 722 -7.06 21.96 48.97
N LEU C 723 -8.08 22.60 48.42
CA LEU C 723 -7.93 23.37 47.20
C LEU C 723 -7.09 24.61 47.46
N LEU C 724 -6.45 25.10 46.41
CA LEU C 724 -5.60 26.28 46.55
C LEU C 724 -6.45 27.48 46.97
N PRO C 725 -6.04 28.22 48.00
CA PRO C 725 -6.85 29.37 48.42
C PRO C 725 -6.92 30.42 47.33
N GLN C 726 -8.07 31.09 47.26
CA GLN C 726 -8.32 32.14 46.28
C GLN C 726 -8.51 33.47 46.99
N ASP C 727 -7.80 34.49 46.53
CA ASP C 727 -7.90 35.82 47.10
C ASP C 727 -8.89 36.65 46.30
N ILE C 728 -9.85 37.27 47.00
CA ILE C 728 -10.92 38.04 46.37
C ILE C 728 -10.84 39.47 46.89
N ASN C 729 -10.83 40.43 45.97
CA ASN C 729 -10.82 41.84 46.29
C ASN C 729 -12.18 42.43 45.94
N LEU C 730 -12.88 42.95 46.94
CA LEU C 730 -14.21 43.50 46.74
C LEU C 730 -14.11 44.93 46.19
N THR C 731 -15.23 45.40 45.67
CA THR C 731 -15.31 46.75 45.11
C THR C 731 -16.61 47.43 45.53
N THR D 166 36.41 -50.52 19.44
CA THR D 166 35.65 -51.77 19.18
C THR D 166 35.13 -51.80 17.76
N LEU D 167 34.00 -51.11 17.52
CA LEU D 167 33.44 -51.07 16.18
C LEU D 167 34.40 -50.39 15.20
N ALA D 168 35.01 -49.28 15.63
CA ALA D 168 35.98 -48.61 14.77
C ALA D 168 37.17 -49.49 14.48
N LEU D 169 37.64 -50.24 15.48
CA LEU D 169 38.76 -51.15 15.26
C LEU D 169 38.40 -52.23 14.24
N ILE D 170 37.17 -52.73 14.29
CA ILE D 170 36.74 -53.73 13.32
C ILE D 170 36.75 -53.14 11.91
N GLU D 171 36.26 -51.90 11.77
CA GLU D 171 36.28 -51.26 10.46
C GLU D 171 37.70 -51.05 9.96
N SER D 172 38.61 -50.64 10.85
CA SER D 172 40.01 -50.46 10.45
C SER D 172 40.62 -51.78 10.01
N ALA D 173 40.34 -52.86 10.75
CA ALA D 173 40.87 -54.16 10.36
C ALA D 173 40.32 -54.61 9.01
N PHE D 174 39.02 -54.37 8.79
CA PHE D 174 38.43 -54.72 7.50
C PHE D 174 39.05 -53.92 6.36
N PHE D 175 39.30 -52.63 6.59
CA PHE D 175 39.95 -51.81 5.57
C PHE D 175 41.37 -52.30 5.28
N VAL D 176 42.10 -52.68 6.33
CA VAL D 176 43.46 -53.19 6.15
C VAL D 176 43.41 -54.49 5.35
N VAL D 177 42.46 -55.37 5.66
CA VAL D 177 42.34 -56.64 4.93
C VAL D 177 42.01 -56.38 3.47
N ILE D 178 41.11 -55.41 3.22
CA ILE D 178 40.75 -55.08 1.84
C ILE D 178 41.95 -54.55 1.08
N LEU D 179 42.74 -53.68 1.74
CA LEU D 179 43.94 -53.15 1.08
C LEU D 179 44.94 -54.26 0.79
N SER D 180 45.12 -55.19 1.72
CA SER D 180 46.03 -56.31 1.49
C SER D 180 45.54 -57.18 0.34
N ALA D 181 44.24 -57.43 0.27
CA ALA D 181 43.70 -58.23 -0.83
C ALA D 181 43.89 -57.51 -2.16
N LEU D 182 43.69 -56.20 -2.19
CA LEU D 182 43.90 -55.44 -3.42
C LEU D 182 45.36 -55.50 -3.84
N VAL D 183 46.28 -55.37 -2.88
CA VAL D 183 47.70 -55.45 -3.20
C VAL D 183 48.05 -56.83 -3.76
N ALA D 184 47.51 -57.88 -3.15
CA ALA D 184 47.78 -59.23 -3.64
C ALA D 184 47.23 -59.41 -5.05
N SER D 185 46.02 -58.91 -5.31
CA SER D 185 45.44 -59.02 -6.64
C SER D 185 46.28 -58.26 -7.66
N LEU D 186 46.78 -57.09 -7.30
CA LEU D 186 47.64 -56.34 -8.20
C LEU D 186 48.93 -57.11 -8.47
N THR D 187 49.51 -57.74 -7.44
CA THR D 187 50.76 -58.46 -7.60
C THR D 187 50.57 -59.80 -8.30
N ILE D 188 49.44 -60.47 -8.07
CA ILE D 188 49.16 -61.79 -8.62
C ILE D 188 48.07 -61.66 -9.66
N ASN D 189 48.35 -62.12 -10.88
CA ASN D 189 47.41 -62.03 -11.99
C ASN D 189 46.42 -63.19 -12.02
N VAL D 190 46.54 -64.15 -11.10
CA VAL D 190 45.63 -65.29 -11.09
C VAL D 190 44.20 -64.82 -10.83
N LEU D 191 44.03 -63.91 -9.86
CA LEU D 191 42.69 -63.42 -9.55
C LEU D 191 42.10 -62.64 -10.71
N LYS D 192 42.94 -61.98 -11.52
CA LYS D 192 42.44 -61.19 -12.64
C LYS D 192 41.72 -62.06 -13.67
N HIS D 193 42.00 -63.37 -13.71
CA HIS D 193 41.34 -64.23 -14.68
C HIS D 193 39.84 -64.34 -14.44
N HIS D 194 39.38 -64.03 -13.23
CA HIS D 194 37.97 -64.13 -12.88
C HIS D 194 37.33 -62.75 -12.93
N THR D 195 36.16 -62.66 -13.54
CA THR D 195 35.43 -61.41 -13.66
C THR D 195 33.96 -61.64 -13.36
N PHE D 196 33.28 -60.59 -12.91
CA PHE D 196 31.86 -60.67 -12.59
C PHE D 196 31.21 -59.34 -12.89
N TRP D 197 29.92 -59.40 -13.23
CA TRP D 197 29.14 -58.19 -13.53
C TRP D 197 29.76 -57.39 -14.67
N GLY D 198 30.41 -58.07 -15.61
CA GLY D 198 31.04 -57.41 -16.72
C GLY D 198 32.36 -56.74 -16.39
N LEU D 199 32.88 -56.92 -15.18
CA LEU D 199 34.13 -56.31 -14.77
C LEU D 199 34.95 -57.35 -14.01
N GLU D 200 36.27 -57.14 -14.01
CA GLU D 200 37.16 -58.06 -13.32
C GLU D 200 36.90 -58.02 -11.82
N VAL D 201 37.05 -59.19 -11.18
CA VAL D 201 36.81 -59.28 -9.74
C VAL D 201 37.79 -58.39 -8.99
N TRP D 202 39.04 -58.32 -9.46
CA TRP D 202 40.01 -57.44 -8.82
C TRP D 202 39.55 -55.99 -8.86
N LYS D 203 38.84 -55.59 -9.92
CA LYS D 203 38.33 -54.23 -10.00
C LYS D 203 37.34 -53.95 -8.88
N TRP D 204 36.39 -54.87 -8.66
CA TRP D 204 35.41 -54.68 -7.59
C TRP D 204 36.08 -54.71 -6.21
N CYS D 205 37.04 -55.62 -6.01
CA CYS D 205 37.75 -55.67 -4.75
C CYS D 205 38.49 -54.36 -4.49
N VAL D 206 39.16 -53.84 -5.51
CA VAL D 206 39.87 -52.58 -5.36
C VAL D 206 38.90 -51.44 -5.10
N LEU D 207 37.72 -51.49 -5.71
CA LEU D 207 36.73 -50.45 -5.46
C LEU D 207 36.27 -50.46 -4.01
N VAL D 208 35.96 -51.64 -3.47
CA VAL D 208 35.52 -51.73 -2.08
C VAL D 208 36.63 -51.29 -1.14
N MET D 209 37.85 -51.78 -1.39
CA MET D 209 38.99 -51.33 -0.60
C MET D 209 39.19 -49.84 -0.72
N VAL D 210 38.88 -49.26 -1.88
CA VAL D 210 38.99 -47.82 -2.07
C VAL D 210 37.99 -47.10 -1.18
N ILE D 211 36.75 -47.60 -1.12
CA ILE D 211 35.76 -46.97 -0.25
C ILE D 211 36.24 -46.99 1.20
N PHE D 212 36.67 -48.16 1.67
CA PHE D 212 37.03 -48.29 3.09
C PHE D 212 38.29 -47.50 3.42
N SER D 213 39.34 -47.65 2.61
CA SER D 213 40.56 -46.90 2.81
C SER D 213 40.35 -45.41 2.62
N GLY D 214 39.35 -45.00 1.84
CA GLY D 214 39.06 -43.59 1.71
C GLY D 214 38.41 -43.03 2.95
N MET D 215 37.51 -43.80 3.57
CA MET D 215 36.99 -43.40 4.88
C MET D 215 38.12 -43.27 5.90
N LEU D 216 39.00 -44.28 5.94
CA LEU D 216 40.12 -44.24 6.88
C LEU D 216 41.03 -43.05 6.60
N VAL D 217 41.32 -42.79 5.32
CA VAL D 217 42.21 -41.71 4.95
C VAL D 217 41.57 -40.36 5.25
N THR D 218 40.26 -40.25 5.09
CA THR D 218 39.57 -39.02 5.45
C THR D 218 39.69 -38.75 6.94
N ASN D 219 39.49 -39.79 7.77
CA ASN D 219 39.66 -39.62 9.21
C ASN D 219 41.10 -39.21 9.54
N TRP D 220 42.07 -39.90 8.95
CA TRP D 220 43.47 -39.60 9.24
C TRP D 220 43.85 -38.19 8.78
N PHE D 221 43.34 -37.77 7.62
CA PHE D 221 43.65 -36.44 7.11
C PHE D 221 43.00 -35.37 7.97
N MET D 222 41.78 -35.61 8.46
CA MET D 222 41.17 -34.66 9.39
C MET D 222 42.02 -34.54 10.65
N ARG D 223 42.47 -35.66 11.20
CA ARG D 223 43.32 -35.61 12.38
C ARG D 223 44.62 -34.85 12.10
N LEU D 224 45.24 -35.13 10.95
CA LEU D 224 46.50 -34.47 10.61
C LEU D 224 46.30 -32.97 10.41
N ILE D 225 45.20 -32.57 9.78
CA ILE D 225 44.91 -31.16 9.58
C ILE D 225 44.70 -30.48 10.92
N VAL D 226 43.98 -31.13 11.83
CA VAL D 226 43.78 -30.56 13.16
C VAL D 226 45.12 -30.38 13.86
N PHE D 227 45.98 -31.40 13.78
CA PHE D 227 47.29 -31.30 14.43
C PHE D 227 48.12 -30.18 13.82
N LEU D 228 48.12 -30.05 12.49
CA LEU D 228 48.88 -28.99 11.84
C LEU D 228 48.35 -27.62 12.23
N ILE D 229 47.03 -27.46 12.30
CA ILE D 229 46.46 -26.19 12.72
C ILE D 229 46.87 -25.89 14.16
N GLU D 230 46.94 -26.91 15.00
CA GLU D 230 47.40 -26.72 16.36
C GLU D 230 48.84 -26.21 16.39
N THR D 231 49.70 -26.78 15.54
CA THR D 231 51.09 -26.34 15.45
C THR D 231 51.25 -25.08 14.60
N ASN D 232 50.23 -24.70 13.83
CA ASN D 232 50.32 -23.52 13.00
C ASN D 232 50.43 -22.26 13.85
N PHE D 233 51.12 -21.26 13.30
CA PHE D 233 51.29 -20.01 14.04
C PHE D 233 49.96 -19.32 14.30
N LEU D 234 49.06 -19.32 13.32
CA LEU D 234 47.77 -18.67 13.50
C LEU D 234 47.01 -19.31 14.66
N LEU D 235 46.39 -18.46 15.48
CA LEU D 235 45.64 -18.92 16.65
C LEU D 235 44.34 -18.15 16.81
N ARG D 236 43.75 -17.72 15.70
CA ARG D 236 42.50 -16.96 15.78
C ARG D 236 41.39 -17.82 16.41
N ARG D 237 40.67 -17.23 17.36
CA ARG D 237 39.60 -17.96 18.03
C ARG D 237 38.49 -18.34 17.06
N LYS D 238 38.11 -17.42 16.18
CA LYS D 238 37.05 -17.70 15.22
C LYS D 238 37.44 -18.83 14.26
N VAL D 239 38.69 -18.82 13.81
CA VAL D 239 39.15 -19.86 12.89
C VAL D 239 39.12 -21.22 13.57
N LEU D 240 39.56 -21.29 14.81
CA LEU D 240 39.55 -22.56 15.54
C LEU D 240 38.13 -23.08 15.70
N TYR D 241 37.20 -22.20 16.07
CA TYR D 241 35.81 -22.62 16.23
C TYR D 241 35.22 -23.09 14.91
N PHE D 242 35.50 -22.37 13.81
CA PHE D 242 35.01 -22.79 12.51
C PHE D 242 35.54 -24.16 12.15
N VAL D 243 36.84 -24.39 12.37
CA VAL D 243 37.45 -25.67 12.04
C VAL D 243 36.81 -26.78 12.87
N HIS D 244 36.64 -26.55 14.17
CA HIS D 244 36.04 -27.56 15.03
C HIS D 244 34.62 -27.88 14.58
N GLY D 245 33.84 -26.86 14.22
CA GLY D 245 32.48 -27.10 13.79
C GLY D 245 32.39 -27.84 12.48
N LEU D 246 33.24 -27.49 11.51
CA LEU D 246 33.14 -28.00 10.16
C LEU D 246 34.04 -29.21 9.89
N LYS D 247 34.77 -29.69 10.89
CA LYS D 247 35.65 -30.84 10.66
C LYS D 247 34.87 -32.04 10.14
N LYS D 248 33.78 -32.41 10.83
CA LYS D 248 33.02 -33.59 10.42
C LYS D 248 32.40 -33.38 9.05
N SER D 249 31.85 -32.19 8.80
CA SER D 249 31.21 -31.93 7.51
C SER D 249 32.22 -32.05 6.36
N VAL D 250 33.39 -31.42 6.51
CA VAL D 250 34.38 -31.49 5.44
C VAL D 250 34.90 -32.92 5.30
N GLN D 251 35.05 -33.65 6.41
CA GLN D 251 35.51 -35.03 6.32
C GLN D 251 34.53 -35.87 5.52
N VAL D 252 33.24 -35.76 5.82
CA VAL D 252 32.26 -36.55 5.09
C VAL D 252 32.18 -36.11 3.63
N PHE D 253 32.35 -34.81 3.37
CA PHE D 253 32.31 -34.33 2.00
C PHE D 253 33.47 -34.91 1.18
N ILE D 254 34.68 -34.90 1.75
CA ILE D 254 35.82 -35.50 1.06
C ILE D 254 35.62 -37.00 0.89
N TRP D 255 35.09 -37.66 1.91
CA TRP D 255 34.79 -39.09 1.80
C TRP D 255 33.89 -39.35 0.60
N LEU D 256 32.79 -38.61 0.49
CA LEU D 256 31.85 -38.82 -0.60
C LEU D 256 32.47 -38.48 -1.95
N CYS D 257 33.26 -37.41 -2.03
CA CYS D 257 33.83 -37.01 -3.31
C CYS D 257 34.89 -38.01 -3.78
N LEU D 258 35.73 -38.49 -2.86
CA LEU D 258 36.67 -39.54 -3.21
C LEU D 258 35.95 -40.80 -3.66
N ILE D 259 34.85 -41.16 -3.00
CA ILE D 259 34.09 -42.33 -3.44
C ILE D 259 33.55 -42.12 -4.85
N LEU D 260 33.02 -40.93 -5.12
CA LEU D 260 32.46 -40.65 -6.44
C LEU D 260 33.53 -40.73 -7.52
N VAL D 261 34.69 -40.13 -7.28
CA VAL D 261 35.74 -40.15 -8.30
C VAL D 261 36.27 -41.56 -8.49
N ALA D 262 36.38 -42.33 -7.40
CA ALA D 262 36.81 -43.72 -7.53
C ALA D 262 35.82 -44.53 -8.36
N TRP D 263 34.52 -44.33 -8.12
CA TRP D 263 33.51 -45.02 -8.93
C TRP D 263 33.62 -44.62 -10.39
N ILE D 264 33.81 -43.32 -10.65
CA ILE D 264 33.91 -42.86 -12.03
C ILE D 264 35.11 -43.48 -12.72
N LEU D 265 36.24 -43.55 -12.02
CA LEU D 265 37.46 -44.11 -12.62
C LEU D 265 37.26 -45.58 -12.98
N LEU D 266 36.60 -46.34 -12.11
CA LEU D 266 36.43 -47.77 -12.37
C LEU D 266 35.62 -48.01 -13.65
N PHE D 267 34.55 -47.25 -13.85
CA PHE D 267 33.69 -47.41 -15.01
C PHE D 267 34.00 -46.41 -16.12
N ASN D 268 35.07 -45.63 -15.97
CA ASN D 268 35.44 -44.68 -17.02
C ASN D 268 35.74 -45.38 -18.34
N HIS D 269 36.24 -46.61 -18.27
CA HIS D 269 36.55 -47.35 -19.48
C HIS D 269 35.28 -47.68 -20.25
N ASP D 270 35.40 -47.67 -21.58
CA ASP D 270 34.27 -47.96 -22.46
C ASP D 270 34.11 -49.47 -22.59
N VAL D 271 33.42 -50.04 -21.60
CA VAL D 271 33.15 -51.48 -21.55
C VAL D 271 31.64 -51.63 -21.38
N LYS D 272 30.93 -51.81 -22.50
CA LYS D 272 29.48 -51.95 -22.48
C LYS D 272 29.15 -53.42 -22.25
N ARG D 273 28.93 -53.77 -20.97
CA ARG D 273 28.59 -55.15 -20.64
C ARG D 273 27.27 -55.56 -21.28
N SER D 274 26.27 -54.67 -21.24
CA SER D 274 24.97 -54.95 -21.84
C SER D 274 24.12 -53.70 -21.83
N PRO D 275 23.13 -53.58 -22.73
CA PRO D 275 22.29 -52.37 -22.72
C PRO D 275 21.56 -52.17 -21.40
N ALA D 276 21.13 -53.24 -20.76
CA ALA D 276 20.47 -53.11 -19.46
C ALA D 276 21.43 -52.56 -18.42
N ALA D 277 22.69 -52.99 -18.44
CA ALA D 277 23.66 -52.50 -17.49
C ALA D 277 23.88 -50.99 -17.63
N THR D 278 23.79 -50.48 -18.85
CA THR D 278 24.03 -49.05 -19.07
C THR D 278 22.99 -48.21 -18.34
N LYS D 279 21.72 -48.61 -18.39
CA LYS D 279 20.67 -47.83 -17.74
C LYS D 279 20.87 -47.77 -16.23
N VAL D 280 21.17 -48.92 -15.61
CA VAL D 280 21.36 -48.95 -14.17
C VAL D 280 22.62 -48.17 -13.79
N LEU D 281 23.67 -48.25 -14.61
CA LEU D 281 24.88 -47.49 -14.34
C LEU D 281 24.59 -45.99 -14.39
N LYS D 282 23.82 -45.55 -15.40
CA LYS D 282 23.48 -44.14 -15.50
C LYS D 282 22.64 -43.70 -14.30
N CYS D 283 21.68 -44.52 -13.89
CA CYS D 283 20.86 -44.18 -12.72
C CYS D 283 21.73 -44.08 -11.47
N ILE D 284 22.67 -45.02 -11.30
CA ILE D 284 23.54 -45.00 -10.13
C ILE D 284 24.38 -43.73 -10.13
N THR D 285 24.95 -43.37 -11.29
CA THR D 285 25.77 -42.17 -11.38
C THR D 285 24.95 -40.92 -11.08
N ARG D 286 23.72 -40.86 -11.59
CA ARG D 286 22.84 -39.75 -11.26
C ARG D 286 22.60 -39.68 -9.76
N THR D 287 22.42 -40.84 -9.12
CA THR D 287 22.23 -40.85 -7.67
C THR D 287 23.47 -40.31 -6.95
N LEU D 288 24.67 -40.71 -7.39
CA LEU D 288 25.88 -40.21 -6.74
C LEU D 288 25.98 -38.70 -6.91
N ILE D 289 25.68 -38.18 -8.11
CA ILE D 289 25.76 -36.74 -8.33
C ILE D 289 24.74 -36.02 -7.45
N SER D 290 23.52 -36.57 -7.34
CA SER D 290 22.50 -35.93 -6.53
C SER D 290 22.90 -35.91 -5.06
N ILE D 291 23.45 -37.01 -4.55
CA ILE D 291 23.85 -37.03 -3.14
C ILE D 291 25.06 -36.13 -2.92
N LEU D 292 25.93 -35.98 -3.93
CA LEU D 292 27.03 -35.03 -3.81
C LEU D 292 26.51 -33.61 -3.71
N THR D 293 25.50 -33.27 -4.52
CA THR D 293 24.89 -31.96 -4.43
C THR D 293 24.24 -31.75 -3.07
N GLY D 294 23.58 -32.78 -2.56
CA GLY D 294 22.99 -32.68 -1.22
C GLY D 294 24.04 -32.47 -0.15
N ALA D 295 25.18 -33.15 -0.27
CA ALA D 295 26.27 -32.98 0.69
C ALA D 295 26.82 -31.56 0.62
N PHE D 296 26.97 -31.01 -0.58
CA PHE D 296 27.43 -29.64 -0.71
C PHE D 296 26.43 -28.67 -0.08
N PHE D 297 25.13 -28.92 -0.30
CA PHE D 297 24.11 -28.09 0.32
C PHE D 297 24.20 -28.17 1.84
N TRP D 298 24.42 -29.37 2.38
CA TRP D 298 24.58 -29.52 3.82
C TRP D 298 25.81 -28.76 4.32
N LEU D 299 26.90 -28.81 3.56
CA LEU D 299 28.11 -28.10 3.95
C LEU D 299 27.87 -26.59 4.02
N VAL D 300 27.22 -26.04 3.00
CA VAL D 300 26.95 -24.59 3.02
C VAL D 300 25.96 -24.25 4.14
N LYS D 301 25.00 -25.13 4.39
CA LYS D 301 24.05 -24.91 5.48
C LYS D 301 24.77 -24.83 6.81
N THR D 302 25.64 -25.81 7.09
CA THR D 302 26.35 -25.79 8.37
C THR D 302 27.32 -24.62 8.44
N LEU D 303 27.89 -24.20 7.30
CA LEU D 303 28.73 -23.00 7.32
C LEU D 303 27.92 -21.78 7.72
N LEU D 304 26.72 -21.62 7.15
CA LEU D 304 25.86 -20.50 7.52
C LEU D 304 25.50 -20.55 9.00
N LEU D 305 25.11 -21.73 9.48
CA LEU D 305 24.76 -21.87 10.90
C LEU D 305 25.96 -21.53 11.78
N LYS D 306 27.15 -21.96 11.39
CA LYS D 306 28.32 -21.73 12.21
C LYS D 306 28.70 -20.25 12.24
N ILE D 307 28.58 -19.56 11.10
CA ILE D 307 28.88 -18.13 11.10
C ILE D 307 27.85 -17.36 11.93
N LEU D 308 26.59 -17.78 11.86
CA LEU D 308 25.58 -17.15 12.72
C LEU D 308 25.90 -17.39 14.19
N ALA D 309 26.30 -18.61 14.54
CA ALA D 309 26.67 -18.91 15.91
C ALA D 309 27.88 -18.08 16.36
N ALA D 310 28.84 -17.90 15.46
CA ALA D 310 30.02 -17.09 15.79
C ALA D 310 29.63 -15.62 16.00
N ASN D 311 28.70 -15.12 15.20
CA ASN D 311 28.20 -13.76 15.41
C ASN D 311 27.54 -13.63 16.77
N PHE D 312 26.68 -14.60 17.12
CA PHE D 312 26.04 -14.59 18.43
C PHE D 312 27.09 -14.67 19.54
N ASN D 313 28.15 -15.46 19.31
CA ASN D 313 29.24 -15.55 20.28
C ASN D 313 29.90 -14.19 20.49
N VAL D 314 30.32 -13.56 19.39
CA VAL D 314 30.93 -12.24 19.51
C VAL D 314 29.98 -11.28 20.20
N ASN D 315 28.67 -11.50 20.05
CA ASN D 315 27.70 -10.60 20.68
C ASN D 315 27.64 -10.80 22.18
N ASN D 316 27.57 -12.05 22.65
CA ASN D 316 27.17 -12.30 24.04
C ASN D 316 28.18 -13.14 24.83
N PHE D 317 28.87 -14.06 24.17
CA PHE D 317 29.74 -15.00 24.87
C PHE D 317 30.86 -14.30 25.63
N PHE D 318 31.27 -13.11 25.21
CA PHE D 318 32.29 -12.38 25.97
C PHE D 318 31.79 -12.06 27.38
N ASP D 319 30.62 -11.45 27.47
CA ASP D 319 30.04 -11.16 28.78
C ASP D 319 29.70 -12.45 29.52
N ARG D 320 29.27 -13.48 28.79
CA ARG D 320 28.97 -14.76 29.43
C ARG D 320 30.21 -15.34 30.10
N ILE D 321 31.35 -15.31 29.41
CA ILE D 321 32.59 -15.84 29.96
C ILE D 321 33.07 -14.96 31.11
N GLN D 322 32.90 -13.64 31.00
CA GLN D 322 33.26 -12.77 32.11
C GLN D 322 32.46 -13.11 33.36
N ASP D 323 31.15 -13.31 33.20
CA ASP D 323 30.32 -13.67 34.34
C ASP D 323 30.70 -15.03 34.90
N SER D 324 31.01 -15.99 34.02
CA SER D 324 31.44 -17.31 34.49
C SER D 324 32.73 -17.22 35.29
N VAL D 325 33.69 -16.43 34.81
CA VAL D 325 34.94 -16.26 35.53
C VAL D 325 34.72 -15.59 36.87
N PHE D 326 33.85 -14.58 36.91
CA PHE D 326 33.53 -13.92 38.17
C PHE D 326 32.91 -14.91 39.15
N HIS D 327 31.98 -15.74 38.68
CA HIS D 327 31.35 -16.73 39.55
C HIS D 327 32.36 -17.74 40.05
N GLN D 328 33.26 -18.19 39.18
CA GLN D 328 34.29 -19.14 39.60
C GLN D 328 35.19 -18.52 40.67
N TYR D 329 35.59 -17.26 40.47
CA TYR D 329 36.42 -16.59 41.47
C TYR D 329 35.69 -16.45 42.79
N VAL D 330 34.39 -16.09 42.74
CA VAL D 330 33.62 -15.96 43.97
C VAL D 330 33.53 -17.30 44.69
N LEU D 331 33.27 -18.37 43.94
CA LEU D 331 33.19 -19.69 44.57
C LEU D 331 34.52 -20.10 45.18
N GLN D 332 35.62 -19.83 44.48
CA GLN D 332 36.94 -20.15 45.03
C GLN D 332 37.21 -19.37 46.31
N THR D 333 36.85 -18.08 46.31
CA THR D 333 37.04 -17.28 47.52
C THR D 333 36.20 -17.80 48.68
N LEU D 334 34.96 -18.18 48.40
CA LEU D 334 34.07 -18.70 49.43
C LEU D 334 34.36 -20.16 49.70
N ALA D 387 33.39 -24.44 22.01
CA ALA D 387 34.63 -24.41 22.77
C ALA D 387 34.37 -24.71 24.24
N TRP D 388 35.45 -24.72 25.03
CA TRP D 388 35.30 -24.99 26.46
C TRP D 388 34.45 -23.93 27.14
N THR D 389 34.67 -22.66 26.80
CA THR D 389 33.87 -21.59 27.41
C THR D 389 32.40 -21.73 27.06
N MET D 390 32.10 -22.06 25.79
CA MET D 390 30.71 -22.23 25.38
C MET D 390 30.07 -23.40 26.13
N ARG D 391 30.80 -24.51 26.27
CA ARG D 391 30.26 -25.66 27.00
C ARG D 391 30.00 -25.31 28.46
N VAL D 392 30.93 -24.58 29.08
CA VAL D 392 30.76 -24.19 30.47
C VAL D 392 29.54 -23.29 30.62
N LEU D 393 29.39 -22.32 29.71
CA LEU D 393 28.23 -21.43 29.77
C LEU D 393 26.92 -22.20 29.60
N MET D 394 26.91 -23.16 28.66
CA MET D 394 25.70 -23.95 28.46
C MET D 394 25.37 -24.77 29.70
N GLU D 395 26.40 -25.38 30.32
CA GLU D 395 26.17 -26.16 31.53
C GLU D 395 25.65 -25.28 32.66
N ALA D 396 26.20 -24.09 32.80
CA ALA D 396 25.77 -23.16 33.86
C ALA D 396 24.32 -22.75 33.65
N LEU D 432 19.95 -16.86 47.33
CA LEU D 432 19.85 -15.51 47.89
C LEU D 432 20.19 -15.53 49.37
N ALA D 433 19.24 -15.96 50.21
CA ALA D 433 19.48 -16.00 51.64
C ALA D 433 20.60 -16.98 51.99
N ALA D 434 20.62 -18.14 51.33
CA ALA D 434 21.68 -19.12 51.58
C ALA D 434 23.04 -18.57 51.19
N ALA D 435 23.11 -17.88 50.05
CA ALA D 435 24.39 -17.29 49.63
C ALA D 435 24.85 -16.23 50.63
N TYR D 436 23.94 -15.39 51.10
CA TYR D 436 24.30 -14.38 52.08
C TYR D 436 24.78 -15.01 53.38
N HIS D 437 24.10 -16.07 53.83
CA HIS D 437 24.53 -16.76 55.05
C HIS D 437 25.91 -17.38 54.87
N VAL D 438 26.17 -17.99 53.71
CA VAL D 438 27.48 -18.59 53.46
C VAL D 438 28.55 -17.51 53.46
N PHE D 439 28.28 -16.38 52.81
CA PHE D 439 29.25 -15.29 52.78
C PHE D 439 29.53 -14.76 54.18
N ARG D 440 28.48 -14.61 54.99
CA ARG D 440 28.68 -14.14 56.36
C ARG D 440 29.51 -15.13 57.16
N ASN D 441 29.24 -16.43 56.99
CA ASN D 441 30.01 -17.44 57.71
C ASN D 441 31.48 -17.39 57.32
N VAL D 442 31.76 -17.22 56.04
CA VAL D 442 33.15 -17.14 55.58
C VAL D 442 33.84 -15.93 56.20
N ALA D 443 33.16 -14.78 56.20
CA ALA D 443 33.73 -13.58 56.79
C ALA D 443 33.91 -13.77 58.29
N GLN D 444 34.98 -13.17 58.82
CA GLN D 444 35.26 -13.31 60.24
C GLN D 444 34.15 -12.65 61.06
N PRO D 445 33.78 -13.21 62.21
CA PRO D 445 32.74 -12.59 63.03
C PRO D 445 33.12 -11.17 63.44
N PHE D 446 32.11 -10.31 63.51
CA PHE D 446 32.31 -8.91 63.91
C PHE D 446 33.28 -8.21 62.97
N PHE D 447 33.14 -8.47 61.67
CA PHE D 447 33.98 -7.85 60.63
C PHE D 447 33.08 -7.54 59.45
N ASN D 448 32.56 -6.30 59.42
CA ASN D 448 31.69 -5.90 58.32
C ASN D 448 32.43 -5.91 56.99
N TYR D 449 33.66 -5.41 56.98
CA TYR D 449 34.44 -5.40 55.75
C TYR D 449 34.88 -6.80 55.36
N ILE D 450 35.16 -6.97 54.07
CA ILE D 450 35.60 -8.28 53.58
C ILE D 450 36.92 -8.64 54.24
N GLU D 451 37.02 -9.90 54.68
CA GLU D 451 38.22 -10.38 55.36
C GLU D 451 39.33 -10.57 54.34
N GLU D 452 40.40 -9.78 54.46
CA GLU D 452 41.52 -9.90 53.53
C GLU D 452 42.21 -11.25 53.69
N GLU D 453 42.35 -11.72 54.94
CA GLU D 453 43.03 -13.01 55.16
C GLU D 453 42.30 -14.15 54.47
N ASP D 454 40.97 -14.17 54.56
CA ASP D 454 40.21 -15.23 53.89
C ASP D 454 40.41 -15.19 52.39
N LEU D 455 40.36 -13.98 51.80
CA LEU D 455 40.58 -13.86 50.37
C LEU D 455 42.01 -14.25 49.99
N LEU D 456 42.99 -13.85 50.81
CA LEU D 456 44.38 -14.17 50.51
C LEU D 456 44.61 -15.67 50.52
N ARG D 457 44.03 -16.38 51.50
CA ARG D 457 44.23 -17.82 51.58
C ARG D 457 43.59 -18.54 50.40
N PHE D 458 42.53 -17.98 49.82
CA PHE D 458 41.82 -18.60 48.71
C PHE D 458 42.25 -18.07 47.35
N MET D 459 42.79 -16.85 47.28
CA MET D 459 43.20 -16.28 46.02
C MET D 459 44.28 -15.24 46.28
N ILE D 460 44.99 -14.86 45.21
CA ILE D 460 46.04 -13.87 45.33
C ILE D 460 45.45 -12.53 45.76
N LYS D 461 46.30 -11.70 46.37
CA LYS D 461 45.84 -10.38 46.81
C LYS D 461 45.39 -9.52 45.65
N GLU D 462 46.14 -9.54 44.54
CA GLU D 462 45.75 -8.76 43.38
C GLU D 462 44.42 -9.24 42.81
N GLU D 463 44.22 -10.56 42.73
CA GLU D 463 42.96 -11.09 42.23
C GLU D 463 41.81 -10.70 43.15
N VAL D 464 42.01 -10.78 44.46
CA VAL D 464 40.96 -10.40 45.40
C VAL D 464 40.62 -8.92 45.25
N ASP D 465 41.64 -8.07 45.11
CA ASP D 465 41.38 -6.64 44.94
C ASP D 465 40.62 -6.38 43.65
N LEU D 466 41.01 -7.05 42.57
CA LEU D 466 40.31 -6.87 41.30
C LEU D 466 38.85 -7.32 41.40
N VAL D 467 38.61 -8.45 42.07
CA VAL D 467 37.24 -8.94 42.23
C VAL D 467 36.42 -7.94 43.06
N PHE D 468 37.00 -7.42 44.13
CA PHE D 468 36.31 -6.47 44.99
C PHE D 468 36.14 -5.13 44.28
N THR D 481 31.52 -4.47 53.89
CA THR D 481 30.07 -4.48 53.96
C THR D 481 29.50 -5.84 53.56
N ARG D 482 29.07 -6.61 54.56
CA ARG D 482 28.51 -7.93 54.28
C ARG D 482 27.25 -7.82 53.45
N LYS D 483 26.38 -6.85 53.76
CA LYS D 483 25.17 -6.67 52.97
C LYS D 483 25.49 -6.31 51.52
N ALA D 484 26.48 -5.44 51.32
CA ALA D 484 26.87 -5.09 49.95
C ALA D 484 27.41 -6.30 49.21
N PHE D 485 28.23 -7.12 49.89
CA PHE D 485 28.75 -8.31 49.25
C PHE D 485 27.63 -9.28 48.87
N THR D 486 26.65 -9.46 49.76
CA THR D 486 25.53 -10.34 49.46
C THR D 486 24.72 -9.80 48.28
N GLU D 487 24.50 -8.49 48.24
CA GLU D 487 23.77 -7.90 47.12
C GLU D 487 24.53 -8.09 45.82
N TRP D 488 25.85 -7.90 45.85
CA TRP D 488 26.66 -8.12 44.64
C TRP D 488 26.59 -9.56 44.19
N VAL D 489 26.64 -10.51 45.14
CA VAL D 489 26.56 -11.92 44.78
C VAL D 489 25.20 -12.23 44.15
N VAL D 490 24.13 -11.68 44.73
CA VAL D 490 22.79 -11.92 44.17
C VAL D 490 22.70 -11.34 42.76
N LYS D 491 23.23 -10.13 42.56
CA LYS D 491 23.20 -9.51 41.24
C LYS D 491 24.00 -10.34 40.24
N VAL D 492 25.16 -10.85 40.65
CA VAL D 492 25.97 -11.67 39.75
C VAL D 492 25.23 -12.95 39.38
N TYR D 493 24.58 -13.57 40.36
CA TYR D 493 23.81 -14.79 40.07
C TYR D 493 22.66 -14.49 39.11
N THR D 494 21.96 -13.38 39.32
CA THR D 494 20.87 -13.01 38.42
C THR D 494 21.39 -12.75 37.01
N SER D 495 22.53 -12.06 36.90
CA SER D 495 23.11 -11.80 35.58
C SER D 495 23.51 -13.09 34.89
N ARG D 496 24.09 -14.03 35.65
CA ARG D 496 24.47 -15.32 35.07
C ARG D 496 23.24 -16.09 34.60
N ARG D 497 22.17 -16.06 35.39
CA ARG D 497 20.94 -16.73 34.99
C ARG D 497 20.38 -16.10 33.72
N ALA D 498 20.40 -14.76 33.64
CA ALA D 498 19.91 -14.09 32.44
C ALA D 498 20.76 -14.44 31.22
N LEU D 499 22.08 -14.51 31.40
CA LEU D 499 22.95 -14.88 30.29
C LEU D 499 22.68 -16.31 29.85
N ALA D 500 22.47 -17.22 30.79
CA ALA D 500 22.15 -18.61 30.44
C ALA D 500 20.83 -18.68 29.69
N HIS D 501 19.83 -17.92 30.13
CA HIS D 501 18.54 -17.90 29.44
C HIS D 501 18.70 -17.36 28.02
N SER D 502 19.49 -16.30 27.86
CA SER D 502 19.72 -15.75 26.53
C SER D 502 20.43 -16.76 25.63
N LEU D 503 21.42 -17.45 26.17
CA LEU D 503 22.11 -18.48 25.38
C LEU D 503 21.17 -19.59 24.97
N ASN D 504 20.31 -20.02 25.90
CA ASN D 504 19.36 -21.09 25.58
C ASN D 504 18.37 -20.62 24.51
N ASP D 505 17.89 -19.39 24.61
CA ASP D 505 16.96 -18.88 23.60
C ASP D 505 17.62 -18.78 22.23
N THR D 506 18.87 -18.30 22.20
CA THR D 506 19.59 -18.22 20.93
C THR D 506 19.80 -19.61 20.35
N LYS D 507 20.16 -20.58 21.19
CA LYS D 507 20.36 -21.95 20.72
C LYS D 507 19.07 -22.53 20.17
N THR D 508 17.95 -22.28 20.85
CA THR D 508 16.66 -22.78 20.36
C THR D 508 16.29 -22.15 19.02
N ALA D 509 16.51 -20.83 18.89
CA ALA D 509 16.22 -20.18 17.61
C ALA D 509 17.09 -20.73 16.50
N VAL D 510 18.38 -20.93 16.79
CA VAL D 510 19.29 -21.48 15.79
C VAL D 510 18.88 -22.90 15.42
N LYS D 511 18.43 -23.68 16.40
CA LYS D 511 17.98 -25.04 16.12
C LYS D 511 16.75 -25.05 15.24
N GLN D 512 15.78 -24.16 15.51
CA GLN D 512 14.59 -24.10 14.67
C GLN D 512 14.95 -23.66 13.25
N LEU D 513 15.84 -22.67 13.12
CA LEU D 513 16.29 -22.26 11.79
C LEU D 513 16.99 -23.41 11.08
N ASN D 514 17.79 -24.18 11.83
CA ASN D 514 18.46 -25.34 11.26
C ASN D 514 17.46 -26.36 10.75
N LYS D 515 16.41 -26.63 11.54
CA LYS D 515 15.38 -27.55 11.10
C LYS D 515 14.70 -27.07 9.82
N LEU D 516 14.37 -25.78 9.78
CA LEU D 516 13.71 -25.24 8.58
C LEU D 516 14.60 -25.37 7.35
N VAL D 517 15.86 -24.91 7.47
CA VAL D 517 16.76 -24.95 6.32
C VAL D 517 17.08 -26.40 5.94
N THR D 518 17.10 -27.31 6.92
CA THR D 518 17.33 -28.72 6.61
C THR D 518 16.16 -29.31 5.85
N ALA D 519 14.93 -28.93 6.22
CA ALA D 519 13.77 -29.38 5.45
C ALA D 519 13.83 -28.84 4.03
N ILE D 520 14.21 -27.56 3.87
CA ILE D 520 14.36 -26.99 2.54
C ILE D 520 15.41 -27.76 1.74
N LEU D 521 16.55 -28.07 2.38
CA LEU D 521 17.60 -28.82 1.71
C LEU D 521 17.12 -30.21 1.32
N MET D 522 16.37 -30.86 2.19
CA MET D 522 15.88 -32.21 1.90
C MET D 522 14.95 -32.20 0.70
N VAL D 523 13.99 -31.26 0.68
CA VAL D 523 13.08 -31.19 -0.47
C VAL D 523 13.84 -30.86 -1.74
N VAL D 524 14.81 -29.93 -1.65
CA VAL D 524 15.58 -29.55 -2.82
C VAL D 524 16.35 -30.75 -3.37
N THR D 525 16.98 -31.53 -2.48
CA THR D 525 17.78 -32.65 -2.97
C THR D 525 16.90 -33.76 -3.53
N VAL D 526 15.73 -34.02 -2.93
CA VAL D 526 14.87 -35.06 -3.50
C VAL D 526 14.39 -34.65 -4.88
N VAL D 527 14.00 -33.38 -5.05
CA VAL D 527 13.53 -32.94 -6.36
C VAL D 527 14.69 -32.95 -7.36
N ILE D 528 15.89 -32.62 -6.90
CA ILE D 528 17.06 -32.66 -7.79
C ILE D 528 17.30 -34.09 -8.26
N TRP D 529 17.25 -35.04 -7.34
CA TRP D 529 17.45 -36.44 -7.71
C TRP D 529 16.37 -36.91 -8.68
N LEU D 530 15.12 -36.52 -8.42
CA LEU D 530 14.02 -36.91 -9.32
C LEU D 530 14.25 -36.34 -10.71
N LEU D 531 14.67 -35.06 -10.80
CA LEU D 531 14.93 -34.46 -12.10
C LEU D 531 16.09 -35.16 -12.81
N LEU D 532 17.15 -35.47 -12.08
CA LEU D 532 18.30 -36.12 -12.69
C LEU D 532 17.92 -37.51 -13.22
N LEU D 533 17.10 -38.25 -12.47
CA LEU D 533 16.69 -39.57 -12.92
C LEU D 533 15.93 -39.53 -14.24
N GLU D 534 15.29 -38.40 -14.56
CA GLU D 534 14.60 -38.23 -15.83
C GLU D 534 13.54 -39.30 -16.03
N VAL D 535 12.53 -39.27 -15.15
CA VAL D 535 11.44 -40.24 -15.20
C VAL D 535 10.20 -39.58 -15.81
N ALA D 536 10.03 -38.29 -15.57
CA ALA D 536 8.86 -37.56 -16.07
C ALA D 536 9.12 -37.02 -17.46
N THR D 537 8.07 -36.97 -18.26
CA THR D 537 8.16 -36.45 -19.62
C THR D 537 8.04 -34.93 -19.61
N THR D 538 7.86 -34.35 -20.80
CA THR D 538 7.92 -32.89 -20.93
C THR D 538 6.70 -32.22 -20.31
N GLU D 539 5.51 -32.51 -20.84
CA GLU D 539 4.32 -31.76 -20.45
C GLU D 539 4.16 -31.72 -18.93
N VAL D 540 4.33 -32.88 -18.27
CA VAL D 540 4.22 -32.92 -16.82
C VAL D 540 5.27 -32.02 -16.18
N LEU D 541 6.45 -31.90 -16.81
CA LEU D 541 7.49 -31.05 -16.23
C LEU D 541 7.07 -29.59 -16.20
N LEU D 542 6.47 -29.08 -17.29
CA LEU D 542 6.02 -27.70 -17.28
C LEU D 542 4.79 -27.52 -16.40
N PHE D 543 3.93 -28.53 -16.30
CA PHE D 543 2.83 -28.43 -15.35
C PHE D 543 3.35 -28.32 -13.93
N PHE D 544 4.36 -29.13 -13.59
CA PHE D 544 5.00 -29.01 -12.29
C PHE D 544 5.65 -27.64 -12.12
N SER D 545 6.25 -27.12 -13.18
CA SER D 545 6.90 -25.81 -13.09
C SER D 545 5.89 -24.71 -12.79
N THR D 546 4.75 -24.72 -13.47
CA THR D 546 3.75 -23.68 -13.22
C THR D 546 3.12 -23.84 -11.85
N GLN D 547 2.82 -25.08 -11.43
CA GLN D 547 2.35 -25.28 -10.06
C GLN D 547 3.40 -24.81 -9.06
N LEU D 548 4.69 -24.98 -9.41
CA LEU D 548 5.76 -24.59 -8.51
C LEU D 548 5.85 -23.08 -8.38
N VAL D 549 5.72 -22.35 -9.48
CA VAL D 549 5.77 -20.90 -9.39
C VAL D 549 4.55 -20.38 -8.64
N ALA D 550 3.38 -21.01 -8.86
CA ALA D 550 2.20 -20.64 -8.09
C ALA D 550 2.45 -20.80 -6.60
N LEU D 551 2.76 -22.03 -6.17
CA LEU D 551 3.03 -22.28 -4.76
C LEU D 551 4.16 -21.40 -4.25
N ALA D 552 5.13 -21.07 -5.12
CA ALA D 552 6.24 -20.22 -4.71
C ALA D 552 5.74 -18.84 -4.34
N PHE D 553 4.85 -18.27 -5.15
CA PHE D 553 4.24 -17.00 -4.76
C PHE D 553 3.47 -17.16 -3.46
N ILE D 554 2.68 -18.23 -3.34
CA ILE D 554 1.87 -18.45 -2.15
C ILE D 554 2.74 -18.39 -0.89
N ILE D 555 3.73 -19.29 -0.79
CA ILE D 555 4.52 -19.33 0.44
C ILE D 555 5.58 -18.24 0.50
N GLY D 556 5.86 -17.56 -0.63
CA GLY D 556 6.73 -16.40 -0.58
C GLY D 556 6.08 -15.25 0.15
N SER D 557 4.78 -15.05 -0.07
CA SER D 557 4.05 -14.01 0.63
C SER D 557 4.26 -14.08 2.13
N THR D 558 4.70 -15.23 2.64
CA THR D 558 4.94 -15.44 4.07
C THR D 558 6.42 -15.58 4.42
N CYS D 559 7.22 -16.29 3.63
CA CYS D 559 8.63 -16.36 3.99
C CYS D 559 9.34 -15.04 3.74
N LYS D 560 8.73 -14.10 3.02
CA LYS D 560 9.25 -12.73 3.01
C LYS D 560 9.23 -12.15 4.43
N ASN D 561 8.08 -12.25 5.11
CA ASN D 561 8.00 -11.80 6.49
C ASN D 561 8.92 -12.62 7.38
N LEU D 562 9.03 -13.92 7.11
CA LEU D 562 9.94 -14.75 7.90
C LEU D 562 11.38 -14.24 7.78
N PHE D 563 11.83 -13.97 6.55
CA PHE D 563 13.19 -13.48 6.34
C PHE D 563 13.39 -12.13 7.00
N GLU D 564 12.39 -11.24 6.90
CA GLU D 564 12.49 -9.97 7.60
C GLU D 564 12.66 -10.18 9.09
N SER D 565 11.91 -11.12 9.67
CA SER D 565 11.99 -11.37 11.10
C SER D 565 13.37 -11.92 11.49
N ILE D 566 13.91 -12.84 10.69
CA ILE D 566 15.20 -13.44 11.05
C ILE D 566 16.32 -12.40 10.88
N VAL D 567 16.26 -11.59 9.83
CA VAL D 567 17.28 -10.55 9.67
C VAL D 567 17.15 -9.53 10.79
N PHE D 568 15.93 -9.32 11.30
CA PHE D 568 15.74 -8.41 12.43
C PHE D 568 16.37 -8.97 13.69
N VAL D 569 16.07 -10.23 14.01
CA VAL D 569 16.54 -10.81 15.28
C VAL D 569 18.05 -10.99 15.25
N PHE D 570 18.60 -11.36 14.09
CA PHE D 570 20.02 -11.68 14.00
C PHE D 570 20.87 -10.47 13.61
N VAL D 571 20.60 -9.88 12.45
CA VAL D 571 21.50 -8.87 11.90
C VAL D 571 21.48 -7.60 12.75
N MET D 572 20.30 -7.04 13.00
CA MET D 572 20.23 -5.82 13.82
C MET D 572 20.51 -6.13 15.27
N HIS D 573 19.99 -7.25 15.78
CA HIS D 573 20.21 -7.67 17.16
C HIS D 573 19.96 -6.53 18.14
N PRO D 574 18.78 -5.89 18.08
CA PRO D 574 18.55 -4.72 18.93
C PRO D 574 18.62 -5.01 20.42
N TYR D 575 18.24 -6.22 20.85
CA TYR D 575 18.14 -6.51 22.27
C TYR D 575 18.44 -8.00 22.50
N ASP D 576 18.65 -8.33 23.76
CA ASP D 576 18.87 -9.71 24.20
C ASP D 576 17.79 -10.10 25.19
N VAL D 577 17.78 -11.39 25.56
CA VAL D 577 16.79 -11.89 26.50
C VAL D 577 17.04 -11.29 27.88
N GLY D 578 15.98 -10.85 28.54
CA GLY D 578 16.07 -10.25 29.85
C GLY D 578 16.28 -8.75 29.86
N ASP D 579 16.51 -8.14 28.70
CA ASP D 579 16.70 -6.70 28.63
C ASP D 579 15.35 -5.99 28.59
N ARG D 580 15.26 -4.86 29.28
CA ARG D 580 14.04 -4.06 29.30
C ARG D 580 14.05 -3.11 28.10
N CYS D 581 12.99 -3.15 27.30
CA CYS D 581 12.90 -2.37 26.08
C CYS D 581 11.56 -1.65 26.03
N VAL D 582 11.53 -0.57 25.25
CA VAL D 582 10.34 0.25 25.08
C VAL D 582 9.95 0.21 23.61
N VAL D 583 8.70 -0.16 23.35
CA VAL D 583 8.13 -0.17 22.01
C VAL D 583 6.83 0.63 22.04
N ASP D 584 6.71 1.60 21.15
CA ASP D 584 5.53 2.46 21.08
C ASP D 584 5.30 3.21 22.39
N GLY D 585 6.38 3.49 23.12
CA GLY D 585 6.30 4.25 24.35
C GLY D 585 5.95 3.47 25.59
N VAL D 586 5.85 2.14 25.51
CA VAL D 586 5.55 1.30 26.66
C VAL D 586 6.71 0.36 26.89
N ALA D 587 7.19 0.30 28.13
CA ALA D 587 8.33 -0.53 28.49
C ALA D 587 7.88 -1.96 28.76
N MET D 588 8.81 -2.90 28.56
CA MET D 588 8.54 -4.31 28.77
C MET D 588 9.87 -5.04 28.83
N LEU D 589 9.81 -6.33 29.18
CA LEU D 589 10.99 -7.17 29.35
C LEU D 589 10.94 -8.32 28.35
N VAL D 590 12.08 -8.59 27.71
CA VAL D 590 12.17 -9.67 26.75
C VAL D 590 12.07 -11.00 27.48
N GLU D 591 11.23 -11.91 26.97
CA GLU D 591 11.01 -13.21 27.58
C GLU D 591 11.44 -14.36 26.69
N GLU D 592 10.97 -14.41 25.44
CA GLU D 592 11.26 -15.52 24.54
C GLU D 592 11.59 -14.97 23.17
N MET D 593 12.63 -15.53 22.54
CA MET D 593 13.08 -15.11 21.21
C MET D 593 12.74 -16.22 20.23
N ASN D 594 11.70 -16.00 19.43
CA ASN D 594 11.31 -16.92 18.36
C ASN D 594 11.57 -16.28 17.01
N LEU D 595 11.64 -17.12 15.98
CA LEU D 595 11.94 -16.62 14.63
C LEU D 595 10.83 -15.70 14.14
N LEU D 596 9.57 -16.06 14.39
CA LEU D 596 8.44 -15.27 13.90
C LEU D 596 7.89 -14.30 14.93
N THR D 597 8.20 -14.48 16.21
CA THR D 597 7.62 -13.64 17.26
C THR D 597 8.61 -13.51 18.40
N THR D 598 8.36 -12.50 19.24
CA THR D 598 9.12 -12.28 20.46
C THR D 598 8.15 -11.97 21.59
N VAL D 599 8.30 -12.67 22.71
CA VAL D 599 7.40 -12.54 23.85
C VAL D 599 7.98 -11.50 24.80
N PHE D 600 7.13 -10.56 25.23
CA PHE D 600 7.54 -9.50 26.14
C PHE D 600 6.62 -9.49 27.35
N LEU D 601 7.16 -9.04 28.49
CA LEU D 601 6.42 -8.89 29.72
C LEU D 601 6.34 -7.42 30.09
N LYS D 602 5.13 -6.92 30.28
CA LYS D 602 4.93 -5.52 30.63
C LYS D 602 5.21 -5.30 32.11
N LEU D 603 5.20 -4.02 32.51
CA LEU D 603 5.45 -3.68 33.91
C LEU D 603 4.46 -4.35 34.85
N ASN D 604 3.25 -4.63 34.35
CA ASN D 604 2.22 -5.30 35.14
C ASN D 604 2.29 -6.82 35.01
N ASN D 605 3.44 -7.36 34.61
CA ASN D 605 3.62 -8.80 34.43
C ASN D 605 2.59 -9.36 33.46
N GLU D 606 2.30 -8.61 32.40
CA GLU D 606 1.35 -9.01 31.38
C GLU D 606 2.12 -9.52 30.16
N LYS D 607 1.86 -10.77 29.80
CA LYS D 607 2.54 -11.36 28.64
C LYS D 607 1.99 -10.76 27.35
N VAL D 608 2.91 -10.49 26.41
CA VAL D 608 2.55 -9.90 25.13
C VAL D 608 3.30 -10.64 24.03
N TYR D 609 2.62 -10.91 22.93
CA TYR D 609 3.21 -11.54 21.76
C TYR D 609 3.25 -10.53 20.61
N TYR D 610 4.40 -10.44 19.96
CA TYR D 610 4.60 -9.49 18.89
C TYR D 610 5.06 -10.22 17.63
N PRO D 611 4.63 -9.77 16.44
CA PRO D 611 5.23 -10.30 15.20
C PRO D 611 6.60 -9.67 14.98
N ASN D 612 7.61 -10.51 14.78
CA ASN D 612 8.97 -10.01 14.60
C ASN D 612 9.07 -9.14 13.35
N ALA D 613 8.29 -9.43 12.32
CA ALA D 613 8.34 -8.63 11.10
C ALA D 613 7.91 -7.19 11.38
N VAL D 614 6.86 -7.01 12.19
CA VAL D 614 6.38 -5.66 12.49
C VAL D 614 7.45 -4.86 13.23
N LEU D 615 8.11 -5.49 14.20
CA LEU D 615 9.13 -4.77 14.97
C LEU D 615 10.23 -4.22 14.09
N ALA D 616 10.51 -4.87 12.96
CA ALA D 616 11.54 -4.37 12.06
C ALA D 616 11.20 -2.98 11.52
N THR D 617 9.92 -2.61 11.50
CA THR D 617 9.48 -1.32 10.98
C THR D 617 9.18 -0.32 12.09
N LYS D 618 9.54 -0.62 13.33
CA LYS D 618 9.27 0.25 14.47
C LYS D 618 10.55 0.51 15.24
N PRO D 619 10.66 1.66 15.89
CA PRO D 619 11.86 1.94 16.69
C PRO D 619 11.91 1.05 17.93
N ILE D 620 13.14 0.74 18.35
CA ILE D 620 13.39 -0.09 19.52
C ILE D 620 14.39 0.61 20.42
N SER D 621 14.08 0.70 21.70
CA SER D 621 14.97 1.28 22.71
C SER D 621 15.29 0.24 23.77
N ASN D 622 16.55 0.19 24.18
CA ASN D 622 17.03 -0.81 25.14
C ASN D 622 17.57 -0.10 26.36
N TYR D 623 17.02 -0.41 27.53
CA TYR D 623 17.54 0.16 28.77
C TYR D 623 18.85 -0.50 29.18
N PHE D 624 18.95 -1.82 29.00
CA PHE D 624 20.14 -2.54 29.46
C PHE D 624 21.40 -2.06 28.74
N ARG D 625 21.31 -1.86 27.41
CA ARG D 625 22.46 -1.44 26.64
C ARG D 625 22.73 0.05 26.73
N SER D 626 21.79 0.85 27.25
CA SER D 626 21.99 2.28 27.31
C SER D 626 22.89 2.66 28.49
N PRO D 627 23.58 3.80 28.42
CA PRO D 627 24.36 4.26 29.57
C PRO D 627 23.47 4.71 30.71
N ASN D 628 24.07 5.25 31.77
CA ASN D 628 23.29 5.76 32.89
C ASN D 628 22.27 6.77 32.39
N MET D 629 21.02 6.57 32.83
CA MET D 629 19.90 7.35 32.31
C MET D 629 19.67 8.60 33.14
N GLY D 630 18.96 9.57 32.53
CA GLY D 630 18.65 10.81 33.20
C GLY D 630 17.32 10.78 33.92
N GLU D 631 17.08 11.81 34.72
CA GLU D 631 15.85 11.95 35.49
C GLU D 631 15.33 13.37 35.34
N THR D 632 14.01 13.51 35.41
CA THR D 632 13.35 14.80 35.30
C THR D 632 12.26 14.91 36.35
N VAL D 633 12.19 16.07 37.00
CA VAL D 633 11.14 16.37 37.98
C VAL D 633 10.50 17.69 37.58
N GLU D 634 9.21 17.83 37.92
CA GLU D 634 8.44 19.01 37.56
C GLU D 634 7.83 19.63 38.80
N PHE D 635 7.94 20.96 38.91
CA PHE D 635 7.32 21.70 40.00
C PHE D 635 7.16 23.15 39.54
N SER D 636 6.29 23.87 40.23
CA SER D 636 5.95 25.24 39.87
C SER D 636 6.05 26.13 41.10
N ILE D 637 6.39 27.40 40.86
CA ILE D 637 6.50 28.40 41.91
C ILE D 637 5.87 29.70 41.43
N SER D 638 5.69 30.63 42.36
CA SER D 638 5.06 31.90 42.04
C SER D 638 5.99 32.78 41.21
N PHE D 639 5.39 33.70 40.45
CA PHE D 639 6.16 34.63 39.65
C PHE D 639 6.82 35.71 40.49
N SER D 640 6.37 35.91 41.73
CA SER D 640 6.92 36.93 42.61
C SER D 640 8.06 36.40 43.47
N THR D 641 8.48 35.15 43.26
CA THR D 641 9.54 34.58 44.07
C THR D 641 10.84 35.35 43.84
N PRO D 642 11.49 35.85 44.89
CA PRO D 642 12.76 36.55 44.69
C PRO D 642 13.83 35.63 44.10
N VAL D 643 14.75 36.24 43.34
CA VAL D 643 15.84 35.47 42.73
C VAL D 643 16.74 34.87 43.81
N SER D 644 16.83 35.52 44.97
CA SER D 644 17.66 34.99 46.05
C SER D 644 17.14 33.62 46.50
N LYS D 645 15.82 33.47 46.60
CA LYS D 645 15.26 32.18 46.98
C LYS D 645 15.58 31.12 45.93
N ILE D 646 15.52 31.50 44.65
CA ILE D 646 15.87 30.55 43.58
C ILE D 646 17.32 30.12 43.69
N ALA D 647 18.22 31.08 43.96
CA ALA D 647 19.63 30.74 44.12
C ALA D 647 19.84 29.82 45.32
N HIS D 648 19.14 30.09 46.43
CA HIS D 648 19.25 29.22 47.59
C HIS D 648 18.74 27.82 47.28
N LEU D 649 17.64 27.72 46.55
CA LEU D 649 17.12 26.42 46.17
C LEU D 649 18.11 25.67 45.28
N LYS D 650 18.74 26.38 44.34
CA LYS D 650 19.74 25.74 43.48
C LYS D 650 20.92 25.24 44.30
N GLU D 651 21.39 26.05 45.25
CA GLU D 651 22.50 25.63 46.09
C GLU D 651 22.13 24.41 46.93
N ARG D 652 20.93 24.40 47.49
CA ARG D 652 20.48 23.25 48.28
C ARG D 652 20.37 22.00 47.42
N ILE D 653 19.86 22.15 46.20
CA ILE D 653 19.76 21.01 45.29
C ILE D 653 21.15 20.47 44.97
N ALA D 654 22.10 21.36 44.69
CA ALA D 654 23.46 20.92 44.40
C ALA D 654 24.07 20.19 45.58
N GLU D 655 23.89 20.72 46.79
CA GLU D 655 24.43 20.08 47.99
C GLU D 655 23.79 18.71 48.21
N TYR D 656 22.47 18.61 48.05
CA TYR D 656 21.79 17.34 48.24
C TYR D 656 22.25 16.31 47.21
N LEU D 657 22.45 16.74 45.96
CA LEU D 657 22.87 15.81 44.92
C LEU D 657 24.31 15.36 45.13
N GLU D 658 25.20 16.27 45.55
CA GLU D 658 26.59 15.93 45.74
C GLU D 658 26.83 15.14 47.03
N GLN D 659 25.94 15.25 48.01
CA GLN D 659 26.08 14.49 49.24
C GLN D 659 25.52 13.08 49.12
N ASN D 660 24.92 12.72 47.97
CA ASN D 660 24.39 11.38 47.73
C ASN D 660 24.90 10.86 46.40
N PRO D 661 26.22 10.68 46.27
CA PRO D 661 26.76 10.19 45.00
C PRO D 661 26.26 8.80 44.62
N GLN D 662 25.97 7.95 45.60
CA GLN D 662 25.56 6.58 45.30
C GLN D 662 24.27 6.53 44.49
N HIS D 663 23.44 7.57 44.56
CA HIS D 663 22.16 7.62 43.86
C HIS D 663 22.13 8.59 42.70
N TRP D 664 22.71 9.78 42.86
CA TRP D 664 22.66 10.83 41.86
C TRP D 664 24.06 11.33 41.57
N ALA D 665 24.33 11.59 40.29
CA ALA D 665 25.64 12.11 39.90
C ALA D 665 25.74 13.58 40.26
N PRO D 666 26.96 14.09 40.45
CA PRO D 666 27.10 15.52 40.79
C PRO D 666 26.53 16.46 39.74
N VAL D 667 26.62 16.09 38.45
CA VAL D 667 26.17 16.97 37.39
C VAL D 667 24.66 17.11 37.45
N HIS D 668 24.17 18.34 37.37
CA HIS D 668 22.74 18.61 37.41
C HIS D 668 22.48 19.99 36.81
N SER D 669 21.22 20.23 36.49
CA SER D 669 20.83 21.51 35.89
C SER D 669 19.38 21.82 36.26
N VAL D 670 19.10 23.10 36.48
CA VAL D 670 17.76 23.59 36.75
C VAL D 670 17.41 24.58 35.66
N VAL D 671 16.27 24.35 34.98
CA VAL D 671 15.88 25.12 33.81
C VAL D 671 14.46 25.61 33.99
N VAL D 672 14.23 26.86 33.57
CA VAL D 672 12.90 27.46 33.53
C VAL D 672 12.26 27.11 32.19
N LYS D 673 11.07 26.53 32.24
CA LYS D 673 10.42 26.09 31.02
C LYS D 673 9.69 27.24 30.32
N GLU D 674 8.70 27.82 31.00
CA GLU D 674 7.91 28.88 30.40
C GLU D 674 7.18 29.63 31.50
N ILE D 675 6.70 30.82 31.16
CA ILE D 675 6.03 31.72 32.10
C ILE D 675 4.55 31.78 31.73
N GLU D 676 3.68 31.50 32.70
CA GLU D 676 2.24 31.43 32.48
C GLU D 676 1.61 32.65 33.15
N ASN D 677 1.14 33.59 32.35
CA ASN D 677 0.48 34.81 32.84
C ASN D 677 1.32 35.51 33.90
N MET D 678 2.64 35.31 33.85
CA MET D 678 3.56 35.90 34.83
C MET D 678 3.02 35.76 36.26
N ASN D 679 2.40 34.61 36.54
CA ASN D 679 1.95 34.31 37.89
C ASN D 679 2.48 32.95 38.35
N LYS D 680 2.71 32.05 37.40
CA LYS D 680 3.23 30.72 37.66
C LYS D 680 4.50 30.52 36.86
N LEU D 681 5.56 30.04 37.52
CA LEU D 681 6.85 29.78 36.90
C LEU D 681 7.09 28.28 36.88
N LYS D 682 6.99 27.69 35.69
CA LYS D 682 7.28 26.27 35.55
C LYS D 682 8.75 26.01 35.84
N MET D 683 9.02 25.00 36.67
CA MET D 683 10.38 24.66 37.07
C MET D 683 10.59 23.16 36.89
N ALA D 684 11.82 22.79 36.56
CA ALA D 684 12.17 21.39 36.37
C ALA D 684 13.62 21.17 36.79
N LEU D 685 13.89 19.97 37.31
CA LEU D 685 15.22 19.57 37.71
C LEU D 685 15.66 18.37 36.88
N TYR D 686 16.93 18.37 36.47
CA TYR D 686 17.49 17.31 35.65
C TYR D 686 18.70 16.71 36.36
N SER D 687 18.72 15.38 36.44
CA SER D 687 19.81 14.67 37.10
C SER D 687 19.89 13.26 36.52
N ASP D 688 21.05 12.64 36.69
CA ASP D 688 21.32 11.30 36.17
C ASP D 688 21.52 10.33 37.33
N HIS D 689 20.89 9.17 37.22
CA HIS D 689 21.05 8.13 38.21
C HIS D 689 22.46 7.50 38.10
N THR D 690 22.75 6.58 39.01
CA THR D 690 23.94 5.76 38.92
C THR D 690 23.69 4.45 38.19
N ILE D 691 22.46 4.22 37.73
CA ILE D 691 22.08 3.01 37.02
C ILE D 691 21.13 3.40 35.89
N THR D 692 20.67 2.40 35.15
CA THR D 692 19.75 2.61 34.05
C THR D 692 18.31 2.41 34.54
N PHE D 693 17.36 2.39 33.61
CA PHE D 693 15.96 2.17 33.92
C PHE D 693 15.60 0.69 34.02
N GLN D 694 16.58 -0.20 33.88
CA GLN D 694 16.29 -1.64 33.99
C GLN D 694 15.67 -1.97 35.34
N GLU D 695 16.24 -1.42 36.42
CA GLU D 695 15.69 -1.60 37.77
C GLU D 695 14.58 -0.58 37.96
N ASN D 696 13.40 -0.93 37.42
CA ASN D 696 12.26 0.00 37.46
C ASN D 696 11.87 0.32 38.90
N ARG D 697 11.83 -0.68 39.77
CA ARG D 697 11.43 -0.44 41.15
C ARG D 697 12.43 0.49 41.85
N GLU D 698 13.73 0.23 41.69
CA GLU D 698 14.73 1.08 42.31
C GLU D 698 14.68 2.49 41.73
N ARG D 699 14.50 2.61 40.42
CA ARG D 699 14.40 3.92 39.80
C ARG D 699 13.22 4.70 40.36
N ASN D 700 12.06 4.03 40.49
CA ASN D 700 10.88 4.70 41.02
C ASN D 700 11.09 5.12 42.47
N LEU D 701 11.71 4.25 43.27
CA LEU D 701 11.96 4.60 44.67
C LEU D 701 12.90 5.80 44.78
N ARG D 702 13.96 5.82 43.96
CA ARG D 702 14.88 6.94 43.99
C ARG D 702 14.21 8.22 43.53
N ARG D 703 13.36 8.14 42.51
CA ARG D 703 12.63 9.32 42.05
C ARG D 703 11.70 9.84 43.14
N THR D 704 11.03 8.93 43.85
CA THR D 704 10.16 9.34 44.95
C THR D 704 10.96 10.01 46.06
N GLU D 705 12.13 9.45 46.38
CA GLU D 705 12.97 10.06 47.41
C GLU D 705 13.40 11.46 46.99
N LEU D 706 13.80 11.62 45.73
CA LEU D 706 14.20 12.93 45.24
C LEU D 706 13.03 13.91 45.28
N SER D 707 11.83 13.45 44.91
CA SER D 707 10.67 14.32 44.96
C SER D 707 10.37 14.76 46.39
N LEU D 708 10.47 13.83 47.34
CA LEU D 708 10.25 14.18 48.74
C LEU D 708 11.29 15.17 49.23
N ALA D 709 12.55 14.98 48.83
CA ALA D 709 13.60 15.93 49.20
C ALA D 709 13.30 17.32 48.64
N ILE D 710 12.87 17.38 47.38
CA ILE D 710 12.53 18.67 46.77
C ILE D 710 11.37 19.31 47.51
N LYS D 711 10.36 18.51 47.86
CA LYS D 711 9.23 19.03 48.61
C LYS D 711 9.67 19.64 49.94
N ARG D 712 10.49 18.90 50.69
CA ARG D 712 10.95 19.41 51.98
C ARG D 712 11.76 20.69 51.80
N MET D 713 12.68 20.68 50.83
CA MET D 713 13.54 21.86 50.62
C MET D 713 12.71 23.08 50.24
N LEU D 714 11.72 22.90 49.37
CA LEU D 714 10.83 24.00 49.03
C LEU D 714 10.06 24.47 50.26
N GLU D 715 9.65 23.54 51.12
CA GLU D 715 8.91 23.92 52.32
C GLU D 715 9.76 24.77 53.25
N ASP D 716 11.03 24.40 53.45
CA ASP D 716 11.87 25.17 54.35
C ASP D 716 12.14 26.56 53.80
N LEU D 717 12.34 26.67 52.48
CA LEU D 717 12.65 27.97 51.88
C LEU D 717 11.47 28.92 51.88
N HIS D 718 10.27 28.46 52.23
CA HIS D 718 9.08 29.30 52.31
C HIS D 718 8.65 29.81 50.95
N ILE D 719 8.91 29.04 49.89
CA ILE D 719 8.45 29.39 48.55
C ILE D 719 6.97 29.04 48.44
N ASP D 720 6.16 30.01 48.04
CA ASP D 720 4.72 29.87 48.01
C ASP D 720 4.18 30.20 46.62
N TYR D 721 3.08 29.54 46.25
CA TYR D 721 2.38 29.77 45.01
C TYR D 721 0.97 30.24 45.32
N THR D 722 0.54 31.31 44.65
CA THR D 722 -0.76 31.92 44.89
C THR D 722 -1.52 32.06 43.59
N LEU D 723 -2.81 31.77 43.63
CA LEU D 723 -3.66 31.94 42.46
C LEU D 723 -3.84 33.42 42.15
N LEU D 724 -4.13 33.71 40.88
CA LEU D 724 -4.30 35.10 40.47
C LEU D 724 -5.49 35.71 41.20
N PRO D 725 -5.35 36.89 41.80
CA PRO D 725 -6.49 37.48 42.51
C PRO D 725 -7.63 37.80 41.55
N GLN D 726 -8.85 37.66 42.06
CA GLN D 726 -10.06 37.91 41.30
C GLN D 726 -10.81 39.09 41.91
N ASP D 727 -11.18 40.05 41.07
CA ASP D 727 -11.93 41.22 41.50
C ASP D 727 -13.42 40.98 41.31
N ILE D 728 -14.20 41.21 42.36
CA ILE D 728 -15.64 40.97 42.35
C ILE D 728 -16.35 42.28 42.65
N ASN D 729 -17.31 42.63 41.81
CA ASN D 729 -18.12 43.83 41.97
C ASN D 729 -19.53 43.40 42.36
N LEU D 730 -19.97 43.80 43.54
CA LEU D 730 -21.29 43.43 44.04
C LEU D 730 -22.36 44.32 43.43
N THR D 731 -23.60 43.87 43.56
CA THR D 731 -24.75 44.61 43.03
C THR D 731 -25.91 44.59 44.03
N THR E 166 64.39 -10.52 0.48
CA THR E 166 64.62 -11.97 0.75
C THR E 166 63.78 -12.83 -0.18
N LEU E 167 62.50 -13.01 0.17
CA LEU E 167 61.61 -13.82 -0.66
C LEU E 167 61.45 -13.18 -2.03
N ALA E 168 61.27 -11.86 -2.08
CA ALA E 168 61.14 -11.18 -3.37
C ALA E 168 62.41 -11.32 -4.19
N LEU E 169 63.58 -11.23 -3.54
CA LEU E 169 64.83 -11.39 -4.26
C LEU E 169 64.95 -12.79 -4.86
N ILE E 170 64.49 -13.81 -4.12
CA ILE E 170 64.51 -15.17 -4.65
C ILE E 170 63.63 -15.28 -5.88
N GLU E 171 62.43 -14.68 -5.82
CA GLU E 171 61.54 -14.71 -6.99
C GLU E 171 62.16 -14.00 -8.18
N SER E 172 62.81 -12.84 -7.94
CA SER E 172 63.46 -12.13 -9.03
C SER E 172 64.58 -12.96 -9.63
N ALA E 173 65.38 -13.61 -8.80
CA ALA E 173 66.45 -14.46 -9.31
C ALA E 173 65.89 -15.63 -10.12
N PHE E 174 64.80 -16.23 -9.64
CA PHE E 174 64.18 -17.32 -10.39
C PHE E 174 63.66 -16.84 -11.74
N PHE E 175 63.04 -15.65 -11.76
CA PHE E 175 62.56 -15.10 -13.03
C PHE E 175 63.71 -14.83 -13.98
N VAL E 176 64.82 -14.29 -13.47
CA VAL E 176 65.98 -14.04 -14.31
C VAL E 176 66.53 -15.34 -14.87
N VAL E 177 66.60 -16.38 -14.04
CA VAL E 177 67.09 -17.67 -14.51
C VAL E 177 66.17 -18.25 -15.58
N ILE E 178 64.86 -18.11 -15.38
CA ILE E 178 63.91 -18.60 -16.38
C ILE E 178 64.07 -17.86 -17.69
N LEU E 179 64.25 -16.53 -17.62
CA LEU E 179 64.45 -15.75 -18.84
C LEU E 179 65.73 -16.16 -19.55
N SER E 180 66.81 -16.39 -18.79
CA SER E 180 68.06 -16.82 -19.40
C SER E 180 67.90 -18.19 -20.06
N ALA E 181 67.19 -19.11 -19.39
CA ALA E 181 66.95 -20.43 -19.98
C ALA E 181 66.14 -20.32 -21.26
N LEU E 182 65.12 -19.46 -21.26
CA LEU E 182 64.32 -19.27 -22.47
C LEU E 182 65.16 -18.70 -23.60
N VAL E 183 66.03 -17.73 -23.28
CA VAL E 183 66.90 -17.16 -24.30
C VAL E 183 67.83 -18.22 -24.87
N ALA E 184 68.40 -19.05 -23.99
CA ALA E 184 69.30 -20.11 -24.46
C ALA E 184 68.55 -21.10 -25.34
N SER E 185 67.33 -21.47 -24.95
CA SER E 185 66.54 -22.39 -25.76
C SER E 185 66.22 -21.79 -27.12
N LEU E 186 65.90 -20.50 -27.16
CA LEU E 186 65.65 -19.84 -28.43
C LEU E 186 66.90 -19.82 -29.30
N THR E 187 68.07 -19.58 -28.69
CA THR E 187 69.31 -19.52 -29.44
C THR E 187 69.83 -20.90 -29.83
N ILE E 188 69.61 -21.91 -28.99
CA ILE E 188 70.11 -23.26 -29.23
C ILE E 188 68.91 -24.16 -29.53
N ASN E 189 68.96 -24.83 -30.68
CA ASN E 189 67.89 -25.71 -31.12
C ASN E 189 68.00 -27.12 -30.53
N VAL E 190 69.05 -27.41 -29.76
CA VAL E 190 69.20 -28.74 -29.19
C VAL E 190 68.05 -29.05 -28.25
N LEU E 191 67.68 -28.08 -27.40
CA LEU E 191 66.60 -28.30 -26.45
C LEU E 191 65.26 -28.50 -27.18
N LYS E 192 65.10 -27.88 -28.34
CA LYS E 192 63.85 -28.01 -29.07
C LYS E 192 63.57 -29.45 -29.50
N HIS E 193 64.60 -30.28 -29.60
CA HIS E 193 64.40 -31.67 -30.01
C HIS E 193 63.58 -32.45 -29.00
N HIS E 194 63.50 -31.99 -27.75
CA HIS E 194 62.77 -32.68 -26.70
C HIS E 194 61.42 -32.01 -26.50
N THR E 195 60.36 -32.82 -26.40
CA THR E 195 59.01 -32.31 -26.20
C THR E 195 58.31 -33.16 -25.15
N PHE E 196 57.34 -32.56 -24.47
CA PHE E 196 56.57 -33.25 -23.44
C PHE E 196 55.15 -32.72 -23.44
N TRP E 197 54.21 -33.59 -23.04
CA TRP E 197 52.80 -33.23 -22.95
C TRP E 197 52.26 -32.75 -24.30
N GLY E 198 52.81 -33.29 -25.39
CA GLY E 198 52.38 -32.89 -26.72
C GLY E 198 52.91 -31.55 -27.19
N LEU E 199 53.81 -30.94 -26.42
CA LEU E 199 54.38 -29.64 -26.79
C LEU E 199 55.88 -29.67 -26.51
N GLU E 200 56.61 -28.82 -27.23
CA GLU E 200 58.06 -28.75 -27.06
C GLU E 200 58.41 -28.27 -25.65
N VAL E 201 59.50 -28.81 -25.11
CA VAL E 201 59.93 -28.43 -23.77
C VAL E 201 60.25 -26.94 -23.71
N TRP E 202 60.85 -26.41 -24.78
CA TRP E 202 61.14 -24.98 -24.82
C TRP E 202 59.86 -24.17 -24.71
N LYS E 203 58.75 -24.67 -25.25
CA LYS E 203 57.48 -23.96 -25.14
C LYS E 203 57.05 -23.83 -23.68
N TRP E 204 57.12 -24.93 -22.93
CA TRP E 204 56.73 -24.89 -21.52
C TRP E 204 57.69 -24.01 -20.72
N CYS E 205 58.98 -24.10 -20.99
CA CYS E 205 59.94 -23.26 -20.29
C CYS E 205 59.66 -21.78 -20.56
N VAL E 206 59.39 -21.43 -21.82
CA VAL E 206 59.07 -20.05 -22.16
C VAL E 206 57.78 -19.62 -21.49
N LEU E 207 56.81 -20.54 -21.37
CA LEU E 207 55.56 -20.19 -20.71
C LEU E 207 55.79 -19.86 -19.24
N VAL E 208 56.57 -20.69 -18.54
CA VAL E 208 56.84 -20.45 -17.13
C VAL E 208 57.62 -19.16 -16.95
N MET E 209 58.65 -18.97 -17.78
CA MET E 209 59.39 -17.70 -17.75
C MET E 209 58.48 -16.53 -18.07
N VAL E 210 57.47 -16.74 -18.92
CA VAL E 210 56.53 -15.67 -19.23
C VAL E 210 55.73 -15.31 -18.00
N ILE E 211 55.25 -16.32 -17.26
CA ILE E 211 54.50 -16.04 -16.03
C ILE E 211 55.36 -15.22 -15.07
N PHE E 212 56.58 -15.68 -14.81
CA PHE E 212 57.42 -15.02 -13.80
C PHE E 212 57.83 -13.63 -14.25
N SER E 213 58.34 -13.51 -15.48
CA SER E 213 58.72 -12.21 -16.01
C SER E 213 57.52 -11.28 -16.16
N GLY E 214 56.31 -11.82 -16.32
CA GLY E 214 55.14 -10.97 -16.36
C GLY E 214 54.79 -10.41 -15.01
N MET E 215 54.94 -11.22 -13.96
CA MET E 215 54.79 -10.67 -12.61
C MET E 215 55.82 -9.57 -12.36
N LEU E 216 57.08 -9.84 -12.71
CA LEU E 216 58.13 -8.85 -12.53
C LEU E 216 57.85 -7.58 -13.32
N VAL E 217 57.40 -7.74 -14.58
CA VAL E 217 57.14 -6.59 -15.44
C VAL E 217 55.93 -5.82 -14.93
N THR E 218 54.93 -6.50 -14.38
CA THR E 218 53.80 -5.80 -13.79
C THR E 218 54.24 -4.95 -12.62
N ASN E 219 55.09 -5.50 -11.75
CA ASN E 219 55.61 -4.71 -10.63
C ASN E 219 56.39 -3.51 -11.14
N TRP E 220 57.28 -3.73 -12.11
CA TRP E 220 58.11 -2.65 -12.64
C TRP E 220 57.26 -1.58 -13.32
N PHE E 221 56.23 -2.00 -14.05
CA PHE E 221 55.36 -1.04 -14.74
C PHE E 221 54.53 -0.25 -13.74
N MET E 222 54.07 -0.88 -12.66
CA MET E 222 53.38 -0.14 -11.62
C MET E 222 54.31 0.92 -11.01
N ARG E 223 55.55 0.53 -10.71
CA ARG E 223 56.51 1.49 -10.17
C ARG E 223 56.76 2.64 -11.15
N LEU E 224 56.93 2.31 -12.43
CA LEU E 224 57.20 3.34 -13.44
C LEU E 224 56.00 4.27 -13.60
N ILE E 225 54.78 3.73 -13.58
CA ILE E 225 53.59 4.55 -13.69
C ILE E 225 53.48 5.48 -12.49
N VAL E 226 53.76 4.97 -11.29
CA VAL E 226 53.74 5.81 -10.10
C VAL E 226 54.75 6.94 -10.24
N PHE E 227 55.96 6.61 -10.70
CA PHE E 227 56.99 7.64 -10.85
C PHE E 227 56.57 8.68 -11.89
N LEU E 228 56.01 8.25 -13.01
CA LEU E 228 55.58 9.18 -14.03
C LEU E 228 54.46 10.09 -13.52
N ILE E 229 53.51 9.53 -12.78
CA ILE E 229 52.44 10.33 -12.20
C ILE E 229 53.03 11.35 -11.23
N GLU E 230 54.06 10.95 -10.48
CA GLU E 230 54.73 11.90 -9.59
C GLU E 230 55.34 13.05 -10.37
N THR E 231 55.98 12.75 -11.50
CA THR E 231 56.57 13.78 -12.35
C THR E 231 55.54 14.46 -13.23
N ASN E 232 54.34 13.90 -13.36
CA ASN E 232 53.31 14.49 -14.20
C ASN E 232 52.85 15.83 -13.62
N PHE E 233 52.45 16.73 -14.52
CA PHE E 233 52.00 18.05 -14.08
C PHE E 233 50.76 17.96 -13.20
N LEU E 234 49.82 17.09 -13.55
CA LEU E 234 48.60 16.95 -12.75
C LEU E 234 48.95 16.53 -11.33
N LEU E 235 48.28 17.17 -10.36
CA LEU E 235 48.51 16.88 -8.94
C LEU E 235 47.21 16.83 -8.17
N ARG E 236 46.13 16.38 -8.81
CA ARG E 236 44.84 16.32 -8.14
C ARG E 236 44.91 15.35 -6.97
N ARG E 237 44.38 15.77 -5.82
CA ARG E 237 44.41 14.92 -4.63
C ARG E 237 43.58 13.66 -4.84
N LYS E 238 42.40 13.79 -5.44
CA LYS E 238 41.55 12.63 -5.66
C LYS E 238 42.20 11.62 -6.60
N VAL E 239 42.86 12.12 -7.65
CA VAL E 239 43.51 11.22 -8.60
C VAL E 239 44.63 10.45 -7.92
N LEU E 240 45.43 11.13 -7.10
CA LEU E 240 46.52 10.47 -6.39
C LEU E 240 45.99 9.39 -5.46
N TYR E 241 44.92 9.69 -4.72
CA TYR E 241 44.35 8.71 -3.81
C TYR E 241 43.80 7.51 -4.58
N PHE E 242 43.12 7.77 -5.71
CA PHE E 242 42.60 6.67 -6.51
C PHE E 242 43.73 5.79 -7.01
N VAL E 243 44.82 6.41 -7.49
CA VAL E 243 45.94 5.64 -8.01
C VAL E 243 46.55 4.80 -6.90
N HIS E 244 46.76 5.40 -5.73
CA HIS E 244 47.34 4.66 -4.61
C HIS E 244 46.47 3.48 -4.21
N GLY E 245 45.15 3.69 -4.18
CA GLY E 245 44.25 2.61 -3.80
C GLY E 245 44.20 1.49 -4.81
N LEU E 246 44.19 1.83 -6.10
CA LEU E 246 43.98 0.85 -7.15
C LEU E 246 45.27 0.32 -7.77
N LYS E 247 46.43 0.75 -7.29
CA LYS E 247 47.68 0.27 -7.86
C LYS E 247 47.78 -1.25 -7.81
N LYS E 248 47.55 -1.83 -6.62
CA LYS E 248 47.69 -3.28 -6.48
C LYS E 248 46.65 -4.01 -7.32
N SER E 249 45.41 -3.50 -7.33
CA SER E 249 44.35 -4.16 -8.10
C SER E 249 44.68 -4.17 -9.59
N VAL E 250 45.09 -3.02 -10.13
CA VAL E 250 45.40 -2.97 -11.55
C VAL E 250 46.63 -3.82 -11.85
N GLN E 251 47.61 -3.84 -10.95
CA GLN E 251 48.80 -4.65 -11.17
C GLN E 251 48.43 -6.13 -11.27
N VAL E 252 47.61 -6.61 -10.34
CA VAL E 252 47.23 -8.02 -10.38
C VAL E 252 46.37 -8.30 -11.60
N PHE E 253 45.51 -7.35 -11.99
CA PHE E 253 44.68 -7.55 -13.17
C PHE E 253 45.53 -7.69 -14.43
N ILE E 254 46.53 -6.82 -14.59
CA ILE E 254 47.42 -6.92 -15.75
C ILE E 254 48.22 -8.22 -15.68
N TRP E 255 48.68 -8.59 -14.50
CA TRP E 255 49.38 -9.86 -14.33
C TRP E 255 48.53 -11.01 -14.85
N LEU E 256 47.28 -11.10 -14.40
CA LEU E 256 46.40 -12.19 -14.80
C LEU E 256 46.11 -12.14 -16.30
N CYS E 257 45.88 -10.95 -16.86
CA CYS E 257 45.53 -10.85 -18.28
C CYS E 257 46.72 -11.22 -19.16
N LEU E 258 47.92 -10.77 -18.80
CA LEU E 258 49.12 -11.19 -19.52
C LEU E 258 49.30 -12.69 -19.44
N ILE E 259 49.07 -13.28 -18.27
CA ILE E 259 49.18 -14.74 -18.16
C ILE E 259 48.18 -15.43 -19.08
N LEU E 260 46.94 -14.93 -19.11
CA LEU E 260 45.91 -15.55 -19.93
C LEU E 260 46.28 -15.46 -21.41
N VAL E 261 46.73 -14.30 -21.87
CA VAL E 261 47.07 -14.16 -23.28
C VAL E 261 48.28 -15.00 -23.63
N ALA E 262 49.26 -15.09 -22.72
CA ALA E 262 50.42 -15.94 -22.96
C ALA E 262 50.01 -17.40 -23.08
N TRP E 263 49.10 -17.86 -22.20
CA TRP E 263 48.61 -19.23 -22.30
C TRP E 263 47.88 -19.45 -23.62
N ILE E 264 47.05 -18.49 -24.03
CA ILE E 264 46.31 -18.64 -25.27
C ILE E 264 47.27 -18.73 -26.45
N LEU E 265 48.31 -17.90 -26.46
CA LEU E 265 49.26 -17.91 -27.57
C LEU E 265 49.98 -19.26 -27.67
N LEU E 266 50.36 -19.84 -26.54
CA LEU E 266 51.10 -21.10 -26.56
C LEU E 266 50.27 -22.21 -27.21
N PHE E 267 48.99 -22.30 -26.85
CA PHE E 267 48.10 -23.33 -27.36
C PHE E 267 47.26 -22.86 -28.53
N ASN E 268 47.50 -21.64 -29.03
CA ASN E 268 46.73 -21.16 -30.17
C ASN E 268 46.92 -22.05 -31.40
N HIS E 269 48.08 -22.67 -31.53
CA HIS E 269 48.34 -23.54 -32.66
C HIS E 269 47.44 -24.76 -32.62
N ASP E 270 47.04 -25.23 -33.80
CA ASP E 270 46.16 -26.39 -33.93
C ASP E 270 47.01 -27.66 -33.84
N VAL E 271 47.30 -28.06 -32.60
CA VAL E 271 48.10 -29.26 -32.32
C VAL E 271 47.26 -30.11 -31.37
N LYS E 272 46.51 -31.06 -31.91
CA LYS E 272 45.65 -31.94 -31.12
C LYS E 272 46.50 -33.12 -30.64
N ARG E 273 47.04 -32.99 -29.43
CA ARG E 273 47.86 -34.07 -28.87
C ARG E 273 47.02 -35.34 -28.68
N SER E 274 45.81 -35.19 -28.18
CA SER E 274 44.92 -36.33 -27.97
C SER E 274 43.53 -35.85 -27.59
N PRO E 275 42.48 -36.64 -27.84
CA PRO E 275 41.13 -36.19 -27.47
C PRO E 275 40.99 -35.90 -25.98
N ALA E 276 41.65 -36.68 -25.13
CA ALA E 276 41.60 -36.42 -23.70
C ALA E 276 42.24 -35.08 -23.36
N ALA E 277 43.35 -34.74 -24.02
CA ALA E 277 44.00 -33.47 -23.77
C ALA E 277 43.10 -32.29 -24.10
N THR E 278 42.26 -32.44 -25.13
CA THR E 278 41.39 -31.33 -25.54
C THR E 278 40.41 -30.96 -24.43
N LYS E 279 39.82 -31.97 -23.76
CA LYS E 279 38.85 -31.69 -22.71
C LYS E 279 39.50 -30.94 -21.55
N VAL E 280 40.66 -31.40 -21.11
CA VAL E 280 41.34 -30.74 -19.99
C VAL E 280 41.79 -29.33 -20.39
N LEU E 281 42.24 -29.17 -21.64
CA LEU E 281 42.61 -27.83 -22.10
C LEU E 281 41.41 -26.89 -22.10
N LYS E 282 40.26 -27.38 -22.56
CA LYS E 282 39.06 -26.55 -22.56
C LYS E 282 38.65 -26.18 -21.14
N CYS E 283 38.71 -27.15 -20.22
CA CYS E 283 38.38 -26.86 -18.83
C CYS E 283 39.33 -25.83 -18.23
N ILE E 284 40.63 -25.97 -18.53
CA ILE E 284 41.60 -25.01 -18.01
C ILE E 284 41.32 -23.62 -18.55
N THR E 285 41.04 -23.52 -19.85
CA THR E 285 40.75 -22.22 -20.44
C THR E 285 39.50 -21.60 -19.83
N ARG E 286 38.47 -22.42 -19.61
CA ARG E 286 37.27 -21.93 -18.94
C ARG E 286 37.60 -21.41 -17.56
N THR E 287 38.49 -22.11 -16.84
CA THR E 287 38.89 -21.65 -15.51
C THR E 287 39.60 -20.30 -15.60
N LEU E 288 40.50 -20.13 -16.58
CA LEU E 288 41.19 -18.85 -16.72
C LEU E 288 40.20 -17.74 -17.02
N ILE E 289 39.23 -17.99 -17.90
CA ILE E 289 38.25 -16.97 -18.22
C ILE E 289 37.42 -16.62 -16.99
N SER E 290 37.02 -17.63 -16.22
CA SER E 290 36.22 -17.38 -15.03
C SER E 290 37.00 -16.56 -14.01
N ILE E 291 38.27 -16.90 -13.79
CA ILE E 291 39.06 -16.14 -12.82
C ILE E 291 39.33 -14.73 -13.33
N LEU E 292 39.45 -14.56 -14.65
CA LEU E 292 39.58 -13.21 -15.21
C LEU E 292 38.33 -12.39 -14.94
N THR E 293 37.16 -12.99 -15.12
CA THR E 293 35.91 -12.31 -14.81
C THR E 293 35.84 -11.95 -13.33
N GLY E 294 36.27 -12.87 -12.47
CA GLY E 294 36.30 -12.58 -11.04
C GLY E 294 37.24 -11.44 -10.70
N ALA E 295 38.40 -11.39 -11.37
CA ALA E 295 39.34 -10.30 -11.15
C ALA E 295 38.75 -8.97 -11.60
N PHE E 296 38.04 -8.96 -12.73
CA PHE E 296 37.38 -7.73 -13.18
C PHE E 296 36.31 -7.30 -12.18
N PHE E 297 35.55 -8.26 -11.66
CA PHE E 297 34.56 -7.94 -10.64
C PHE E 297 35.21 -7.36 -9.40
N TRP E 298 36.35 -7.92 -8.99
CA TRP E 298 37.07 -7.38 -7.84
C TRP E 298 37.55 -5.96 -8.13
N LEU E 299 38.03 -5.70 -9.35
CA LEU E 299 38.50 -4.37 -9.71
C LEU E 299 37.37 -3.36 -9.61
N VAL E 300 36.20 -3.69 -10.17
CA VAL E 300 35.08 -2.75 -10.11
C VAL E 300 34.60 -2.58 -8.67
N LYS E 301 34.65 -3.66 -7.87
CA LYS E 301 34.27 -3.56 -6.47
C LYS E 301 35.17 -2.59 -5.74
N THR E 302 36.49 -2.74 -5.90
CA THR E 302 37.41 -1.84 -5.20
C THR E 302 37.30 -0.42 -5.73
N LEU E 303 36.98 -0.25 -7.02
CA LEU E 303 36.74 1.09 -7.54
C LEU E 303 35.54 1.73 -6.86
N LEU E 304 34.45 0.98 -6.71
CA LEU E 304 33.27 1.51 -6.02
C LEU E 304 33.60 1.86 -4.57
N LEU E 305 34.30 0.96 -3.88
CA LEU E 305 34.68 1.24 -2.49
C LEU E 305 35.55 2.48 -2.40
N LYS E 306 36.48 2.64 -3.34
CA LYS E 306 37.40 3.77 -3.29
C LYS E 306 36.68 5.09 -3.56
N ILE E 307 35.72 5.08 -4.50
CA ILE E 307 34.98 6.31 -4.77
C ILE E 307 34.09 6.66 -3.57
N LEU E 308 33.51 5.65 -2.92
CA LEU E 308 32.74 5.92 -1.71
C LEU E 308 33.64 6.50 -0.62
N ALA E 309 34.84 5.95 -0.46
CA ALA E 309 35.78 6.46 0.53
C ALA E 309 36.18 7.90 0.20
N ALA E 310 36.37 8.20 -1.09
CA ALA E 310 36.72 9.56 -1.48
C ALA E 310 35.58 10.53 -1.20
N ASN E 311 34.34 10.08 -1.41
CA ASN E 311 33.19 10.92 -1.06
C ASN E 311 33.16 11.20 0.43
N PHE E 312 33.37 10.16 1.25
CA PHE E 312 33.42 10.35 2.69
C PHE E 312 34.56 11.28 3.08
N ASN E 313 35.69 11.18 2.37
CA ASN E 313 36.81 12.07 2.63
C ASN E 313 36.43 13.52 2.35
N VAL E 314 35.90 13.79 1.16
CA VAL E 314 35.45 15.14 0.84
C VAL E 314 34.44 15.63 1.86
N ASN E 315 33.68 14.70 2.45
CA ASN E 315 32.67 15.10 3.43
C ASN E 315 33.31 15.52 4.75
N ASN E 316 34.25 14.73 5.27
CA ASN E 316 34.67 14.89 6.67
C ASN E 316 36.17 15.12 6.86
N PHE E 317 36.99 14.53 5.99
CA PHE E 317 38.43 14.57 6.19
C PHE E 317 38.98 15.99 6.19
N PHE E 318 38.31 16.94 5.54
CA PHE E 318 38.77 18.33 5.58
C PHE E 318 38.74 18.86 7.02
N ASP E 319 37.60 18.72 7.68
CA ASP E 319 37.50 19.15 9.07
C ASP E 319 38.40 18.31 9.96
N ARG E 320 38.53 17.01 9.64
CA ARG E 320 39.41 16.15 10.43
C ARG E 320 40.86 16.65 10.38
N ILE E 321 41.33 17.01 9.18
CA ILE E 321 42.70 17.49 9.03
C ILE E 321 42.85 18.86 9.68
N GLN E 322 41.82 19.71 9.59
CA GLN E 322 41.88 21.00 10.27
C GLN E 322 42.03 20.81 11.78
N ASP E 323 41.24 19.89 12.35
CA ASP E 323 41.35 19.63 13.79
C ASP E 323 42.71 19.05 14.14
N SER E 324 43.23 18.15 13.30
CA SER E 324 44.54 17.57 13.56
C SER E 324 45.62 18.65 13.54
N VAL E 325 45.55 19.56 12.58
CA VAL E 325 46.54 20.65 12.50
C VAL E 325 46.42 21.55 13.72
N PHE E 326 45.20 21.86 14.13
CA PHE E 326 45.01 22.68 15.33
C PHE E 326 45.61 22.00 16.55
N HIS E 327 45.37 20.70 16.70
CA HIS E 327 45.92 19.97 17.84
C HIS E 327 47.45 19.96 17.80
N GLN E 328 48.02 19.76 16.61
CA GLN E 328 49.48 19.77 16.48
C GLN E 328 50.04 21.13 16.86
N TYR E 329 49.40 22.21 16.40
CA TYR E 329 49.86 23.55 16.75
C TYR E 329 49.76 23.79 18.25
N VAL E 330 48.66 23.34 18.87
CA VAL E 330 48.51 23.52 20.31
C VAL E 330 49.60 22.76 21.06
N LEU E 331 49.87 21.52 20.64
CA LEU E 331 50.91 20.74 21.30
C LEU E 331 52.28 21.39 21.13
N GLN E 332 52.57 21.90 19.94
CA GLN E 332 53.84 22.58 19.73
C GLN E 332 53.96 23.81 20.60
N THR E 333 52.88 24.60 20.71
CA THR E 333 52.90 25.78 21.57
C THR E 333 53.11 25.39 23.03
N LEU E 334 52.45 24.33 23.49
CA LEU E 334 52.58 23.88 24.87
C LEU E 334 53.85 23.05 25.04
N ALA E 387 46.05 8.35 2.47
CA ALA E 387 47.12 9.34 2.45
C ALA E 387 47.68 9.56 3.85
N TRP E 388 48.68 10.44 3.95
CA TRP E 388 49.28 10.72 5.25
C TRP E 388 48.26 11.33 6.21
N THR E 389 47.44 12.25 5.72
CA THR E 389 46.44 12.87 6.58
C THR E 389 45.43 11.84 7.08
N MET E 390 44.99 10.94 6.19
CA MET E 390 44.05 9.90 6.61
C MET E 390 44.66 8.98 7.65
N ARG E 391 45.93 8.59 7.46
CA ARG E 391 46.59 7.73 8.44
C ARG E 391 46.73 8.45 9.78
N VAL E 392 47.08 9.74 9.76
CA VAL E 392 47.21 10.49 11.00
C VAL E 392 45.87 10.57 11.71
N LEU E 393 44.80 10.84 10.96
CA LEU E 393 43.47 10.92 11.56
C LEU E 393 43.06 9.58 12.17
N MET E 394 43.33 8.48 11.45
CA MET E 394 43.01 7.16 11.98
C MET E 394 43.78 6.87 13.25
N GLU E 395 45.08 7.21 13.27
CA GLU E 395 45.88 6.98 14.47
C GLU E 395 45.37 7.81 15.64
N ALA E 396 44.99 9.06 15.39
CA ALA E 396 44.48 9.93 16.44
C ALA E 396 43.17 9.38 17.01
N LEU E 432 41.33 16.87 30.48
CA LEU E 432 40.58 18.04 30.92
C LEU E 432 41.35 18.81 31.98
N ALA E 433 41.31 18.31 33.22
CA ALA E 433 42.01 18.97 34.31
C ALA E 433 43.52 18.98 34.07
N ALA E 434 44.07 17.86 33.59
CA ALA E 434 45.49 17.80 33.30
C ALA E 434 45.89 18.79 32.21
N ALA E 435 45.07 18.89 31.16
CA ALA E 435 45.36 19.84 30.09
C ALA E 435 45.33 21.28 30.62
N TYR E 436 44.34 21.60 31.44
CA TYR E 436 44.26 22.94 32.01
C TYR E 436 45.47 23.24 32.89
N HIS E 437 45.89 22.27 33.70
CA HIS E 437 47.06 22.46 34.55
C HIS E 437 48.31 22.67 33.70
N VAL E 438 48.46 21.88 32.64
CA VAL E 438 49.63 22.04 31.77
C VAL E 438 49.63 23.41 31.12
N PHE E 439 48.46 23.86 30.64
CA PHE E 439 48.37 25.18 30.02
C PHE E 439 48.71 26.28 31.02
N ARG E 440 48.21 26.16 32.25
CA ARG E 440 48.52 27.16 33.27
C ARG E 440 50.01 27.18 33.58
N ASN E 441 50.64 26.00 33.67
CA ASN E 441 52.07 25.93 33.93
C ASN E 441 52.87 26.60 32.82
N VAL E 442 52.47 26.37 31.56
CA VAL E 442 53.17 27.00 30.44
C VAL E 442 53.03 28.51 30.51
N ALA E 443 51.83 29.00 30.79
CA ALA E 443 51.62 30.44 30.91
C ALA E 443 52.41 30.99 32.09
N GLN E 444 52.91 32.22 31.93
CA GLN E 444 53.69 32.82 32.99
C GLN E 444 52.82 33.06 34.23
N PRO E 445 53.37 32.90 35.43
CA PRO E 445 52.56 33.13 36.64
C PRO E 445 52.03 34.55 36.69
N PHE E 446 50.81 34.69 37.22
CA PHE E 446 50.17 36.00 37.36
C PHE E 446 50.00 36.66 36.00
N PHE E 447 49.61 35.88 34.99
CA PHE E 447 49.38 36.37 33.63
C PHE E 447 48.15 35.66 33.09
N ASN E 448 46.98 36.29 33.26
CA ASN E 448 45.75 35.69 32.77
C ASN E 448 45.76 35.54 31.25
N TYR E 449 46.24 36.57 30.55
CA TYR E 449 46.30 36.52 29.10
C TYR E 449 47.38 35.55 28.63
N ILE E 450 47.21 35.06 27.41
CA ILE E 450 48.19 34.13 26.85
C ILE E 450 49.54 34.82 26.72
N GLU E 451 50.59 34.10 27.13
CA GLU E 451 51.94 34.66 27.10
C GLU E 451 52.44 34.71 25.66
N GLU E 452 52.65 35.92 25.14
CA GLU E 452 53.14 36.05 23.77
C GLU E 452 54.54 35.48 23.63
N GLU E 453 55.39 35.69 24.64
CA GLU E 453 56.76 35.19 24.55
C GLU E 453 56.79 33.68 24.42
N ASP E 454 55.97 32.98 25.21
CA ASP E 454 55.93 31.52 25.14
C ASP E 454 55.49 31.06 23.75
N LEU E 455 54.45 31.70 23.20
CA LEU E 455 54.00 31.34 21.86
C LEU E 455 55.06 31.66 20.81
N LEU E 456 55.72 32.81 20.95
CA LEU E 456 56.74 33.19 19.98
C LEU E 456 57.89 32.20 19.97
N ARG E 457 58.33 31.76 21.15
CA ARG E 457 59.44 30.82 21.21
C ARG E 457 59.08 29.46 20.62
N PHE E 458 57.80 29.10 20.64
CA PHE E 458 57.35 27.82 20.13
C PHE E 458 56.79 27.89 18.72
N MET E 459 56.32 29.06 18.29
CA MET E 459 55.74 29.21 16.96
C MET E 459 55.86 30.67 16.53
N ILE E 460 55.68 30.90 15.23
CA ILE E 460 55.78 32.26 14.71
C ILE E 460 54.65 33.11 15.30
N LYS E 461 54.88 34.42 15.30
CA LYS E 461 53.87 35.34 15.83
C LYS E 461 52.58 35.27 15.02
N GLU E 462 52.68 35.22 13.69
CA GLU E 462 51.49 35.13 12.87
C GLU E 462 50.73 33.84 13.13
N GLU E 463 51.45 32.72 13.26
CA GLU E 463 50.79 31.45 13.55
C GLU E 463 50.11 31.49 14.90
N VAL E 464 50.77 32.06 15.90
CA VAL E 464 50.17 32.16 17.23
C VAL E 464 48.91 33.01 17.19
N ASP E 465 48.96 34.14 16.48
CA ASP E 465 47.78 35.00 16.37
C ASP E 465 46.64 34.28 15.66
N LEU E 466 46.95 33.56 14.59
CA LEU E 466 45.92 32.81 13.88
C LEU E 466 45.30 31.74 14.77
N VAL E 467 46.12 31.03 15.55
CA VAL E 467 45.61 30.00 16.44
C VAL E 467 44.71 30.63 17.50
N PHE E 468 45.14 31.76 18.07
CA PHE E 468 44.35 32.44 19.09
C PHE E 468 43.10 33.06 18.49
N THR E 481 43.10 34.90 29.02
CA THR E 481 42.17 34.15 29.85
C THR E 481 42.56 32.68 29.91
N ARG E 482 43.15 32.27 31.03
CA ARG E 482 43.55 30.87 31.18
C ARG E 482 42.35 29.94 31.15
N LYS E 483 41.24 30.34 31.79
CA LYS E 483 40.05 29.51 31.76
C LYS E 483 39.51 29.37 30.35
N ALA E 484 39.49 30.46 29.59
CA ALA E 484 39.03 30.40 28.21
C ALA E 484 39.92 29.50 27.37
N PHE E 485 41.24 29.58 27.57
CA PHE E 485 42.15 28.71 26.84
C PHE E 485 41.92 27.24 27.18
N THR E 486 41.72 26.95 28.46
CA THR E 486 41.45 25.57 28.86
C THR E 486 40.14 25.07 28.27
N GLU E 487 39.10 25.91 28.25
CA GLU E 487 37.83 25.52 27.66
C GLU E 487 37.99 25.27 26.17
N TRP E 488 38.75 26.12 25.48
CA TRP E 488 38.98 25.91 24.05
C TRP E 488 39.73 24.62 23.80
N VAL E 489 40.73 24.32 24.63
CA VAL E 489 41.48 23.08 24.47
C VAL E 489 40.57 21.88 24.68
N VAL E 490 39.71 21.94 25.70
CA VAL E 490 38.79 20.83 25.96
C VAL E 490 37.84 20.65 24.78
N LYS E 491 37.32 21.76 24.25
CA LYS E 491 36.41 21.68 23.11
C LYS E 491 37.12 21.09 21.89
N VAL E 492 38.36 21.49 21.66
CA VAL E 492 39.12 20.95 20.52
C VAL E 492 39.34 19.45 20.70
N TYR E 493 39.69 19.03 21.92
CA TYR E 493 39.88 17.60 22.16
C TYR E 493 38.59 16.83 21.95
N THR E 494 37.46 17.37 22.41
CA THR E 494 36.18 16.70 22.20
C THR E 494 35.84 16.61 20.72
N SER E 495 36.10 17.69 19.98
CA SER E 495 35.83 17.67 18.54
C SER E 495 36.70 16.65 17.83
N ARG E 496 37.97 16.56 18.22
CA ARG E 496 38.86 15.57 17.61
C ARG E 496 38.39 14.15 17.93
N ARG E 497 37.96 13.91 19.17
CA ARG E 497 37.44 12.60 19.53
C ARG E 497 36.20 12.26 18.72
N ALA E 498 35.30 13.24 18.54
CA ALA E 498 34.10 13.00 17.75
C ALA E 498 34.46 12.71 16.29
N LEU E 499 35.43 13.44 15.74
CA LEU E 499 35.85 13.19 14.37
C LEU E 499 36.46 11.79 14.24
N ALA E 500 37.27 11.38 15.21
CA ALA E 500 37.85 10.04 15.17
C ALA E 500 36.75 8.98 15.24
N HIS E 501 35.76 9.19 16.10
CA HIS E 501 34.65 8.24 16.20
C HIS E 501 33.88 8.16 14.88
N SER E 502 33.64 9.31 14.26
CA SER E 502 32.94 9.32 12.97
C SER E 502 33.75 8.58 11.91
N LEU E 503 35.06 8.81 11.88
CA LEU E 503 35.91 8.11 10.91
C LEU E 503 35.89 6.61 11.15
N ASN E 504 35.94 6.19 12.42
CA ASN E 504 35.90 4.77 12.72
C ASN E 504 34.57 4.16 12.32
N ASP E 505 33.46 4.86 12.58
CA ASP E 505 32.15 4.35 12.18
C ASP E 505 32.04 4.23 10.67
N THR E 506 32.52 5.24 9.94
CA THR E 506 32.48 5.18 8.48
C THR E 506 33.33 4.03 7.98
N LYS E 507 34.51 3.83 8.56
CA LYS E 507 35.37 2.73 8.15
C LYS E 507 34.71 1.39 8.41
N THR E 508 34.06 1.25 9.57
CA THR E 508 33.37 -0.01 9.87
C THR E 508 32.22 -0.27 8.90
N ALA E 509 31.44 0.77 8.58
CA ALA E 509 30.37 0.60 7.61
C ALA E 509 30.91 0.22 6.24
N VAL E 510 31.99 0.88 5.81
CA VAL E 510 32.59 0.54 4.53
C VAL E 510 33.13 -0.88 4.53
N LYS E 511 33.70 -1.32 5.65
CA LYS E 511 34.21 -2.68 5.75
C LYS E 511 33.08 -3.70 5.66
N GLN E 512 31.96 -3.43 6.34
CA GLN E 512 30.82 -4.36 6.25
C GLN E 512 30.26 -4.40 4.84
N LEU E 513 30.15 -3.25 4.20
CA LEU E 513 29.69 -3.22 2.80
C LEU E 513 30.66 -3.99 1.90
N ASN E 514 31.96 -3.84 2.17
CA ASN E 514 32.97 -4.57 1.41
C ASN E 514 32.80 -6.07 1.59
N LYS E 515 32.57 -6.51 2.82
CA LYS E 515 32.35 -7.94 3.06
C LYS E 515 31.13 -8.44 2.31
N LEU E 516 30.03 -7.68 2.36
CA LEU E 516 28.82 -8.10 1.66
C LEU E 516 29.05 -8.20 0.16
N VAL E 517 29.60 -7.15 -0.44
CA VAL E 517 29.81 -7.15 -1.88
C VAL E 517 30.84 -8.21 -2.27
N THR E 518 31.81 -8.49 -1.40
CA THR E 518 32.79 -9.54 -1.69
C THR E 518 32.14 -10.91 -1.66
N ALA E 519 31.22 -11.14 -0.73
CA ALA E 519 30.47 -12.40 -0.73
C ALA E 519 29.64 -12.53 -2.00
N ILE E 520 28.99 -11.44 -2.41
CA ILE E 520 28.23 -11.47 -3.66
C ILE E 520 29.14 -11.79 -4.84
N LEU E 521 30.31 -11.16 -4.89
CA LEU E 521 31.26 -11.43 -5.96
C LEU E 521 31.73 -12.87 -5.94
N MET E 522 31.98 -13.42 -4.75
CA MET E 522 32.44 -14.80 -4.64
C MET E 522 31.39 -15.76 -5.17
N VAL E 523 30.14 -15.59 -4.74
CA VAL E 523 29.07 -16.47 -5.23
C VAL E 523 28.90 -16.32 -6.74
N VAL E 524 28.96 -15.08 -7.23
CA VAL E 524 28.79 -14.84 -8.66
C VAL E 524 29.88 -15.55 -9.44
N THR E 525 31.14 -15.44 -8.98
CA THR E 525 32.24 -16.05 -9.74
C THR E 525 32.18 -17.56 -9.67
N VAL E 526 31.79 -18.14 -8.53
CA VAL E 526 31.73 -19.60 -8.47
C VAL E 526 30.64 -20.10 -9.41
N VAL E 527 29.48 -19.44 -9.43
CA VAL E 527 28.41 -19.88 -10.32
C VAL E 527 28.81 -19.67 -11.78
N ILE E 528 29.55 -18.59 -12.06
CA ILE E 528 30.02 -18.35 -13.43
C ILE E 528 30.96 -19.47 -13.86
N TRP E 529 31.88 -19.84 -12.99
CA TRP E 529 32.81 -20.93 -13.31
C TRP E 529 32.06 -22.24 -13.52
N LEU E 530 31.08 -22.52 -12.66
CA LEU E 530 30.29 -23.74 -12.81
C LEU E 530 29.56 -23.75 -14.15
N LEU E 531 28.96 -22.61 -14.52
CA LEU E 531 28.27 -22.54 -15.81
C LEU E 531 29.23 -22.73 -16.97
N LEU E 532 30.40 -22.10 -16.90
CA LEU E 532 31.37 -22.22 -17.98
C LEU E 532 31.84 -23.66 -18.14
N LEU E 533 32.06 -24.35 -17.02
CA LEU E 533 32.51 -25.74 -17.08
C LEU E 533 31.51 -26.64 -17.80
N GLU E 534 30.23 -26.27 -17.80
CA GLU E 534 29.19 -27.01 -18.53
C GLU E 534 29.13 -28.47 -18.05
N VAL E 535 28.77 -28.63 -16.78
CA VAL E 535 28.67 -29.95 -16.17
C VAL E 535 27.21 -30.36 -16.08
N ALA E 536 26.33 -29.40 -15.86
CA ALA E 536 24.91 -29.67 -15.71
C ALA E 536 24.21 -29.69 -17.07
N THR E 537 23.19 -30.53 -17.19
CA THR E 537 22.42 -30.63 -18.42
C THR E 537 21.34 -29.56 -18.45
N THR E 538 20.41 -29.69 -19.40
CA THR E 538 19.44 -28.62 -19.64
C THR E 538 18.41 -28.53 -18.51
N GLU E 539 17.63 -29.59 -18.30
CA GLU E 539 16.49 -29.51 -17.39
C GLU E 539 16.91 -28.96 -16.03
N VAL E 540 18.02 -29.47 -15.49
CA VAL E 540 18.51 -28.99 -14.20
C VAL E 540 18.84 -27.50 -14.28
N LEU E 541 19.29 -27.04 -15.44
CA LEU E 541 19.63 -25.62 -15.56
C LEU E 541 18.39 -24.74 -15.42
N LEU E 542 17.28 -25.11 -16.06
CA LEU E 542 16.07 -24.31 -15.90
C LEU E 542 15.45 -24.48 -14.52
N PHE E 543 15.59 -25.67 -13.91
CA PHE E 543 15.15 -25.81 -12.52
C PHE E 543 15.94 -24.87 -11.60
N PHE E 544 17.26 -24.80 -11.80
CA PHE E 544 18.07 -23.86 -11.05
C PHE E 544 17.64 -22.43 -11.34
N SER E 545 17.31 -22.12 -12.60
CA SER E 545 16.90 -20.77 -12.96
C SER E 545 15.62 -20.37 -12.24
N THR E 546 14.63 -21.26 -12.21
CA THR E 546 13.37 -20.92 -11.54
C THR E 546 13.56 -20.83 -10.03
N GLN E 547 14.34 -21.74 -9.44
CA GLN E 547 14.66 -21.60 -8.02
C GLN E 547 15.41 -20.29 -7.77
N LEU E 548 16.23 -19.87 -8.73
CA LEU E 548 17.00 -18.65 -8.56
C LEU E 548 16.11 -17.43 -8.61
N VAL E 549 15.14 -17.39 -9.52
CA VAL E 549 14.24 -16.24 -9.57
C VAL E 549 13.36 -16.21 -8.33
N ALA E 550 12.94 -17.39 -7.85
CA ALA E 550 12.19 -17.45 -6.59
C ALA E 550 13.00 -16.84 -5.45
N LEU E 551 14.17 -17.42 -5.17
CA LEU E 551 15.02 -16.90 -4.11
C LEU E 551 15.38 -15.44 -4.34
N ALA E 552 15.47 -15.02 -5.61
CA ALA E 552 15.79 -13.63 -5.91
C ALA E 552 14.68 -12.71 -5.43
N PHE E 553 13.43 -13.09 -5.68
CA PHE E 553 12.33 -12.31 -5.12
C PHE E 553 12.39 -12.32 -3.59
N ILE E 554 12.63 -13.50 -3.00
CA ILE E 554 12.67 -13.62 -1.55
C ILE E 554 13.65 -12.61 -0.95
N ILE E 555 14.94 -12.71 -1.33
CA ILE E 555 15.93 -11.83 -0.71
C ILE E 555 15.92 -10.44 -1.30
N GLY E 556 15.25 -10.23 -2.45
CA GLY E 556 15.07 -8.88 -2.96
C GLY E 556 14.14 -8.07 -2.07
N SER E 557 13.08 -8.71 -1.58
CA SER E 557 12.16 -8.05 -0.67
C SER E 557 12.90 -7.38 0.49
N THR E 558 14.12 -7.81 0.77
CA THR E 558 14.94 -7.26 1.85
C THR E 558 16.13 -6.44 1.37
N CYS E 559 16.84 -6.86 0.33
CA CYS E 559 17.94 -6.02 -0.11
C CYS E 559 17.45 -4.75 -0.78
N LYS E 560 16.16 -4.66 -1.13
CA LYS E 560 15.59 -3.37 -1.50
C LYS E 560 15.70 -2.38 -0.35
N ASN E 561 15.27 -2.80 0.85
CA ASN E 561 15.41 -1.96 2.03
C ASN E 561 16.88 -1.72 2.34
N LEU E 562 17.72 -2.74 2.15
CA LEU E 562 19.15 -2.55 2.38
C LEU E 562 19.72 -1.46 1.49
N PHE E 563 19.38 -1.50 0.19
CA PHE E 563 19.87 -0.49 -0.74
C PHE E 563 19.35 0.88 -0.39
N GLU E 564 18.07 0.98 -0.01
CA GLU E 564 17.55 2.25 0.45
C GLU E 564 18.34 2.77 1.64
N SER E 565 18.67 1.90 2.59
CA SER E 565 19.41 2.34 3.76
C SER E 565 20.81 2.80 3.40
N ILE E 566 21.50 2.09 2.50
CA ILE E 566 22.86 2.49 2.15
C ILE E 566 22.86 3.78 1.35
N VAL E 567 21.90 3.95 0.43
CA VAL E 567 21.83 5.20 -0.31
C VAL E 567 21.46 6.34 0.63
N PHE E 568 20.71 6.05 1.69
CA PHE E 568 20.39 7.08 2.69
C PHE E 568 21.63 7.49 3.46
N VAL E 569 22.39 6.52 3.97
CA VAL E 569 23.53 6.84 4.83
C VAL E 569 24.63 7.50 4.02
N PHE E 570 24.82 7.05 2.77
CA PHE E 570 25.94 7.54 1.96
C PHE E 570 25.55 8.74 1.10
N VAL E 571 24.56 8.58 0.22
CA VAL E 571 24.29 9.60 -0.79
C VAL E 571 23.74 10.87 -0.15
N MET E 572 22.68 10.76 0.65
CA MET E 572 22.13 11.95 1.30
C MET E 572 23.04 12.45 2.40
N HIS E 573 23.63 11.54 3.17
CA HIS E 573 24.54 11.89 4.25
C HIS E 573 23.97 12.99 5.14
N PRO E 574 22.76 12.83 5.67
CA PRO E 574 22.14 13.91 6.43
C PRO E 574 22.91 14.32 7.67
N TYR E 575 23.61 13.39 8.31
CA TYR E 575 24.26 13.68 9.59
C TYR E 575 25.51 12.82 9.72
N ASP E 576 26.34 13.19 10.70
CA ASP E 576 27.55 12.44 11.04
C ASP E 576 27.46 11.97 12.49
N VAL E 577 28.43 11.16 12.88
CA VAL E 577 28.45 10.63 14.24
C VAL E 577 28.73 11.75 15.23
N GLY E 578 27.97 11.77 16.32
CA GLY E 578 28.11 12.79 17.34
C GLY E 578 27.26 14.02 17.14
N ASP E 579 26.58 14.15 16.00
CA ASP E 579 25.72 15.29 15.74
C ASP E 579 24.36 15.08 16.37
N ARG E 580 23.79 16.15 16.92
CA ARG E 580 22.48 16.12 17.53
C ARG E 580 21.43 16.35 16.45
N CYS E 581 20.46 15.43 16.35
CA CYS E 581 19.45 15.48 15.31
C CYS E 581 18.07 15.28 15.93
N VAL E 582 17.05 15.76 15.22
CA VAL E 582 15.67 15.68 15.64
C VAL E 582 14.90 14.85 14.62
N VAL E 583 14.24 13.80 15.09
CA VAL E 583 13.39 12.96 14.26
C VAL E 583 12.02 12.87 14.92
N ASP E 584 10.97 13.18 14.16
CA ASP E 584 9.60 13.16 14.68
C ASP E 584 9.43 14.12 15.86
N GLY E 585 10.21 15.19 15.89
CA GLY E 585 10.10 16.21 16.91
C GLY E 585 10.83 15.94 18.20
N VAL E 586 11.62 14.85 18.28
CA VAL E 586 12.39 14.52 19.47
C VAL E 586 13.87 14.54 19.10
N ALA E 587 14.66 15.24 19.89
CA ALA E 587 16.10 15.37 19.65
C ALA E 587 16.84 14.17 20.22
N MET E 588 18.00 13.88 19.61
CA MET E 588 18.84 12.77 20.04
C MET E 588 20.22 12.96 19.43
N LEU E 589 21.16 12.11 19.84
CA LEU E 589 22.55 12.18 19.41
C LEU E 589 22.93 10.89 18.68
N VAL E 590 23.62 11.05 17.55
CA VAL E 590 24.04 9.90 16.77
C VAL E 590 25.12 9.14 17.53
N GLU E 591 24.98 7.82 17.59
CA GLU E 591 25.92 6.97 18.32
C GLU E 591 26.65 5.99 17.41
N GLU E 592 25.92 5.20 16.62
CA GLU E 592 26.52 4.17 15.78
C GLU E 592 25.87 4.23 14.41
N MET E 593 26.70 4.11 13.37
CA MET E 593 26.25 4.14 11.98
C MET E 593 26.40 2.73 11.40
N ASN E 594 25.28 2.03 11.26
CA ASN E 594 25.26 0.71 10.63
C ASN E 594 24.51 0.79 9.31
N LEU E 595 24.74 -0.22 8.46
CA LEU E 595 24.13 -0.22 7.14
C LEU E 595 22.61 -0.32 7.23
N LEU E 596 22.11 -1.15 8.15
CA LEU E 596 20.67 -1.36 8.28
C LEU E 596 20.04 -0.52 9.38
N THR E 597 20.82 0.00 10.31
CA THR E 597 20.26 0.74 11.44
C THR E 597 21.23 1.83 11.87
N THR E 598 20.71 2.78 12.64
CA THR E 598 21.51 3.83 13.25
C THR E 598 21.07 3.99 14.70
N VAL E 599 22.03 4.00 15.61
CA VAL E 599 21.76 4.07 17.04
C VAL E 599 21.80 5.53 17.47
N PHE E 600 20.78 5.95 18.22
CA PHE E 600 20.67 7.31 18.70
C PHE E 600 20.49 7.32 20.21
N LEU E 601 20.97 8.40 20.85
CA LEU E 601 20.82 8.60 22.27
C LEU E 601 19.93 9.81 22.53
N LYS E 602 18.87 9.61 23.30
CA LYS E 602 17.95 10.68 23.60
C LYS E 602 18.52 11.59 24.69
N LEU E 603 17.80 12.69 24.95
CA LEU E 603 18.25 13.64 25.97
C LEU E 603 18.37 12.97 27.33
N ASN E 604 17.59 11.93 27.58
CA ASN E 604 17.64 11.18 28.83
C ASN E 604 18.64 10.04 28.79
N ASN E 605 19.61 10.10 27.87
CA ASN E 605 20.62 9.04 27.73
C ASN E 605 19.97 7.68 27.50
N GLU E 606 18.90 7.68 26.71
CA GLU E 606 18.16 6.46 26.38
C GLU E 606 18.58 6.01 24.98
N LYS E 607 19.10 4.79 24.89
CA LYS E 607 19.52 4.25 23.60
C LYS E 607 18.30 3.90 22.76
N VAL E 608 18.38 4.21 21.46
CA VAL E 608 17.29 3.95 20.52
C VAL E 608 17.87 3.37 19.25
N TYR E 609 17.21 2.37 18.70
CA TYR E 609 17.59 1.74 17.44
C TYR E 609 16.55 2.07 16.39
N TYR E 610 17.00 2.49 15.22
CA TYR E 610 16.11 2.88 14.14
C TYR E 610 16.44 2.07 12.88
N PRO E 611 15.44 1.72 12.08
CA PRO E 611 15.73 1.15 10.75
C PRO E 611 16.14 2.25 9.79
N ASN E 612 17.30 2.09 9.15
CA ASN E 612 17.78 3.12 8.23
C ASN E 612 16.83 3.33 7.06
N ALA E 613 16.13 2.28 6.63
CA ALA E 613 15.20 2.42 5.52
C ALA E 613 14.06 3.38 5.89
N VAL E 614 13.55 3.28 7.12
CA VAL E 614 12.44 4.14 7.54
C VAL E 614 12.88 5.60 7.53
N LEU E 615 14.09 5.87 8.04
CA LEU E 615 14.55 7.26 8.11
C LEU E 615 14.59 7.91 6.73
N ALA E 616 14.80 7.12 5.68
CA ALA E 616 14.82 7.69 4.33
C ALA E 616 13.48 8.33 3.96
N THR E 617 12.39 7.92 4.60
CA THR E 617 11.07 8.45 4.31
C THR E 617 10.60 9.47 5.34
N LYS E 618 11.49 9.92 6.22
CA LYS E 618 11.14 10.89 7.26
C LYS E 618 12.09 12.07 7.21
N PRO E 619 11.64 13.25 7.63
CA PRO E 619 12.53 14.41 7.64
C PRO E 619 13.59 14.28 8.72
N ILE E 620 14.76 14.86 8.45
CA ILE E 620 15.90 14.83 9.36
C ILE E 620 16.41 16.26 9.53
N SER E 621 16.62 16.66 10.78
CA SER E 621 17.17 17.97 11.11
C SER E 621 18.45 17.78 11.91
N ASN E 622 19.47 18.58 11.59
CA ASN E 622 20.78 18.47 12.21
C ASN E 622 21.11 19.78 12.90
N TYR E 623 21.39 19.72 14.21
CA TYR E 623 21.80 20.91 14.94
C TYR E 623 23.24 21.28 14.64
N PHE E 624 24.11 20.28 14.51
CA PHE E 624 25.53 20.56 14.32
C PHE E 624 25.77 21.30 13.01
N ARG E 625 25.11 20.88 11.93
CA ARG E 625 25.30 21.50 10.63
C ARG E 625 24.54 22.80 10.46
N SER E 626 23.58 23.10 11.34
CA SER E 626 22.78 24.29 11.20
C SER E 626 23.55 25.52 11.69
N PRO E 627 23.22 26.72 11.18
CA PRO E 627 23.85 27.94 11.71
C PRO E 627 23.37 28.25 13.11
N ASN E 628 23.79 29.40 13.65
CA ASN E 628 23.34 29.81 14.97
C ASN E 628 21.82 29.81 15.03
N MET E 629 21.29 29.18 16.07
CA MET E 629 19.85 28.94 16.18
C MET E 629 19.17 30.09 16.92
N GLY E 630 17.85 30.18 16.72
CA GLY E 630 17.06 31.22 17.36
C GLY E 630 16.47 30.76 18.69
N GLU E 631 15.93 31.72 19.42
CA GLU E 631 15.29 31.49 20.70
C GLU E 631 13.95 32.21 20.76
N THR E 632 13.02 31.62 21.51
CA THR E 632 11.70 32.20 21.68
C THR E 632 11.28 32.10 23.14
N VAL E 633 10.70 33.19 23.65
CA VAL E 633 10.17 33.25 25.00
C VAL E 633 8.73 33.72 24.92
N GLU E 634 7.92 33.29 25.88
CA GLU E 634 6.50 33.60 25.91
C GLU E 634 6.13 34.23 27.25
N PHE E 635 5.38 35.34 27.19
CA PHE E 635 4.85 35.99 28.38
C PHE E 635 3.63 36.80 27.98
N SER E 636 2.82 37.14 28.98
CA SER E 636 1.57 37.84 28.77
C SER E 636 1.49 39.05 29.69
N ILE E 637 0.79 40.08 29.22
CA ILE E 637 0.58 41.32 29.97
C ILE E 637 -0.88 41.74 29.82
N SER E 638 -1.28 42.72 30.63
CA SER E 638 -2.64 43.21 30.61
C SER E 638 -2.91 44.03 29.36
N PHE E 639 -4.19 44.08 28.98
CA PHE E 639 -4.60 44.88 27.82
C PHE E 639 -4.57 46.37 28.10
N SER E 640 -4.56 46.77 29.38
CA SER E 640 -4.54 48.17 29.77
C SER E 640 -3.13 48.73 29.92
N THR E 641 -2.11 47.94 29.60
CA THR E 641 -0.74 48.41 29.76
C THR E 641 -0.49 49.58 28.83
N PRO E 642 0.00 50.72 29.33
CA PRO E 642 0.29 51.84 28.44
C PRO E 642 1.39 51.50 27.44
N VAL E 643 1.32 52.13 26.27
CA VAL E 643 2.32 51.90 25.23
C VAL E 643 3.69 52.36 25.69
N SER E 644 3.75 53.35 26.58
CA SER E 644 5.03 53.83 27.09
C SER E 644 5.76 52.72 27.83
N LYS E 645 5.03 51.93 28.63
CA LYS E 645 5.65 50.81 29.34
C LYS E 645 6.17 49.78 28.35
N ILE E 646 5.43 49.53 27.27
CA ILE E 646 5.90 48.58 26.25
C ILE E 646 7.18 49.09 25.61
N ALA E 647 7.24 50.38 25.29
CA ALA E 647 8.45 50.94 24.70
C ALA E 647 9.63 50.85 25.66
N HIS E 648 9.39 51.12 26.94
CA HIS E 648 10.45 51.00 27.94
C HIS E 648 10.94 49.56 28.03
N LEU E 649 10.01 48.59 28.01
CA LEU E 649 10.40 47.19 28.06
C LEU E 649 11.22 46.82 26.83
N LYS E 650 10.83 47.30 25.66
CA LYS E 650 11.60 47.02 24.45
C LYS E 650 13.00 47.60 24.54
N GLU E 651 13.12 48.84 25.04
CA GLU E 651 14.43 49.45 25.18
C GLU E 651 15.29 48.67 26.17
N ARG E 652 14.71 48.24 27.29
CA ARG E 652 15.46 47.47 28.27
C ARG E 652 15.90 46.14 27.68
N ILE E 653 15.03 45.49 26.91
CA ILE E 653 15.40 44.21 26.28
C ILE E 653 16.56 44.43 25.31
N ALA E 654 16.49 45.49 24.51
CA ALA E 654 17.56 45.77 23.57
C ALA E 654 18.87 46.03 24.29
N GLU E 655 18.84 46.81 25.37
CA GLU E 655 20.05 47.09 26.13
C GLU E 655 20.62 45.82 26.76
N TYR E 656 19.75 44.97 27.33
CA TYR E 656 20.23 43.74 27.94
C TYR E 656 20.83 42.81 26.89
N LEU E 657 20.23 42.74 25.70
CA LEU E 657 20.75 41.86 24.67
C LEU E 657 22.07 42.38 24.10
N GLU E 658 22.19 43.69 23.92
CA GLU E 658 23.41 44.26 23.37
C GLU E 658 24.55 44.31 24.38
N GLN E 659 24.25 44.31 25.68
CA GLN E 659 25.30 44.29 26.70
C GLN E 659 25.81 42.90 26.99
N ASN E 660 25.25 41.86 26.36
CA ASN E 660 25.70 40.48 26.54
C ASN E 660 25.90 39.83 25.17
N PRO E 661 26.83 40.35 24.38
CA PRO E 661 27.06 39.77 23.05
C PRO E 661 27.50 38.32 23.08
N GLN E 662 28.23 37.92 24.13
CA GLN E 662 28.76 36.56 24.18
C GLN E 662 27.66 35.51 24.20
N HIS E 663 26.44 35.86 24.62
CA HIS E 663 25.33 34.93 24.71
C HIS E 663 24.24 35.19 23.68
N TRP E 664 23.90 36.45 23.43
CA TRP E 664 22.80 36.80 22.53
C TRP E 664 23.29 37.82 21.51
N ALA E 665 22.84 37.65 20.27
CA ALA E 665 23.21 38.58 19.21
C ALA E 665 22.42 39.87 19.35
N PRO E 666 22.96 40.99 18.83
CA PRO E 666 22.23 42.26 18.94
C PRO E 666 20.85 42.24 18.30
N VAL E 667 20.69 41.50 17.19
CA VAL E 667 19.43 41.50 16.48
C VAL E 667 18.37 40.80 17.32
N HIS E 668 17.20 41.44 17.43
CA HIS E 668 16.10 40.89 18.21
C HIS E 668 14.81 41.54 17.74
N SER E 669 13.69 40.93 18.12
CA SER E 669 12.37 41.43 17.75
C SER E 669 11.36 41.04 18.80
N VAL E 670 10.41 41.93 19.05
CA VAL E 670 9.30 41.69 19.96
C VAL E 670 8.00 41.80 19.16
N VAL E 671 7.18 40.75 19.21
CA VAL E 671 5.99 40.66 18.38
C VAL E 671 4.79 40.33 19.25
N VAL E 672 3.66 40.98 18.93
CA VAL E 672 2.38 40.71 19.56
C VAL E 672 1.71 39.57 18.79
N LYS E 673 1.33 38.51 19.51
CA LYS E 673 0.75 37.34 18.86
C LYS E 673 -0.73 37.54 18.58
N GLU E 674 -1.54 37.72 19.64
CA GLU E 674 -2.97 37.85 19.48
C GLU E 674 -3.55 38.46 20.75
N ILE E 675 -4.78 38.95 20.63
CA ILE E 675 -5.47 39.63 21.73
C ILE E 675 -6.61 38.75 22.19
N GLU E 676 -6.65 38.46 23.49
CA GLU E 676 -7.63 37.54 24.08
C GLU E 676 -8.61 38.39 24.90
N ASN E 677 -9.83 38.52 24.40
CA ASN E 677 -10.89 39.28 25.09
C ASN E 677 -10.42 40.66 25.49
N MET E 678 -9.44 41.20 24.77
CA MET E 678 -8.88 42.51 25.06
C MET E 678 -8.62 42.69 26.56
N ASN E 679 -8.16 41.62 27.21
CA ASN E 679 -7.77 41.68 28.61
C ASN E 679 -6.37 41.14 28.80
N LYS E 680 -5.96 40.21 27.94
CA LYS E 680 -4.64 39.60 27.98
C LYS E 680 -3.96 39.82 26.63
N LEU E 681 -2.71 40.29 26.66
CA LEU E 681 -1.92 40.54 25.46
C LEU E 681 -0.78 39.54 25.42
N LYS E 682 -0.88 38.57 24.51
CA LYS E 682 0.21 37.61 24.35
C LYS E 682 1.45 38.31 23.82
N MET E 683 2.59 38.03 24.45
CA MET E 683 3.85 38.66 24.09
C MET E 683 4.92 37.59 23.92
N ALA E 684 5.85 37.84 23.01
CA ALA E 684 6.94 36.91 22.76
C ALA E 684 8.19 37.68 22.37
N LEU E 685 9.35 37.14 22.74
CA LEU E 685 10.63 37.71 22.39
C LEU E 685 11.42 36.72 21.54
N TYR E 686 12.10 37.23 20.52
CA TYR E 686 12.87 36.42 19.60
C TYR E 686 14.32 36.89 19.60
N SER E 687 15.25 35.94 19.76
CA SER E 687 16.67 36.26 19.77
C SER E 687 17.44 35.02 19.33
N ASP E 688 18.69 35.24 18.91
CA ASP E 688 19.56 34.19 18.41
C ASP E 688 20.75 34.02 19.35
N HIS E 689 21.07 32.78 19.68
CA HIS E 689 22.23 32.49 20.50
C HIS E 689 23.51 32.72 19.70
N THR E 690 24.65 32.56 20.37
CA THR E 690 25.94 32.55 19.71
C THR E 690 26.38 31.14 19.33
N ILE E 691 25.57 30.13 19.61
CA ILE E 691 25.86 28.74 19.29
C ILE E 691 24.57 28.08 18.82
N THR E 692 24.67 26.79 18.51
CA THR E 692 23.52 26.01 18.05
C THR E 692 22.89 25.30 19.24
N PHE E 693 21.94 24.40 18.97
CA PHE E 693 21.28 23.61 20.00
C PHE E 693 22.06 22.36 20.37
N GLN E 694 23.25 22.16 19.79
CA GLN E 694 24.04 20.98 20.13
C GLN E 694 24.35 20.95 21.62
N GLU E 695 24.74 22.08 22.19
CA GLU E 695 24.98 22.19 23.63
C GLU E 695 23.64 22.43 24.32
N ASN E 696 22.91 21.32 24.52
CA ASN E 696 21.57 21.43 25.09
C ASN E 696 21.61 22.03 26.49
N ARG E 697 22.57 21.61 27.32
CA ARG E 697 22.64 22.12 28.68
C ARG E 697 22.93 23.62 28.68
N GLU E 698 23.90 24.06 27.87
CA GLU E 698 24.22 25.48 27.79
C GLU E 698 23.04 26.28 27.24
N ARG E 699 22.37 25.75 26.22
CA ARG E 699 21.21 26.42 25.66
C ARG E 699 20.12 26.59 26.72
N ASN E 700 19.85 25.53 27.48
CA ASN E 700 18.83 25.61 28.52
C ASN E 700 19.21 26.61 29.59
N LEU E 701 20.48 26.61 30.00
CA LEU E 701 20.92 27.56 31.02
C LEU E 701 20.79 29.00 30.54
N ARG E 702 21.17 29.26 29.28
CA ARG E 702 21.05 30.60 28.74
C ARG E 702 19.59 31.01 28.62
N ARG E 703 18.72 30.09 28.21
CA ARG E 703 17.29 30.41 28.13
C ARG E 703 16.73 30.73 29.51
N THR E 704 17.15 29.97 30.53
CA THR E 704 16.70 30.25 31.89
C THR E 704 17.18 31.61 32.36
N GLU E 705 18.44 31.95 32.05
CA GLU E 705 18.95 33.26 32.43
C GLU E 705 18.16 34.37 31.75
N LEU E 706 17.86 34.20 30.46
CA LEU E 706 17.07 35.20 29.75
C LEU E 706 15.67 35.33 30.33
N SER E 707 15.06 34.20 30.69
CA SER E 707 13.73 34.24 31.29
C SER E 707 13.76 34.97 32.63
N LEU E 708 14.79 34.72 33.44
CA LEU E 708 14.91 35.41 34.72
C LEU E 708 15.12 36.90 34.51
N ALA E 709 15.93 37.28 33.52
CA ALA E 709 16.12 38.69 33.21
C ALA E 709 14.81 39.34 32.80
N ILE E 710 14.03 38.65 31.96
CA ILE E 710 12.74 39.19 31.54
C ILE E 710 11.82 39.35 32.74
N LYS E 711 11.80 38.35 33.62
CA LYS E 711 10.98 38.43 34.82
C LYS E 711 11.36 39.66 35.66
N ARG E 712 12.65 39.83 35.91
CA ARG E 712 13.08 40.98 36.72
C ARG E 712 12.70 42.29 36.05
N MET E 713 12.95 42.39 34.74
CA MET E 713 12.67 43.64 34.04
C MET E 713 11.18 43.97 34.06
N LEU E 714 10.34 42.95 33.88
CA LEU E 714 8.90 43.16 33.98
C LEU E 714 8.53 43.60 35.40
N GLU E 715 9.17 43.02 36.41
CA GLU E 715 8.87 43.38 37.78
C GLU E 715 9.21 44.85 38.06
N ASP E 716 10.36 45.32 37.58
CA ASP E 716 10.72 46.71 37.84
C ASP E 716 9.79 47.68 37.13
N LEU E 717 9.36 47.34 35.91
CA LEU E 717 8.50 48.23 35.15
C LEU E 717 7.09 48.32 35.71
N HIS E 718 6.74 47.47 36.68
CA HIS E 718 5.42 47.49 37.32
C HIS E 718 4.30 47.09 36.36
N ILE E 719 4.61 46.24 35.39
CA ILE E 719 3.60 45.72 34.48
C ILE E 719 2.81 44.63 35.20
N ASP E 720 1.49 44.76 35.22
CA ASP E 720 0.62 43.87 35.97
C ASP E 720 -0.44 43.28 35.06
N TYR E 721 -0.85 42.05 35.39
CA TYR E 721 -1.92 41.35 34.69
C TYR E 721 -3.05 41.08 35.68
N THR E 722 -4.28 41.38 35.26
CA THR E 722 -5.45 41.23 36.12
C THR E 722 -6.51 40.41 35.41
N LEU E 723 -7.16 39.53 36.15
CA LEU E 723 -8.25 38.74 35.61
C LEU E 723 -9.46 39.62 35.34
N LEU E 724 -10.29 39.18 34.41
CA LEU E 724 -11.47 39.97 34.05
C LEU E 724 -12.40 40.07 35.26
N PRO E 725 -12.86 41.27 35.62
CA PRO E 725 -13.76 41.39 36.77
C PRO E 725 -15.06 40.63 36.55
N GLN E 726 -15.58 40.07 37.64
CA GLN E 726 -16.83 39.31 37.63
C GLN E 726 -17.87 40.04 38.45
N ASP E 727 -19.06 40.21 37.89
CA ASP E 727 -20.16 40.86 38.57
C ASP E 727 -21.05 39.81 39.21
N ILE E 728 -21.34 39.99 40.50
CA ILE E 728 -22.13 39.03 41.28
C ILE E 728 -23.36 39.75 41.81
N ASN E 729 -24.53 39.16 41.59
CA ASN E 729 -25.79 39.68 42.08
C ASN E 729 -26.30 38.76 43.19
N LEU E 730 -26.42 39.31 44.39
CA LEU E 730 -26.86 38.52 45.54
C LEU E 730 -28.38 38.37 45.53
N THR E 731 -28.85 37.42 46.33
CA THR E 731 -30.29 37.15 46.44
C THR E 731 -30.67 36.92 47.90
N THR F 166 49.43 26.75 -33.13
CA THR F 166 50.64 25.90 -32.93
C THR F 166 50.32 24.43 -33.20
N LEU F 167 49.74 23.76 -32.22
CA LEU F 167 49.38 22.35 -32.40
C LEU F 167 48.35 22.18 -33.51
N ALA F 168 47.35 23.07 -33.55
CA ALA F 168 46.34 22.99 -34.61
C ALA F 168 46.97 23.25 -35.97
N LEU F 169 47.91 24.18 -36.04
CA LEU F 169 48.59 24.45 -37.31
C LEU F 169 49.38 23.23 -37.78
N ILE F 170 50.01 22.52 -36.84
CA ILE F 170 50.74 21.31 -37.22
C ILE F 170 49.79 20.27 -37.77
N GLU F 171 48.62 20.10 -37.13
CA GLU F 171 47.64 19.13 -37.63
C GLU F 171 47.15 19.53 -39.02
N SER F 172 46.90 20.83 -39.24
CA SER F 172 46.45 21.27 -40.56
C SER F 172 47.52 21.02 -41.61
N ALA F 173 48.79 21.29 -41.28
CA ALA F 173 49.87 21.02 -42.23
C ALA F 173 49.98 19.53 -42.54
N PHE F 174 49.83 18.69 -41.51
CA PHE F 174 49.88 17.25 -41.73
C PHE F 174 48.73 16.79 -42.62
N PHE F 175 47.54 17.34 -42.40
CA PHE F 175 46.39 16.99 -43.25
C PHE F 175 46.63 17.43 -44.69
N VAL F 176 47.18 18.62 -44.88
CA VAL F 176 47.48 19.10 -46.22
C VAL F 176 48.50 18.20 -46.90
N VAL F 177 49.54 17.79 -46.17
CA VAL F 177 50.55 16.90 -46.73
C VAL F 177 49.92 15.56 -47.11
N ILE F 178 49.04 15.04 -46.26
CA ILE F 178 48.39 13.77 -46.56
C ILE F 178 47.52 13.89 -47.80
N LEU F 179 46.79 15.00 -47.92
CA LEU F 179 45.97 15.20 -49.11
C LEU F 179 46.83 15.30 -50.37
N SER F 180 47.96 16.01 -50.29
CA SER F 180 48.85 16.11 -51.44
C SER F 180 49.41 14.75 -51.81
N ALA F 181 49.79 13.94 -50.82
CA ALA F 181 50.30 12.61 -51.10
C ALA F 181 49.23 11.74 -51.74
N LEU F 182 47.99 11.83 -51.26
CA LEU F 182 46.91 11.07 -51.87
C LEU F 182 46.67 11.50 -53.32
N VAL F 183 46.72 12.81 -53.57
CA VAL F 183 46.53 13.30 -54.94
C VAL F 183 47.66 12.78 -55.83
N ALA F 184 48.90 12.81 -55.34
CA ALA F 184 50.02 12.31 -56.14
C ALA F 184 49.86 10.82 -56.42
N SER F 185 49.44 10.04 -55.41
CA SER F 185 49.24 8.62 -55.62
C SER F 185 48.15 8.36 -56.63
N LEU F 186 47.07 9.13 -56.58
CA LEU F 186 46.00 8.99 -57.57
C LEU F 186 46.51 9.32 -58.97
N THR F 187 47.33 10.37 -59.09
CA THR F 187 47.84 10.79 -60.39
C THR F 187 48.94 9.87 -60.90
N ILE F 188 49.77 9.33 -60.01
CA ILE F 188 50.91 8.49 -60.38
C ILE F 188 50.61 7.07 -59.94
N ASN F 189 50.68 6.14 -60.89
CA ASN F 189 50.41 4.74 -60.63
C ASN F 189 51.61 3.98 -60.11
N VAL F 190 52.77 4.63 -59.98
CA VAL F 190 53.96 3.94 -59.49
C VAL F 190 53.75 3.47 -58.06
N LEU F 191 53.18 4.34 -57.22
CA LEU F 191 52.95 3.97 -55.83
C LEU F 191 51.95 2.82 -55.72
N LYS F 192 51.00 2.72 -56.65
CA LYS F 192 50.00 1.67 -56.60
C LYS F 192 50.61 0.28 -56.71
N HIS F 193 51.82 0.17 -57.29
CA HIS F 193 52.45 -1.14 -57.43
C HIS F 193 52.79 -1.76 -56.09
N HIS F 194 52.89 -0.96 -55.03
CA HIS F 194 53.24 -1.45 -53.70
C HIS F 194 51.98 -1.59 -52.86
N THR F 195 51.85 -2.71 -52.16
CA THR F 195 50.72 -2.98 -51.30
C THR F 195 51.20 -3.57 -49.99
N PHE F 196 50.40 -3.38 -48.94
CA PHE F 196 50.72 -3.88 -47.62
C PHE F 196 49.43 -4.26 -46.89
N TRP F 197 49.54 -5.24 -46.00
CA TRP F 197 48.41 -5.69 -45.20
C TRP F 197 47.26 -6.16 -46.09
N GLY F 198 47.56 -6.71 -47.26
CA GLY F 198 46.55 -7.16 -48.17
C GLY F 198 45.85 -6.07 -48.95
N LEU F 199 46.30 -4.82 -48.83
CA LEU F 199 45.69 -3.69 -49.52
C LEU F 199 46.79 -2.81 -50.08
N GLU F 200 46.45 -2.07 -51.13
CA GLU F 200 47.42 -1.18 -51.76
C GLU F 200 47.83 -0.07 -50.80
N VAL F 201 49.10 0.33 -50.89
CA VAL F 201 49.62 1.37 -50.01
C VAL F 201 48.87 2.68 -50.23
N TRP F 202 48.52 2.97 -51.49
CA TRP F 202 47.75 4.17 -51.77
C TRP F 202 46.41 4.15 -51.05
N LYS F 203 45.82 2.96 -50.88
CA LYS F 203 44.55 2.85 -50.16
C LYS F 203 44.72 3.30 -48.72
N TRP F 204 45.76 2.81 -48.04
CA TRP F 204 45.99 3.20 -46.65
C TRP F 204 46.32 4.68 -46.53
N CYS F 205 47.13 5.20 -47.45
CA CYS F 205 47.46 6.62 -47.43
C CYS F 205 46.20 7.47 -47.61
N VAL F 206 45.34 7.07 -48.55
CA VAL F 206 44.09 7.81 -48.77
C VAL F 206 43.19 7.69 -47.54
N LEU F 207 43.20 6.55 -46.87
CA LEU F 207 42.39 6.40 -45.66
C LEU F 207 42.86 7.36 -44.57
N VAL F 208 44.17 7.42 -44.33
CA VAL F 208 44.70 8.31 -43.30
C VAL F 208 44.41 9.76 -43.66
N MET F 209 44.67 10.13 -44.92
CA MET F 209 44.34 11.47 -45.37
C MET F 209 42.85 11.74 -45.23
N VAL F 210 42.01 10.71 -45.41
CA VAL F 210 40.57 10.88 -45.24
C VAL F 210 40.25 11.20 -43.79
N ILE F 211 40.87 10.49 -42.85
CA ILE F 211 40.64 10.79 -41.44
C ILE F 211 41.01 12.24 -41.14
N PHE F 212 42.21 12.65 -41.54
CA PHE F 212 42.68 13.98 -41.17
C PHE F 212 41.88 15.08 -41.87
N SER F 213 41.68 14.95 -43.18
CA SER F 213 40.88 15.91 -43.92
C SER F 213 39.43 15.90 -43.47
N GLY F 214 38.93 14.79 -42.93
CA GLY F 214 37.59 14.77 -42.39
C GLY F 214 37.47 15.55 -41.11
N MET F 215 38.48 15.44 -40.24
CA MET F 215 38.51 16.31 -39.06
C MET F 215 38.55 17.78 -39.48
N LEU F 216 39.42 18.11 -40.43
CA LEU F 216 39.52 19.49 -40.90
C LEU F 216 38.20 19.96 -41.51
N VAL F 217 37.57 19.11 -42.31
CA VAL F 217 36.32 19.47 -42.98
C VAL F 217 35.20 19.62 -41.97
N THR F 218 35.20 18.78 -40.92
CA THR F 218 34.20 18.94 -39.87
C THR F 218 34.36 20.28 -39.17
N ASN F 219 35.60 20.67 -38.85
CA ASN F 219 35.81 21.98 -38.24
C ASN F 219 35.35 23.09 -39.17
N TRP F 220 35.73 23.01 -40.44
CA TRP F 220 35.37 24.05 -41.40
C TRP F 220 33.85 24.13 -41.60
N PHE F 221 33.19 22.98 -41.64
CA PHE F 221 31.74 22.96 -41.82
C PHE F 221 31.03 23.50 -40.59
N MET F 222 31.54 23.21 -39.39
CA MET F 222 30.97 23.81 -38.20
C MET F 222 31.09 25.33 -38.25
N ARG F 223 32.27 25.83 -38.63
CA ARG F 223 32.46 27.27 -38.75
C ARG F 223 31.51 27.86 -39.78
N LEU F 224 31.38 27.21 -40.94
CA LEU F 224 30.51 27.72 -41.99
C LEU F 224 29.05 27.71 -41.56
N ILE F 225 28.62 26.66 -40.86
CA ILE F 225 27.25 26.60 -40.38
C ILE F 225 26.99 27.71 -39.37
N VAL F 226 27.96 27.95 -38.47
CA VAL F 226 27.81 29.05 -37.51
C VAL F 226 27.67 30.38 -38.25
N PHE F 227 28.52 30.59 -39.25
CA PHE F 227 28.46 31.85 -40.01
C PHE F 227 27.13 31.99 -40.72
N LEU F 228 26.64 30.92 -41.34
CA LEU F 228 25.36 30.98 -42.04
C LEU F 228 24.21 31.26 -41.07
N ILE F 229 24.23 30.63 -39.90
CA ILE F 229 23.20 30.89 -38.90
C ILE F 229 23.27 32.35 -38.47
N GLU F 230 24.48 32.90 -38.36
CA GLU F 230 24.61 34.31 -38.02
C GLU F 230 23.96 35.19 -39.09
N THR F 231 24.18 34.86 -40.36
CA THR F 231 23.57 35.61 -41.46
C THR F 231 22.12 35.21 -41.70
N ASN F 232 21.67 34.10 -41.14
CA ASN F 232 20.29 33.67 -41.34
C ASN F 232 19.32 34.65 -40.70
N PHE F 233 18.13 34.75 -41.30
CA PHE F 233 17.13 35.66 -40.78
C PHE F 233 16.70 35.29 -39.37
N LEU F 234 16.52 33.99 -39.10
CA LEU F 234 16.10 33.56 -37.78
C LEU F 234 17.11 33.99 -36.73
N LEU F 235 16.61 34.50 -35.60
CA LEU F 235 17.46 34.97 -34.51
C LEU F 235 16.91 34.53 -33.16
N ARG F 236 16.27 33.37 -33.09
CA ARG F 236 15.71 32.90 -31.83
C ARG F 236 16.83 32.68 -30.81
N ARG F 237 16.61 33.17 -29.59
CA ARG F 237 17.62 33.02 -28.55
C ARG F 237 17.84 31.56 -28.20
N LYS F 238 16.75 30.79 -28.09
CA LYS F 238 16.88 29.37 -27.74
C LYS F 238 17.64 28.61 -28.82
N VAL F 239 17.37 28.90 -30.08
CA VAL F 239 18.05 28.21 -31.17
C VAL F 239 19.55 28.51 -31.14
N LEU F 240 19.91 29.77 -30.92
CA LEU F 240 21.32 30.13 -30.85
C LEU F 240 22.02 29.42 -29.72
N TYR F 241 21.39 29.36 -28.54
CA TYR F 241 21.99 28.68 -27.40
C TYR F 241 22.14 27.18 -27.68
N PHE F 242 21.12 26.57 -28.29
CA PHE F 242 21.21 25.15 -28.61
C PHE F 242 22.36 24.90 -29.58
N VAL F 243 22.49 25.75 -30.60
CA VAL F 243 23.55 25.57 -31.59
C VAL F 243 24.92 25.72 -30.92
N HIS F 244 25.07 26.74 -30.08
CA HIS F 244 26.34 26.95 -29.40
C HIS F 244 26.69 25.76 -28.52
N GLY F 245 25.71 25.22 -27.79
CA GLY F 245 25.96 24.09 -26.93
C GLY F 245 26.31 22.82 -27.68
N LEU F 246 25.62 22.55 -28.78
CA LEU F 246 25.74 21.29 -29.49
C LEU F 246 26.71 21.34 -30.66
N LYS F 247 27.37 22.47 -30.90
CA LYS F 247 28.30 22.56 -32.02
C LYS F 247 29.40 21.50 -31.92
N LYS F 248 30.06 21.42 -30.77
CA LYS F 248 31.15 20.46 -30.62
C LYS F 248 30.65 19.03 -30.73
N SER F 249 29.50 18.74 -30.11
CA SER F 249 28.96 17.38 -30.16
C SER F 249 28.65 16.95 -31.58
N VAL F 250 27.97 17.81 -32.33
CA VAL F 250 27.62 17.46 -33.70
C VAL F 250 28.88 17.36 -34.55
N GLN F 251 29.86 18.23 -34.31
CA GLN F 251 31.11 18.17 -35.07
C GLN F 251 31.80 16.83 -34.86
N VAL F 252 31.92 16.40 -33.60
CA VAL F 252 32.59 15.13 -33.34
C VAL F 252 31.77 13.97 -33.89
N PHE F 253 30.44 14.08 -33.84
CA PHE F 253 29.60 13.01 -34.37
C PHE F 253 29.79 12.86 -35.88
N ILE F 254 29.82 13.98 -36.60
CA ILE F 254 30.05 13.92 -38.05
C ILE F 254 31.45 13.40 -38.33
N TRP F 255 32.45 13.84 -37.54
CA TRP F 255 33.80 13.33 -37.70
C TRP F 255 33.82 11.82 -37.60
N LEU F 256 33.21 11.27 -36.55
CA LEU F 256 33.21 9.82 -36.35
C LEU F 256 32.45 9.11 -37.46
N CYS F 257 31.31 9.66 -37.89
CA CYS F 257 30.51 8.97 -38.91
C CYS F 257 31.21 8.98 -40.27
N LEU F 258 31.83 10.11 -40.63
CA LEU F 258 32.63 10.15 -41.85
C LEU F 258 33.79 9.16 -41.77
N ILE F 259 34.44 9.05 -40.61
CA ILE F 259 35.52 8.07 -40.49
C ILE F 259 34.98 6.66 -40.69
N LEU F 260 33.83 6.36 -40.09
CA LEU F 260 33.27 5.02 -40.19
C LEU F 260 32.91 4.69 -41.64
N VAL F 261 32.28 5.62 -42.35
CA VAL F 261 31.89 5.34 -43.73
C VAL F 261 33.13 5.23 -44.61
N ALA F 262 34.16 6.05 -44.35
CA ALA F 262 35.39 5.93 -45.12
C ALA F 262 36.04 4.57 -44.89
N TRP F 263 36.07 4.10 -43.64
CA TRP F 263 36.62 2.77 -43.37
C TRP F 263 35.82 1.69 -44.08
N ILE F 264 34.48 1.80 -44.05
CA ILE F 264 33.65 0.80 -44.70
C ILE F 264 33.92 0.78 -46.20
N LEU F 265 34.05 1.95 -46.82
CA LEU F 265 34.28 2.01 -48.26
C LEU F 265 35.60 1.35 -48.64
N LEU F 266 36.64 1.58 -47.84
CA LEU F 266 37.95 1.02 -48.17
C LEU F 266 37.92 -0.51 -48.20
N PHE F 267 37.26 -1.12 -47.21
CA PHE F 267 37.19 -2.57 -47.10
C PHE F 267 35.89 -3.13 -47.66
N ASN F 268 35.07 -2.30 -48.30
CA ASN F 268 33.83 -2.80 -48.88
C ASN F 268 34.09 -3.84 -49.96
N HIS F 269 35.22 -3.74 -50.65
CA HIS F 269 35.56 -4.70 -51.68
C HIS F 269 35.80 -6.08 -51.08
N ASP F 270 35.42 -7.11 -51.83
CA ASP F 270 35.57 -8.49 -51.40
C ASP F 270 37.00 -8.95 -51.69
N VAL F 271 37.90 -8.61 -50.77
CA VAL F 271 39.31 -8.97 -50.87
C VAL F 271 39.67 -9.67 -49.56
N LYS F 272 39.61 -11.00 -49.56
CA LYS F 272 39.92 -11.79 -48.38
C LYS F 272 41.42 -12.04 -48.34
N ARG F 273 42.14 -11.17 -47.62
CA ARG F 273 43.58 -11.32 -47.51
C ARG F 273 43.95 -12.62 -46.82
N SER F 274 43.23 -12.98 -45.75
CA SER F 274 43.48 -14.22 -45.03
C SER F 274 42.38 -14.45 -44.00
N PRO F 275 42.13 -15.69 -43.60
CA PRO F 275 41.08 -15.93 -42.60
C PRO F 275 41.33 -15.20 -41.29
N ALA F 276 42.59 -15.09 -40.87
CA ALA F 276 42.90 -14.35 -39.65
C ALA F 276 42.54 -12.88 -39.80
N ALA F 277 42.82 -12.30 -40.97
CA ALA F 277 42.50 -10.90 -41.20
C ALA F 277 41.00 -10.64 -41.07
N THR F 278 40.18 -11.60 -41.48
CA THR F 278 38.73 -11.41 -41.43
C THR F 278 38.24 -11.22 -40.00
N LYS F 279 38.76 -12.01 -39.06
CA LYS F 279 38.32 -11.91 -37.68
C LYS F 279 38.66 -10.54 -37.09
N VAL F 280 39.89 -10.08 -37.31
CA VAL F 280 40.30 -8.78 -36.77
C VAL F 280 39.52 -7.65 -37.45
N LEU F 281 39.25 -7.79 -38.74
CA LEU F 281 38.45 -6.77 -39.43
C LEU F 281 37.04 -6.71 -38.85
N LYS F 282 36.43 -7.87 -38.60
CA LYS F 282 35.10 -7.90 -38.01
C LYS F 282 35.11 -7.28 -36.62
N CYS F 283 36.12 -7.61 -35.81
CA CYS F 283 36.21 -7.02 -34.47
C CYS F 283 36.36 -5.50 -34.55
N ILE F 284 37.20 -5.03 -35.48
CA ILE F 284 37.40 -3.59 -35.63
C ILE F 284 36.09 -2.91 -36.03
N THR F 285 35.38 -3.50 -36.98
CA THR F 285 34.10 -2.92 -37.42
C THR F 285 33.09 -2.90 -36.28
N ARG F 286 33.03 -3.97 -35.49
CA ARG F 286 32.17 -3.97 -34.32
C ARG F 286 32.55 -2.85 -33.36
N THR F 287 33.85 -2.63 -33.18
CA THR F 287 34.29 -1.53 -32.31
C THR F 287 33.83 -0.18 -32.86
N LEU F 288 33.95 0.03 -34.17
CA LEU F 288 33.52 1.30 -34.74
C LEU F 288 32.01 1.49 -34.55
N ILE F 289 31.23 0.43 -34.76
CA ILE F 289 29.79 0.54 -34.57
C ILE F 289 29.46 0.85 -33.12
N SER F 290 30.14 0.19 -32.19
CA SER F 290 29.88 0.41 -30.77
C SER F 290 30.22 1.85 -30.38
N ILE F 291 31.35 2.36 -30.84
CA ILE F 291 31.72 3.74 -30.50
C ILE F 291 30.78 4.73 -31.17
N LEU F 292 30.26 4.40 -32.37
CA LEU F 292 29.26 5.25 -32.99
C LEU F 292 27.99 5.30 -32.16
N THR F 293 27.56 4.15 -31.64
CA THR F 293 26.39 4.13 -30.77
C THR F 293 26.65 4.94 -29.50
N GLY F 294 27.85 4.82 -28.94
CA GLY F 294 28.20 5.62 -27.77
C GLY F 294 28.18 7.11 -28.07
N ALA F 295 28.67 7.50 -29.24
CA ALA F 295 28.63 8.91 -29.64
C ALA F 295 27.20 9.41 -29.79
N PHE F 296 26.33 8.59 -30.37
CA PHE F 296 24.93 8.97 -30.48
C PHE F 296 24.29 9.12 -29.10
N PHE F 297 24.62 8.20 -28.18
CA PHE F 297 24.13 8.31 -26.82
C PHE F 297 24.61 9.60 -26.17
N TRP F 298 25.87 9.95 -26.39
CA TRP F 298 26.41 11.20 -25.84
C TRP F 298 25.68 12.39 -26.43
N LEU F 299 25.39 12.35 -27.73
CA LEU F 299 24.68 13.45 -28.38
C LEU F 299 23.30 13.64 -27.77
N VAL F 300 22.56 12.55 -27.59
CA VAL F 300 21.22 12.68 -27.01
C VAL F 300 21.31 13.12 -25.55
N LYS F 301 22.34 12.66 -24.83
CA LYS F 301 22.53 13.09 -23.45
C LYS F 301 22.74 14.58 -23.38
N THR F 302 23.65 15.11 -24.20
CA THR F 302 23.91 16.55 -24.17
C THR F 302 22.71 17.34 -24.65
N LEU F 303 21.92 16.78 -25.59
CA LEU F 303 20.69 17.45 -25.99
C LEU F 303 19.72 17.57 -24.82
N LEU F 304 19.56 16.48 -24.05
CA LEU F 304 18.68 16.52 -22.89
C LEU F 304 19.19 17.53 -21.86
N LEU F 305 20.49 17.52 -21.59
CA LEU F 305 21.06 18.47 -20.63
C LEU F 305 20.85 19.89 -21.11
N LYS F 306 21.01 20.14 -22.41
CA LYS F 306 20.89 21.50 -22.93
C LYS F 306 19.44 21.97 -22.86
N ILE F 307 18.48 21.10 -23.15
CA ILE F 307 17.08 21.51 -23.06
C ILE F 307 16.70 21.78 -21.60
N LEU F 308 17.21 20.96 -20.68
CA LEU F 308 16.97 21.24 -19.27
C LEU F 308 17.57 22.58 -18.86
N ALA F 309 18.78 22.87 -19.33
CA ALA F 309 19.42 24.16 -19.03
C ALA F 309 18.61 25.31 -19.61
N ALA F 310 18.07 25.12 -20.82
CA ALA F 310 17.25 26.16 -21.44
C ALA F 310 15.96 26.39 -20.66
N ASN F 311 15.37 25.31 -20.15
CA ASN F 311 14.18 25.46 -19.30
C ASN F 311 14.53 26.25 -18.04
N PHE F 312 15.64 25.90 -17.39
CA PHE F 312 16.07 26.65 -16.21
C PHE F 312 16.34 28.11 -16.55
N ASN F 313 16.90 28.35 -17.75
CA ASN F 313 17.13 29.72 -18.19
C ASN F 313 15.82 30.49 -18.32
N VAL F 314 14.86 29.93 -19.06
CA VAL F 314 13.56 30.58 -19.19
C VAL F 314 12.95 30.80 -17.82
N ASN F 315 13.27 29.94 -16.85
CA ASN F 315 12.69 30.09 -15.51
C ASN F 315 13.31 31.26 -14.76
N ASN F 316 14.64 31.39 -14.78
CA ASN F 316 15.32 32.28 -13.83
C ASN F 316 16.21 33.33 -14.48
N PHE F 317 16.83 32.99 -15.61
CA PHE F 317 17.82 33.87 -16.22
C PHE F 317 17.25 35.22 -16.61
N PHE F 318 15.94 35.31 -16.87
CA PHE F 318 15.34 36.61 -17.17
C PHE F 318 15.48 37.56 -15.98
N ASP F 319 15.06 37.11 -14.80
CA ASP F 319 15.22 37.93 -13.60
C ASP F 319 16.69 38.13 -13.27
N ARG F 320 17.52 37.12 -13.52
CA ARG F 320 18.95 37.26 -13.27
C ARG F 320 19.55 38.38 -14.12
N ILE F 321 19.20 38.42 -15.40
CA ILE F 321 19.72 39.45 -16.29
C ILE F 321 19.15 40.82 -15.91
N GLN F 322 17.87 40.86 -15.50
CA GLN F 322 17.30 42.12 -15.04
C GLN F 322 18.07 42.67 -13.84
N ASP F 323 18.37 41.79 -12.88
CA ASP F 323 19.12 42.22 -11.70
C ASP F 323 20.54 42.65 -12.08
N SER F 324 21.17 41.92 -13.01
CA SER F 324 22.51 42.30 -13.45
C SER F 324 22.49 43.67 -14.11
N VAL F 325 21.49 43.94 -14.96
CA VAL F 325 21.39 45.23 -15.61
C VAL F 325 21.16 46.33 -14.59
N PHE F 326 20.30 46.07 -13.61
CA PHE F 326 20.07 47.07 -12.56
C PHE F 326 21.35 47.36 -11.79
N HIS F 327 22.11 46.32 -11.45
CA HIS F 327 23.37 46.53 -10.74
C HIS F 327 24.36 47.31 -11.58
N GLN F 328 24.45 47.00 -12.88
CA GLN F 328 25.35 47.73 -13.76
C GLN F 328 24.95 49.21 -13.84
N TYR F 329 23.65 49.48 -13.96
CA TYR F 329 23.19 50.87 -14.00
C TYR F 329 23.51 51.58 -12.69
N VAL F 330 23.31 50.92 -11.56
CA VAL F 330 23.61 51.54 -10.27
C VAL F 330 25.10 51.84 -10.16
N LEU F 331 25.95 50.90 -10.58
CA LEU F 331 27.38 51.13 -10.52
C LEU F 331 27.79 52.28 -11.43
N GLN F 332 27.22 52.35 -12.63
CA GLN F 332 27.52 53.45 -13.54
C GLN F 332 27.10 54.79 -12.94
N THR F 333 25.91 54.83 -12.33
CA THR F 333 25.46 56.07 -11.70
C THR F 333 26.37 56.47 -10.55
N LEU F 334 26.81 55.51 -9.74
CA LEU F 334 27.69 55.79 -8.61
C LEU F 334 29.13 55.92 -9.09
N ALA F 387 25.62 31.82 -22.98
CA ALA F 387 25.65 33.12 -23.63
C ALA F 387 26.38 34.14 -22.77
N TRP F 388 26.48 35.37 -23.28
CA TRP F 388 27.16 36.42 -22.52
C TRP F 388 26.44 36.71 -21.21
N THR F 389 25.11 36.76 -21.25
CA THR F 389 24.35 37.03 -20.03
C THR F 389 24.55 35.92 -19.00
N MET F 390 24.54 34.66 -19.45
CA MET F 390 24.76 33.55 -18.54
C MET F 390 26.15 33.61 -17.92
N ARG F 391 27.17 33.92 -18.73
CA ARG F 391 28.53 34.02 -18.20
C ARG F 391 28.62 35.16 -17.18
N VAL F 392 27.99 36.29 -17.47
CA VAL F 392 28.03 37.42 -16.55
C VAL F 392 27.35 37.05 -15.24
N LEU F 393 26.20 36.38 -15.32
CA LEU F 393 25.50 35.96 -14.11
C LEU F 393 26.33 34.99 -13.29
N MET F 394 26.98 34.02 -13.97
CA MET F 394 27.82 33.08 -13.26
C MET F 394 28.99 33.79 -12.58
N GLU F 395 29.62 34.73 -13.27
CA GLU F 395 30.73 35.48 -12.68
C GLU F 395 30.27 36.28 -11.47
N ALA F 396 29.10 36.91 -11.57
CA ALA F 396 28.57 37.71 -10.46
C ALA F 396 28.28 36.82 -9.25
N LEU F 432 26.97 46.78 2.58
CA LEU F 432 25.86 47.43 3.28
C LEU F 432 26.24 48.83 3.71
N ALA F 433 26.98 48.93 4.82
CA ALA F 433 27.40 50.24 5.31
C ALA F 433 28.30 50.94 4.31
N ALA F 434 29.23 50.21 3.69
CA ALA F 434 30.11 50.82 2.69
C ALA F 434 29.32 51.33 1.49
N ALA F 435 28.33 50.55 1.03
CA ALA F 435 27.51 50.99 -0.08
C ALA F 435 26.73 52.26 0.27
N TYR F 436 26.15 52.29 1.47
CA TYR F 436 25.42 53.48 1.90
C TYR F 436 26.34 54.70 1.98
N HIS F 437 27.55 54.52 2.51
CA HIS F 437 28.49 55.63 2.59
C HIS F 437 28.87 56.12 1.19
N VAL F 438 29.11 55.18 0.27
CA VAL F 438 29.46 55.58 -1.09
C VAL F 438 28.30 56.35 -1.74
N PHE F 439 27.08 55.86 -1.55
CA PHE F 439 25.92 56.55 -2.11
C PHE F 439 25.78 57.96 -1.52
N ARG F 440 25.97 58.09 -0.22
CA ARG F 440 25.88 59.40 0.42
C ARG F 440 26.96 60.34 -0.12
N ASN F 441 28.18 59.83 -0.30
CA ASN F 441 29.26 60.65 -0.83
C ASN F 441 28.93 61.12 -2.24
N VAL F 442 28.38 60.25 -3.07
CA VAL F 442 28.02 60.64 -4.43
C VAL F 442 26.96 61.73 -4.41
N ALA F 443 25.94 61.56 -3.57
CA ALA F 443 24.90 62.57 -3.45
C ALA F 443 25.47 63.87 -2.91
N GLN F 444 24.93 64.99 -3.39
CA GLN F 444 25.43 66.29 -2.96
C GLN F 444 25.15 66.48 -1.47
N PRO F 445 26.05 67.14 -0.73
CA PRO F 445 25.80 67.35 0.70
C PRO F 445 24.51 68.15 0.93
N PHE F 446 23.83 67.82 2.02
CA PHE F 446 22.58 68.50 2.39
C PHE F 446 21.53 68.37 1.28
N PHE F 447 21.44 67.18 0.69
CA PHE F 447 20.48 66.89 -0.37
C PHE F 447 19.94 65.48 -0.13
N ASN F 448 18.83 65.40 0.60
CA ASN F 448 18.23 64.09 0.88
C ASN F 448 17.79 63.39 -0.40
N TYR F 449 17.17 64.13 -1.31
CA TYR F 449 16.72 63.55 -2.57
C TYR F 449 17.91 63.22 -3.46
N ILE F 450 17.68 62.27 -4.38
CA ILE F 450 18.73 61.88 -5.31
C ILE F 450 19.12 63.06 -6.17
N GLU F 451 20.43 63.26 -6.34
CA GLU F 451 20.94 64.38 -7.13
C GLU F 451 20.71 64.11 -8.61
N GLU F 452 19.86 64.91 -9.24
CA GLU F 452 19.60 64.73 -10.67
C GLU F 452 20.85 65.00 -11.50
N GLU F 453 21.63 66.01 -11.11
CA GLU F 453 22.83 66.34 -11.88
C GLU F 453 23.81 65.18 -11.90
N ASP F 454 24.00 64.52 -10.75
CA ASP F 454 24.92 63.39 -10.70
C ASP F 454 24.44 62.26 -11.59
N LEU F 455 23.14 61.96 -11.55
CA LEU F 455 22.59 60.92 -12.42
C LEU F 455 22.70 61.31 -13.89
N LEU F 456 22.42 62.58 -14.20
CA LEU F 456 22.49 63.02 -15.59
C LEU F 456 23.90 62.89 -16.14
N ARG F 457 24.91 63.27 -15.35
CA ARG F 457 26.29 63.19 -15.83
C ARG F 457 26.73 61.74 -16.04
N PHE F 458 26.14 60.79 -15.31
CA PHE F 458 26.51 59.40 -15.42
C PHE F 458 25.57 58.59 -16.32
N MET F 459 24.34 59.03 -16.50
CA MET F 459 23.38 58.32 -17.34
C MET F 459 22.35 59.30 -17.86
N ILE F 460 21.61 58.86 -18.88
CA ILE F 460 20.58 59.72 -19.45
C ILE F 460 19.48 59.98 -18.42
N LYS F 461 18.76 61.08 -18.63
CA LYS F 461 17.69 61.44 -17.71
C LYS F 461 16.60 60.38 -17.70
N GLU F 462 16.22 59.87 -18.88
CA GLU F 462 15.19 58.83 -18.93
C GLU F 462 15.65 57.57 -18.22
N GLU F 463 16.90 57.17 -18.41
CA GLU F 463 17.42 55.99 -17.73
C GLU F 463 17.44 56.18 -16.22
N VAL F 464 17.84 57.37 -15.77
CA VAL F 464 17.87 57.64 -14.34
C VAL F 464 16.46 57.59 -13.76
N ASP F 465 15.49 58.17 -14.47
CA ASP F 465 14.11 58.15 -13.99
C ASP F 465 13.58 56.72 -13.93
N LEU F 466 13.88 55.92 -14.95
CA LEU F 466 13.43 54.52 -14.95
C LEU F 466 14.06 53.76 -13.79
N VAL F 467 15.35 53.98 -13.54
CA VAL F 467 16.01 53.29 -12.44
C VAL F 467 15.38 53.70 -11.10
N PHE F 468 15.13 54.99 -10.93
CA PHE F 468 14.53 55.48 -9.70
C PHE F 468 13.08 55.04 -9.58
N THR F 481 15.65 60.60 -0.82
CA THR F 481 15.85 59.86 0.43
C THR F 481 17.10 59.00 0.37
N ARG F 482 18.16 59.45 1.04
CA ARG F 482 19.41 58.69 1.05
C ARG F 482 19.21 57.34 1.71
N LYS F 483 18.47 57.30 2.83
CA LYS F 483 18.22 56.02 3.50
C LYS F 483 17.44 55.07 2.60
N ALA F 484 16.43 55.59 1.89
CA ALA F 484 15.68 54.74 0.97
C ALA F 484 16.56 54.21 -0.15
N PHE F 485 17.44 55.06 -0.68
CA PHE F 485 18.35 54.60 -1.73
C PHE F 485 19.29 53.52 -1.22
N THR F 486 19.82 53.70 -0.01
CA THR F 486 20.70 52.69 0.56
C THR F 486 19.96 51.38 0.79
N GLU F 487 18.71 51.45 1.28
CA GLU F 487 17.93 50.25 1.47
C GLU F 487 17.65 49.54 0.15
N TRP F 488 17.34 50.31 -0.89
CA TRP F 488 17.11 49.71 -2.21
C TRP F 488 18.38 49.06 -2.73
N VAL F 489 19.53 49.69 -2.53
CA VAL F 489 20.80 49.11 -2.99
C VAL F 489 21.07 47.81 -2.24
N VAL F 490 20.83 47.80 -0.93
CA VAL F 490 21.05 46.58 -0.14
C VAL F 490 20.12 45.47 -0.62
N LYS F 491 18.84 45.80 -0.87
CA LYS F 491 17.89 44.81 -1.34
C LYS F 491 18.30 44.26 -2.71
N VAL F 492 18.78 45.13 -3.59
CA VAL F 492 19.22 44.69 -4.92
C VAL F 492 20.42 43.76 -4.79
N TYR F 493 21.36 44.11 -3.92
CA TYR F 493 22.53 43.25 -3.72
C TYR F 493 22.11 41.89 -3.16
N THR F 494 21.19 41.88 -2.20
CA THR F 494 20.71 40.61 -1.65
C THR F 494 20.01 39.78 -2.71
N SER F 495 19.19 40.42 -3.55
CA SER F 495 18.51 39.69 -4.61
C SER F 495 19.51 39.11 -5.61
N ARG F 496 20.55 39.88 -5.95
CA ARG F 496 21.57 39.38 -6.87
C ARG F 496 22.31 38.20 -6.26
N ARG F 497 22.63 38.28 -4.97
CA ARG F 497 23.29 37.16 -4.30
C ARG F 497 22.40 35.92 -4.30
N ALA F 498 21.10 36.11 -4.03
CA ALA F 498 20.18 34.97 -4.05
C ALA F 498 20.09 34.36 -5.45
N LEU F 499 20.04 35.21 -6.48
CA LEU F 499 19.99 34.71 -7.85
C LEU F 499 21.26 33.93 -8.19
N ALA F 500 22.43 34.45 -7.77
CA ALA F 500 23.68 33.74 -8.02
C ALA F 500 23.69 32.39 -7.30
N HIS F 501 23.21 32.36 -6.06
CA HIS F 501 23.15 31.09 -5.32
C HIS F 501 22.21 30.11 -6.02
N SER F 502 21.06 30.59 -6.50
CA SER F 502 20.14 29.71 -7.22
C SER F 502 20.78 29.17 -8.50
N LEU F 503 21.48 30.03 -9.23
CA LEU F 503 22.15 29.58 -10.45
C LEU F 503 23.21 28.54 -10.13
N ASN F 504 23.99 28.76 -9.06
CA ASN F 504 25.01 27.79 -8.69
C ASN F 504 24.40 26.47 -8.27
N ASP F 505 23.29 26.50 -7.52
CA ASP F 505 22.63 25.26 -7.12
C ASP F 505 22.08 24.51 -8.33
N THR F 506 21.47 25.23 -9.26
CA THR F 506 20.96 24.59 -10.47
C THR F 506 22.10 23.99 -11.28
N LYS F 507 23.22 24.70 -11.40
CA LYS F 507 24.36 24.18 -12.13
C LYS F 507 24.92 22.92 -11.47
N THR F 508 24.99 22.92 -10.13
CA THR F 508 25.48 21.74 -9.42
C THR F 508 24.55 20.55 -9.62
N ALA F 509 23.24 20.79 -9.55
CA ALA F 509 22.30 19.69 -9.78
C ALA F 509 22.40 19.16 -11.19
N VAL F 510 22.53 20.05 -12.17
CA VAL F 510 22.68 19.62 -13.56
C VAL F 510 23.97 18.84 -13.74
N LYS F 511 25.04 19.27 -13.07
CA LYS F 511 26.31 18.56 -13.17
C LYS F 511 26.22 17.16 -12.57
N GLN F 512 25.55 17.03 -11.42
CA GLN F 512 25.39 15.71 -10.83
C GLN F 512 24.54 14.81 -11.71
N LEU F 513 23.46 15.35 -12.28
CA LEU F 513 22.65 14.57 -13.21
C LEU F 513 23.46 14.16 -14.44
N ASN F 514 24.32 15.07 -14.91
CA ASN F 514 25.19 14.77 -16.04
C ASN F 514 26.14 13.63 -15.70
N LYS F 515 26.73 13.66 -14.51
CA LYS F 515 27.61 12.58 -14.09
C LYS F 515 26.87 11.25 -14.04
N LEU F 516 25.66 11.26 -13.47
CA LEU F 516 24.89 10.01 -13.37
C LEU F 516 24.57 9.46 -14.76
N VAL F 517 24.02 10.31 -15.63
CA VAL F 517 23.64 9.84 -16.96
C VAL F 517 24.88 9.45 -17.76
N THR F 518 26.02 10.11 -17.53
CA THR F 518 27.24 9.73 -18.22
C THR F 518 27.74 8.37 -17.75
N ALA F 519 27.62 8.07 -16.46
CA ALA F 519 27.96 6.74 -15.98
C ALA F 519 27.05 5.69 -16.60
N ILE F 520 25.75 6.00 -16.68
CA ILE F 520 24.81 5.07 -17.32
C ILE F 520 25.21 4.85 -18.78
N LEU F 521 25.54 5.93 -19.49
CA LEU F 521 25.95 5.82 -20.88
C LEU F 521 27.22 4.99 -21.02
N MET F 522 28.18 5.19 -20.12
CA MET F 522 29.43 4.45 -20.17
C MET F 522 29.19 2.96 -19.99
N VAL F 523 28.41 2.59 -18.97
CA VAL F 523 28.12 1.17 -18.76
C VAL F 523 27.36 0.59 -19.95
N VAL F 524 26.40 1.35 -20.47
CA VAL F 524 25.61 0.87 -21.61
C VAL F 524 26.52 0.62 -22.81
N THR F 525 27.44 1.54 -23.09
CA THR F 525 28.28 1.38 -24.27
C THR F 525 29.29 0.25 -24.08
N VAL F 526 29.82 0.07 -22.88
CA VAL F 526 30.77 -1.03 -22.70
C VAL F 526 30.04 -2.36 -22.88
N VAL F 527 28.83 -2.49 -22.32
CA VAL F 527 28.11 -3.75 -22.47
C VAL F 527 27.70 -3.96 -23.93
N ILE F 528 27.37 -2.87 -24.63
CA ILE F 528 27.03 -2.99 -26.05
C ILE F 528 28.23 -3.48 -26.85
N TRP F 529 29.41 -2.92 -26.57
CA TRP F 529 30.61 -3.37 -27.26
C TRP F 529 30.91 -4.83 -26.95
N LEU F 530 30.76 -5.23 -25.69
CA LEU F 530 31.00 -6.62 -25.31
C LEU F 530 30.05 -7.55 -26.05
N LEU F 531 28.76 -7.16 -26.13
CA LEU F 531 27.79 -8.00 -26.84
C LEU F 531 28.13 -8.08 -28.33
N LEU F 532 28.51 -6.96 -28.93
CA LEU F 532 28.84 -6.96 -30.35
C LEU F 532 30.04 -7.84 -30.64
N LEU F 533 31.06 -7.79 -29.76
CA LEU F 533 32.24 -8.62 -29.96
C LEU F 533 31.92 -10.10 -29.97
N GLU F 534 30.83 -10.52 -29.32
CA GLU F 534 30.38 -11.91 -29.33
C GLU F 534 31.48 -12.83 -28.80
N VAL F 535 31.80 -12.65 -27.52
CA VAL F 535 32.84 -13.45 -26.86
C VAL F 535 32.18 -14.50 -25.98
N ALA F 536 31.04 -14.16 -25.39
CA ALA F 536 30.34 -15.07 -24.49
C ALA F 536 29.41 -15.98 -25.27
N THR F 537 29.26 -17.21 -24.77
CA THR F 537 28.38 -18.18 -25.39
C THR F 537 26.93 -17.98 -24.91
N THR F 538 26.08 -18.95 -25.20
CA THR F 538 24.65 -18.77 -24.97
C THR F 538 24.31 -18.80 -23.48
N GLU F 539 24.57 -19.92 -22.81
CA GLU F 539 24.10 -20.11 -21.44
C GLU F 539 24.51 -18.94 -20.55
N VAL F 540 25.78 -18.51 -20.66
CA VAL F 540 26.23 -17.38 -19.86
C VAL F 540 25.44 -16.12 -20.20
N LEU F 541 25.01 -15.99 -21.46
CA LEU F 541 24.25 -14.80 -21.83
C LEU F 541 22.90 -14.75 -21.12
N LEU F 542 22.19 -15.88 -21.03
CA LEU F 542 20.92 -15.87 -20.32
C LEU F 542 21.13 -15.78 -18.80
N PHE F 543 22.22 -16.34 -18.28
CA PHE F 543 22.52 -16.14 -16.87
C PHE F 543 22.75 -14.65 -16.58
N PHE F 544 23.50 -13.98 -17.45
CA PHE F 544 23.67 -12.53 -17.32
C PHE F 544 22.35 -11.81 -17.43
N SER F 545 21.47 -12.26 -18.34
CA SER F 545 20.18 -11.61 -18.51
C SER F 545 19.33 -11.71 -17.26
N THR F 546 19.28 -12.89 -16.64
CA THR F 546 18.48 -13.05 -15.43
C THR F 546 19.09 -12.28 -14.26
N GLN F 547 20.42 -12.32 -14.11
CA GLN F 547 21.05 -11.47 -13.10
C GLN F 547 20.76 -10.00 -13.36
N LEU F 548 20.67 -9.62 -14.65
CA LEU F 548 20.43 -8.23 -15.01
C LEU F 548 19.01 -7.81 -14.66
N VAL F 549 18.03 -8.66 -14.91
CA VAL F 549 16.66 -8.31 -14.55
C VAL F 549 16.51 -8.26 -13.03
N ALA F 550 17.18 -9.18 -12.32
CA ALA F 550 17.18 -9.12 -10.87
C ALA F 550 17.72 -7.78 -10.38
N LEU F 551 18.98 -7.48 -10.72
CA LEU F 551 19.57 -6.21 -10.32
C LEU F 551 18.76 -5.02 -10.80
N ALA F 552 18.09 -5.17 -11.95
CA ALA F 552 17.27 -4.08 -12.46
C ALA F 552 16.10 -3.80 -11.53
N PHE F 553 15.43 -4.85 -11.05
CA PHE F 553 14.40 -4.63 -10.04
C PHE F 553 15.01 -4.00 -8.78
N ILE F 554 16.15 -4.52 -8.34
CA ILE F 554 16.79 -4.00 -7.12
C ILE F 554 16.97 -2.49 -7.21
N ILE F 555 17.75 -2.04 -8.20
CA ILE F 555 18.04 -0.60 -8.27
C ILE F 555 16.90 0.20 -8.86
N GLY F 556 15.90 -0.46 -9.48
CA GLY F 556 14.71 0.25 -9.90
C GLY F 556 13.89 0.71 -8.73
N SER F 557 13.79 -0.13 -7.70
CA SER F 557 13.08 0.23 -6.49
C SER F 557 13.53 1.58 -5.94
N THR F 558 14.73 2.03 -6.34
CA THR F 558 15.29 3.30 -5.89
C THR F 558 15.35 4.36 -6.98
N CYS F 559 15.72 4.01 -8.21
CA CYS F 559 15.73 5.05 -9.22
C CYS F 559 14.32 5.47 -9.62
N LYS F 560 13.29 4.71 -9.23
CA LYS F 560 11.92 5.22 -9.34
C LYS F 560 11.76 6.48 -8.48
N ASN F 561 12.18 6.40 -7.22
CA ASN F 561 12.15 7.57 -6.35
C ASN F 561 13.07 8.67 -6.89
N LEU F 562 14.23 8.28 -7.43
CA LEU F 562 15.12 9.28 -8.01
C LEU F 562 14.45 10.04 -9.14
N PHE F 563 13.80 9.31 -10.05
CA PHE F 563 13.12 9.96 -11.16
C PHE F 563 11.98 10.85 -10.69
N GLU F 564 11.23 10.38 -9.68
CA GLU F 564 10.19 11.23 -9.11
C GLU F 564 10.79 12.52 -8.57
N SER F 565 11.93 12.43 -7.89
CA SER F 565 12.56 13.61 -7.31
C SER F 565 13.04 14.57 -8.40
N ILE F 566 13.64 14.04 -9.47
CA ILE F 566 14.15 14.92 -10.52
C ILE F 566 13.00 15.57 -11.28
N VAL F 567 11.92 14.82 -11.55
CA VAL F 567 10.77 15.42 -12.23
C VAL F 567 10.12 16.45 -11.32
N PHE F 568 10.21 16.25 -10.00
CA PHE F 568 9.68 17.24 -9.06
C PHE F 568 10.49 18.52 -9.10
N VAL F 569 11.82 18.40 -9.00
CA VAL F 569 12.67 19.59 -8.91
C VAL F 569 12.66 20.35 -10.22
N PHE F 570 12.64 19.63 -11.35
CA PHE F 570 12.74 20.26 -12.66
C PHE F 570 11.39 20.61 -13.26
N VAL F 571 10.53 19.61 -13.47
CA VAL F 571 9.31 19.82 -14.24
C VAL F 571 8.34 20.73 -13.49
N MET F 572 8.01 20.40 -12.25
CA MET F 572 7.09 21.25 -11.49
C MET F 572 7.76 22.55 -11.08
N HIS F 573 9.02 22.49 -10.68
CA HIS F 573 9.78 23.67 -10.28
C HIS F 573 8.99 24.55 -9.30
N PRO F 574 8.50 23.98 -8.20
CA PRO F 574 7.64 24.76 -7.30
C PRO F 574 8.33 25.97 -6.69
N TYR F 575 9.65 25.91 -6.46
CA TYR F 575 10.34 26.98 -5.74
C TYR F 575 11.77 27.05 -6.24
N ASP F 576 12.43 28.16 -5.88
CA ASP F 576 13.84 28.39 -6.19
C ASP F 576 14.61 28.56 -4.88
N VAL F 577 15.94 28.63 -5.01
CA VAL F 577 16.79 28.79 -3.85
C VAL F 577 16.57 30.17 -3.23
N GLY F 578 16.46 30.21 -1.91
CA GLY F 578 16.25 31.45 -1.19
C GLY F 578 14.80 31.83 -1.00
N ASP F 579 13.86 31.11 -1.60
CA ASP F 579 12.44 31.41 -1.45
C ASP F 579 11.91 30.77 -0.17
N ARG F 580 11.04 31.48 0.52
CA ARG F 580 10.41 30.99 1.74
C ARG F 580 9.18 30.18 1.37
N CYS F 581 9.12 28.94 1.86
CA CYS F 581 8.04 28.03 1.52
C CYS F 581 7.49 27.39 2.79
N VAL F 582 6.25 26.91 2.70
CA VAL F 582 5.55 26.28 3.80
C VAL F 582 5.23 24.84 3.40
N VAL F 583 5.66 23.90 4.22
CA VAL F 583 5.35 22.49 4.03
C VAL F 583 4.76 21.95 5.32
N ASP F 584 3.59 21.32 5.22
CA ASP F 584 2.88 20.78 6.38
C ASP F 584 2.57 21.87 7.41
N GLY F 585 2.38 23.10 6.94
CA GLY F 585 2.00 24.20 7.79
C GLY F 585 3.12 24.91 8.51
N VAL F 586 4.38 24.55 8.23
CA VAL F 586 5.54 25.19 8.85
C VAL F 586 6.37 25.84 7.75
N ALA F 587 6.72 27.10 7.95
CA ALA F 587 7.48 27.87 6.97
C ALA F 587 8.97 27.60 7.14
N MET F 588 9.70 27.77 6.03
CA MET F 588 11.14 27.55 6.02
C MET F 588 11.70 28.19 4.75
N LEU F 589 13.03 28.22 4.66
CA LEU F 589 13.74 28.84 3.56
C LEU F 589 14.58 27.80 2.82
N VAL F 590 14.52 27.83 1.49
CA VAL F 590 15.28 26.89 0.68
C VAL F 590 16.77 27.21 0.80
N GLU F 591 17.57 26.17 1.03
CA GLU F 591 19.01 26.33 1.20
C GLU F 591 19.81 25.63 0.11
N GLU F 592 19.57 24.33 -0.12
CA GLU F 592 20.35 23.55 -1.08
C GLU F 592 19.39 22.70 -1.89
N MET F 593 19.64 22.64 -3.20
CA MET F 593 18.82 21.87 -4.14
C MET F 593 19.64 20.67 -4.61
N ASN F 594 19.33 19.49 -4.09
CA ASN F 594 19.95 18.25 -4.51
C ASN F 594 18.93 17.38 -5.24
N LEU F 595 19.44 16.42 -6.01
CA LEU F 595 18.56 15.56 -6.80
C LEU F 595 17.67 14.72 -5.90
N LEU F 596 18.22 14.19 -4.81
CA LEU F 596 17.46 13.31 -3.92
C LEU F 596 16.89 14.04 -2.71
N THR F 597 17.39 15.23 -2.38
CA THR F 597 16.94 15.92 -1.18
C THR F 597 17.01 17.42 -1.41
N THR F 598 16.32 18.16 -0.54
CA THR F 598 16.36 19.62 -0.52
C THR F 598 16.49 20.07 0.93
N VAL F 599 17.45 20.96 1.19
CA VAL F 599 17.74 21.43 2.53
C VAL F 599 16.95 22.71 2.77
N PHE F 600 16.28 22.78 3.92
CA PHE F 600 15.48 23.93 4.29
C PHE F 600 15.90 24.44 5.66
N LEU F 601 15.73 25.75 5.87
CA LEU F 601 16.02 26.39 7.14
C LEU F 601 14.72 26.91 7.74
N LYS F 602 14.44 26.50 8.97
CA LYS F 602 13.23 26.93 9.65
C LYS F 602 13.39 28.35 10.19
N LEU F 603 12.29 28.89 10.72
CA LEU F 603 12.32 30.24 11.28
C LEU F 603 13.33 30.35 12.41
N ASN F 604 13.60 29.25 13.11
CA ASN F 604 14.58 29.22 14.19
C ASN F 604 15.98 28.89 13.70
N ASN F 605 16.25 29.08 12.40
CA ASN F 605 17.56 28.78 11.82
C ASN F 605 17.94 27.32 12.06
N GLU F 606 16.96 26.43 11.96
CA GLU F 606 17.17 25.01 12.16
C GLU F 606 17.24 24.33 10.79
N LYS F 607 18.35 23.67 10.51
CA LYS F 607 18.51 22.98 9.24
C LYS F 607 17.64 21.73 9.21
N VAL F 608 17.02 21.48 8.05
CA VAL F 608 16.14 20.34 7.85
C VAL F 608 16.45 19.72 6.50
N TYR F 609 16.48 18.39 6.46
CA TYR F 609 16.69 17.62 5.25
C TYR F 609 15.41 16.89 4.89
N TYR F 610 15.00 16.98 3.63
CA TYR F 610 13.78 16.37 3.17
C TYR F 610 14.07 15.45 1.98
N PRO F 611 13.36 14.33 1.86
CA PRO F 611 13.45 13.53 0.62
C PRO F 611 12.63 14.20 -0.48
N ASN F 612 13.28 14.44 -1.62
CA ASN F 612 12.58 15.10 -2.73
C ASN F 612 11.39 14.28 -3.22
N ALA F 613 11.48 12.96 -3.14
CA ALA F 613 10.36 12.12 -3.59
C ALA F 613 9.12 12.37 -2.74
N VAL F 614 9.29 12.51 -1.42
CA VAL F 614 8.15 12.73 -0.54
C VAL F 614 7.46 14.05 -0.88
N LEU F 615 8.26 15.10 -1.10
CA LEU F 615 7.68 16.42 -1.39
C LEU F 615 6.77 16.37 -2.62
N ALA F 616 7.05 15.48 -3.57
CA ALA F 616 6.20 15.38 -4.75
C ALA F 616 4.77 15.00 -4.40
N THR F 617 4.55 14.36 -3.25
CA THR F 617 3.24 13.93 -2.82
C THR F 617 2.62 14.85 -1.78
N LYS F 618 3.22 16.01 -1.53
CA LYS F 618 2.72 16.96 -0.54
C LYS F 618 2.55 18.33 -1.17
N PRO F 619 1.61 19.14 -0.66
CA PRO F 619 1.44 20.49 -1.20
C PRO F 619 2.62 21.38 -0.85
N ILE F 620 2.90 22.33 -1.74
CA ILE F 620 3.99 23.28 -1.57
C ILE F 620 3.46 24.68 -1.80
N SER F 621 3.76 25.59 -0.88
CA SER F 621 3.38 26.99 -0.98
C SER F 621 4.64 27.86 -0.97
N ASN F 622 4.66 28.87 -1.84
CA ASN F 622 5.82 29.74 -2.01
C ASN F 622 5.41 31.17 -1.69
N TYR F 623 6.11 31.78 -0.73
CA TYR F 623 5.85 33.18 -0.41
C TYR F 623 6.44 34.11 -1.46
N PHE F 624 7.64 33.78 -1.97
CA PHE F 624 8.31 34.67 -2.90
C PHE F 624 7.51 34.84 -4.19
N ARG F 625 6.96 33.74 -4.72
CA ARG F 625 6.21 33.79 -5.96
C ARG F 625 4.78 34.28 -5.78
N SER F 626 4.28 34.33 -4.54
CA SER F 626 2.91 34.75 -4.33
C SER F 626 2.78 36.27 -4.40
N PRO F 627 1.59 36.78 -4.74
CA PRO F 627 1.39 38.24 -4.71
C PRO F 627 1.37 38.78 -3.29
N ASN F 628 1.08 40.07 -3.14
CA ASN F 628 0.99 40.66 -1.82
C ASN F 628 0.01 39.87 -0.95
N MET F 629 0.46 39.53 0.25
CA MET F 629 -0.30 38.63 1.12
C MET F 629 -1.24 39.42 2.02
N GLY F 630 -2.24 38.70 2.56
CA GLY F 630 -3.21 39.30 3.45
C GLY F 630 -2.81 39.17 4.91
N GLU F 631 -3.55 39.89 5.75
CA GLU F 631 -3.34 39.89 7.19
C GLU F 631 -4.68 39.73 7.90
N THR F 632 -4.64 39.09 9.07
CA THR F 632 -5.82 38.88 9.88
C THR F 632 -5.51 39.18 11.34
N VAL F 633 -6.42 39.88 12.00
CA VAL F 633 -6.32 40.17 13.43
C VAL F 633 -7.61 39.73 14.09
N GLU F 634 -7.51 39.35 15.37
CA GLU F 634 -8.64 38.83 16.12
C GLU F 634 -8.82 39.64 17.40
N PHE F 635 -10.07 40.03 17.68
CA PHE F 635 -10.42 40.72 18.92
C PHE F 635 -11.90 40.51 19.18
N SER F 636 -12.29 40.73 20.42
CA SER F 636 -13.66 40.49 20.86
C SER F 636 -14.18 41.72 21.60
N ILE F 637 -15.49 41.93 21.51
CA ILE F 637 -16.17 43.04 22.17
C ILE F 637 -17.47 42.52 22.79
N SER F 638 -18.08 43.36 23.62
CA SER F 638 -19.31 42.98 24.30
C SER F 638 -20.49 42.96 23.33
N PHE F 639 -21.50 42.17 23.68
CA PHE F 639 -22.71 42.08 22.87
C PHE F 639 -23.58 43.32 22.99
N SER F 640 -23.37 44.13 24.04
CA SER F 640 -24.15 45.33 24.26
C SER F 640 -23.54 46.57 23.60
N THR F 641 -22.46 46.39 22.84
CA THR F 641 -21.81 47.54 22.21
C THR F 641 -22.76 48.18 21.21
N PRO F 642 -23.01 49.49 21.30
CA PRO F 642 -23.89 50.13 20.31
C PRO F 642 -23.30 50.06 18.91
N VAL F 643 -24.18 50.03 17.92
CA VAL F 643 -23.75 49.98 16.52
C VAL F 643 -22.98 51.25 16.15
N SER F 644 -23.29 52.37 16.80
CA SER F 644 -22.57 53.60 16.52
C SER F 644 -21.09 53.47 16.83
N LYS F 645 -20.77 52.81 17.95
CA LYS F 645 -19.37 52.59 18.29
C LYS F 645 -18.69 51.71 17.25
N ILE F 646 -19.40 50.70 16.75
CA ILE F 646 -18.83 49.83 15.71
C ILE F 646 -18.55 50.63 14.45
N ALA F 647 -19.49 51.50 14.06
CA ALA F 647 -19.28 52.34 12.88
C ALA F 647 -18.09 53.28 13.07
N HIS F 648 -17.97 53.86 14.26
CA HIS F 648 -16.83 54.73 14.54
C HIS F 648 -15.52 53.96 14.47
N LEU F 649 -15.51 52.74 15.00
CA LEU F 649 -14.31 51.91 14.93
C LEU F 649 -13.96 51.58 13.48
N LYS F 650 -14.97 51.27 12.67
CA LYS F 650 -14.71 50.99 11.26
C LYS F 650 -14.13 52.22 10.55
N GLU F 651 -14.69 53.40 10.83
CA GLU F 651 -14.19 54.61 10.21
C GLU F 651 -12.75 54.88 10.63
N ARG F 652 -12.45 54.69 11.92
CA ARG F 652 -11.08 54.91 12.40
C ARG F 652 -10.12 53.92 11.76
N ILE F 653 -10.54 52.66 11.61
CA ILE F 653 -9.69 51.66 10.97
C ILE F 653 -9.42 52.05 9.53
N ALA F 654 -10.46 52.49 8.81
CA ALA F 654 -10.28 52.90 7.43
C ALA F 654 -9.32 54.08 7.32
N GLU F 655 -9.48 55.06 8.20
CA GLU F 655 -8.59 56.23 8.18
C GLU F 655 -7.16 55.83 8.49
N TYR F 656 -6.96 54.97 9.49
CA TYR F 656 -5.61 54.54 9.83
C TYR F 656 -4.98 53.75 8.70
N LEU F 657 -5.75 52.91 8.02
CA LEU F 657 -5.19 52.12 6.93
C LEU F 657 -4.87 52.98 5.71
N GLU F 658 -5.74 53.96 5.41
CA GLU F 658 -5.50 54.82 4.25
C GLU F 658 -4.43 55.86 4.50
N GLN F 659 -4.16 56.22 5.75
CA GLN F 659 -3.09 57.17 6.06
C GLN F 659 -1.72 56.52 6.12
N ASN F 660 -1.63 55.20 5.97
CA ASN F 660 -0.36 54.47 5.97
C ASN F 660 -0.30 53.56 4.75
N PRO F 661 -0.31 54.13 3.55
CA PRO F 661 -0.26 53.28 2.35
C PRO F 661 1.02 52.45 2.24
N GLN F 662 2.14 52.96 2.76
CA GLN F 662 3.40 52.25 2.62
C GLN F 662 3.38 50.88 3.29
N HIS F 663 2.50 50.67 4.27
CA HIS F 663 2.41 49.41 5.00
C HIS F 663 1.15 48.62 4.69
N TRP F 664 0.01 49.27 4.58
CA TRP F 664 -1.26 48.60 4.38
C TRP F 664 -1.99 49.21 3.19
N ALA F 665 -2.62 48.35 2.39
CA ALA F 665 -3.37 48.82 1.24
C ALA F 665 -4.70 49.42 1.68
N PRO F 666 -5.27 50.33 0.89
CA PRO F 666 -6.56 50.94 1.28
C PRO F 666 -7.67 49.93 1.47
N VAL F 667 -7.69 48.85 0.67
CA VAL F 667 -8.78 47.89 0.74
C VAL F 667 -8.72 47.14 2.07
N HIS F 668 -9.85 47.03 2.74
CA HIS F 668 -9.94 46.34 4.02
C HIS F 668 -11.39 45.96 4.26
N SER F 669 -11.57 45.05 5.23
CA SER F 669 -12.91 44.58 5.57
C SER F 669 -12.93 44.16 7.03
N VAL F 670 -14.06 44.41 7.69
CA VAL F 670 -14.31 44.00 9.06
C VAL F 670 -15.51 43.07 9.06
N VAL F 671 -15.34 41.88 9.61
CA VAL F 671 -16.37 40.84 9.55
C VAL F 671 -16.63 40.30 10.95
N VAL F 672 -17.91 40.05 11.24
CA VAL F 672 -18.34 39.41 12.47
C VAL F 672 -18.30 37.90 12.25
N LYS F 673 -17.59 37.19 13.14
CA LYS F 673 -17.44 35.76 12.97
C LYS F 673 -18.64 35.00 13.52
N GLU F 674 -18.91 35.12 14.82
CA GLU F 674 -19.99 34.39 15.44
C GLU F 674 -20.32 35.04 16.78
N ILE F 675 -21.50 34.71 17.30
CA ILE F 675 -22.01 35.27 18.55
C ILE F 675 -22.00 34.19 19.61
N GLU F 676 -21.36 34.47 20.74
CA GLU F 676 -21.20 33.50 21.82
C GLU F 676 -22.10 33.94 22.97
N ASN F 677 -23.17 33.18 23.20
CA ASN F 677 -24.11 33.45 24.29
C ASN F 677 -24.59 34.90 24.28
N MET F 678 -24.56 35.53 23.11
CA MET F 678 -24.95 36.94 22.97
C MET F 678 -24.37 37.79 24.09
N ASN F 679 -23.12 37.50 24.47
CA ASN F 679 -22.40 38.31 25.44
C ASN F 679 -21.04 38.73 24.89
N LYS F 680 -20.48 37.91 24.01
CA LYS F 680 -19.19 38.18 23.38
C LYS F 680 -19.37 38.17 21.87
N LEU F 681 -18.85 39.20 21.20
CA LEU F 681 -18.93 39.33 19.75
C LEU F 681 -17.52 39.18 19.18
N LYS F 682 -17.28 38.05 18.53
CA LYS F 682 -16.00 37.84 17.87
C LYS F 682 -15.84 38.83 16.72
N MET F 683 -14.67 39.47 16.66
CA MET F 683 -14.38 40.47 15.65
C MET F 683 -13.03 40.18 15.01
N ALA F 684 -12.92 40.50 13.73
CA ALA F 684 -11.67 40.29 13.00
C ALA F 684 -11.51 41.37 11.95
N LEU F 685 -10.26 41.73 11.69
CA LEU F 685 -9.92 42.71 10.67
C LEU F 685 -9.05 42.05 9.60
N TYR F 686 -9.31 42.40 8.34
CA TYR F 686 -8.59 41.85 7.21
C TYR F 686 -7.95 42.96 6.41
N SER F 687 -6.66 42.81 6.11
CA SER F 687 -5.93 43.81 5.35
C SER F 687 -4.77 43.13 4.65
N ASP F 688 -4.25 43.79 3.61
CA ASP F 688 -3.16 43.27 2.80
C ASP F 688 -1.93 44.16 2.97
N HIS F 689 -0.78 43.53 3.16
CA HIS F 689 0.48 44.26 3.26
C HIS F 689 0.87 44.81 1.88
N THR F 690 1.98 45.55 1.86
CA THR F 690 2.59 45.98 0.62
C THR F 690 3.67 45.02 0.15
N ILE F 691 3.90 43.93 0.89
CA ILE F 691 4.90 42.92 0.57
C ILE F 691 4.33 41.56 0.90
N THR F 692 5.14 40.52 0.67
CA THR F 692 4.73 39.15 0.95
C THR F 692 5.21 38.74 2.34
N PHE F 693 5.09 37.47 2.67
CA PHE F 693 5.55 36.93 3.94
C PHE F 693 7.02 36.56 3.93
N GLN F 694 7.73 36.81 2.83
CA GLN F 694 9.15 36.49 2.77
C GLN F 694 9.91 37.22 3.87
N GLU F 695 9.63 38.51 4.07
CA GLU F 695 10.24 39.29 5.14
C GLU F 695 9.45 39.02 6.42
N ASN F 696 9.77 37.89 7.05
CA ASN F 696 9.02 37.48 8.24
C ASN F 696 9.15 38.50 9.36
N ARG F 697 10.36 39.03 9.58
CA ARG F 697 10.56 39.99 10.65
C ARG F 697 9.75 41.27 10.39
N GLU F 698 9.82 41.79 9.17
CA GLU F 698 9.06 42.99 8.84
C GLU F 698 7.55 42.74 8.94
N ARG F 699 7.10 41.58 8.47
CA ARG F 699 5.69 41.24 8.57
C ARG F 699 5.24 41.20 10.03
N ASN F 700 6.04 40.57 10.89
CA ASN F 700 5.69 40.49 12.30
C ASN F 700 5.67 41.87 12.94
N LEU F 701 6.65 42.72 12.61
CA LEU F 701 6.67 44.06 13.17
C LEU F 701 5.46 44.87 12.74
N ARG F 702 5.10 44.77 11.45
CA ARG F 702 3.91 45.49 10.97
C ARG F 702 2.64 44.97 11.62
N ARG F 703 2.53 43.65 11.80
CA ARG F 703 1.37 43.10 12.47
C ARG F 703 1.28 43.58 13.92
N THR F 704 2.43 43.64 14.61
CA THR F 704 2.43 44.15 15.98
C THR F 704 2.02 45.62 16.02
N GLU F 705 2.51 46.41 15.07
CA GLU F 705 2.11 47.83 15.02
C GLU F 705 0.61 47.96 14.78
N LEU F 706 0.06 47.16 13.87
CA LEU F 706 -1.38 47.20 13.62
C LEU F 706 -2.16 46.78 14.86
N SER F 707 -1.69 45.75 15.56
CA SER F 707 -2.37 45.31 16.77
C SER F 707 -2.35 46.40 17.84
N LEU F 708 -1.21 47.09 17.99
CA LEU F 708 -1.14 48.18 18.96
C LEU F 708 -2.06 49.32 18.57
N ALA F 709 -2.14 49.63 17.28
CA ALA F 709 -3.06 50.67 16.81
C ALA F 709 -4.50 50.29 17.12
N ILE F 710 -4.86 49.03 16.88
CA ILE F 710 -6.22 48.57 17.17
C ILE F 710 -6.50 48.67 18.66
N LYS F 711 -5.52 48.27 19.49
CA LYS F 711 -5.68 48.37 20.93
C LYS F 711 -5.94 49.81 21.36
N ARG F 712 -5.12 50.74 20.87
CA ARG F 712 -5.30 52.15 21.24
C ARG F 712 -6.66 52.66 20.79
N MET F 713 -7.03 52.35 19.54
CA MET F 713 -8.31 52.85 19.01
C MET F 713 -9.49 52.31 19.81
N LEU F 714 -9.44 51.02 20.17
CA LEU F 714 -10.49 50.46 21.00
C LEU F 714 -10.51 51.14 22.37
N GLU F 715 -9.33 51.46 22.92
CA GLU F 715 -9.27 52.12 24.21
C GLU F 715 -9.93 53.50 24.17
N ASP F 716 -9.66 54.27 23.12
CA ASP F 716 -10.24 55.61 23.05
C ASP F 716 -11.75 55.54 22.89
N LEU F 717 -12.26 54.58 22.10
CA LEU F 717 -13.68 54.49 21.85
C LEU F 717 -14.47 54.02 23.08
N HIS F 718 -13.78 53.58 24.14
CA HIS F 718 -14.43 53.15 25.38
C HIS F 718 -15.24 51.88 25.19
N ILE F 719 -14.84 51.03 24.26
CA ILE F 719 -15.48 49.73 24.08
C ILE F 719 -15.01 48.79 25.17
N ASP F 720 -15.97 48.19 25.88
CA ASP F 720 -15.67 47.36 27.04
C ASP F 720 -16.31 45.98 26.88
N TYR F 721 -15.65 44.97 27.46
CA TYR F 721 -16.14 43.61 27.48
C TYR F 721 -16.34 43.19 28.94
N THR F 722 -17.50 42.59 29.22
CA THR F 722 -17.86 42.20 30.57
C THR F 722 -18.27 40.74 30.60
N LEU F 723 -17.83 40.03 31.63
CA LEU F 723 -18.23 38.64 31.80
C LEU F 723 -19.71 38.55 32.16
N LEU F 724 -20.31 37.40 31.84
CA LEU F 724 -21.72 37.21 32.12
C LEU F 724 -21.97 37.28 33.63
N PRO F 725 -22.94 38.06 34.09
CA PRO F 725 -23.18 38.13 35.54
C PRO F 725 -23.62 36.79 36.09
N GLN F 726 -23.20 36.52 37.33
CA GLN F 726 -23.52 35.28 38.03
C GLN F 726 -24.38 35.59 39.24
N ASP F 727 -25.49 34.87 39.37
CA ASP F 727 -26.40 35.03 40.49
C ASP F 727 -26.06 34.02 41.59
N ILE F 728 -25.89 34.51 42.81
CA ILE F 728 -25.50 33.69 43.95
C ILE F 728 -26.59 33.78 45.01
N ASN F 729 -27.05 32.63 45.48
CA ASN F 729 -28.04 32.54 46.54
C ASN F 729 -27.37 32.02 47.80
N LEU F 730 -27.37 32.84 48.85
CA LEU F 730 -26.73 32.47 50.10
C LEU F 730 -27.63 31.54 50.91
N THR F 731 -27.02 30.90 51.90
CA THR F 731 -27.75 29.98 52.78
C THR F 731 -27.32 30.18 54.23
N THR G 166 2.80 33.21 -56.08
CA THR G 166 4.23 33.31 -56.50
C THR G 166 4.90 31.94 -56.46
N LEU G 167 5.31 31.51 -55.27
CA LEU G 167 5.95 30.21 -55.14
C LEU G 167 4.98 29.09 -55.52
N ALA G 168 3.73 29.19 -55.07
CA ALA G 168 2.74 28.18 -55.43
C ALA G 168 2.49 28.17 -56.93
N LEU G 169 2.46 29.34 -57.56
CA LEU G 169 2.28 29.39 -59.01
C LEU G 169 3.43 28.72 -59.74
N ILE G 170 4.65 28.90 -59.24
CA ILE G 170 5.80 28.24 -59.86
C ILE G 170 5.67 26.73 -59.75
N GLU G 171 5.24 26.24 -58.58
CA GLU G 171 5.05 24.79 -58.41
C GLU G 171 3.97 24.27 -59.34
N SER G 172 2.86 25.02 -59.48
CA SER G 172 1.80 24.60 -60.39
C SER G 172 2.29 24.55 -61.83
N ALA G 173 3.06 25.56 -62.24
CA ALA G 173 3.61 25.56 -63.60
C ALA G 173 4.56 24.38 -63.81
N PHE G 174 5.39 24.09 -62.82
CA PHE G 174 6.29 22.95 -62.93
C PHE G 174 5.52 21.64 -63.04
N PHE G 175 4.45 21.50 -62.26
CA PHE G 175 3.63 20.29 -62.34
C PHE G 175 2.97 20.18 -63.71
N VAL G 176 2.48 21.29 -64.25
CA VAL G 176 1.86 21.27 -65.57
C VAL G 176 2.88 20.87 -66.63
N VAL G 177 4.11 21.41 -66.53
CA VAL G 177 5.16 21.06 -67.48
C VAL G 177 5.50 19.58 -67.38
N ILE G 178 5.57 19.06 -66.15
CA ILE G 178 5.88 17.64 -65.97
C ILE G 178 4.78 16.78 -66.58
N LEU G 179 3.52 17.17 -66.36
CA LEU G 179 2.42 16.41 -66.94
C LEU G 179 2.46 16.44 -68.47
N SER G 180 2.76 17.61 -69.05
CA SER G 180 2.87 17.70 -70.50
C SER G 180 4.01 16.83 -71.02
N ALA G 181 5.15 16.83 -70.33
CA ALA G 181 6.27 15.99 -70.74
C ALA G 181 5.90 14.52 -70.66
N LEU G 182 5.20 14.12 -69.61
CA LEU G 182 4.78 12.72 -69.49
C LEU G 182 3.82 12.34 -70.61
N VAL G 183 2.88 13.24 -70.94
CA VAL G 183 1.95 12.98 -72.03
C VAL G 183 2.70 12.82 -73.35
N ALA G 184 3.67 13.71 -73.59
CA ALA G 184 4.45 13.62 -74.83
C ALA G 184 5.24 12.32 -74.88
N SER G 185 5.84 11.91 -73.76
CA SER G 185 6.58 10.66 -73.72
C SER G 185 5.66 9.48 -73.98
N LEU G 186 4.46 9.49 -73.42
CA LEU G 186 3.50 8.43 -73.68
C LEU G 186 3.12 8.40 -75.15
N THR G 187 2.91 9.57 -75.76
CA THR G 187 2.50 9.63 -77.15
C THR G 187 3.65 9.34 -78.12
N ILE G 188 4.87 9.73 -77.76
CA ILE G 188 6.04 9.57 -78.63
C ILE G 188 6.94 8.52 -78.00
N ASN G 189 7.27 7.49 -78.78
CA ASN G 189 8.11 6.39 -78.31
C ASN G 189 9.59 6.68 -78.46
N VAL G 190 9.96 7.83 -79.02
CA VAL G 190 11.38 8.15 -79.19
C VAL G 190 12.07 8.25 -77.83
N LEU G 191 11.42 8.93 -76.88
CA LEU G 191 12.01 9.08 -75.56
C LEU G 191 12.15 7.74 -74.85
N LYS G 192 11.26 6.79 -75.14
CA LYS G 192 11.32 5.49 -74.48
C LYS G 192 12.60 4.73 -74.81
N HIS G 193 13.26 5.06 -75.93
CA HIS G 193 14.49 4.38 -76.30
C HIS G 193 15.62 4.63 -75.30
N HIS G 194 15.53 5.69 -74.51
CA HIS G 194 16.56 6.04 -73.55
C HIS G 194 16.13 5.61 -72.16
N THR G 195 17.05 4.98 -71.43
CA THR G 195 16.78 4.50 -70.08
C THR G 195 17.96 4.84 -69.18
N PHE G 196 17.69 4.98 -67.89
CA PHE G 196 18.72 5.30 -66.91
C PHE G 196 18.38 4.62 -65.59
N TRP G 197 19.42 4.30 -64.83
CA TRP G 197 19.27 3.67 -63.51
C TRP G 197 18.50 2.36 -63.62
N GLY G 198 18.65 1.65 -64.73
CA GLY G 198 17.95 0.40 -64.93
C GLY G 198 16.48 0.54 -65.29
N LEU G 199 16.00 1.76 -65.51
CA LEU G 199 14.61 2.00 -65.85
C LEU G 199 14.53 3.02 -66.98
N GLU G 200 13.44 2.98 -67.73
CA GLU G 200 13.26 3.91 -68.84
C GLU G 200 13.14 5.34 -68.32
N VAL G 201 13.69 6.27 -69.09
CA VAL G 201 13.66 7.68 -68.70
C VAL G 201 12.21 8.16 -68.57
N TRP G 202 11.34 7.70 -69.47
CA TRP G 202 9.94 8.08 -69.38
C TRP G 202 9.33 7.62 -68.06
N LYS G 203 9.79 6.49 -67.52
CA LYS G 203 9.28 6.02 -66.23
C LYS G 203 9.62 7.01 -65.13
N TRP G 204 10.87 7.47 -65.08
CA TRP G 204 11.26 8.44 -64.05
C TRP G 204 10.54 9.77 -64.24
N CYS G 205 10.40 10.22 -65.48
CA CYS G 205 9.69 11.46 -65.73
C CYS G 205 8.24 11.35 -65.27
N VAL G 206 7.59 10.23 -65.58
CA VAL G 206 6.21 10.02 -65.15
C VAL G 206 6.13 9.94 -63.63
N LEU G 207 7.15 9.37 -62.99
CA LEU G 207 7.15 9.30 -61.53
C LEU G 207 7.21 10.69 -60.92
N VAL G 208 8.11 11.54 -61.43
CA VAL G 208 8.24 12.89 -60.89
C VAL G 208 6.97 13.68 -61.14
N MET G 209 6.44 13.59 -62.37
CA MET G 209 5.16 14.23 -62.66
C MET G 209 4.06 13.69 -61.77
N VAL G 210 4.12 12.41 -61.41
CA VAL G 210 3.13 11.84 -60.51
C VAL G 210 3.23 12.48 -59.14
N ILE G 211 4.45 12.66 -58.63
CA ILE G 211 4.61 13.31 -57.33
C ILE G 211 4.00 14.71 -57.37
N PHE G 212 4.37 15.50 -58.38
CA PHE G 212 3.93 16.90 -58.41
C PHE G 212 2.42 17.00 -58.64
N SER G 213 1.91 16.28 -59.63
CA SER G 213 0.48 16.28 -59.90
C SER G 213 -0.31 15.67 -58.75
N GLY G 214 0.30 14.79 -57.95
CA GLY G 214 -0.39 14.27 -56.78
C GLY G 214 -0.51 15.31 -55.69
N MET G 215 0.54 16.10 -55.49
CA MET G 215 0.41 17.24 -54.57
C MET G 215 -0.69 18.19 -55.04
N LEU G 216 -0.68 18.52 -56.33
CA LEU G 216 -1.69 19.42 -56.87
C LEU G 216 -3.10 18.83 -56.72
N VAL G 217 -3.24 17.53 -57.01
CA VAL G 217 -4.54 16.88 -56.93
C VAL G 217 -5.00 16.78 -55.48
N THR G 218 -4.08 16.58 -54.54
CA THR G 218 -4.45 16.58 -53.13
C THR G 218 -4.99 17.93 -52.72
N ASN G 219 -4.31 19.01 -53.13
CA ASN G 219 -4.82 20.35 -52.82
C ASN G 219 -6.20 20.57 -53.44
N TRP G 220 -6.36 20.21 -54.71
CA TRP G 220 -7.63 20.41 -55.40
C TRP G 220 -8.74 19.58 -54.77
N PHE G 221 -8.43 18.34 -54.36
CA PHE G 221 -9.44 17.49 -53.75
C PHE G 221 -9.82 17.99 -52.37
N MET G 222 -8.86 18.53 -51.61
CA MET G 222 -9.20 19.14 -50.33
C MET G 222 -10.14 20.33 -50.55
N ARG G 223 -9.84 21.18 -51.53
CA ARG G 223 -10.71 22.30 -51.83
C ARG G 223 -12.10 21.83 -52.24
N LEU G 224 -12.18 20.81 -53.10
CA LEU G 224 -13.46 20.31 -53.57
C LEU G 224 -14.26 19.69 -52.42
N ILE G 225 -13.59 18.97 -51.53
CA ILE G 225 -14.28 18.37 -50.39
C ILE G 225 -14.81 19.46 -49.47
N VAL G 226 -14.03 20.52 -49.25
CA VAL G 226 -14.50 21.63 -48.44
C VAL G 226 -15.73 22.26 -49.07
N PHE G 227 -15.68 22.48 -50.39
CA PHE G 227 -16.82 23.08 -51.07
C PHE G 227 -18.06 22.20 -50.98
N LEU G 228 -17.88 20.89 -51.17
CA LEU G 228 -19.02 19.98 -51.08
C LEU G 228 -19.61 19.95 -49.68
N ILE G 229 -18.75 19.96 -48.66
CA ILE G 229 -19.24 20.01 -47.29
C ILE G 229 -20.01 21.30 -47.05
N GLU G 230 -19.54 22.40 -47.63
CA GLU G 230 -20.27 23.66 -47.52
C GLU G 230 -21.66 23.54 -48.13
N THR G 231 -21.75 22.91 -49.30
CA THR G 231 -23.04 22.71 -49.96
C THR G 231 -23.82 21.54 -49.36
N ASN G 232 -23.18 20.69 -48.57
CA ASN G 232 -23.87 19.55 -47.98
C ASN G 232 -24.93 20.02 -46.99
N PHE G 233 -26.00 19.22 -46.87
CA PHE G 233 -27.08 19.57 -45.96
C PHE G 233 -26.60 19.62 -44.51
N LEU G 234 -25.77 18.67 -44.11
CA LEU G 234 -25.27 18.64 -42.73
C LEU G 234 -24.52 19.93 -42.42
N LEU G 235 -24.78 20.48 -41.23
CA LEU G 235 -24.14 21.72 -40.80
C LEU G 235 -23.72 21.64 -39.34
N ARG G 236 -23.35 20.45 -38.86
CA ARG G 236 -22.95 20.31 -37.47
C ARG G 236 -21.71 21.14 -37.18
N ARG G 237 -21.73 21.88 -36.07
CA ARG G 237 -20.59 22.72 -35.72
C ARG G 237 -19.35 21.88 -35.44
N LYS G 238 -19.51 20.77 -34.71
CA LYS G 238 -18.37 19.92 -34.40
C LYS G 238 -17.75 19.33 -35.66
N VAL G 239 -18.58 18.90 -36.60
CA VAL G 239 -18.07 18.32 -37.84
C VAL G 239 -17.27 19.35 -38.62
N LEU G 240 -17.79 20.57 -38.72
CA LEU G 240 -17.08 21.63 -39.44
C LEU G 240 -15.73 21.92 -38.80
N TYR G 241 -15.69 22.01 -37.47
CA TYR G 241 -14.43 22.27 -36.78
C TYR G 241 -13.44 21.13 -37.00
N PHE G 242 -13.92 19.88 -36.92
CA PHE G 242 -13.05 18.74 -37.15
C PHE G 242 -12.47 18.78 -38.55
N VAL G 243 -13.31 19.08 -39.55
CA VAL G 243 -12.86 19.13 -40.94
C VAL G 243 -11.81 20.23 -41.10
N HIS G 244 -12.09 21.40 -40.54
CA HIS G 244 -11.14 22.51 -40.66
C HIS G 244 -9.81 22.16 -40.02
N GLY G 245 -9.84 21.52 -38.85
CA GLY G 245 -8.60 21.16 -38.18
C GLY G 245 -7.82 20.10 -38.92
N LEU G 246 -8.50 19.08 -39.45
CA LEU G 246 -7.83 17.93 -40.04
C LEU G 246 -7.65 18.02 -41.55
N LYS G 247 -8.05 19.13 -42.18
CA LYS G 247 -7.90 19.24 -43.62
C LYS G 247 -6.44 19.07 -44.04
N LYS G 248 -5.54 19.83 -43.42
CA LYS G 248 -4.13 19.76 -43.81
C LYS G 248 -3.54 18.38 -43.54
N SER G 249 -3.89 17.79 -42.39
CA SER G 249 -3.36 16.47 -42.04
C SER G 249 -3.80 15.42 -43.05
N VAL G 250 -5.10 15.40 -43.38
CA VAL G 250 -5.57 14.40 -44.33
C VAL G 250 -4.98 14.67 -45.71
N GLN G 251 -4.83 15.94 -46.09
CA GLN G 251 -4.25 16.26 -47.39
C GLN G 251 -2.83 15.71 -47.49
N VAL G 252 -2.01 15.95 -46.46
CA VAL G 252 -0.64 15.47 -46.51
C VAL G 252 -0.61 13.94 -46.46
N PHE G 253 -1.54 13.33 -45.71
CA PHE G 253 -1.57 11.87 -45.64
C PHE G 253 -1.88 11.27 -47.01
N ILE G 254 -2.87 11.83 -47.71
CA ILE G 254 -3.20 11.34 -49.05
C ILE G 254 -2.04 11.59 -50.00
N TRP G 255 -1.40 12.76 -49.89
CA TRP G 255 -0.22 13.04 -50.70
C TRP G 255 0.83 11.95 -50.53
N LEU G 256 1.17 11.64 -49.29
CA LEU G 256 2.20 10.64 -49.02
C LEU G 256 1.77 9.26 -49.50
N CYS G 257 0.51 8.89 -49.30
CA CYS G 257 0.06 7.55 -49.69
C CYS G 257 0.03 7.39 -51.20
N LEU G 258 -0.44 8.41 -51.91
CA LEU G 258 -0.38 8.39 -53.37
C LEU G 258 1.07 8.30 -53.85
N ILE G 259 1.98 9.03 -53.22
CA ILE G 259 3.39 8.93 -53.62
C ILE G 259 3.90 7.51 -53.41
N LEU G 260 3.56 6.90 -52.26
CA LEU G 260 4.03 5.56 -51.96
C LEU G 260 3.50 4.55 -52.97
N VAL G 261 2.21 4.62 -53.29
CA VAL G 261 1.64 3.66 -54.24
C VAL G 261 2.22 3.89 -55.63
N ALA G 262 2.44 5.15 -56.01
CA ALA G 262 3.05 5.42 -57.31
C ALA G 262 4.46 4.84 -57.37
N TRP G 263 5.24 5.00 -56.31
CA TRP G 263 6.58 4.42 -56.27
C TRP G 263 6.52 2.90 -56.37
N ILE G 264 5.57 2.28 -55.65
CA ILE G 264 5.45 0.83 -55.68
C ILE G 264 5.10 0.35 -57.09
N LEU G 265 4.18 1.05 -57.76
CA LEU G 265 3.79 0.65 -59.10
C LEU G 265 4.95 0.71 -60.08
N LEU G 266 5.78 1.76 -59.98
CA LEU G 266 6.89 1.91 -60.91
C LEU G 266 7.87 0.75 -60.81
N PHE G 267 8.20 0.33 -59.59
CA PHE G 267 9.14 -0.75 -59.36
C PHE G 267 8.47 -2.09 -59.10
N ASN G 268 7.14 -2.16 -59.25
CA ASN G 268 6.44 -3.43 -59.06
C ASN G 268 6.92 -4.49 -60.05
N HIS G 269 7.35 -4.08 -61.23
CA HIS G 269 7.83 -5.02 -62.22
C HIS G 269 9.12 -5.69 -61.75
N ASP G 270 9.28 -6.96 -62.11
CA ASP G 270 10.45 -7.74 -61.72
C ASP G 270 11.59 -7.44 -62.70
N VAL G 271 12.29 -6.34 -62.42
CA VAL G 271 13.42 -5.88 -63.24
C VAL G 271 14.58 -5.69 -62.28
N LYS G 272 15.42 -6.72 -62.16
CA LYS G 272 16.59 -6.68 -61.27
C LYS G 272 17.75 -6.04 -62.02
N ARG G 273 17.90 -4.72 -61.85
CA ARG G 273 18.99 -4.02 -62.51
C ARG G 273 20.34 -4.53 -62.04
N SER G 274 20.49 -4.75 -60.73
CA SER G 274 21.73 -5.26 -60.17
C SER G 274 21.53 -5.61 -58.70
N PRO G 275 22.34 -6.52 -58.14
CA PRO G 275 22.17 -6.85 -56.72
C PRO G 275 22.33 -5.65 -55.80
N ALA G 276 23.23 -4.73 -56.12
CA ALA G 276 23.39 -3.53 -55.31
C ALA G 276 22.13 -2.68 -55.35
N ALA G 277 21.49 -2.56 -56.52
CA ALA G 277 20.28 -1.78 -56.64
C ALA G 277 19.16 -2.34 -55.75
N THR G 278 19.12 -3.67 -55.59
CA THR G 278 18.05 -4.27 -54.80
C THR G 278 18.12 -3.82 -53.35
N LYS G 279 19.32 -3.76 -52.78
CA LYS G 279 19.46 -3.37 -51.38
C LYS G 279 19.00 -1.94 -51.15
N VAL G 280 19.42 -1.02 -52.03
CA VAL G 280 19.02 0.37 -51.87
C VAL G 280 17.53 0.53 -52.10
N LEU G 281 16.97 -0.22 -53.05
CA LEU G 281 15.53 -0.17 -53.27
C LEU G 281 14.76 -0.64 -52.04
N LYS G 282 15.22 -1.74 -51.42
CA LYS G 282 14.57 -2.23 -50.22
C LYS G 282 14.67 -1.21 -49.09
N CYS G 283 15.85 -0.59 -48.92
CA CYS G 283 16.00 0.42 -47.88
C CYS G 283 15.07 1.61 -48.14
N ILE G 284 14.97 2.04 -49.40
CA ILE G 284 14.09 3.16 -49.72
C ILE G 284 12.65 2.81 -49.41
N THR G 285 12.22 1.60 -49.79
CA THR G 285 10.84 1.18 -49.53
C THR G 285 10.57 1.12 -48.03
N ARG G 286 11.53 0.60 -47.26
CA ARG G 286 11.38 0.60 -45.81
C ARG G 286 11.24 2.02 -45.28
N THR G 287 12.01 2.95 -45.84
CA THR G 287 11.88 4.35 -45.41
C THR G 287 10.49 4.89 -45.71
N LEU G 288 9.96 4.60 -46.90
CA LEU G 288 8.62 5.08 -47.24
C LEU G 288 7.59 4.50 -46.29
N ILE G 289 7.70 3.21 -45.97
CA ILE G 289 6.73 2.59 -45.06
C ILE G 289 6.84 3.22 -43.68
N SER G 290 8.07 3.46 -43.21
CA SER G 290 8.25 4.06 -41.90
C SER G 290 7.67 5.46 -41.84
N ILE G 291 7.90 6.27 -42.88
CA ILE G 291 7.36 7.62 -42.87
C ILE G 291 5.84 7.60 -43.01
N LEU G 292 5.29 6.61 -43.72
CA LEU G 292 3.84 6.46 -43.77
C LEU G 292 3.28 6.15 -42.40
N THR G 293 3.94 5.26 -41.65
CA THR G 293 3.51 4.97 -40.29
C THR G 293 3.59 6.21 -39.41
N GLY G 294 4.66 6.99 -39.58
CA GLY G 294 4.78 8.24 -38.83
C GLY G 294 3.67 9.22 -39.16
N ALA G 295 3.31 9.31 -40.45
CA ALA G 295 2.23 10.19 -40.85
C ALA G 295 0.89 9.73 -40.26
N PHE G 296 0.65 8.42 -40.23
CA PHE G 296 -0.56 7.91 -39.60
C PHE G 296 -0.58 8.23 -38.10
N PHE G 297 0.58 8.09 -37.45
CA PHE G 297 0.67 8.44 -36.04
C PHE G 297 0.37 9.91 -35.83
N TRP G 298 0.89 10.77 -36.71
CA TRP G 298 0.61 12.20 -36.62
C TRP G 298 -0.87 12.48 -36.82
N LEU G 299 -1.51 11.77 -37.75
CA LEU G 299 -2.93 11.96 -38.00
C LEU G 299 -3.74 11.60 -36.76
N VAL G 300 -3.45 10.46 -36.14
CA VAL G 300 -4.20 10.08 -34.95
C VAL G 300 -3.91 11.04 -33.80
N LYS G 301 -2.67 11.52 -33.70
CA LYS G 301 -2.32 12.49 -32.67
C LYS G 301 -3.14 13.76 -32.83
N THR G 302 -3.20 14.30 -34.04
CA THR G 302 -3.96 15.53 -34.24
C THR G 302 -5.46 15.28 -34.07
N LEU G 303 -5.94 14.08 -34.40
CA LEU G 303 -7.33 13.76 -34.13
C LEU G 303 -7.62 13.79 -32.63
N LEU G 304 -6.74 13.19 -31.83
CA LEU G 304 -6.92 13.22 -30.38
C LEU G 304 -6.89 14.65 -29.85
N LEU G 305 -5.92 15.45 -30.32
CA LEU G 305 -5.84 16.84 -29.87
C LEU G 305 -7.10 17.60 -30.27
N LYS G 306 -7.61 17.36 -31.46
CA LYS G 306 -8.79 18.09 -31.93
C LYS G 306 -10.03 17.70 -31.13
N ILE G 307 -10.18 16.42 -30.80
CA ILE G 307 -11.34 16.02 -30.02
C ILE G 307 -11.24 16.59 -28.60
N LEU G 308 -10.03 16.63 -28.05
CA LEU G 308 -9.87 17.27 -26.74
C LEU G 308 -10.21 18.75 -26.80
N ALA G 309 -9.78 19.43 -27.86
CA ALA G 309 -10.11 20.84 -28.04
C ALA G 309 -11.61 21.04 -28.18
N ALA G 310 -12.27 20.14 -28.90
CA ALA G 310 -13.73 20.23 -29.06
C ALA G 310 -14.45 20.01 -27.72
N ASN G 311 -13.93 19.10 -26.91
CA ASN G 311 -14.50 18.92 -25.57
C ASN G 311 -14.34 20.19 -24.74
N PHE G 312 -13.15 20.78 -24.76
CA PHE G 312 -12.94 22.03 -24.04
C PHE G 312 -13.86 23.13 -24.58
N ASN G 313 -14.08 23.13 -25.90
CA ASN G 313 -14.99 24.10 -26.49
C ASN G 313 -16.41 23.93 -25.96
N VAL G 314 -16.93 22.70 -26.03
CA VAL G 314 -18.26 22.45 -25.49
C VAL G 314 -18.32 22.83 -24.02
N ASN G 315 -17.19 22.74 -23.32
CA ASN G 315 -17.19 23.07 -21.90
C ASN G 315 -17.29 24.58 -21.67
N ASN G 316 -16.50 25.38 -22.41
CA ASN G 316 -16.31 26.78 -22.02
C ASN G 316 -16.65 27.78 -23.12
N PHE G 317 -16.42 27.41 -24.38
CA PHE G 317 -16.58 28.35 -25.48
C PHE G 317 -17.99 28.90 -25.59
N PHE G 318 -19.00 28.17 -25.12
CA PHE G 318 -20.36 28.70 -25.14
C PHE G 318 -20.46 29.96 -24.28
N ASP G 319 -20.02 29.86 -23.03
CA ASP G 319 -20.03 31.04 -22.16
C ASP G 319 -19.07 32.10 -22.67
N ARG G 320 -17.95 31.69 -23.26
CA ARG G 320 -17.01 32.66 -23.81
C ARG G 320 -17.66 33.48 -24.93
N ILE G 321 -18.39 32.81 -25.82
CA ILE G 321 -19.05 33.51 -26.93
C ILE G 321 -20.19 34.36 -26.39
N GLN G 322 -20.91 33.89 -25.37
CA GLN G 322 -21.96 34.71 -24.77
C GLN G 322 -21.37 35.99 -24.20
N ASP G 323 -20.25 35.89 -23.48
CA ASP G 323 -19.61 37.08 -22.93
C ASP G 323 -19.11 38.00 -24.03
N SER G 324 -18.55 37.43 -25.10
CA SER G 324 -18.08 38.25 -26.21
C SER G 324 -19.23 39.01 -26.86
N VAL G 325 -20.37 38.33 -27.06
CA VAL G 325 -21.53 38.99 -27.64
C VAL G 325 -22.05 40.09 -26.73
N PHE G 326 -22.08 39.82 -25.42
CA PHE G 326 -22.51 40.85 -24.48
C PHE G 326 -21.59 42.07 -24.54
N HIS G 327 -20.28 41.84 -24.59
CA HIS G 327 -19.34 42.94 -24.67
C HIS G 327 -19.51 43.72 -25.96
N GLN G 328 -19.71 43.02 -27.08
CA GLN G 328 -19.92 43.70 -28.35
C GLN G 328 -21.19 44.55 -28.30
N TYR G 329 -22.26 44.02 -27.73
CA TYR G 329 -23.50 44.79 -27.62
C TYR G 329 -23.30 46.02 -26.74
N VAL G 330 -22.57 45.86 -25.62
CA VAL G 330 -22.32 46.99 -24.73
C VAL G 330 -21.51 48.06 -25.46
N LEU G 331 -20.48 47.65 -26.20
CA LEU G 331 -19.67 48.61 -26.93
C LEU G 331 -20.50 49.32 -28.00
N GLN G 332 -21.35 48.59 -28.71
CA GLN G 332 -22.20 49.22 -29.71
C GLN G 332 -23.15 50.22 -29.08
N THR G 333 -23.74 49.87 -27.93
CA THR G 333 -24.63 50.79 -27.24
C THR G 333 -23.88 52.04 -26.78
N LEU G 334 -22.67 51.87 -26.26
CA LEU G 334 -21.87 53.00 -25.80
C LEU G 334 -21.17 53.69 -26.98
N ALA G 387 -12.53 28.31 -35.19
CA ALA G 387 -13.61 29.03 -35.85
C ALA G 387 -13.49 30.53 -35.58
N TRP G 388 -14.42 31.30 -36.15
CA TRP G 388 -14.40 32.75 -35.94
C TRP G 388 -14.60 33.10 -34.47
N THR G 389 -15.52 32.42 -33.80
CA THR G 389 -15.75 32.69 -32.38
C THR G 389 -14.51 32.38 -31.55
N MET G 390 -13.85 31.25 -31.84
CA MET G 390 -12.63 30.90 -31.10
C MET G 390 -11.54 31.94 -31.32
N ARG G 391 -11.37 32.39 -32.57
CA ARG G 391 -10.36 33.40 -32.85
C ARG G 391 -10.68 34.71 -32.12
N VAL G 392 -11.95 35.11 -32.12
CA VAL G 392 -12.33 36.33 -31.43
C VAL G 392 -12.07 36.21 -29.94
N LEU G 393 -12.41 35.06 -29.35
CA LEU G 393 -12.16 34.85 -27.92
C LEU G 393 -10.67 34.90 -27.61
N MET G 394 -9.86 34.26 -28.47
CA MET G 394 -8.41 34.29 -28.25
C MET G 394 -7.87 35.71 -28.34
N GLU G 395 -8.33 36.48 -29.33
CA GLU G 395 -7.89 37.86 -29.47
C GLU G 395 -8.28 38.69 -28.25
N ALA G 396 -9.50 38.50 -27.76
CA ALA G 396 -9.98 39.25 -26.60
C ALA G 396 -9.15 38.92 -25.36
N LEU G 432 -12.33 50.34 -15.35
CA LEU G 432 -13.24 50.51 -14.22
C LEU G 432 -13.77 51.93 -14.16
N ALA G 433 -12.94 52.85 -13.63
CA ALA G 433 -13.35 54.24 -13.52
C ALA G 433 -13.60 54.85 -14.90
N ALA G 434 -12.73 54.55 -15.86
CA ALA G 434 -12.91 55.07 -17.21
C ALA G 434 -14.20 54.55 -17.83
N ALA G 435 -14.49 53.27 -17.65
CA ALA G 435 -15.73 52.72 -18.19
C ALA G 435 -16.96 53.38 -17.55
N TYR G 436 -16.92 53.59 -16.24
CA TYR G 436 -18.04 54.24 -15.57
C TYR G 436 -18.21 55.67 -16.06
N HIS G 437 -17.10 56.40 -16.25
CA HIS G 437 -17.19 57.76 -16.77
C HIS G 437 -17.77 57.77 -18.17
N VAL G 438 -17.33 56.84 -19.02
CA VAL G 438 -17.86 56.78 -20.38
C VAL G 438 -19.35 56.48 -20.36
N PHE G 439 -19.77 55.54 -19.52
CA PHE G 439 -21.19 55.21 -19.42
C PHE G 439 -22.00 56.41 -18.95
N ARG G 440 -21.48 57.13 -17.95
CA ARG G 440 -22.18 58.32 -17.46
C ARG G 440 -22.29 59.38 -18.56
N ASN G 441 -21.21 59.58 -19.32
CA ASN G 441 -21.25 60.56 -20.40
C ASN G 441 -22.28 60.18 -21.45
N VAL G 442 -22.37 58.90 -21.79
CA VAL G 442 -23.35 58.47 -22.78
C VAL G 442 -24.77 58.72 -22.27
N ALA G 443 -25.02 58.38 -21.00
CA ALA G 443 -26.33 58.62 -20.42
C ALA G 443 -26.62 60.12 -20.36
N GLN G 444 -27.88 60.47 -20.55
CA GLN G 444 -28.27 61.87 -20.54
C GLN G 444 -28.04 62.47 -19.15
N PRO G 445 -27.62 63.72 -19.05
CA PRO G 445 -27.41 64.31 -17.72
C PRO G 445 -28.70 64.32 -16.90
N PHE G 446 -28.53 64.14 -15.59
CA PHE G 446 -29.67 64.13 -14.67
C PHE G 446 -30.67 63.03 -15.04
N PHE G 447 -30.15 61.86 -15.40
CA PHE G 447 -30.98 60.70 -15.76
C PHE G 447 -30.31 59.46 -15.18
N ASN G 448 -30.73 59.09 -13.96
CA ASN G 448 -30.14 57.92 -13.32
C ASN G 448 -30.43 56.65 -14.12
N TYR G 449 -31.66 56.51 -14.61
CA TYR G 449 -32.03 55.33 -15.39
C TYR G 449 -31.35 55.36 -16.75
N ILE G 450 -31.20 54.17 -17.34
CA ILE G 450 -30.59 54.07 -18.66
C ILE G 450 -31.43 54.82 -19.68
N GLU G 451 -30.77 55.60 -20.53
CA GLU G 451 -31.45 56.39 -21.54
C GLU G 451 -31.95 55.48 -22.64
N GLU G 452 -33.28 55.38 -22.78
CA GLU G 452 -33.85 54.54 -23.84
C GLU G 452 -33.50 55.08 -25.22
N GLU G 453 -33.52 56.40 -25.38
CA GLU G 453 -33.22 56.98 -26.69
C GLU G 453 -31.82 56.63 -27.15
N ASP G 454 -30.84 56.71 -26.24
CA ASP G 454 -29.47 56.37 -26.60
C ASP G 454 -29.36 54.91 -27.03
N LEU G 455 -30.00 54.01 -26.28
CA LEU G 455 -29.98 52.60 -26.65
C LEU G 455 -30.70 52.37 -27.98
N LEU G 456 -31.84 53.04 -28.18
CA LEU G 456 -32.59 52.86 -29.42
C LEU G 456 -31.77 53.29 -30.63
N ARG G 457 -31.07 54.42 -30.52
CA ARG G 457 -30.28 54.91 -31.65
C ARG G 457 -29.12 53.98 -31.97
N PHE G 458 -28.62 53.25 -30.97
CA PHE G 458 -27.48 52.36 -31.16
C PHE G 458 -27.89 50.91 -31.38
N MET G 459 -29.07 50.50 -30.90
CA MET G 459 -29.52 49.13 -31.05
C MET G 459 -31.04 49.10 -31.00
N ILE G 460 -31.60 47.97 -31.43
CA ILE G 460 -33.05 47.83 -31.44
C ILE G 460 -33.57 47.85 -30.00
N LYS G 461 -34.85 48.20 -29.87
CA LYS G 461 -35.46 48.27 -28.55
C LYS G 461 -35.46 46.89 -27.88
N GLU G 462 -35.81 45.84 -28.64
CA GLU G 462 -35.81 44.50 -28.07
C GLU G 462 -34.42 44.09 -27.62
N GLU G 463 -33.40 44.38 -28.43
CA GLU G 463 -32.04 44.05 -28.05
C GLU G 463 -31.61 44.79 -26.80
N VAL G 464 -31.96 46.08 -26.72
CA VAL G 464 -31.61 46.87 -25.53
C VAL G 464 -32.30 46.30 -24.29
N ASP G 465 -33.57 45.94 -24.41
CA ASP G 465 -34.29 45.37 -23.28
C ASP G 465 -33.67 44.05 -22.85
N LEU G 466 -33.31 43.20 -23.81
CA LEU G 466 -32.67 41.93 -23.48
C LEU G 466 -31.34 42.15 -22.78
N VAL G 467 -30.55 43.11 -23.27
CA VAL G 467 -29.26 43.38 -22.65
C VAL G 467 -29.45 43.89 -21.22
N PHE G 468 -30.41 44.78 -21.02
CA PHE G 468 -30.69 45.32 -19.70
C PHE G 468 -31.32 44.25 -18.79
N THR G 481 -30.14 53.26 -13.15
CA THR G 481 -29.09 53.31 -12.15
C THR G 481 -27.71 53.31 -12.80
N ARG G 482 -27.07 54.48 -12.84
CA ARG G 482 -25.75 54.58 -13.44
C ARG G 482 -24.74 53.74 -12.68
N LYS G 483 -24.80 53.75 -11.34
CA LYS G 483 -23.88 52.93 -10.56
C LYS G 483 -24.08 51.45 -10.84
N ALA G 484 -25.34 51.01 -10.94
CA ALA G 484 -25.61 49.61 -11.25
C ALA G 484 -25.07 49.24 -12.63
N PHE G 485 -25.25 50.13 -13.60
CA PHE G 485 -24.74 49.86 -14.95
C PHE G 485 -23.21 49.76 -14.94
N THR G 486 -22.54 50.66 -14.21
CA THR G 486 -21.09 50.60 -14.13
C THR G 486 -20.63 49.31 -13.45
N GLU G 487 -21.32 48.90 -12.39
CA GLU G 487 -20.96 47.66 -11.71
C GLU G 487 -21.16 46.46 -12.64
N TRP G 488 -22.25 46.45 -13.41
CA TRP G 488 -22.48 45.36 -14.35
C TRP G 488 -21.40 45.34 -15.42
N VAL G 489 -21.00 46.51 -15.91
CA VAL G 489 -19.94 46.56 -16.93
C VAL G 489 -18.63 46.03 -16.35
N VAL G 490 -18.30 46.42 -15.12
CA VAL G 490 -17.07 45.95 -14.49
C VAL G 490 -17.12 44.43 -14.32
N LYS G 491 -18.27 43.90 -13.88
CA LYS G 491 -18.41 42.47 -13.71
C LYS G 491 -18.26 41.73 -15.04
N VAL G 492 -18.85 42.29 -16.10
CA VAL G 492 -18.75 41.66 -17.42
C VAL G 492 -17.30 41.66 -17.89
N TYR G 493 -16.59 42.77 -17.67
CA TYR G 493 -15.18 42.83 -18.07
C TYR G 493 -14.36 41.82 -17.28
N THR G 494 -14.61 41.69 -15.98
CA THR G 494 -13.89 40.71 -15.18
C THR G 494 -14.18 39.30 -15.64
N SER G 495 -15.44 39.01 -15.96
CA SER G 495 -15.79 37.67 -16.45
C SER G 495 -15.11 37.38 -17.78
N ARG G 496 -15.07 38.37 -18.67
CA ARG G 496 -14.39 38.18 -19.95
C ARG G 496 -12.90 37.94 -19.75
N ARG G 497 -12.28 38.68 -18.84
CA ARG G 497 -10.86 38.47 -18.55
C ARG G 497 -10.63 37.07 -18.00
N ALA G 498 -11.50 36.62 -17.09
CA ALA G 498 -11.37 35.27 -16.54
C ALA G 498 -11.53 34.21 -17.63
N LEU G 499 -12.49 34.41 -18.53
CA LEU G 499 -12.68 33.47 -19.62
C LEU G 499 -11.46 33.44 -20.54
N ALA G 500 -10.89 34.60 -20.84
CA ALA G 500 -9.68 34.64 -21.66
C ALA G 500 -8.53 33.94 -20.97
N HIS G 501 -8.37 34.14 -19.67
CA HIS G 501 -7.32 33.46 -18.93
C HIS G 501 -7.52 31.95 -18.96
N SER G 502 -8.76 31.50 -18.78
CA SER G 502 -9.05 30.07 -18.83
C SER G 502 -8.74 29.49 -20.21
N LEU G 503 -9.11 30.22 -21.27
CA LEU G 503 -8.80 29.76 -22.62
C LEU G 503 -7.30 29.67 -22.84
N ASN G 504 -6.56 30.68 -22.36
CA ASN G 504 -5.11 30.65 -22.53
C ASN G 504 -4.49 29.49 -21.76
N ASP G 505 -4.96 29.24 -20.54
CA ASP G 505 -4.43 28.12 -19.77
C ASP G 505 -4.72 26.79 -20.45
N THR G 506 -5.95 26.62 -20.96
CA THR G 506 -6.29 25.39 -21.66
C THR G 506 -5.44 25.23 -22.91
N LYS G 507 -5.22 26.31 -23.66
CA LYS G 507 -4.38 26.24 -24.85
C LYS G 507 -2.95 25.87 -24.50
N THR G 508 -2.42 26.43 -23.40
CA THR G 508 -1.06 26.10 -22.99
C THR G 508 -0.95 24.64 -22.58
N ALA G 509 -1.94 24.14 -21.83
CA ALA G 509 -1.92 22.72 -21.45
C ALA G 509 -2.01 21.83 -22.67
N VAL G 510 -2.87 22.17 -23.63
CA VAL G 510 -2.99 21.37 -24.84
C VAL G 510 -1.69 21.42 -25.64
N LYS G 511 -1.03 22.57 -25.67
CA LYS G 511 0.24 22.68 -26.38
C LYS G 511 1.32 21.83 -25.73
N GLN G 512 1.39 21.83 -24.40
CA GLN G 512 2.37 20.98 -23.71
C GLN G 512 2.09 19.51 -23.95
N LEU G 513 0.81 19.11 -23.89
CA LEU G 513 0.46 17.73 -24.20
C LEU G 513 0.82 17.38 -25.64
N ASN G 514 0.61 18.32 -26.55
CA ASN G 514 0.98 18.10 -27.94
C ASN G 514 2.49 17.90 -28.09
N LYS G 515 3.27 18.71 -27.39
CA LYS G 515 4.72 18.55 -27.43
C LYS G 515 5.13 17.18 -26.91
N LEU G 516 4.54 16.77 -25.78
CA LEU G 516 4.89 15.47 -25.22
C LEU G 516 4.54 14.33 -26.17
N VAL G 517 3.31 14.32 -26.67
CA VAL G 517 2.89 13.24 -27.56
C VAL G 517 3.68 13.29 -28.87
N THR G 518 4.07 14.48 -29.32
CA THR G 518 4.88 14.59 -30.54
C THR G 518 6.27 14.02 -30.31
N ALA G 519 6.86 14.25 -29.14
CA ALA G 519 8.14 13.63 -28.82
C ALA G 519 8.01 12.11 -28.79
N ILE G 520 6.92 11.61 -28.19
CA ILE G 520 6.70 10.16 -28.16
C ILE G 520 6.57 9.63 -29.59
N LEU G 521 5.82 10.33 -30.44
CA LEU G 521 5.67 9.91 -31.82
C LEU G 521 7.00 9.92 -32.56
N MET G 522 7.82 10.94 -32.32
CA MET G 522 9.11 11.04 -32.99
C MET G 522 10.00 9.87 -32.60
N VAL G 523 10.09 9.57 -31.30
CA VAL G 523 10.93 8.46 -30.87
C VAL G 523 10.38 7.14 -31.44
N VAL G 524 9.06 6.98 -31.42
CA VAL G 524 8.45 5.76 -31.93
C VAL G 524 8.79 5.58 -33.40
N THR G 525 8.67 6.65 -34.19
CA THR G 525 8.91 6.51 -35.63
C THR G 525 10.38 6.27 -35.93
N VAL G 526 11.30 6.90 -35.18
CA VAL G 526 12.71 6.65 -35.45
C VAL G 526 13.05 5.20 -35.13
N VAL G 527 12.54 4.68 -34.01
CA VAL G 527 12.84 3.29 -33.66
C VAL G 527 12.19 2.35 -34.66
N ILE G 528 10.99 2.70 -35.16
CA ILE G 528 10.34 1.87 -36.16
C ILE G 528 11.17 1.82 -37.44
N TRP G 529 11.67 2.98 -37.87
CA TRP G 529 12.50 3.02 -39.07
C TRP G 529 13.78 2.21 -38.86
N LEU G 530 14.40 2.34 -37.69
CA LEU G 530 15.62 1.58 -37.41
C LEU G 530 15.33 0.08 -37.46
N LEU G 531 14.22 -0.35 -36.87
CA LEU G 531 13.87 -1.77 -36.89
C LEU G 531 13.61 -2.25 -38.32
N LEU G 532 12.90 -1.45 -39.11
CA LEU G 532 12.60 -1.84 -40.48
C LEU G 532 13.88 -1.96 -41.31
N LEU G 533 14.83 -1.04 -41.10
CA LEU G 533 16.08 -1.10 -41.86
C LEU G 533 16.85 -2.39 -41.59
N GLU G 534 16.64 -3.01 -40.43
CA GLU G 534 17.26 -4.30 -40.11
C GLU G 534 18.79 -4.19 -40.18
N VAL G 535 19.34 -3.37 -39.28
CA VAL G 535 20.78 -3.15 -39.23
C VAL G 535 21.37 -3.94 -38.06
N ALA G 536 20.61 -4.07 -36.98
CA ALA G 536 21.08 -4.76 -35.78
C ALA G 536 20.79 -6.25 -35.88
N THR G 537 21.68 -7.05 -35.29
CA THR G 537 21.53 -8.49 -35.28
C THR G 537 20.61 -8.91 -34.13
N THR G 538 20.59 -10.21 -33.85
CA THR G 538 19.61 -10.75 -32.90
C THR G 538 19.95 -10.36 -31.47
N GLU G 539 21.11 -10.80 -30.97
CA GLU G 539 21.42 -10.64 -29.55
C GLU G 539 21.23 -9.19 -29.10
N VAL G 540 21.73 -8.24 -29.88
CA VAL G 540 21.58 -6.84 -29.53
C VAL G 540 20.11 -6.46 -29.48
N LEU G 541 19.28 -7.10 -30.32
CA LEU G 541 17.86 -6.76 -30.32
C LEU G 541 17.20 -7.15 -29.00
N LEU G 542 17.51 -8.34 -28.47
CA LEU G 542 16.93 -8.73 -27.20
C LEU G 542 17.55 -7.95 -26.04
N PHE G 543 18.82 -7.57 -26.15
CA PHE G 543 19.39 -6.70 -25.12
C PHE G 543 18.68 -5.36 -25.10
N PHE G 544 18.40 -4.80 -26.27
CA PHE G 544 17.61 -3.57 -26.36
C PHE G 544 16.22 -3.79 -25.80
N SER G 545 15.61 -4.96 -26.06
CA SER G 545 14.27 -5.23 -25.57
C SER G 545 14.24 -5.26 -24.05
N THR G 546 15.21 -5.92 -23.42
CA THR G 546 15.22 -5.99 -21.96
C THR G 546 15.52 -4.63 -21.35
N GLN G 547 16.48 -3.88 -21.93
CA GLN G 547 16.69 -2.52 -21.47
C GLN G 547 15.43 -1.68 -21.64
N LEU G 548 14.67 -1.95 -22.71
CA LEU G 548 13.46 -1.19 -22.97
C LEU G 548 12.38 -1.48 -21.96
N VAL G 549 12.20 -2.76 -21.58
CA VAL G 549 11.20 -3.08 -20.57
C VAL G 549 11.62 -2.52 -19.22
N ALA G 550 12.92 -2.56 -18.91
CA ALA G 550 13.41 -1.94 -17.69
C ALA G 550 13.05 -0.45 -17.65
N LEU G 551 13.55 0.30 -18.63
CA LEU G 551 13.25 1.73 -18.69
C LEU G 551 11.75 1.98 -18.75
N ALA G 552 10.99 1.07 -19.36
CA ALA G 552 9.55 1.23 -19.42
C ALA G 552 8.93 1.20 -18.04
N PHE G 553 9.37 0.25 -17.20
CA PHE G 553 8.91 0.25 -15.82
C PHE G 553 9.33 1.54 -15.13
N ILE G 554 10.60 1.95 -15.32
CA ILE G 554 11.11 3.16 -14.67
C ILE G 554 10.19 4.35 -14.95
N ILE G 555 10.05 4.70 -16.23
CA ILE G 555 9.27 5.91 -16.54
C ILE G 555 7.77 5.66 -16.48
N GLY G 556 7.33 4.39 -16.44
CA GLY G 556 5.93 4.12 -16.21
C GLY G 556 5.51 4.49 -14.80
N SER G 557 6.36 4.21 -13.83
CA SER G 557 6.09 4.58 -12.45
C SER G 557 5.70 6.05 -12.32
N THR G 558 6.05 6.87 -13.32
CA THR G 558 5.74 8.29 -13.33
C THR G 558 4.68 8.68 -14.36
N CYS G 559 4.71 8.14 -15.57
CA CYS G 559 3.65 8.52 -16.50
C CYS G 559 2.31 7.91 -16.11
N LYS G 560 2.28 6.95 -15.19
CA LYS G 560 1.00 6.56 -14.58
C LYS G 560 0.37 7.75 -13.86
N ASN G 561 1.16 8.43 -13.01
CA ASN G 561 0.67 9.63 -12.34
C ASN G 561 0.36 10.71 -13.35
N LEU G 562 1.18 10.83 -14.40
CA LEU G 562 0.91 11.83 -15.44
C LEU G 562 -0.45 11.58 -16.08
N PHE G 563 -0.73 10.33 -16.46
CA PHE G 563 -2.01 10.01 -17.08
C PHE G 563 -3.16 10.25 -16.13
N GLU G 564 -3.00 9.90 -14.85
CA GLU G 564 -4.03 10.21 -13.87
C GLU G 564 -4.30 11.70 -13.83
N SER G 565 -3.23 12.51 -13.85
CA SER G 565 -3.40 13.97 -13.78
C SER G 565 -4.11 14.50 -15.02
N ILE G 566 -3.76 14.00 -16.20
CA ILE G 566 -4.39 14.51 -17.42
C ILE G 566 -5.85 14.09 -17.50
N VAL G 567 -6.15 12.84 -17.11
CA VAL G 567 -7.54 12.41 -17.10
C VAL G 567 -8.33 13.19 -16.06
N PHE G 568 -7.67 13.61 -14.98
CA PHE G 568 -8.33 14.43 -13.97
C PHE G 568 -8.66 15.81 -14.52
N VAL G 569 -7.66 16.47 -15.14
CA VAL G 569 -7.86 17.85 -15.59
C VAL G 569 -8.85 17.89 -16.75
N PHE G 570 -8.80 16.89 -17.64
CA PHE G 570 -9.61 16.90 -18.84
C PHE G 570 -10.95 16.19 -18.65
N VAL G 571 -10.92 14.92 -18.30
CA VAL G 571 -12.15 14.12 -18.33
C VAL G 571 -13.12 14.57 -17.24
N MET G 572 -12.66 14.64 -15.99
CA MET G 572 -13.57 15.08 -14.92
C MET G 572 -13.84 16.58 -15.02
N HIS G 573 -12.83 17.36 -15.34
CA HIS G 573 -12.96 18.81 -15.49
C HIS G 573 -13.70 19.43 -14.31
N PRO G 574 -13.26 19.18 -13.08
CA PRO G 574 -14.01 19.67 -11.91
C PRO G 574 -14.14 21.18 -11.85
N TYR G 575 -13.15 21.92 -12.35
CA TYR G 575 -13.15 23.37 -12.18
C TYR G 575 -12.43 24.01 -13.37
N ASP G 576 -12.60 25.32 -13.49
CA ASP G 576 -11.95 26.12 -14.51
C ASP G 576 -11.07 27.18 -13.84
N VAL G 577 -10.31 27.89 -14.66
CA VAL G 577 -9.42 28.93 -14.14
C VAL G 577 -10.26 30.09 -13.60
N GLY G 578 -9.88 30.58 -12.43
CA GLY G 578 -10.58 31.68 -11.79
C GLY G 578 -11.72 31.26 -10.88
N ASP G 579 -12.07 29.98 -10.84
CA ASP G 579 -13.14 29.51 -9.98
C ASP G 579 -12.61 29.25 -8.58
N ARG G 580 -13.42 29.60 -7.58
CA ARG G 580 -13.06 29.38 -6.18
C ARG G 580 -13.47 27.97 -5.78
N CYS G 581 -12.51 27.21 -5.26
CA CYS G 581 -12.72 25.81 -4.90
C CYS G 581 -12.21 25.54 -3.50
N VAL G 582 -12.75 24.49 -2.88
CA VAL G 582 -12.39 24.09 -1.54
C VAL G 582 -11.80 22.68 -1.61
N VAL G 583 -10.58 22.53 -1.08
CA VAL G 583 -9.92 21.24 -0.97
C VAL G 583 -9.49 21.04 0.47
N ASP G 584 -9.88 19.90 1.05
CA ASP G 584 -9.56 19.58 2.44
C ASP G 584 -10.13 20.63 3.39
N GLY G 585 -11.24 21.26 3.01
CA GLY G 585 -11.91 22.22 3.87
C GLY G 585 -11.37 23.63 3.82
N VAL G 586 -10.41 23.93 2.94
CA VAL G 586 -9.85 25.27 2.80
C VAL G 586 -10.14 25.76 1.39
N ALA G 587 -10.67 26.98 1.29
CA ALA G 587 -11.02 27.56 0.01
C ALA G 587 -9.81 28.23 -0.63
N MET G 588 -9.84 28.29 -1.96
CA MET G 588 -8.76 28.90 -2.73
C MET G 588 -9.27 29.18 -4.14
N LEU G 589 -8.45 29.87 -4.92
CA LEU G 589 -8.80 30.28 -6.28
C LEU G 589 -7.82 29.65 -7.27
N VAL G 590 -8.36 29.12 -8.37
CA VAL G 590 -7.52 28.50 -9.38
C VAL G 590 -6.72 29.58 -10.09
N GLU G 591 -5.42 29.33 -10.27
CA GLU G 591 -4.51 30.28 -10.90
C GLU G 591 -3.91 29.75 -12.19
N GLU G 592 -3.30 28.57 -12.17
CA GLU G 592 -2.63 28.02 -13.34
C GLU G 592 -2.98 26.55 -13.47
N MET G 593 -3.25 26.11 -14.69
CA MET G 593 -3.61 24.73 -14.99
C MET G 593 -2.46 24.09 -15.76
N ASN G 594 -1.69 23.25 -15.07
CA ASN G 594 -0.61 22.49 -15.67
C ASN G 594 -0.97 21.01 -15.68
N LEU G 595 -0.27 20.25 -16.53
CA LEU G 595 -0.57 18.83 -16.67
C LEU G 595 -0.26 18.08 -15.38
N LEU G 596 0.84 18.42 -14.72
CA LEU G 596 1.24 17.72 -13.51
C LEU G 596 0.82 18.43 -12.23
N THR G 597 0.49 19.71 -12.29
CA THR G 597 0.16 20.47 -11.09
C THR G 597 -0.87 21.54 -11.43
N THR G 598 -1.51 22.06 -10.38
CA THR G 598 -2.43 23.17 -10.48
C THR G 598 -2.13 24.15 -9.36
N VAL G 599 -1.98 25.43 -9.71
CA VAL G 599 -1.62 26.48 -8.77
C VAL G 599 -2.91 27.10 -8.23
N PHE G 600 -2.98 27.26 -6.91
CA PHE G 600 -4.14 27.83 -6.24
C PHE G 600 -3.70 28.98 -5.35
N LEU G 601 -4.61 29.94 -5.17
CA LEU G 601 -4.38 31.08 -4.29
C LEU G 601 -5.37 31.02 -3.13
N LYS G 602 -4.84 31.05 -1.92
CA LYS G 602 -5.67 30.99 -0.73
C LYS G 602 -6.30 32.36 -0.45
N LEU G 603 -7.20 32.38 0.54
CA LEU G 603 -7.86 33.63 0.90
C LEU G 603 -6.88 34.70 1.31
N ASN G 604 -5.71 34.29 1.83
CA ASN G 604 -4.67 35.22 2.23
C ASN G 604 -3.69 35.54 1.09
N ASN G 605 -4.11 35.31 -0.16
CA ASN G 605 -3.26 35.55 -1.33
C ASN G 605 -1.96 34.76 -1.23
N GLU G 606 -2.05 33.54 -0.73
CA GLU G 606 -0.90 32.66 -0.58
C GLU G 606 -0.90 31.64 -1.71
N LYS G 607 0.17 31.64 -2.50
CA LYS G 607 0.28 30.71 -3.62
C LYS G 607 0.52 29.30 -3.10
N VAL G 608 -0.14 28.33 -3.73
CA VAL G 608 -0.03 26.92 -3.34
C VAL G 608 0.09 26.08 -4.60
N TYR G 609 0.98 25.09 -4.56
CA TYR G 609 1.19 24.15 -5.65
C TYR G 609 0.70 22.78 -5.22
N TYR G 610 -0.08 22.13 -6.08
CA TYR G 610 -0.65 20.83 -5.77
C TYR G 610 -0.27 19.84 -6.87
N PRO G 611 -0.04 18.57 -6.52
CA PRO G 611 0.09 17.54 -7.56
C PRO G 611 -1.28 17.15 -8.09
N ASN G 612 -1.43 17.21 -9.41
CA ASN G 612 -2.72 16.91 -10.03
C ASN G 612 -3.14 15.47 -9.76
N ALA G 613 -2.18 14.55 -9.64
CA ALA G 613 -2.51 13.16 -9.37
C ALA G 613 -3.19 13.02 -8.01
N VAL G 614 -2.69 13.74 -7.00
CA VAL G 614 -3.28 13.64 -5.66
C VAL G 614 -4.72 14.13 -5.67
N LEU G 615 -4.98 15.24 -6.35
CA LEU G 615 -6.33 15.79 -6.38
C LEU G 615 -7.34 14.80 -6.93
N ALA G 616 -6.91 13.90 -7.81
CA ALA G 616 -7.82 12.91 -8.36
C ALA G 616 -8.39 11.99 -7.27
N THR G 617 -7.69 11.86 -6.14
CA THR G 617 -8.12 11.00 -5.05
C THR G 617 -8.76 11.78 -3.91
N LYS G 618 -9.04 13.06 -4.10
CA LYS G 618 -9.63 13.90 -3.06
C LYS G 618 -10.89 14.57 -3.59
N PRO G 619 -11.85 14.88 -2.72
CA PRO G 619 -13.05 15.58 -3.17
C PRO G 619 -12.74 17.02 -3.56
N ILE G 620 -13.51 17.52 -4.53
CA ILE G 620 -13.36 18.88 -5.03
C ILE G 620 -14.73 19.55 -5.03
N SER G 621 -14.80 20.76 -4.49
CA SER G 621 -16.01 21.56 -4.47
C SER G 621 -15.75 22.88 -5.18
N ASN G 622 -16.72 23.30 -5.99
CA ASN G 622 -16.60 24.50 -6.82
C ASN G 622 -17.70 25.48 -6.43
N TYR G 623 -17.30 26.69 -6.03
CA TYR G 623 -18.28 27.73 -5.72
C TYR G 623 -18.88 28.32 -6.99
N PHE G 624 -18.06 28.51 -8.02
CA PHE G 624 -18.55 29.16 -9.23
C PHE G 624 -19.65 28.35 -9.91
N ARG G 625 -19.46 27.02 -9.98
CA ARG G 625 -20.45 26.17 -10.64
C ARG G 625 -21.64 25.84 -9.76
N SER G 626 -21.56 26.11 -8.45
CA SER G 626 -22.66 25.77 -7.57
C SER G 626 -23.78 26.81 -7.67
N PRO G 627 -25.03 26.41 -7.35
CA PRO G 627 -26.11 27.40 -7.32
C PRO G 627 -25.98 28.36 -6.15
N ASN G 628 -26.96 29.23 -5.96
CA ASN G 628 -26.94 30.15 -4.83
C ASN G 628 -26.74 29.39 -3.53
N MET G 629 -25.78 29.83 -2.72
CA MET G 629 -25.37 29.12 -1.53
C MET G 629 -26.19 29.55 -0.32
N GLY G 630 -26.18 28.70 0.71
CA GLY G 630 -26.89 28.98 1.94
C GLY G 630 -26.02 29.68 2.97
N GLU G 631 -26.67 30.15 4.03
CA GLU G 631 -26.01 30.83 5.13
C GLU G 631 -26.54 30.28 6.45
N THR G 632 -25.66 30.30 7.46
CA THR G 632 -26.02 29.83 8.78
C THR G 632 -25.47 30.79 9.83
N VAL G 633 -26.29 31.08 10.84
CA VAL G 633 -25.91 31.93 11.96
C VAL G 633 -26.23 31.17 13.24
N GLU G 634 -25.45 31.45 14.29
CA GLU G 634 -25.58 30.76 15.56
C GLU G 634 -25.77 31.77 16.68
N PHE G 635 -26.75 31.51 17.55
CA PHE G 635 -26.98 32.33 18.73
C PHE G 635 -27.73 31.49 19.75
N SER G 636 -27.68 31.94 21.00
CA SER G 636 -28.27 31.21 22.11
C SER G 636 -29.16 32.13 22.93
N ILE G 637 -30.19 31.55 23.54
CA ILE G 637 -31.13 32.28 24.39
C ILE G 637 -31.42 31.44 25.63
N SER G 638 -32.07 32.08 26.60
CA SER G 638 -32.38 31.41 27.85
C SER G 638 -33.49 30.38 27.66
N PHE G 639 -33.50 29.38 28.55
CA PHE G 639 -34.54 28.35 28.52
C PHE G 639 -35.89 28.86 28.99
N SER G 640 -35.91 29.98 29.72
CA SER G 640 -37.14 30.55 30.23
C SER G 640 -37.78 31.54 29.27
N THR G 641 -37.24 31.69 28.07
CA THR G 641 -37.80 32.64 27.12
C THR G 641 -39.21 32.21 26.73
N PRO G 642 -40.21 33.09 26.85
CA PRO G 642 -41.57 32.71 26.43
C PRO G 642 -41.64 32.42 24.94
N VAL G 643 -42.56 31.53 24.58
CA VAL G 643 -42.74 31.17 23.17
C VAL G 643 -43.21 32.37 22.37
N SER G 644 -43.92 33.30 23.00
CA SER G 644 -44.38 34.50 22.30
C SER G 644 -43.19 35.31 21.79
N LYS G 645 -42.14 35.44 22.60
CA LYS G 645 -40.95 36.15 22.16
C LYS G 645 -40.29 35.44 20.98
N ILE G 646 -40.27 34.11 21.01
CA ILE G 646 -39.70 33.35 19.88
C ILE G 646 -40.51 33.60 18.62
N ALA G 647 -41.84 33.60 18.73
CA ALA G 647 -42.68 33.87 17.56
C ALA G 647 -42.45 35.27 17.03
N HIS G 648 -42.33 36.25 17.93
CA HIS G 648 -42.06 37.62 17.50
C HIS G 648 -40.71 37.71 16.79
N LEU G 649 -39.70 37.02 17.32
CA LEU G 649 -38.39 37.02 16.68
C LEU G 649 -38.47 36.39 15.29
N LYS G 650 -39.22 35.29 15.16
CA LYS G 650 -39.37 34.66 13.85
C LYS G 650 -40.06 35.60 12.87
N GLU G 651 -41.11 36.29 13.32
CA GLU G 651 -41.81 37.22 12.44
C GLU G 651 -40.89 38.36 12.01
N ARG G 652 -40.10 38.90 12.95
CA ARG G 652 -39.17 39.97 12.62
C ARG G 652 -38.12 39.49 11.64
N ILE G 653 -37.62 38.27 11.83
CA ILE G 653 -36.62 37.72 10.90
C ILE G 653 -37.23 37.59 9.51
N ALA G 654 -38.45 37.07 9.43
CA ALA G 654 -39.10 36.93 8.13
C ALA G 654 -39.29 38.27 7.46
N GLU G 655 -39.74 39.28 8.21
CA GLU G 655 -39.94 40.62 7.65
C GLU G 655 -38.61 41.21 7.17
N TYR G 656 -37.55 41.07 7.96
CA TYR G 656 -36.25 41.60 7.57
C TYR G 656 -35.72 40.90 6.33
N LEU G 657 -35.92 39.59 6.22
CA LEU G 657 -35.43 38.87 5.06
C LEU G 657 -36.23 39.20 3.81
N GLU G 658 -37.56 39.35 3.94
CA GLU G 658 -38.38 39.65 2.78
C GLU G 658 -38.29 41.10 2.35
N GLN G 659 -37.88 42.01 3.24
CA GLN G 659 -37.71 43.41 2.86
C GLN G 659 -36.35 43.69 2.23
N ASN G 660 -35.47 42.68 2.14
CA ASN G 660 -34.16 42.83 1.51
C ASN G 660 -33.94 41.69 0.52
N PRO G 661 -34.77 41.63 -0.52
CA PRO G 661 -34.61 40.55 -1.51
C PRO G 661 -33.26 40.57 -2.22
N GLN G 662 -32.67 41.76 -2.42
CA GLN G 662 -31.42 41.84 -3.16
C GLN G 662 -30.29 41.07 -2.48
N HIS G 663 -30.38 40.84 -1.18
CA HIS G 663 -29.34 40.14 -0.43
C HIS G 663 -29.74 38.76 0.03
N TRP G 664 -30.97 38.58 0.51
CA TRP G 664 -31.43 37.32 1.06
C TRP G 664 -32.74 36.91 0.40
N ALA G 665 -32.88 35.63 0.12
CA ALA G 665 -34.10 35.11 -0.49
C ALA G 665 -35.21 35.03 0.55
N PRO G 666 -36.47 35.10 0.12
CA PRO G 666 -37.57 35.02 1.10
C PRO G 666 -37.57 33.74 1.92
N VAL G 667 -37.16 32.61 1.33
CA VAL G 667 -37.21 31.34 2.04
C VAL G 667 -36.19 31.34 3.16
N HIS G 668 -36.63 30.92 4.35
CA HIS G 668 -35.77 30.87 5.52
C HIS G 668 -36.37 29.90 6.53
N SER G 669 -35.55 29.50 7.50
CA SER G 669 -35.99 28.58 8.53
C SER G 669 -35.21 28.83 9.81
N VAL G 670 -35.88 28.68 10.94
CA VAL G 670 -35.26 28.79 12.26
C VAL G 670 -35.45 27.45 12.97
N VAL G 671 -34.35 26.87 13.42
CA VAL G 671 -34.35 25.52 13.98
C VAL G 671 -33.66 25.53 15.34
N VAL G 672 -34.24 24.78 16.28
CA VAL G 672 -33.64 24.56 17.60
C VAL G 672 -32.71 23.37 17.49
N LYS G 673 -31.45 23.57 17.91
CA LYS G 673 -30.45 22.52 17.79
C LYS G 673 -30.55 21.52 18.94
N GLU G 674 -30.33 21.99 20.17
CA GLU G 674 -30.34 21.11 21.33
C GLU G 674 -30.50 21.95 22.58
N ILE G 675 -30.87 21.28 23.68
CA ILE G 675 -31.13 21.93 24.96
C ILE G 675 -30.02 21.54 25.92
N GLU G 676 -29.38 22.54 26.53
CA GLU G 676 -28.24 22.34 27.41
C GLU G 676 -28.70 22.64 28.83
N ASN G 677 -28.82 21.59 29.65
CA ASN G 677 -29.23 21.72 31.06
C ASN G 677 -30.50 22.55 31.20
N MET G 678 -31.33 22.57 30.15
CA MET G 678 -32.57 23.35 30.15
C MET G 678 -32.34 24.75 30.72
N ASN G 679 -31.19 25.35 30.39
CA ASN G 679 -30.90 26.72 30.78
C ASN G 679 -30.49 27.54 29.57
N LYS G 680 -29.89 26.88 28.58
CA LYS G 680 -29.46 27.52 27.34
C LYS G 680 -30.11 26.82 26.16
N LEU G 681 -30.69 27.59 25.25
CA LEU G 681 -31.35 27.08 24.06
C LEU G 681 -30.54 27.49 22.84
N LYS G 682 -29.87 26.51 22.24
CA LYS G 682 -29.12 26.79 21.02
C LYS G 682 -30.08 27.15 19.89
N MET G 683 -29.77 28.23 19.18
CA MET G 683 -30.61 28.72 18.11
C MET G 683 -29.75 28.98 16.86
N ALA G 684 -30.36 28.77 15.70
CA ALA G 684 -29.66 28.99 14.44
C ALA G 684 -30.65 29.47 13.39
N LEU G 685 -30.16 30.30 12.48
CA LEU G 685 -30.95 30.82 11.37
C LEU G 685 -30.34 30.35 10.06
N TYR G 686 -31.19 29.98 9.10
CA TYR G 686 -30.75 29.49 7.80
C TYR G 686 -31.37 30.36 6.71
N SER G 687 -30.53 30.81 5.78
CA SER G 687 -30.99 31.65 4.68
C SER G 687 -30.01 31.49 3.52
N ASP G 688 -30.49 31.84 2.33
CA ASP G 688 -29.72 31.72 1.10
C ASP G 688 -29.43 33.10 0.53
N HIS G 689 -28.20 33.32 0.11
CA HIS G 689 -27.82 34.57 -0.52
C HIS G 689 -28.42 34.65 -1.93
N THR G 690 -28.20 35.78 -2.58
CA THR G 690 -28.52 35.94 -3.99
C THR G 690 -27.34 35.61 -4.89
N ILE G 691 -26.20 35.23 -4.32
CA ILE G 691 -25.00 34.88 -5.06
C ILE G 691 -24.36 33.67 -4.38
N THR G 692 -23.22 33.25 -4.92
CA THR G 692 -22.48 32.11 -4.38
C THR G 692 -21.39 32.63 -3.44
N PHE G 693 -20.51 31.74 -3.01
CA PHE G 693 -19.39 32.08 -2.14
C PHE G 693 -18.18 32.60 -2.91
N GLN G 694 -18.28 32.73 -4.24
CA GLN G 694 -17.16 33.22 -5.02
C GLN G 694 -16.74 34.61 -4.55
N GLU G 695 -17.71 35.49 -4.31
CA GLU G 695 -17.45 36.83 -3.78
C GLU G 695 -17.33 36.72 -2.27
N ASN G 696 -16.13 36.30 -1.83
CA ASN G 696 -15.92 36.06 -0.39
C ASN G 696 -16.10 37.34 0.41
N ARG G 697 -15.58 38.46 -0.09
CA ARG G 697 -15.72 39.71 0.64
C ARG G 697 -17.18 40.13 0.77
N GLU G 698 -17.93 40.06 -0.33
CA GLU G 698 -19.33 40.43 -0.29
C GLU G 698 -20.12 39.48 0.61
N ARG G 699 -19.81 38.19 0.54
CA ARG G 699 -20.48 37.21 1.40
C ARG G 699 -20.23 37.52 2.87
N ASN G 700 -18.98 37.83 3.21
CA ASN G 700 -18.65 38.14 4.60
C ASN G 700 -19.33 39.41 5.05
N LEU G 701 -19.37 40.43 4.20
CA LEU G 701 -20.04 41.67 4.57
C LEU G 701 -21.54 41.45 4.79
N ARG G 702 -22.17 40.68 3.91
CA ARG G 702 -23.60 40.40 4.07
C ARG G 702 -23.85 39.58 5.34
N ARG G 703 -22.99 38.62 5.64
CA ARG G 703 -23.14 37.85 6.86
C ARG G 703 -23.00 38.74 8.09
N THR G 704 -22.05 39.66 8.06
CA THR G 704 -21.88 40.59 9.18
C THR G 704 -23.11 41.48 9.33
N GLU G 705 -23.66 41.96 8.22
CA GLU G 705 -24.87 42.78 8.30
C GLU G 705 -26.02 41.98 8.89
N LEU G 706 -26.19 40.73 8.46
CA LEU G 706 -27.25 39.89 9.01
C LEU G 706 -27.04 39.66 10.50
N SER G 707 -25.80 39.41 10.92
CA SER G 707 -25.51 39.20 12.33
C SER G 707 -25.84 40.46 13.14
N LEU G 708 -25.49 41.63 12.62
CA LEU G 708 -25.81 42.87 13.32
C LEU G 708 -27.33 43.07 13.41
N ALA G 709 -28.05 42.75 12.33
CA ALA G 709 -29.50 42.85 12.36
C ALA G 709 -30.09 41.92 13.42
N ILE G 710 -29.58 40.68 13.49
CA ILE G 710 -30.06 39.74 14.49
C ILE G 710 -29.76 40.26 15.89
N LYS G 711 -28.57 40.81 16.09
CA LYS G 711 -28.22 41.37 17.39
C LYS G 711 -29.19 42.47 17.79
N ARG G 712 -29.45 43.41 16.88
CA ARG G 712 -30.36 44.51 17.19
C ARG G 712 -31.75 43.98 17.50
N MET G 713 -32.25 43.06 16.67
CA MET G 713 -33.60 42.55 16.86
C MET G 713 -33.73 41.82 18.20
N LEU G 714 -32.72 41.04 18.57
CA LEU G 714 -32.73 40.39 19.87
C LEU G 714 -32.70 41.43 20.98
N GLU G 715 -31.95 42.51 20.80
CA GLU G 715 -31.87 43.54 21.82
C GLU G 715 -33.23 44.21 22.04
N ASP G 716 -33.95 44.52 20.95
CA ASP G 716 -35.24 45.17 21.11
C ASP G 716 -36.25 44.25 21.79
N LEU G 717 -36.23 42.96 21.45
CA LEU G 717 -37.19 42.02 22.01
C LEU G 717 -36.95 41.74 23.50
N HIS G 718 -35.83 42.20 24.06
CA HIS G 718 -35.53 42.03 25.47
C HIS G 718 -35.29 40.57 25.84
N ILE G 719 -34.79 39.78 24.89
CA ILE G 719 -34.42 38.39 25.17
C ILE G 719 -33.10 38.37 25.91
N ASP G 720 -33.07 37.70 27.05
CA ASP G 720 -31.90 37.70 27.93
C ASP G 720 -31.47 36.26 28.23
N TYR G 721 -30.17 36.10 28.43
CA TYR G 721 -29.57 34.83 28.81
C TYR G 721 -28.90 34.98 30.17
N THR G 722 -29.17 34.04 31.06
CA THR G 722 -28.65 34.09 32.43
C THR G 722 -27.95 32.78 32.77
N LEU G 723 -26.82 32.89 33.46
CA LEU G 723 -26.10 31.72 33.91
C LEU G 723 -26.88 31.00 35.00
N LEU G 724 -26.63 29.70 35.13
CA LEU G 724 -27.33 28.91 36.13
C LEU G 724 -26.99 29.43 37.53
N PRO G 725 -27.98 29.68 38.38
CA PRO G 725 -27.66 30.18 39.73
C PRO G 725 -26.86 29.16 40.52
N GLN G 726 -25.96 29.67 41.36
CA GLN G 726 -25.10 28.86 42.20
C GLN G 726 -25.44 29.11 43.66
N ASP G 727 -25.63 28.03 44.42
CA ASP G 727 -25.93 28.12 45.83
C ASP G 727 -24.65 27.98 46.64
N ILE G 728 -24.42 28.92 47.56
CA ILE G 728 -23.21 28.96 48.36
C ILE G 728 -23.60 28.87 49.83
N ASN G 729 -22.97 27.95 50.56
CA ASN G 729 -23.18 27.77 51.98
C ASN G 729 -21.95 28.25 52.72
N LEU G 730 -22.11 29.27 53.55
CA LEU G 730 -21.00 29.84 54.29
C LEU G 730 -20.68 29.00 55.52
N THR G 731 -19.50 29.23 56.08
CA THR G 731 -19.05 28.50 57.26
C THR G 731 -18.38 29.46 58.25
#